data_7WIO
#
_entry.id   7WIO
#
_entity_poly.entity_id   1
_entity_poly.type   'polypeptide(L)'
_entity_poly.pdbx_seq_one_letter_code
;GSHMGQNTPWSSTELADAFINAFMNEAGRTGAFTADQLDDMSTIGDTIKTAMDKMARSNKSSKGKLQALNMAFASSMAEI
AAVEQGGLSVDAKTNAIADSLNSAFYQTTGAANPQFVNEIRSLINMFAQSSANEVSY
;
_entity_poly.pdbx_strand_id   A
#
# COMPACT_ATOMS: atom_id res chain seq x y z
N GLY A 1 1.46 -23.59 -16.10
CA GLY A 1 0.52 -22.63 -16.76
C GLY A 1 1.00 -21.20 -16.53
N SER A 2 1.94 -20.75 -17.36
CA SER A 2 2.47 -19.40 -17.22
C SER A 2 1.37 -18.37 -17.46
N HIS A 3 1.44 -17.26 -16.73
CA HIS A 3 0.45 -16.20 -16.88
C HIS A 3 0.51 -15.60 -18.28
N MET A 4 1.72 -15.42 -18.79
CA MET A 4 1.91 -14.84 -20.12
C MET A 4 1.38 -13.42 -20.15
N GLY A 5 1.33 -12.77 -18.99
CA GLY A 5 0.84 -11.40 -18.91
C GLY A 5 1.25 -10.75 -17.60
N GLN A 6 1.01 -9.45 -17.48
CA GLN A 6 1.36 -8.71 -16.27
C GLN A 6 0.25 -7.75 -15.87
N ASN A 7 -0.08 -7.73 -14.59
CA ASN A 7 -1.13 -6.85 -14.10
C ASN A 7 -0.73 -6.23 -12.76
N THR A 8 -0.46 -4.94 -12.77
CA THR A 8 -0.05 -4.24 -11.57
C THR A 8 -0.84 -2.93 -11.40
N PRO A 9 -1.20 -2.60 -10.19
CA PRO A 9 -1.96 -1.35 -9.89
C PRO A 9 -1.15 -0.08 -10.19
N TRP A 10 0.17 -0.25 -10.28
CA TRP A 10 1.04 0.88 -10.56
C TRP A 10 1.31 1.00 -12.05
N SER A 11 0.56 0.23 -12.85
CA SER A 11 0.73 0.26 -14.30
C SER A 11 0.45 1.65 -14.83
N SER A 12 -0.59 2.30 -14.32
CA SER A 12 -0.96 3.63 -14.75
C SER A 12 -1.41 4.48 -13.58
N THR A 13 -1.31 5.80 -13.73
CA THR A 13 -1.70 6.72 -12.66
C THR A 13 -3.20 6.57 -12.37
N GLU A 14 -3.98 6.32 -13.41
CA GLU A 14 -5.42 6.15 -13.25
C GLU A 14 -5.72 4.94 -12.39
N LEU A 15 -4.99 3.85 -12.62
CA LEU A 15 -5.20 2.63 -11.86
C LEU A 15 -4.80 2.83 -10.40
N ALA A 16 -3.64 3.45 -10.20
CA ALA A 16 -3.14 3.69 -8.85
C ALA A 16 -4.13 4.56 -8.08
N ASP A 17 -4.66 5.59 -8.75
CA ASP A 17 -5.62 6.49 -8.10
C ASP A 17 -6.86 5.72 -7.68
N ALA A 18 -7.39 4.90 -8.58
CA ALA A 18 -8.58 4.11 -8.29
C ALA A 18 -8.31 3.13 -7.14
N PHE A 19 -7.14 2.51 -7.17
CA PHE A 19 -6.76 1.56 -6.13
C PHE A 19 -6.70 2.25 -4.77
N ILE A 20 -6.04 3.40 -4.73
CA ILE A 20 -5.93 4.17 -3.48
C ILE A 20 -7.30 4.61 -3.01
N ASN A 21 -8.12 5.10 -3.93
CA ASN A 21 -9.46 5.55 -3.58
C ASN A 21 -10.28 4.41 -3.01
N ALA A 22 -10.32 3.30 -3.73
CA ALA A 22 -11.07 2.13 -3.28
C ALA A 22 -10.52 1.61 -1.96
N PHE A 23 -9.19 1.65 -1.82
CA PHE A 23 -8.54 1.19 -0.61
C PHE A 23 -9.04 1.98 0.60
N MET A 24 -9.09 3.29 0.46
CA MET A 24 -9.54 4.15 1.55
C MET A 24 -10.99 3.83 1.91
N ASN A 25 -11.82 3.59 0.90
CA ASN A 25 -13.22 3.29 1.14
C ASN A 25 -13.35 2.02 1.97
N GLU A 26 -12.61 0.98 1.60
CA GLU A 26 -12.64 -0.28 2.34
C GLU A 26 -12.11 -0.09 3.75
N ALA A 27 -11.05 0.71 3.88
CA ALA A 27 -10.45 0.98 5.18
C ALA A 27 -11.48 1.65 6.09
N GLY A 28 -12.25 2.55 5.54
CA GLY A 28 -13.28 3.25 6.32
C GLY A 28 -14.32 2.27 6.82
N ARG A 29 -14.67 1.28 5.99
CA ARG A 29 -15.66 0.29 6.37
C ARG A 29 -15.20 -0.51 7.57
N THR A 30 -13.92 -0.87 7.58
CA THR A 30 -13.37 -1.65 8.68
C THR A 30 -13.44 -0.86 9.99
N GLY A 31 -13.17 0.43 9.91
CA GLY A 31 -13.21 1.29 11.08
C GLY A 31 -11.94 1.13 11.92
N ALA A 32 -11.03 0.28 11.45
CA ALA A 32 -9.78 0.04 12.16
C ALA A 32 -8.97 1.33 12.26
N PHE A 33 -8.98 2.12 11.20
CA PHE A 33 -8.23 3.37 11.18
C PHE A 33 -9.14 4.55 11.52
N THR A 34 -8.61 5.49 12.29
CA THR A 34 -9.38 6.66 12.70
C THR A 34 -9.37 7.71 11.59
N ALA A 35 -10.08 8.81 11.81
CA ALA A 35 -10.15 9.88 10.82
C ALA A 35 -8.75 10.43 10.54
N ASP A 36 -7.97 10.63 11.60
CA ASP A 36 -6.62 11.14 11.44
C ASP A 36 -5.73 10.13 10.71
N GLN A 37 -5.91 8.86 11.05
CA GLN A 37 -5.12 7.80 10.41
C GLN A 37 -5.43 7.71 8.93
N LEU A 38 -6.71 7.87 8.59
CA LEU A 38 -7.13 7.82 7.20
C LEU A 38 -6.51 8.97 6.41
N ASP A 39 -6.44 10.15 7.03
CA ASP A 39 -5.88 11.31 6.37
C ASP A 39 -4.43 11.06 5.99
N ASP A 40 -3.68 10.44 6.90
CA ASP A 40 -2.28 10.14 6.64
C ASP A 40 -2.15 9.19 5.46
N MET A 41 -3.02 8.18 5.41
CA MET A 41 -3.00 7.22 4.31
C MET A 41 -3.35 7.88 2.99
N SER A 42 -4.38 8.73 3.03
CA SER A 42 -4.82 9.43 1.82
C SER A 42 -3.70 10.29 1.26
N THR A 43 -2.80 10.74 2.13
CA THR A 43 -1.69 11.58 1.71
C THR A 43 -0.79 10.82 0.75
N ILE A 44 -0.55 9.53 1.03
CA ILE A 44 0.30 8.72 0.19
C ILE A 44 -0.25 8.66 -1.23
N GLY A 45 -1.55 8.89 -1.36
CA GLY A 45 -2.18 8.85 -2.68
C GLY A 45 -1.57 9.88 -3.62
N ASP A 46 -1.47 11.11 -3.14
CA ASP A 46 -0.90 12.19 -3.95
C ASP A 46 0.61 12.02 -4.08
N THR A 47 1.24 11.55 -3.01
CA THR A 47 2.69 11.34 -3.02
C THR A 47 3.09 10.31 -4.06
N ILE A 48 2.34 9.20 -4.11
CA ILE A 48 2.63 8.15 -5.07
C ILE A 48 2.46 8.66 -6.50
N LYS A 49 1.35 9.35 -6.75
CA LYS A 49 1.08 9.88 -8.08
C LYS A 49 2.19 10.84 -8.51
N THR A 50 2.61 11.69 -7.58
CA THR A 50 3.67 12.66 -7.88
C THR A 50 4.99 11.95 -8.20
N ALA A 51 5.33 10.96 -7.38
CA ALA A 51 6.56 10.22 -7.57
C ALA A 51 6.55 9.50 -8.92
N MET A 52 5.41 8.93 -9.27
CA MET A 52 5.28 8.21 -10.53
C MET A 52 5.51 9.14 -11.71
N ASP A 53 5.00 10.37 -11.59
CA ASP A 53 5.15 11.34 -12.67
C ASP A 53 6.63 11.64 -12.94
N LYS A 54 7.36 11.98 -11.88
CA LYS A 54 8.78 12.30 -12.01
C LYS A 54 9.57 11.05 -12.39
N MET A 55 9.23 9.93 -11.79
CA MET A 55 9.92 8.67 -12.07
C MET A 55 9.71 8.25 -13.51
N ALA A 56 8.49 8.43 -14.01
CA ALA A 56 8.17 8.07 -15.38
C ALA A 56 9.00 8.88 -16.37
N ARG A 57 9.16 10.16 -16.06
CA ARG A 57 9.92 11.05 -16.94
C ARG A 57 11.38 10.59 -17.03
N SER A 58 11.93 10.16 -15.90
CA SER A 58 13.32 9.70 -15.87
C SER A 58 13.48 8.42 -16.66
N ASN A 59 14.71 8.13 -17.07
CA ASN A 59 14.99 6.93 -17.85
C ASN A 59 15.84 5.96 -17.04
N LYS A 60 15.67 5.98 -15.72
CA LYS A 60 16.43 5.09 -14.85
C LYS A 60 15.49 4.21 -14.03
N SER A 61 15.95 3.02 -13.69
CA SER A 61 15.14 2.08 -12.92
C SER A 61 13.77 1.90 -13.56
N SER A 62 13.77 1.63 -14.87
CA SER A 62 12.51 1.44 -15.59
C SER A 62 11.72 0.28 -15.00
N LYS A 63 12.43 -0.65 -14.36
CA LYS A 63 11.78 -1.80 -13.75
C LYS A 63 11.94 -1.77 -12.24
N GLY A 64 13.07 -1.22 -11.78
CA GLY A 64 13.33 -1.14 -10.35
C GLY A 64 12.33 -0.24 -9.65
N LYS A 65 11.79 0.72 -10.40
CA LYS A 65 10.82 1.65 -9.84
C LYS A 65 9.60 0.90 -9.30
N LEU A 66 9.33 -0.26 -9.87
CA LEU A 66 8.19 -1.05 -9.45
C LEU A 66 8.33 -1.46 -7.99
N GLN A 67 9.51 -1.98 -7.63
CA GLN A 67 9.77 -2.41 -6.27
C GLN A 67 9.80 -1.21 -5.32
N ALA A 68 10.37 -0.11 -5.79
CA ALA A 68 10.46 1.10 -4.98
C ALA A 68 9.07 1.60 -4.63
N LEU A 69 8.16 1.56 -5.58
CA LEU A 69 6.80 2.02 -5.35
C LEU A 69 6.09 1.15 -4.33
N ASN A 70 6.27 -0.17 -4.45
CA ASN A 70 5.65 -1.11 -3.53
C ASN A 70 6.20 -0.92 -2.13
N MET A 71 7.51 -0.73 -2.02
CA MET A 71 8.15 -0.56 -0.73
C MET A 71 7.76 0.79 -0.12
N ALA A 72 7.76 1.83 -0.94
CA ALA A 72 7.42 3.16 -0.45
C ALA A 72 6.00 3.19 0.10
N PHE A 73 5.06 2.64 -0.67
CA PHE A 73 3.66 2.58 -0.25
C PHE A 73 3.51 1.75 1.01
N ALA A 74 4.10 0.56 1.00
CA ALA A 74 4.02 -0.34 2.14
C ALA A 74 4.63 0.31 3.37
N SER A 75 5.71 1.06 3.18
CA SER A 75 6.38 1.73 4.28
C SER A 75 5.43 2.68 4.98
N SER A 76 4.68 3.46 4.20
CA SER A 76 3.74 4.41 4.77
C SER A 76 2.69 3.69 5.61
N MET A 77 2.20 2.57 5.12
CA MET A 77 1.19 1.80 5.83
C MET A 77 1.79 1.17 7.09
N ALA A 78 3.01 0.67 6.97
CA ALA A 78 3.68 0.04 8.10
C ALA A 78 3.90 1.04 9.22
N GLU A 79 4.36 2.24 8.87
CA GLU A 79 4.60 3.28 9.86
C GLU A 79 3.29 3.71 10.52
N ILE A 80 2.27 3.94 9.70
CA ILE A 80 0.98 4.36 10.22
C ILE A 80 0.38 3.29 11.11
N ALA A 81 0.44 2.04 10.66
CA ALA A 81 -0.11 0.92 11.42
C ALA A 81 0.69 0.72 12.71
N ALA A 82 2.00 0.89 12.61
CA ALA A 82 2.86 0.72 13.78
C ALA A 82 2.77 1.93 14.70
N VAL A 83 1.61 2.12 15.30
CA VAL A 83 1.39 3.25 16.21
C VAL A 83 0.91 2.76 17.57
N GLU A 84 1.12 3.58 18.60
CA GLU A 84 0.70 3.21 19.94
C GLU A 84 -0.81 3.06 20.02
N GLN A 85 -1.53 4.17 19.80
CA GLN A 85 -2.98 4.14 19.86
C GLN A 85 -3.47 3.47 21.15
N GLY A 86 -4.77 3.27 21.25
CA GLY A 86 -5.35 2.63 22.43
C GLY A 86 -6.46 1.67 22.04
N GLY A 87 -6.40 0.46 22.58
CA GLY A 87 -7.42 -0.54 22.28
C GLY A 87 -7.29 -1.06 20.85
N LEU A 88 -6.12 -0.85 20.26
CA LEU A 88 -5.87 -1.29 18.89
C LEU A 88 -4.53 -2.01 18.80
N SER A 89 -4.33 -2.75 17.71
CA SER A 89 -3.10 -3.49 17.51
C SER A 89 -2.66 -3.42 16.05
N VAL A 90 -1.35 -3.42 15.83
CA VAL A 90 -0.81 -3.36 14.48
C VAL A 90 -1.19 -4.60 13.68
N ASP A 91 -1.20 -5.75 14.37
CA ASP A 91 -1.54 -7.00 13.72
C ASP A 91 -2.98 -6.97 13.20
N ALA A 92 -3.88 -6.46 14.02
CA ALA A 92 -5.28 -6.37 13.64
C ALA A 92 -5.46 -5.45 12.43
N LYS A 93 -4.77 -4.31 12.46
CA LYS A 93 -4.85 -3.35 11.38
C LYS A 93 -4.24 -3.93 10.11
N THR A 94 -3.15 -4.68 10.26
CA THR A 94 -2.48 -5.29 9.12
C THR A 94 -3.44 -6.22 8.36
N ASN A 95 -4.21 -7.00 9.11
CA ASN A 95 -5.17 -7.91 8.50
C ASN A 95 -6.25 -7.13 7.76
N ALA A 96 -6.74 -6.08 8.39
CA ALA A 96 -7.78 -5.26 7.79
C ALA A 96 -7.28 -4.63 6.48
N ILE A 97 -6.03 -4.17 6.49
CA ILE A 97 -5.45 -3.56 5.31
C ILE A 97 -5.42 -4.56 4.15
N ALA A 98 -5.03 -5.79 4.44
CA ALA A 98 -4.97 -6.82 3.41
C ALA A 98 -6.34 -7.04 2.78
N ASP A 99 -7.37 -7.07 3.62
CA ASP A 99 -8.73 -7.28 3.13
C ASP A 99 -9.15 -6.15 2.19
N SER A 100 -8.83 -4.92 2.59
CA SER A 100 -9.17 -3.75 1.79
C SER A 100 -8.46 -3.80 0.44
N LEU A 101 -7.21 -4.24 0.44
CA LEU A 101 -6.43 -4.32 -0.78
C LEU A 101 -7.11 -5.26 -1.79
N ASN A 102 -7.56 -6.42 -1.30
CA ASN A 102 -8.22 -7.38 -2.17
C ASN A 102 -9.47 -6.77 -2.80
N SER A 103 -10.24 -6.03 -2.00
CA SER A 103 -11.44 -5.39 -2.50
C SER A 103 -11.08 -4.32 -3.53
N ALA A 104 -9.98 -3.61 -3.28
CA ALA A 104 -9.54 -2.56 -4.19
C ALA A 104 -9.22 -3.14 -5.57
N PHE A 105 -8.58 -4.30 -5.57
CA PHE A 105 -8.22 -4.97 -6.83
C PHE A 105 -9.46 -5.28 -7.65
N TYR A 106 -10.50 -5.75 -6.98
CA TYR A 106 -11.75 -6.09 -7.66
C TYR A 106 -12.39 -4.83 -8.26
N GLN A 107 -12.52 -3.80 -7.45
CA GLN A 107 -13.13 -2.55 -7.92
C GLN A 107 -12.30 -1.93 -9.04
N THR A 108 -10.98 -2.02 -8.90
CA THR A 108 -10.08 -1.45 -9.91
C THR A 108 -10.11 -2.28 -11.18
N THR A 109 -10.32 -3.59 -11.03
CA THR A 109 -10.36 -4.48 -12.18
C THR A 109 -11.52 -5.46 -12.07
N GLY A 110 -11.47 -6.30 -11.04
CA GLY A 110 -12.53 -7.29 -10.82
C GLY A 110 -11.95 -8.67 -10.62
N ALA A 111 -10.69 -8.72 -10.20
CA ALA A 111 -10.03 -10.01 -9.96
C ALA A 111 -9.22 -9.96 -8.67
N ALA A 112 -9.53 -10.87 -7.75
CA ALA A 112 -8.81 -10.93 -6.49
C ALA A 112 -7.32 -11.23 -6.73
N ASN A 113 -6.46 -10.60 -5.94
CA ASN A 113 -5.03 -10.81 -6.08
C ASN A 113 -4.38 -11.00 -4.72
N PRO A 114 -4.59 -12.14 -4.12
CA PRO A 114 -4.02 -12.48 -2.79
C PRO A 114 -2.49 -12.50 -2.82
N GLN A 115 -1.93 -12.82 -3.98
CA GLN A 115 -0.48 -12.87 -4.14
C GLN A 115 0.12 -11.48 -3.92
N PHE A 116 -0.51 -10.47 -4.52
CA PHE A 116 -0.03 -9.10 -4.38
C PHE A 116 -0.19 -8.61 -2.95
N VAL A 117 -1.31 -8.99 -2.33
CA VAL A 117 -1.58 -8.58 -0.95
C VAL A 117 -0.51 -9.14 -0.01
N ASN A 118 -0.15 -10.39 -0.19
CA ASN A 118 0.87 -11.03 0.63
C ASN A 118 2.19 -10.29 0.48
N GLU A 119 2.51 -9.88 -0.74
CA GLU A 119 3.76 -9.17 -1.01
C GLU A 119 3.81 -7.89 -0.18
N ILE A 120 2.71 -7.15 -0.16
CA ILE A 120 2.64 -5.91 0.61
C ILE A 120 2.70 -6.20 2.10
N ARG A 121 2.01 -7.26 2.53
CA ARG A 121 2.00 -7.65 3.93
C ARG A 121 3.42 -7.93 4.41
N SER A 122 4.19 -8.61 3.58
CA SER A 122 5.57 -8.94 3.92
C SER A 122 6.40 -7.66 4.09
N LEU A 123 6.19 -6.70 3.18
CA LEU A 123 6.93 -5.44 3.24
C LEU A 123 6.62 -4.70 4.54
N ILE A 124 5.36 -4.72 4.95
CA ILE A 124 4.96 -4.05 6.18
C ILE A 124 5.71 -4.65 7.38
N ASN A 125 5.76 -5.98 7.42
CA ASN A 125 6.45 -6.65 8.52
C ASN A 125 7.92 -6.26 8.55
N MET A 126 8.55 -6.20 7.37
CA MET A 126 9.95 -5.82 7.28
C MET A 126 10.16 -4.40 7.77
N PHE A 127 9.29 -3.49 7.35
CA PHE A 127 9.39 -2.10 7.77
C PHE A 127 9.13 -1.98 9.26
N ALA A 128 8.14 -2.73 9.75
CA ALA A 128 7.80 -2.69 11.17
C ALA A 128 8.97 -3.14 12.03
N GLN A 129 9.62 -4.22 11.62
CA GLN A 129 10.76 -4.75 12.35
C GLN A 129 12.03 -3.95 12.02
N SER A 130 11.91 -3.01 11.09
CA SER A 130 13.05 -2.19 10.69
C SER A 130 14.21 -3.07 10.25
N SER A 131 13.90 -4.15 9.54
CA SER A 131 14.93 -5.07 9.07
C SER A 131 15.82 -5.51 10.22
N ALA A 132 15.21 -5.76 11.38
CA ALA A 132 15.97 -6.19 12.55
C ALA A 132 15.14 -7.16 13.38
N ASN A 133 15.83 -8.13 13.99
CA ASN A 133 15.14 -9.12 14.81
C ASN A 133 15.01 -8.62 16.24
N GLU A 134 14.39 -9.44 17.09
CA GLU A 134 14.19 -9.08 18.49
C GLU A 134 13.90 -10.31 19.33
N VAL A 135 13.79 -10.11 20.64
CA VAL A 135 13.50 -11.21 21.55
C VAL A 135 12.16 -11.86 21.20
N SER A 136 11.17 -11.04 20.92
CA SER A 136 9.84 -11.54 20.58
C SER A 136 9.29 -12.40 21.71
N TYR A 137 9.50 -11.95 22.94
CA TYR A 137 9.01 -12.69 24.10
C TYR A 137 7.49 -12.81 24.06
N GLY A 1 -1.82 -16.11 -20.74
CA GLY A 1 -2.63 -14.90 -21.07
C GLY A 1 -2.08 -13.70 -20.31
N SER A 2 -2.24 -13.71 -18.99
CA SER A 2 -1.74 -12.62 -18.17
C SER A 2 -0.22 -12.50 -18.27
N HIS A 3 0.45 -13.65 -18.31
CA HIS A 3 1.91 -13.67 -18.41
C HIS A 3 2.52 -12.86 -17.27
N MET A 4 1.87 -12.87 -16.11
CA MET A 4 2.37 -12.14 -14.95
C MET A 4 2.73 -10.70 -15.35
N GLY A 5 1.96 -10.14 -16.27
CA GLY A 5 2.20 -8.78 -16.72
C GLY A 5 0.89 -7.99 -16.78
N GLN A 6 1.01 -6.66 -16.69
CA GLN A 6 -0.16 -5.80 -16.72
C GLN A 6 -1.17 -6.22 -15.65
N ASN A 7 -0.65 -6.66 -14.50
CA ASN A 7 -1.51 -7.07 -13.39
C ASN A 7 -1.14 -6.33 -12.12
N THR A 8 -0.46 -5.19 -12.27
CA THR A 8 -0.05 -4.40 -11.13
C THR A 8 -0.76 -3.05 -11.12
N PRO A 9 -1.15 -2.58 -9.98
CA PRO A 9 -1.86 -1.27 -9.83
C PRO A 9 -0.96 -0.08 -10.17
N TRP A 10 0.35 -0.32 -10.14
CA TRP A 10 1.31 0.74 -10.45
C TRP A 10 1.63 0.75 -11.94
N SER A 11 0.92 -0.07 -12.71
CA SER A 11 1.14 -0.14 -14.15
C SER A 11 0.87 1.21 -14.80
N SER A 12 -0.22 1.86 -14.39
CA SER A 12 -0.59 3.16 -14.94
C SER A 12 -1.00 4.12 -13.83
N THR A 13 -0.88 5.41 -14.10
CA THR A 13 -1.25 6.43 -13.11
C THR A 13 -2.74 6.36 -12.82
N GLU A 14 -3.53 6.04 -13.84
CA GLU A 14 -4.98 5.94 -13.67
C GLU A 14 -5.33 4.77 -12.75
N LEU A 15 -4.63 3.67 -12.92
CA LEU A 15 -4.87 2.50 -12.09
C LEU A 15 -4.44 2.76 -10.65
N ALA A 16 -3.27 3.35 -10.49
CA ALA A 16 -2.76 3.65 -9.16
C ALA A 16 -3.71 4.59 -8.42
N ASP A 17 -4.21 5.60 -9.13
CA ASP A 17 -5.12 6.57 -8.54
C ASP A 17 -6.40 5.88 -8.08
N ALA A 18 -6.97 5.07 -8.96
CA ALA A 18 -8.20 4.36 -8.65
C ALA A 18 -7.98 3.39 -7.48
N PHE A 19 -6.84 2.71 -7.49
CA PHE A 19 -6.52 1.75 -6.45
C PHE A 19 -6.49 2.44 -5.09
N ILE A 20 -5.82 3.59 -5.02
CA ILE A 20 -5.73 4.32 -3.77
C ILE A 20 -7.11 4.73 -3.27
N ASN A 21 -7.93 5.24 -4.19
CA ASN A 21 -9.27 5.67 -3.83
C ASN A 21 -10.10 4.50 -3.29
N ALA A 22 -9.98 3.35 -3.95
CA ALA A 22 -10.69 2.16 -3.51
C ALA A 22 -10.20 1.70 -2.15
N PHE A 23 -8.88 1.76 -1.96
CA PHE A 23 -8.28 1.35 -0.70
C PHE A 23 -8.83 2.17 0.45
N MET A 24 -8.87 3.49 0.25
CA MET A 24 -9.37 4.38 1.29
C MET A 24 -10.81 4.06 1.64
N ASN A 25 -11.61 3.78 0.63
CA ASN A 25 -13.01 3.45 0.85
C ASN A 25 -13.14 2.19 1.71
N GLU A 26 -12.37 1.17 1.35
CA GLU A 26 -12.41 -0.09 2.09
C GLU A 26 -11.89 0.10 3.51
N ALA A 27 -10.84 0.89 3.66
CA ALA A 27 -10.26 1.16 4.97
C ALA A 27 -11.28 1.84 5.87
N GLY A 28 -12.05 2.76 5.30
CA GLY A 28 -13.05 3.48 6.07
C GLY A 28 -14.14 2.52 6.57
N ARG A 29 -14.51 1.56 5.73
CA ARG A 29 -15.54 0.59 6.10
C ARG A 29 -15.09 -0.24 7.30
N THR A 30 -13.83 -0.64 7.30
CA THR A 30 -13.31 -1.45 8.38
C THR A 30 -13.34 -0.68 9.70
N GLY A 31 -12.98 0.60 9.63
CA GLY A 31 -12.98 1.44 10.81
C GLY A 31 -11.74 1.17 11.67
N ALA A 32 -10.90 0.25 11.22
CA ALA A 32 -9.69 -0.10 11.96
C ALA A 32 -8.79 1.12 12.09
N PHE A 33 -8.72 1.92 11.02
CA PHE A 33 -7.87 3.10 11.02
C PHE A 33 -8.66 4.33 11.45
N THR A 34 -8.08 5.12 12.35
CA THR A 34 -8.73 6.33 12.84
C THR A 34 -8.70 7.43 11.78
N ALA A 35 -9.37 8.54 12.07
CA ALA A 35 -9.42 9.65 11.12
C ALA A 35 -8.02 10.15 10.82
N ASP A 36 -7.19 10.27 11.85
CA ASP A 36 -5.82 10.73 11.66
C ASP A 36 -5.03 9.75 10.80
N GLN A 37 -5.22 8.46 11.07
CA GLN A 37 -4.53 7.43 10.30
C GLN A 37 -4.96 7.46 8.84
N LEU A 38 -6.25 7.66 8.61
CA LEU A 38 -6.79 7.73 7.26
C LEU A 38 -6.20 8.92 6.51
N ASP A 39 -6.02 10.03 7.20
CA ASP A 39 -5.47 11.23 6.59
C ASP A 39 -4.07 10.94 6.03
N ASP A 40 -3.27 10.25 6.82
CA ASP A 40 -1.91 9.92 6.39
C ASP A 40 -1.95 9.04 5.13
N MET A 41 -2.80 8.03 5.15
CA MET A 41 -2.93 7.12 4.00
C MET A 41 -3.46 7.89 2.80
N SER A 42 -4.38 8.81 3.03
CA SER A 42 -4.95 9.61 1.95
C SER A 42 -3.86 10.42 1.25
N THR A 43 -2.98 11.02 2.04
CA THR A 43 -1.89 11.82 1.48
C THR A 43 -1.00 10.97 0.60
N ILE A 44 -0.74 9.74 1.04
CA ILE A 44 0.11 8.85 0.28
C ILE A 44 -0.33 8.79 -1.18
N GLY A 45 -1.62 9.00 -1.40
CA GLY A 45 -2.16 8.95 -2.75
C GLY A 45 -1.54 10.02 -3.63
N ASP A 46 -1.46 11.24 -3.09
CA ASP A 46 -0.86 12.35 -3.83
C ASP A 46 0.61 12.11 -4.06
N THR A 47 1.29 11.57 -3.04
CA THR A 47 2.72 11.30 -3.15
C THR A 47 2.99 10.31 -4.26
N ILE A 48 2.22 9.24 -4.31
CA ILE A 48 2.39 8.22 -5.34
C ILE A 48 2.14 8.80 -6.72
N LYS A 49 1.05 9.55 -6.86
CA LYS A 49 0.70 10.15 -8.14
C LYS A 49 1.82 11.06 -8.62
N THR A 50 2.32 11.90 -7.73
CA THR A 50 3.39 12.82 -8.07
C THR A 50 4.66 12.05 -8.42
N ALA A 51 4.97 11.03 -7.63
CA ALA A 51 6.17 10.22 -7.86
C ALA A 51 6.07 9.51 -9.20
N MET A 52 4.89 9.01 -9.53
CA MET A 52 4.67 8.30 -10.79
C MET A 52 4.98 9.21 -11.97
N ASP A 53 4.57 10.47 -11.87
CA ASP A 53 4.80 11.42 -12.94
C ASP A 53 6.30 11.67 -13.14
N LYS A 54 7.01 11.82 -12.03
CA LYS A 54 8.45 12.08 -12.11
C LYS A 54 9.23 10.85 -12.56
N MET A 55 8.85 9.69 -12.02
CA MET A 55 9.51 8.44 -12.37
C MET A 55 8.97 7.88 -13.68
N ALA A 56 7.90 8.48 -14.20
CA ALA A 56 7.30 8.03 -15.43
C ALA A 56 8.28 8.15 -16.58
N ARG A 57 9.05 9.25 -16.59
CA ARG A 57 10.02 9.47 -17.65
C ARG A 57 11.44 9.31 -17.13
N SER A 58 11.64 9.62 -15.85
CA SER A 58 12.96 9.50 -15.24
C SER A 58 13.04 8.25 -14.38
N ASN A 59 13.57 7.18 -14.94
CA ASN A 59 13.71 5.92 -14.19
C ASN A 59 14.90 5.13 -14.72
N LYS A 60 15.29 4.11 -13.96
CA LYS A 60 16.41 3.27 -14.35
C LYS A 60 15.93 1.91 -14.87
N SER A 61 14.97 1.32 -14.15
CA SER A 61 14.42 0.04 -14.55
C SER A 61 12.96 -0.07 -14.12
N SER A 62 12.19 -0.87 -14.86
CA SER A 62 10.78 -1.05 -14.54
C SER A 62 10.61 -1.73 -13.20
N LYS A 63 11.44 -2.73 -12.92
CA LYS A 63 11.37 -3.46 -11.67
C LYS A 63 11.84 -2.59 -10.51
N GLY A 64 12.83 -1.74 -10.78
CA GLY A 64 13.37 -0.87 -9.75
C GLY A 64 12.32 0.11 -9.25
N LYS A 65 11.60 0.71 -10.18
CA LYS A 65 10.56 1.68 -9.84
C LYS A 65 9.36 0.97 -9.21
N LEU A 66 9.15 -0.29 -9.60
CA LEU A 66 8.03 -1.05 -9.08
C LEU A 66 8.23 -1.36 -7.61
N GLN A 67 9.42 -1.82 -7.26
CA GLN A 67 9.73 -2.15 -5.87
C GLN A 67 9.69 -0.90 -5.01
N ALA A 68 10.19 0.20 -5.56
CA ALA A 68 10.23 1.46 -4.82
C ALA A 68 8.82 1.90 -4.45
N LEU A 69 7.89 1.77 -5.40
CA LEU A 69 6.50 2.16 -5.16
C LEU A 69 5.87 1.26 -4.10
N ASN A 70 6.15 -0.04 -4.21
CA ASN A 70 5.60 -1.01 -3.25
C ASN A 70 6.13 -0.76 -1.86
N MET A 71 7.42 -0.43 -1.77
CA MET A 71 8.04 -0.18 -0.48
C MET A 71 7.52 1.10 0.14
N ALA A 72 7.57 2.19 -0.62
CA ALA A 72 7.09 3.48 -0.13
C ALA A 72 5.60 3.42 0.18
N PHE A 73 4.84 2.77 -0.69
CA PHE A 73 3.40 2.66 -0.50
C PHE A 73 3.08 1.93 0.79
N ALA A 74 3.72 0.79 0.99
CA ALA A 74 3.49 0.00 2.20
C ALA A 74 4.18 0.63 3.40
N SER A 75 5.21 1.43 3.13
CA SER A 75 5.96 2.08 4.20
C SER A 75 5.07 3.03 4.98
N SER A 76 4.26 3.81 4.26
CA SER A 76 3.38 4.77 4.91
C SER A 76 2.42 4.09 5.88
N MET A 77 1.75 3.04 5.38
CA MET A 77 0.82 2.29 6.21
C MET A 77 1.56 1.44 7.22
N ALA A 78 2.79 1.06 6.88
CA ALA A 78 3.60 0.24 7.78
C ALA A 78 3.88 0.99 9.08
N GLU A 79 4.22 2.26 8.96
CA GLU A 79 4.50 3.09 10.13
C GLU A 79 3.21 3.35 10.90
N ILE A 80 2.13 3.60 10.18
CA ILE A 80 0.85 3.87 10.82
C ILE A 80 0.38 2.67 11.64
N ALA A 81 0.48 1.49 11.06
CA ALA A 81 0.07 0.26 11.74
C ALA A 81 1.00 -0.03 12.90
N ALA A 82 2.30 0.19 12.69
CA ALA A 82 3.30 -0.07 13.72
C ALA A 82 3.43 1.13 14.65
N VAL A 83 2.41 1.36 15.46
CA VAL A 83 2.42 2.48 16.39
C VAL A 83 2.20 1.97 17.82
N GLU A 84 2.67 2.75 18.79
CA GLU A 84 2.52 2.39 20.20
C GLU A 84 1.38 3.16 20.84
N GLN A 85 0.50 3.71 20.01
CA GLN A 85 -0.63 4.47 20.50
C GLN A 85 -1.53 3.59 21.36
N GLY A 86 -1.74 2.35 20.93
CA GLY A 86 -2.59 1.42 21.66
C GLY A 86 -3.78 1.00 20.81
N GLY A 87 -4.90 0.70 21.47
CA GLY A 87 -6.10 0.27 20.78
C GLY A 87 -5.86 -1.02 20.01
N LEU A 88 -6.26 -1.04 18.75
CA LEU A 88 -6.08 -2.22 17.91
C LEU A 88 -4.60 -2.53 17.72
N SER A 89 -4.24 -3.81 17.82
CA SER A 89 -2.86 -4.22 17.65
C SER A 89 -2.44 -4.10 16.19
N VAL A 90 -1.13 -4.00 15.96
CA VAL A 90 -0.61 -3.88 14.60
C VAL A 90 -1.03 -5.08 13.76
N ASP A 91 -1.12 -6.24 14.39
CA ASP A 91 -1.51 -7.46 13.69
C ASP A 91 -2.93 -7.33 13.15
N ALA A 92 -3.85 -6.89 14.01
CA ALA A 92 -5.24 -6.73 13.61
C ALA A 92 -5.37 -5.71 12.48
N LYS A 93 -4.64 -4.62 12.59
CA LYS A 93 -4.67 -3.58 11.58
C LYS A 93 -4.15 -4.10 10.25
N THR A 94 -3.11 -4.92 10.32
CA THR A 94 -2.51 -5.49 9.11
C THR A 94 -3.53 -6.36 8.37
N ASN A 95 -4.26 -7.17 9.12
CA ASN A 95 -5.26 -8.05 8.52
C ASN A 95 -6.33 -7.25 7.80
N ALA A 96 -6.74 -6.14 8.42
CA ALA A 96 -7.75 -5.28 7.83
C ALA A 96 -7.26 -4.68 6.51
N ILE A 97 -5.99 -4.28 6.50
CA ILE A 97 -5.40 -3.68 5.30
C ILE A 97 -5.39 -4.69 4.16
N ALA A 98 -5.01 -5.92 4.46
CA ALA A 98 -4.95 -6.96 3.44
C ALA A 98 -6.33 -7.18 2.81
N ASP A 99 -7.36 -7.22 3.65
CA ASP A 99 -8.73 -7.41 3.16
C ASP A 99 -9.14 -6.24 2.26
N SER A 100 -8.80 -5.03 2.68
CA SER A 100 -9.14 -3.84 1.91
C SER A 100 -8.48 -3.87 0.55
N LEU A 101 -7.23 -4.33 0.51
CA LEU A 101 -6.49 -4.41 -0.74
C LEU A 101 -7.18 -5.35 -1.73
N ASN A 102 -7.66 -6.48 -1.22
CA ASN A 102 -8.34 -7.46 -2.07
C ASN A 102 -9.59 -6.85 -2.70
N SER A 103 -10.33 -6.08 -1.91
CA SER A 103 -11.53 -5.44 -2.41
C SER A 103 -11.18 -4.37 -3.44
N ALA A 104 -10.10 -3.64 -3.19
CA ALA A 104 -9.67 -2.58 -4.10
C ALA A 104 -9.34 -3.17 -5.47
N PHE A 105 -8.67 -4.31 -5.48
CA PHE A 105 -8.31 -4.95 -6.73
C PHE A 105 -9.55 -5.26 -7.56
N TYR A 106 -10.57 -5.81 -6.90
CA TYR A 106 -11.81 -6.16 -7.58
C TYR A 106 -12.44 -4.90 -8.20
N GLN A 107 -12.55 -3.85 -7.40
CA GLN A 107 -13.15 -2.61 -7.89
C GLN A 107 -12.30 -2.00 -9.00
N THR A 108 -10.99 -2.05 -8.85
CA THR A 108 -10.08 -1.48 -9.83
C THR A 108 -10.10 -2.30 -11.12
N THR A 109 -10.32 -3.60 -10.98
CA THR A 109 -10.35 -4.48 -12.15
C THR A 109 -11.48 -5.50 -12.02
N GLY A 110 -11.40 -6.33 -10.98
CA GLY A 110 -12.42 -7.34 -10.75
C GLY A 110 -11.79 -8.72 -10.55
N ALA A 111 -10.51 -8.74 -10.23
CA ALA A 111 -9.81 -10.00 -10.01
C ALA A 111 -8.98 -9.94 -8.73
N ALA A 112 -9.24 -10.86 -7.81
CA ALA A 112 -8.52 -10.92 -6.55
C ALA A 112 -7.05 -11.26 -6.80
N ASN A 113 -6.17 -10.66 -6.01
CA ASN A 113 -4.74 -10.90 -6.15
C ASN A 113 -4.11 -11.13 -4.78
N PRO A 114 -4.27 -12.29 -4.21
CA PRO A 114 -3.72 -12.63 -2.87
C PRO A 114 -2.20 -12.57 -2.85
N GLN A 115 -1.57 -12.84 -4.00
CA GLN A 115 -0.12 -12.80 -4.09
C GLN A 115 0.40 -11.39 -3.85
N PHE A 116 -0.26 -10.40 -4.43
CA PHE A 116 0.13 -9.01 -4.25
C PHE A 116 -0.14 -8.56 -2.81
N VAL A 117 -1.28 -8.97 -2.29
CA VAL A 117 -1.66 -8.60 -0.92
C VAL A 117 -0.63 -9.12 0.07
N ASN A 118 -0.19 -10.35 -0.13
CA ASN A 118 0.81 -10.95 0.75
C ASN A 118 2.11 -10.17 0.66
N GLU A 119 2.46 -9.73 -0.54
CA GLU A 119 3.69 -8.96 -0.74
C GLU A 119 3.64 -7.65 0.04
N ILE A 120 2.48 -7.00 0.00
CA ILE A 120 2.31 -5.73 0.71
C ILE A 120 2.43 -5.94 2.22
N ARG A 121 1.76 -6.97 2.72
CA ARG A 121 1.78 -7.26 4.14
C ARG A 121 3.19 -7.62 4.57
N SER A 122 3.95 -8.23 3.67
CA SER A 122 5.32 -8.63 3.95
C SER A 122 6.19 -7.40 4.17
N LEU A 123 5.96 -6.38 3.36
CA LEU A 123 6.74 -5.15 3.46
C LEU A 123 6.50 -4.48 4.81
N ILE A 124 5.24 -4.48 5.25
CA ILE A 124 4.90 -3.88 6.54
C ILE A 124 5.61 -4.61 7.67
N ASN A 125 5.59 -5.94 7.63
CA ASN A 125 6.25 -6.74 8.65
C ASN A 125 7.75 -6.43 8.67
N MET A 126 8.35 -6.34 7.50
CA MET A 126 9.77 -6.03 7.40
C MET A 126 10.06 -4.66 8.01
N PHE A 127 9.23 -3.68 7.67
CA PHE A 127 9.41 -2.32 8.20
C PHE A 127 9.28 -2.32 9.71
N ALA A 128 8.30 -3.06 10.22
CA ALA A 128 8.09 -3.13 11.67
C ALA A 128 9.31 -3.73 12.36
N GLN A 129 9.86 -4.77 11.77
CA GLN A 129 11.05 -5.42 12.32
C GLN A 129 12.28 -4.53 12.16
N SER A 130 12.31 -3.79 11.06
CA SER A 130 13.45 -2.91 10.78
C SER A 130 13.62 -1.90 11.90
N SER A 131 12.51 -1.39 12.42
CA SER A 131 12.56 -0.41 13.50
C SER A 131 13.26 -1.00 14.73
N ALA A 132 13.29 -2.32 14.80
CA ALA A 132 13.93 -3.00 15.92
C ALA A 132 15.14 -3.80 15.44
N ASN A 133 15.66 -3.45 14.27
CA ASN A 133 16.81 -4.14 13.71
C ASN A 133 18.02 -4.02 14.64
N GLU A 134 18.20 -2.83 15.21
CA GLU A 134 19.32 -2.60 16.11
C GLU A 134 19.18 -3.46 17.37
N VAL A 135 20.25 -4.20 17.69
CA VAL A 135 20.23 -5.05 18.87
C VAL A 135 21.59 -5.01 19.56
N SER A 136 21.59 -5.30 20.85
CA SER A 136 22.82 -5.30 21.63
C SER A 136 23.72 -6.44 21.19
N TYR A 137 25.02 -6.17 21.12
CA TYR A 137 26.00 -7.18 20.70
C TYR A 137 25.99 -8.36 21.67
N GLY A 1 -2.12 -2.63 -20.90
CA GLY A 1 -2.58 -4.00 -20.50
C GLY A 1 -1.98 -5.03 -21.45
N SER A 2 -1.23 -5.97 -20.89
CA SER A 2 -0.61 -7.01 -21.70
C SER A 2 -1.04 -8.40 -21.22
N HIS A 3 -1.11 -9.35 -22.15
CA HIS A 3 -1.51 -10.70 -21.81
C HIS A 3 -0.48 -11.35 -20.90
N MET A 4 -0.95 -11.88 -19.77
CA MET A 4 -0.06 -12.53 -18.80
C MET A 4 1.16 -11.65 -18.54
N GLY A 5 0.97 -10.34 -18.60
CA GLY A 5 2.07 -9.40 -18.36
C GLY A 5 1.97 -8.81 -16.96
N GLN A 6 2.20 -7.51 -16.86
CA GLN A 6 2.15 -6.82 -15.58
C GLN A 6 0.72 -6.85 -15.01
N ASN A 7 0.62 -7.09 -13.72
CA ASN A 7 -0.68 -7.15 -13.05
C ASN A 7 -0.70 -6.20 -11.87
N THR A 8 0.15 -5.19 -11.90
CA THR A 8 0.21 -4.22 -10.81
C THR A 8 -0.42 -2.89 -11.22
N PRO A 9 -1.17 -2.26 -10.33
CA PRO A 9 -1.83 -0.95 -10.62
C PRO A 9 -0.82 0.17 -10.83
N TRP A 10 0.39 -0.03 -10.32
CA TRP A 10 1.44 0.98 -10.45
C TRP A 10 1.81 1.18 -11.92
N SER A 11 1.42 0.23 -12.76
CA SER A 11 1.72 0.32 -14.18
C SER A 11 1.07 1.58 -14.78
N SER A 12 -0.13 1.89 -14.33
CA SER A 12 -0.83 3.06 -14.82
C SER A 12 -1.23 3.98 -13.68
N THR A 13 -1.23 5.28 -13.93
CA THR A 13 -1.60 6.25 -12.90
C THR A 13 -3.07 6.13 -12.55
N GLU A 14 -3.89 5.80 -13.53
CA GLU A 14 -5.33 5.65 -13.30
C GLU A 14 -5.60 4.51 -12.34
N LEU A 15 -4.91 3.39 -12.54
CA LEU A 15 -5.08 2.24 -11.67
C LEU A 15 -4.54 2.51 -10.27
N ALA A 16 -3.41 3.20 -10.21
CA ALA A 16 -2.81 3.51 -8.92
C ALA A 16 -3.75 4.38 -8.09
N ASP A 17 -4.30 5.42 -8.71
CA ASP A 17 -5.21 6.33 -8.01
C ASP A 17 -6.49 5.59 -7.61
N ALA A 18 -7.06 4.83 -8.53
CA ALA A 18 -8.27 4.09 -8.27
C ALA A 18 -8.06 3.09 -7.14
N PHE A 19 -6.90 2.45 -7.14
CA PHE A 19 -6.59 1.45 -6.12
C PHE A 19 -6.55 2.10 -4.73
N ILE A 20 -5.83 3.23 -4.63
CA ILE A 20 -5.72 3.94 -3.36
C ILE A 20 -7.10 4.44 -2.92
N ASN A 21 -7.85 5.00 -3.86
CA ASN A 21 -9.18 5.52 -3.56
C ASN A 21 -10.08 4.41 -3.02
N ALA A 22 -10.13 3.30 -3.74
CA ALA A 22 -10.96 2.17 -3.32
C ALA A 22 -10.48 1.62 -1.98
N PHE A 23 -9.16 1.57 -1.81
CA PHE A 23 -8.58 1.07 -0.57
C PHE A 23 -9.05 1.91 0.62
N MET A 24 -9.00 3.22 0.46
CA MET A 24 -9.43 4.11 1.53
C MET A 24 -10.89 3.87 1.88
N ASN A 25 -11.72 3.65 0.88
CA ASN A 25 -13.14 3.40 1.12
C ASN A 25 -13.31 2.13 1.96
N GLU A 26 -12.55 1.10 1.61
CA GLU A 26 -12.63 -0.17 2.33
C GLU A 26 -12.11 0.01 3.76
N ALA A 27 -11.03 0.78 3.90
CA ALA A 27 -10.44 1.01 5.21
C ALA A 27 -11.46 1.73 6.12
N GLY A 28 -12.19 2.66 5.54
CA GLY A 28 -13.19 3.40 6.30
C GLY A 28 -14.27 2.45 6.82
N ARG A 29 -14.68 1.50 5.98
CA ARG A 29 -15.71 0.54 6.36
C ARG A 29 -15.25 -0.32 7.53
N THR A 30 -13.98 -0.71 7.52
CA THR A 30 -13.45 -1.54 8.59
C THR A 30 -13.45 -0.77 9.91
N GLY A 31 -13.13 0.52 9.84
CA GLY A 31 -13.10 1.36 11.02
C GLY A 31 -11.86 1.06 11.87
N ALA A 32 -10.98 0.21 11.35
CA ALA A 32 -9.76 -0.14 12.07
C ALA A 32 -8.80 1.05 12.11
N PHE A 33 -8.99 2.00 11.20
CA PHE A 33 -8.12 3.16 11.14
C PHE A 33 -8.86 4.41 11.61
N THR A 34 -8.17 5.27 12.35
CA THR A 34 -8.75 6.50 12.86
C THR A 34 -8.77 7.56 11.78
N ALA A 35 -9.43 8.69 12.07
CA ALA A 35 -9.52 9.78 11.10
C ALA A 35 -8.13 10.28 10.74
N ASP A 36 -7.26 10.38 11.73
CA ASP A 36 -5.89 10.84 11.50
C ASP A 36 -5.15 9.87 10.59
N GLN A 37 -5.33 8.57 10.85
CA GLN A 37 -4.66 7.55 10.05
C GLN A 37 -5.11 7.62 8.59
N LEU A 38 -6.41 7.85 8.39
CA LEU A 38 -6.95 7.94 7.04
C LEU A 38 -6.34 9.13 6.30
N ASP A 39 -6.15 10.24 7.01
CA ASP A 39 -5.59 11.43 6.40
C ASP A 39 -4.18 11.13 5.90
N ASP A 40 -3.41 10.41 6.69
CA ASP A 40 -2.04 10.07 6.30
C ASP A 40 -2.04 9.20 5.03
N MET A 41 -2.99 8.28 4.96
CA MET A 41 -3.10 7.41 3.79
C MET A 41 -3.41 8.23 2.54
N SER A 42 -4.29 9.20 2.68
CA SER A 42 -4.65 10.06 1.54
C SER A 42 -3.42 10.76 0.99
N THR A 43 -2.56 11.20 1.88
CA THR A 43 -1.33 11.88 1.49
C THR A 43 -0.47 10.95 0.65
N ILE A 44 -0.37 9.70 1.08
CA ILE A 44 0.44 8.72 0.35
C ILE A 44 -0.09 8.56 -1.06
N GLY A 45 -1.41 8.68 -1.22
CA GLY A 45 -2.02 8.51 -2.53
C GLY A 45 -1.52 9.57 -3.50
N ASP A 46 -1.54 10.82 -3.05
CA ASP A 46 -1.09 11.93 -3.89
C ASP A 46 0.42 11.84 -4.11
N THR A 47 1.15 11.46 -3.07
CA THR A 47 2.60 11.35 -3.15
C THR A 47 3.00 10.32 -4.20
N ILE A 48 2.33 9.17 -4.18
CA ILE A 48 2.63 8.11 -5.14
C ILE A 48 2.39 8.59 -6.57
N LYS A 49 1.27 9.27 -6.78
CA LYS A 49 0.94 9.78 -8.11
C LYS A 49 2.02 10.73 -8.61
N THR A 50 2.43 11.66 -7.75
CA THR A 50 3.45 12.63 -8.11
C THR A 50 4.79 11.94 -8.34
N ALA A 51 5.11 10.99 -7.46
CA ALA A 51 6.36 10.24 -7.57
C ALA A 51 6.44 9.48 -8.88
N MET A 52 5.31 8.88 -9.28
CA MET A 52 5.28 8.11 -10.52
C MET A 52 5.57 9.02 -11.71
N ASP A 53 5.00 10.22 -11.70
CA ASP A 53 5.22 11.16 -12.78
C ASP A 53 6.70 11.52 -12.89
N LYS A 54 7.32 11.79 -11.75
CA LYS A 54 8.74 12.15 -11.73
C LYS A 54 9.60 10.99 -12.24
N MET A 55 9.31 9.79 -11.76
CA MET A 55 10.07 8.61 -12.17
C MET A 55 9.80 8.29 -13.63
N ALA A 56 8.75 8.87 -14.19
CA ALA A 56 8.40 8.64 -15.58
C ALA A 56 9.55 9.07 -16.48
N ARG A 57 10.22 10.17 -16.11
CA ARG A 57 11.33 10.67 -16.92
C ARG A 57 12.47 9.67 -16.94
N SER A 58 12.55 8.83 -15.92
CA SER A 58 13.60 7.83 -15.82
C SER A 58 13.37 6.72 -16.84
N ASN A 59 14.46 6.15 -17.35
CA ASN A 59 14.36 5.07 -18.32
C ASN A 59 15.28 3.92 -17.94
N LYS A 60 14.99 2.75 -18.50
CA LYS A 60 15.80 1.56 -18.21
C LYS A 60 15.82 1.27 -16.71
N SER A 61 14.65 1.37 -16.09
CA SER A 61 14.54 1.12 -14.65
C SER A 61 13.08 1.02 -14.24
N SER A 62 12.25 0.46 -15.11
CA SER A 62 10.83 0.32 -14.83
C SER A 62 10.62 -0.58 -13.61
N LYS A 63 11.35 -1.69 -13.57
CA LYS A 63 11.24 -2.61 -12.44
C LYS A 63 11.66 -1.94 -11.14
N GLY A 64 12.64 -1.03 -11.24
CA GLY A 64 13.13 -0.32 -10.07
C GLY A 64 12.04 0.58 -9.48
N LYS A 65 11.32 1.26 -10.36
CA LYS A 65 10.25 2.15 -9.94
C LYS A 65 9.14 1.36 -9.24
N LEU A 66 8.81 0.20 -9.80
CA LEU A 66 7.75 -0.62 -9.24
C LEU A 66 8.11 -1.04 -7.81
N GLN A 67 9.35 -1.47 -7.61
CA GLN A 67 9.79 -1.89 -6.29
C GLN A 67 9.79 -0.71 -5.34
N ALA A 68 10.23 0.45 -5.83
CA ALA A 68 10.29 1.65 -5.00
C ALA A 68 8.91 2.04 -4.52
N LEU A 69 7.93 1.97 -5.43
CA LEU A 69 6.55 2.33 -5.08
C LEU A 69 6.00 1.35 -4.05
N ASN A 70 6.25 0.07 -4.25
CA ASN A 70 5.77 -0.95 -3.33
C ASN A 70 6.37 -0.75 -1.94
N MET A 71 7.66 -0.43 -1.90
CA MET A 71 8.33 -0.21 -0.63
C MET A 71 7.83 1.05 0.04
N ALA A 72 7.69 2.13 -0.73
CA ALA A 72 7.23 3.39 -0.18
C ALA A 72 5.81 3.24 0.37
N PHE A 73 4.94 2.60 -0.41
CA PHE A 73 3.56 2.39 0.00
C PHE A 73 3.49 1.53 1.25
N ALA A 74 4.23 0.42 1.24
CA ALA A 74 4.25 -0.49 2.38
C ALA A 74 4.80 0.22 3.62
N SER A 75 5.82 1.04 3.41
CA SER A 75 6.42 1.77 4.52
C SER A 75 5.41 2.68 5.20
N SER A 76 4.64 3.40 4.41
CA SER A 76 3.63 4.30 4.95
C SER A 76 2.58 3.52 5.73
N MET A 77 2.14 2.39 5.16
CA MET A 77 1.12 1.57 5.81
C MET A 77 1.66 0.99 7.12
N ALA A 78 2.90 0.57 7.10
CA ALA A 78 3.52 -0.01 8.29
C ALA A 78 3.58 1.02 9.41
N GLU A 79 3.93 2.25 9.06
CA GLU A 79 4.01 3.31 10.07
C GLU A 79 2.64 3.58 10.68
N ILE A 80 1.61 3.64 9.84
CA ILE A 80 0.26 3.88 10.31
C ILE A 80 -0.22 2.74 11.22
N ALA A 81 0.02 1.51 10.78
CA ALA A 81 -0.39 0.34 11.54
C ALA A 81 0.39 0.23 12.83
N ALA A 82 1.68 0.50 12.75
CA ALA A 82 2.55 0.42 13.93
C ALA A 82 2.83 1.81 14.49
N VAL A 83 1.84 2.37 15.18
CA VAL A 83 1.98 3.69 15.78
C VAL A 83 2.22 3.57 17.28
N GLU A 84 3.05 4.47 17.81
CA GLU A 84 3.37 4.47 19.22
C GLU A 84 2.13 4.80 20.06
N GLN A 85 1.08 5.25 19.38
CA GLN A 85 -0.16 5.60 20.07
C GLN A 85 -0.74 4.37 20.77
N GLY A 86 -0.61 3.22 20.12
CA GLY A 86 -1.13 1.98 20.70
C GLY A 86 -2.48 1.62 20.09
N GLY A 87 -3.53 1.67 20.91
CA GLY A 87 -4.87 1.33 20.44
C GLY A 87 -4.93 -0.09 19.93
N LEU A 88 -5.50 -0.27 18.74
CA LEU A 88 -5.63 -1.60 18.16
C LEU A 88 -4.25 -2.16 17.81
N SER A 89 -4.10 -3.47 17.95
CA SER A 89 -2.83 -4.12 17.67
C SER A 89 -2.44 -3.92 16.20
N VAL A 90 -1.16 -3.78 15.95
CA VAL A 90 -0.67 -3.58 14.58
C VAL A 90 -1.07 -4.76 13.71
N ASP A 91 -1.07 -5.96 14.29
CA ASP A 91 -1.44 -7.14 13.54
C ASP A 91 -2.88 -7.05 13.04
N ALA A 92 -3.77 -6.53 13.90
CA ALA A 92 -5.16 -6.39 13.54
C ALA A 92 -5.33 -5.43 12.37
N LYS A 93 -4.58 -4.33 12.40
CA LYS A 93 -4.63 -3.34 11.33
C LYS A 93 -4.16 -3.94 10.01
N THR A 94 -3.11 -4.75 10.10
CA THR A 94 -2.57 -5.39 8.90
C THR A 94 -3.60 -6.28 8.24
N ASN A 95 -4.31 -7.07 9.06
CA ASN A 95 -5.33 -7.97 8.53
C ASN A 95 -6.42 -7.19 7.81
N ALA A 96 -6.84 -6.07 8.40
CA ALA A 96 -7.88 -5.24 7.80
C ALA A 96 -7.42 -4.69 6.46
N ILE A 97 -6.15 -4.30 6.39
CA ILE A 97 -5.58 -3.76 5.16
C ILE A 97 -5.61 -4.80 4.06
N ALA A 98 -5.26 -6.04 4.40
CA ALA A 98 -5.23 -7.10 3.41
C ALA A 98 -6.62 -7.30 2.78
N ASP A 99 -7.65 -7.29 3.62
CA ASP A 99 -9.02 -7.45 3.13
C ASP A 99 -9.41 -6.27 2.25
N SER A 100 -9.01 -5.07 2.66
CA SER A 100 -9.34 -3.86 1.91
C SER A 100 -8.66 -3.88 0.54
N LEU A 101 -7.42 -4.34 0.50
CA LEU A 101 -6.66 -4.39 -0.74
C LEU A 101 -7.34 -5.34 -1.73
N ASN A 102 -7.83 -6.47 -1.24
CA ASN A 102 -8.49 -7.45 -2.10
C ASN A 102 -9.72 -6.83 -2.76
N SER A 103 -10.52 -6.12 -1.97
CA SER A 103 -11.71 -5.47 -2.49
C SER A 103 -11.34 -4.39 -3.50
N ALA A 104 -10.26 -3.67 -3.21
CA ALA A 104 -9.80 -2.61 -4.09
C ALA A 104 -9.43 -3.17 -5.46
N PHE A 105 -8.77 -4.33 -5.47
CA PHE A 105 -8.38 -4.95 -6.73
C PHE A 105 -9.60 -5.26 -7.58
N TYR A 106 -10.62 -5.82 -6.97
CA TYR A 106 -11.84 -6.14 -7.71
C TYR A 106 -12.44 -4.87 -8.32
N GLN A 107 -12.57 -3.83 -7.52
CA GLN A 107 -13.14 -2.58 -8.01
C GLN A 107 -12.29 -1.98 -9.12
N THR A 108 -10.98 -2.04 -8.96
CA THR A 108 -10.06 -1.50 -9.95
C THR A 108 -10.01 -2.40 -11.19
N THR A 109 -10.31 -3.68 -11.02
CA THR A 109 -10.27 -4.61 -12.14
C THR A 109 -11.45 -5.56 -12.10
N GLY A 110 -11.49 -6.38 -11.05
CA GLY A 110 -12.57 -7.35 -10.89
C GLY A 110 -12.02 -8.75 -10.61
N ALA A 111 -10.75 -8.82 -10.25
CA ALA A 111 -10.13 -10.11 -9.96
C ALA A 111 -9.30 -10.02 -8.68
N ALA A 112 -9.54 -10.96 -7.76
CA ALA A 112 -8.81 -10.98 -6.50
C ALA A 112 -7.33 -11.25 -6.75
N ASN A 113 -6.48 -10.55 -5.99
CA ASN A 113 -5.04 -10.72 -6.15
C ASN A 113 -4.38 -10.90 -4.79
N PRO A 114 -4.56 -12.04 -4.17
CA PRO A 114 -3.97 -12.34 -2.84
C PRO A 114 -2.45 -12.34 -2.87
N GLN A 115 -1.88 -12.69 -4.02
CA GLN A 115 -0.44 -12.72 -4.16
C GLN A 115 0.15 -11.33 -3.97
N PHE A 116 -0.49 -10.34 -4.56
CA PHE A 116 -0.03 -8.96 -4.44
C PHE A 116 -0.24 -8.44 -3.02
N VAL A 117 -1.40 -8.75 -2.45
CA VAL A 117 -1.71 -8.30 -1.11
C VAL A 117 -0.71 -8.88 -0.10
N ASN A 118 -0.41 -10.17 -0.26
CA ASN A 118 0.55 -10.82 0.62
C ASN A 118 1.92 -10.17 0.50
N GLU A 119 2.27 -9.78 -0.72
CA GLU A 119 3.57 -9.16 -0.96
C GLU A 119 3.70 -7.89 -0.12
N ILE A 120 2.62 -7.11 -0.05
CA ILE A 120 2.61 -5.89 0.73
C ILE A 120 2.71 -6.22 2.21
N ARG A 121 2.04 -7.28 2.63
CA ARG A 121 2.05 -7.67 4.03
C ARG A 121 3.48 -7.96 4.48
N SER A 122 4.25 -8.63 3.62
CA SER A 122 5.63 -8.94 3.94
C SER A 122 6.46 -7.66 4.08
N LEU A 123 6.25 -6.72 3.17
CA LEU A 123 6.97 -5.46 3.19
C LEU A 123 6.64 -4.67 4.45
N ILE A 124 5.38 -4.71 4.86
CA ILE A 124 4.95 -4.02 6.07
C ILE A 124 5.70 -4.56 7.28
N ASN A 125 5.78 -5.88 7.39
CA ASN A 125 6.48 -6.49 8.51
C ASN A 125 7.95 -6.08 8.52
N MET A 126 8.57 -6.05 7.34
CA MET A 126 9.96 -5.67 7.23
C MET A 126 10.17 -4.23 7.71
N PHE A 127 9.33 -3.33 7.23
CA PHE A 127 9.43 -1.93 7.62
C PHE A 127 9.16 -1.76 9.11
N ALA A 128 8.16 -2.48 9.61
CA ALA A 128 7.80 -2.41 11.03
C ALA A 128 8.97 -2.86 11.90
N GLN A 129 9.66 -3.90 11.46
CA GLN A 129 10.81 -4.41 12.21
C GLN A 129 12.10 -3.70 11.80
N SER A 130 12.00 -2.76 10.84
CA SER A 130 13.15 -2.02 10.39
C SER A 130 14.20 -2.97 9.80
N SER A 131 13.73 -4.11 9.31
CA SER A 131 14.64 -5.10 8.73
C SER A 131 15.80 -5.38 9.66
N ALA A 132 15.57 -5.21 10.96
CA ALA A 132 16.62 -5.46 11.95
C ALA A 132 16.01 -5.85 13.28
N ASN A 133 16.13 -7.13 13.65
CA ASN A 133 15.59 -7.62 14.91
C ASN A 133 16.25 -6.92 16.09
N GLU A 134 17.57 -6.74 15.99
CA GLU A 134 18.33 -6.08 17.05
C GLU A 134 17.93 -6.66 18.42
N VAL A 135 18.20 -5.89 19.48
CA VAL A 135 17.88 -6.33 20.83
C VAL A 135 16.41 -6.04 21.13
N SER A 136 15.51 -6.81 20.52
CA SER A 136 14.08 -6.64 20.74
C SER A 136 13.66 -5.22 20.34
N TYR A 137 14.25 -4.71 19.27
CA TYR A 137 13.92 -3.37 18.80
C TYR A 137 12.86 -3.43 17.70
N GLY A 1 7.63 -8.74 -20.46
CA GLY A 1 7.25 -10.14 -20.11
C GLY A 1 6.19 -10.63 -21.09
N SER A 2 6.56 -11.61 -21.91
CA SER A 2 5.64 -12.17 -22.90
C SER A 2 4.44 -12.81 -22.21
N HIS A 3 4.64 -13.23 -20.97
CA HIS A 3 3.56 -13.86 -20.21
C HIS A 3 3.13 -12.97 -19.05
N MET A 4 1.83 -12.78 -18.90
CA MET A 4 1.29 -11.94 -17.84
C MET A 4 1.00 -12.78 -16.60
N GLY A 5 2.05 -13.23 -15.92
CA GLY A 5 1.89 -14.04 -14.72
C GLY A 5 1.14 -13.27 -13.64
N GLN A 6 1.46 -11.99 -13.52
CA GLN A 6 0.81 -11.15 -12.51
C GLN A 6 0.70 -9.71 -13.01
N ASN A 7 -0.06 -8.89 -12.28
CA ASN A 7 -0.24 -7.50 -12.66
C ASN A 7 -0.19 -6.60 -11.42
N THR A 8 -0.07 -5.30 -11.64
CA THR A 8 -0.01 -4.35 -10.55
C THR A 8 -0.54 -2.99 -10.98
N PRO A 9 -1.24 -2.31 -10.11
CA PRO A 9 -1.82 -0.97 -10.40
C PRO A 9 -0.74 0.09 -10.61
N TRP A 10 0.44 -0.16 -10.07
CA TRP A 10 1.55 0.78 -10.20
C TRP A 10 1.93 0.94 -11.67
N SER A 11 1.57 -0.03 -12.48
CA SER A 11 1.88 0.01 -13.90
C SER A 11 1.28 1.26 -14.55
N SER A 12 0.06 1.59 -14.14
CA SER A 12 -0.62 2.77 -14.68
C SER A 12 -1.01 3.73 -13.56
N THR A 13 -0.78 5.02 -13.79
CA THR A 13 -1.10 6.03 -12.78
C THR A 13 -2.58 6.00 -12.44
N GLU A 14 -3.41 5.78 -13.46
CA GLU A 14 -4.85 5.74 -13.26
C GLU A 14 -5.24 4.60 -12.33
N LEU A 15 -4.64 3.42 -12.55
CA LEU A 15 -4.92 2.28 -11.71
C LEU A 15 -4.46 2.53 -10.27
N ALA A 16 -3.29 3.14 -10.13
CA ALA A 16 -2.76 3.44 -8.81
C ALA A 16 -3.68 4.38 -8.05
N ASP A 17 -4.17 5.41 -8.75
CA ASP A 17 -5.07 6.37 -8.14
C ASP A 17 -6.38 5.72 -7.72
N ALA A 18 -6.94 4.91 -8.62
CA ALA A 18 -8.19 4.21 -8.33
C ALA A 18 -8.02 3.24 -7.17
N PHE A 19 -6.89 2.53 -7.16
CA PHE A 19 -6.62 1.56 -6.11
C PHE A 19 -6.57 2.26 -4.75
N ILE A 20 -5.88 3.38 -4.69
CA ILE A 20 -5.77 4.14 -3.44
C ILE A 20 -7.15 4.61 -2.98
N ASN A 21 -7.94 5.12 -3.93
CA ASN A 21 -9.28 5.62 -3.60
C ASN A 21 -10.14 4.49 -3.04
N ALA A 22 -10.11 3.34 -3.70
CA ALA A 22 -10.87 2.19 -3.25
C ALA A 22 -10.36 1.69 -1.89
N PHE A 23 -9.05 1.71 -1.72
CA PHE A 23 -8.44 1.25 -0.48
C PHE A 23 -8.95 2.08 0.69
N MET A 24 -9.00 3.40 0.51
CA MET A 24 -9.46 4.29 1.58
C MET A 24 -10.91 3.97 1.94
N ASN A 25 -11.73 3.74 0.92
CA ASN A 25 -13.14 3.42 1.16
C ASN A 25 -13.27 2.12 1.94
N GLU A 26 -12.50 1.11 1.54
CA GLU A 26 -12.53 -0.17 2.22
C GLU A 26 -12.03 -0.05 3.66
N ALA A 27 -10.97 0.74 3.84
CA ALA A 27 -10.41 0.95 5.17
C ALA A 27 -11.45 1.61 6.09
N GLY A 28 -12.21 2.54 5.54
CA GLY A 28 -13.23 3.23 6.32
C GLY A 28 -14.31 2.25 6.77
N ARG A 29 -14.66 1.31 5.90
CA ARG A 29 -15.68 0.32 6.22
C ARG A 29 -15.23 -0.56 7.38
N THR A 30 -13.96 -0.95 7.37
CA THR A 30 -13.44 -1.81 8.43
C THR A 30 -13.52 -1.11 9.77
N GLY A 31 -13.23 0.19 9.78
CA GLY A 31 -13.29 0.97 11.01
C GLY A 31 -12.02 0.75 11.84
N ALA A 32 -11.11 -0.06 11.33
CA ALA A 32 -9.86 -0.33 12.03
C ALA A 32 -9.02 0.93 12.13
N PHE A 33 -9.25 1.87 11.22
CA PHE A 33 -8.49 3.10 11.21
C PHE A 33 -9.34 4.27 11.73
N THR A 34 -8.69 5.40 12.00
CA THR A 34 -9.40 6.57 12.49
C THR A 34 -9.28 7.73 11.51
N ALA A 35 -9.90 8.85 11.85
CA ALA A 35 -9.87 10.01 10.98
C ALA A 35 -8.44 10.49 10.75
N ASP A 36 -7.65 10.49 11.82
CA ASP A 36 -6.26 10.93 11.71
C ASP A 36 -5.48 10.01 10.79
N GLN A 37 -5.63 8.70 10.99
CA GLN A 37 -4.92 7.73 10.16
C GLN A 37 -5.39 7.80 8.72
N LEU A 38 -6.70 7.95 8.54
CA LEU A 38 -7.27 8.04 7.20
C LEU A 38 -6.71 9.26 6.46
N ASP A 39 -6.57 10.37 7.19
CA ASP A 39 -6.06 11.60 6.60
C ASP A 39 -4.65 11.37 6.03
N ASP A 40 -3.81 10.70 6.82
CA ASP A 40 -2.45 10.40 6.37
C ASP A 40 -2.47 9.43 5.20
N MET A 41 -3.37 8.46 5.26
CA MET A 41 -3.48 7.45 4.19
C MET A 41 -3.84 8.11 2.87
N SER A 42 -4.76 9.08 2.94
CA SER A 42 -5.19 9.79 1.73
C SER A 42 -4.03 10.56 1.13
N THR A 43 -3.21 11.18 1.98
CA THR A 43 -2.07 11.95 1.51
C THR A 43 -1.12 11.06 0.72
N ILE A 44 -0.90 9.84 1.21
CA ILE A 44 -0.01 8.90 0.53
C ILE A 44 -0.41 8.77 -0.94
N GLY A 45 -1.71 8.93 -1.22
CA GLY A 45 -2.19 8.81 -2.59
C GLY A 45 -1.56 9.87 -3.49
N ASP A 46 -1.56 11.11 -3.01
CA ASP A 46 -0.98 12.22 -3.78
C ASP A 46 0.52 12.00 -3.96
N THR A 47 1.18 11.51 -2.90
CA THR A 47 2.60 11.27 -2.95
C THR A 47 2.94 10.24 -4.02
N ILE A 48 2.15 9.16 -4.07
CA ILE A 48 2.37 8.11 -5.05
C ILE A 48 2.24 8.66 -6.47
N LYS A 49 1.20 9.45 -6.70
CA LYS A 49 0.98 10.03 -8.02
C LYS A 49 2.16 10.90 -8.44
N THR A 50 2.62 11.75 -7.53
CA THR A 50 3.74 12.63 -7.82
C THR A 50 5.01 11.83 -8.05
N ALA A 51 5.23 10.82 -7.21
CA ALA A 51 6.42 9.99 -7.32
C ALA A 51 6.46 9.29 -8.68
N MET A 52 5.32 8.76 -9.10
CA MET A 52 5.25 8.06 -10.38
C MET A 52 5.52 9.03 -11.53
N ASP A 53 4.98 10.24 -11.42
CA ASP A 53 5.18 11.25 -12.45
C ASP A 53 6.65 11.62 -12.57
N LYS A 54 7.30 11.78 -11.41
CA LYS A 54 8.72 12.15 -11.39
C LYS A 54 9.56 11.07 -12.06
N MET A 55 9.21 9.81 -11.81
CA MET A 55 9.93 8.69 -12.41
C MET A 55 9.84 8.73 -13.92
N ALA A 56 8.66 9.07 -14.43
CA ALA A 56 8.46 9.14 -15.88
C ALA A 56 9.37 10.19 -16.50
N ARG A 57 9.48 11.34 -15.84
CA ARG A 57 10.34 12.42 -16.32
C ARG A 57 11.81 12.00 -16.28
N SER A 58 12.17 11.29 -15.21
CA SER A 58 13.55 10.83 -15.05
C SER A 58 13.75 9.48 -15.73
N ASN A 59 14.88 8.84 -15.46
CA ASN A 59 15.18 7.55 -16.07
C ASN A 59 14.00 6.59 -15.88
N LYS A 60 13.68 5.85 -16.94
CA LYS A 60 12.57 4.91 -16.88
C LYS A 60 13.02 3.58 -16.28
N SER A 61 12.29 3.13 -15.25
CA SER A 61 12.62 1.88 -14.59
C SER A 61 11.42 0.93 -14.59
N SER A 62 11.70 -0.36 -14.65
CA SER A 62 10.63 -1.36 -14.66
C SER A 62 10.52 -2.05 -13.31
N LYS A 63 11.40 -3.02 -13.08
CA LYS A 63 11.39 -3.76 -11.82
C LYS A 63 11.71 -2.84 -10.65
N GLY A 64 12.66 -1.94 -10.85
CA GLY A 64 13.04 -1.00 -9.80
C GLY A 64 11.89 -0.08 -9.44
N LYS A 65 11.20 0.44 -10.46
CA LYS A 65 10.07 1.31 -10.22
C LYS A 65 8.96 0.61 -9.46
N LEU A 66 8.63 -0.59 -9.89
CA LEU A 66 7.58 -1.37 -9.24
C LEU A 66 7.97 -1.69 -7.79
N GLN A 67 9.19 -2.16 -7.61
CA GLN A 67 9.67 -2.51 -6.28
C GLN A 67 9.71 -1.28 -5.37
N ALA A 68 10.17 -0.17 -5.93
CA ALA A 68 10.26 1.07 -5.17
C ALA A 68 8.89 1.53 -4.71
N LEU A 69 7.91 1.43 -5.59
CA LEU A 69 6.55 1.85 -5.27
C LEU A 69 5.95 0.93 -4.21
N ASN A 70 6.20 -0.36 -4.35
CA ASN A 70 5.67 -1.34 -3.39
C ASN A 70 6.24 -1.09 -2.00
N MET A 71 7.54 -0.79 -1.94
CA MET A 71 8.19 -0.54 -0.67
C MET A 71 7.75 0.79 -0.08
N ALA A 72 7.70 1.82 -0.93
CA ALA A 72 7.30 3.14 -0.48
C ALA A 72 5.87 3.12 0.06
N PHE A 73 4.96 2.51 -0.70
CA PHE A 73 3.57 2.42 -0.28
C PHE A 73 3.44 1.59 0.98
N ALA A 74 4.06 0.42 0.99
CA ALA A 74 3.99 -0.47 2.15
C ALA A 74 4.56 0.20 3.38
N SER A 75 5.65 0.94 3.19
CA SER A 75 6.29 1.62 4.31
C SER A 75 5.34 2.64 4.93
N SER A 76 4.55 3.29 4.10
CA SER A 76 3.59 4.29 4.59
C SER A 76 2.54 3.63 5.49
N MET A 77 2.03 2.49 5.06
CA MET A 77 1.02 1.77 5.83
C MET A 77 1.64 1.16 7.08
N ALA A 78 2.87 0.66 6.95
CA ALA A 78 3.55 0.05 8.07
C ALA A 78 3.74 1.05 9.21
N GLU A 79 4.14 2.27 8.85
CA GLU A 79 4.34 3.30 9.86
C GLU A 79 3.04 3.67 10.55
N ILE A 80 1.97 3.79 9.75
CA ILE A 80 0.66 4.13 10.29
C ILE A 80 0.17 3.03 11.22
N ALA A 81 0.29 1.79 10.79
CA ALA A 81 -0.15 0.65 11.59
C ALA A 81 0.73 0.50 12.83
N ALA A 82 2.03 0.73 12.66
CA ALA A 82 2.97 0.61 13.76
C ALA A 82 3.04 1.91 14.56
N VAL A 83 1.96 2.21 15.28
CA VAL A 83 1.91 3.43 16.08
C VAL A 83 1.71 3.07 17.56
N GLU A 84 2.13 3.97 18.43
CA GLU A 84 2.00 3.75 19.86
C GLU A 84 0.52 3.74 20.27
N GLN A 85 -0.32 4.31 19.41
CA GLN A 85 -1.75 4.37 19.70
C GLN A 85 -2.27 3.00 20.12
N GLY A 86 -3.08 2.99 21.17
CA GLY A 86 -3.64 1.73 21.67
C GLY A 86 -4.99 1.45 21.03
N GLY A 87 -5.70 0.46 21.55
CA GLY A 87 -7.01 0.10 21.03
C GLY A 87 -6.90 -1.05 20.03
N LEU A 88 -6.22 -0.79 18.91
CA LEU A 88 -6.05 -1.81 17.88
C LEU A 88 -4.58 -2.14 17.69
N SER A 89 -4.26 -3.43 17.71
CA SER A 89 -2.88 -3.86 17.54
C SER A 89 -2.44 -3.73 16.08
N VAL A 90 -1.14 -3.56 15.88
CA VAL A 90 -0.61 -3.42 14.53
C VAL A 90 -0.94 -4.65 13.69
N ASP A 91 -0.93 -5.81 14.32
CA ASP A 91 -1.24 -7.06 13.63
C ASP A 91 -2.69 -7.06 13.14
N ALA A 92 -3.60 -6.59 13.99
CA ALA A 92 -5.01 -6.53 13.64
C ALA A 92 -5.24 -5.57 12.48
N LYS A 93 -4.57 -4.44 12.52
CA LYS A 93 -4.69 -3.44 11.45
C LYS A 93 -4.16 -4.00 10.13
N THR A 94 -3.07 -4.75 10.22
CA THR A 94 -2.46 -5.34 9.03
C THR A 94 -3.46 -6.23 8.30
N ASN A 95 -4.15 -7.08 9.07
CA ASN A 95 -5.14 -7.98 8.47
C ASN A 95 -6.24 -7.20 7.77
N ALA A 96 -6.70 -6.13 8.42
CA ALA A 96 -7.74 -5.30 7.84
C ALA A 96 -7.28 -4.68 6.53
N ILE A 97 -6.02 -4.26 6.50
CA ILE A 97 -5.47 -3.64 5.30
C ILE A 97 -5.48 -4.63 4.13
N ALA A 98 -5.08 -5.87 4.41
CA ALA A 98 -5.04 -6.89 3.37
C ALA A 98 -6.42 -7.08 2.74
N ASP A 99 -7.45 -7.09 3.57
CA ASP A 99 -8.82 -7.26 3.08
C ASP A 99 -9.22 -6.09 2.19
N SER A 100 -8.82 -4.88 2.59
CA SER A 100 -9.15 -3.68 1.83
C SER A 100 -8.48 -3.72 0.45
N LEU A 101 -7.26 -4.23 0.42
CA LEU A 101 -6.52 -4.32 -0.84
C LEU A 101 -7.23 -5.25 -1.81
N ASN A 102 -7.74 -6.37 -1.30
CA ASN A 102 -8.45 -7.34 -2.14
C ASN A 102 -9.66 -6.70 -2.79
N SER A 103 -10.43 -5.96 -2.00
CA SER A 103 -11.61 -5.28 -2.52
C SER A 103 -11.22 -4.21 -3.54
N ALA A 104 -10.12 -3.51 -3.26
CA ALA A 104 -9.63 -2.47 -4.16
C ALA A 104 -9.27 -3.07 -5.51
N PHE A 105 -8.67 -4.26 -5.49
CA PHE A 105 -8.28 -4.93 -6.71
C PHE A 105 -9.49 -5.16 -7.62
N TYR A 106 -10.59 -5.61 -7.02
CA TYR A 106 -11.80 -5.85 -7.78
C TYR A 106 -12.32 -4.57 -8.44
N GLN A 107 -12.31 -3.49 -7.67
CA GLN A 107 -12.80 -2.21 -8.18
C GLN A 107 -11.84 -1.62 -9.20
N THR A 108 -10.62 -2.13 -9.23
CA THR A 108 -9.61 -1.65 -10.15
C THR A 108 -9.45 -2.59 -11.33
N THR A 109 -9.92 -3.82 -11.17
CA THR A 109 -9.83 -4.81 -12.23
C THR A 109 -11.05 -5.72 -12.23
N GLY A 110 -11.36 -6.29 -11.07
CA GLY A 110 -12.51 -7.18 -10.94
C GLY A 110 -12.07 -8.59 -10.59
N ALA A 111 -10.83 -8.72 -10.13
CA ALA A 111 -10.30 -10.03 -9.75
C ALA A 111 -9.39 -9.91 -8.54
N ALA A 112 -9.67 -10.70 -7.52
CA ALA A 112 -8.87 -10.68 -6.30
C ALA A 112 -7.41 -11.01 -6.61
N ASN A 113 -6.49 -10.36 -5.90
CA ASN A 113 -5.07 -10.59 -6.11
C ASN A 113 -4.37 -10.83 -4.78
N PRO A 114 -4.61 -11.97 -4.18
CA PRO A 114 -4.02 -12.33 -2.85
C PRO A 114 -2.50 -12.39 -2.92
N GLN A 115 -1.97 -12.74 -4.08
CA GLN A 115 -0.53 -12.81 -4.25
C GLN A 115 0.12 -11.46 -4.03
N PHE A 116 -0.47 -10.41 -4.62
CA PHE A 116 0.05 -9.06 -4.48
C PHE A 116 -0.16 -8.56 -3.05
N VAL A 117 -1.32 -8.87 -2.48
CA VAL A 117 -1.64 -8.45 -1.13
C VAL A 117 -0.66 -9.06 -0.14
N ASN A 118 -0.35 -10.34 -0.32
CA ASN A 118 0.59 -11.03 0.56
C ASN A 118 1.96 -10.37 0.50
N GLU A 119 2.37 -9.97 -0.71
CA GLU A 119 3.67 -9.33 -0.89
C GLU A 119 3.75 -8.06 -0.05
N ILE A 120 2.65 -7.30 0.00
CA ILE A 120 2.60 -6.08 0.77
C ILE A 120 2.75 -6.39 2.27
N ARG A 121 2.13 -7.48 2.71
CA ARG A 121 2.20 -7.86 4.12
C ARG A 121 3.65 -8.07 4.54
N SER A 122 4.44 -8.71 3.68
CA SER A 122 5.84 -8.94 3.97
C SER A 122 6.60 -7.62 4.08
N LEU A 123 6.32 -6.70 3.16
CA LEU A 123 7.00 -5.41 3.14
C LEU A 123 6.68 -4.64 4.42
N ILE A 124 5.43 -4.69 4.86
CA ILE A 124 5.01 -4.00 6.07
C ILE A 124 5.77 -4.53 7.29
N ASN A 125 5.86 -5.85 7.39
CA ASN A 125 6.57 -6.47 8.50
C ASN A 125 8.03 -6.07 8.51
N MET A 126 8.64 -6.06 7.32
CA MET A 126 10.04 -5.67 7.19
C MET A 126 10.24 -4.23 7.62
N PHE A 127 9.35 -3.35 7.17
CA PHE A 127 9.44 -1.94 7.52
C PHE A 127 9.18 -1.74 9.01
N ALA A 128 8.23 -2.49 9.55
CA ALA A 128 7.90 -2.37 10.96
C ALA A 128 9.10 -2.74 11.84
N GLN A 129 9.76 -3.83 11.48
CA GLN A 129 10.93 -4.28 12.23
C GLN A 129 12.16 -3.46 11.85
N SER A 130 12.12 -2.86 10.66
CA SER A 130 13.23 -2.04 10.20
C SER A 130 13.44 -0.85 11.12
N SER A 131 14.71 -0.56 11.43
CA SER A 131 15.04 0.56 12.30
C SER A 131 16.47 1.02 12.06
N ALA A 132 16.78 2.21 12.53
CA ALA A 132 18.12 2.76 12.38
C ALA A 132 18.68 3.23 13.72
N ASN A 133 19.02 2.28 14.58
CA ASN A 133 19.57 2.61 15.89
C ASN A 133 21.09 2.70 15.84
N GLU A 134 21.61 3.92 15.95
CA GLU A 134 23.05 4.13 15.90
C GLU A 134 23.71 3.61 17.17
N VAL A 135 24.88 2.98 17.02
CA VAL A 135 25.59 2.45 18.16
C VAL A 135 26.04 3.57 19.09
N SER A 136 26.34 4.73 18.52
CA SER A 136 26.78 5.87 19.31
C SER A 136 25.93 7.10 18.98
N TYR A 137 25.75 7.97 19.97
CA TYR A 137 24.95 9.18 19.78
C TYR A 137 23.55 8.82 19.30
N GLY A 1 3.49 -10.67 -23.73
CA GLY A 1 3.60 -11.91 -22.91
C GLY A 1 2.47 -11.92 -21.87
N SER A 2 1.60 -12.92 -21.96
CA SER A 2 0.50 -13.04 -21.02
C SER A 2 1.01 -13.40 -19.63
N HIS A 3 2.25 -13.86 -19.55
CA HIS A 3 2.84 -14.24 -18.28
C HIS A 3 3.03 -13.01 -17.39
N MET A 4 3.10 -11.84 -18.02
CA MET A 4 3.27 -10.60 -17.27
C MET A 4 2.42 -9.49 -17.88
N GLY A 5 2.16 -8.45 -17.08
CA GLY A 5 1.36 -7.33 -17.55
C GLY A 5 0.07 -7.21 -16.75
N GLN A 6 -0.32 -5.97 -16.46
CA GLN A 6 -1.54 -5.73 -15.69
C GLN A 6 -1.54 -6.57 -14.42
N ASN A 7 -0.39 -6.64 -13.76
CA ASN A 7 -0.28 -7.40 -12.52
C ASN A 7 0.10 -6.48 -11.36
N THR A 8 -0.13 -5.18 -11.54
CA THR A 8 0.19 -4.23 -10.50
C THR A 8 -0.68 -2.97 -10.63
N PRO A 9 -1.12 -2.42 -9.54
CA PRO A 9 -1.96 -1.19 -9.53
C PRO A 9 -1.18 0.05 -9.93
N TRP A 10 0.15 -0.06 -9.90
CA TRP A 10 1.00 1.06 -10.27
C TRP A 10 1.29 1.06 -11.77
N SER A 11 0.63 0.16 -12.50
CA SER A 11 0.82 0.06 -13.93
C SER A 11 0.40 1.35 -14.62
N SER A 12 -0.45 2.13 -13.96
CA SER A 12 -0.91 3.39 -14.52
C SER A 12 -1.33 4.35 -13.40
N THR A 13 -1.32 5.64 -13.71
CA THR A 13 -1.70 6.64 -12.73
C THR A 13 -3.20 6.58 -12.44
N GLU A 14 -3.99 6.37 -13.50
CA GLU A 14 -5.43 6.29 -13.34
C GLU A 14 -5.83 5.09 -12.48
N LEU A 15 -5.19 3.95 -12.74
CA LEU A 15 -5.48 2.74 -11.99
C LEU A 15 -5.02 2.89 -10.53
N ALA A 16 -3.83 3.44 -10.36
CA ALA A 16 -3.29 3.62 -9.01
C ALA A 16 -4.18 4.54 -8.19
N ASP A 17 -4.63 5.64 -8.82
CA ASP A 17 -5.49 6.59 -8.12
C ASP A 17 -6.79 5.92 -7.69
N ALA A 18 -7.42 5.21 -8.61
CA ALA A 18 -8.67 4.52 -8.31
C ALA A 18 -8.45 3.48 -7.22
N PHE A 19 -7.34 2.76 -7.30
CA PHE A 19 -7.02 1.72 -6.33
C PHE A 19 -6.91 2.33 -4.93
N ILE A 20 -6.16 3.43 -4.82
CA ILE A 20 -5.98 4.10 -3.54
C ILE A 20 -7.33 4.59 -3.00
N ASN A 21 -8.12 5.19 -3.88
CA ASN A 21 -9.43 5.72 -3.47
C ASN A 21 -10.32 4.58 -2.97
N ALA A 22 -10.32 3.46 -3.68
CA ALA A 22 -11.11 2.31 -3.28
C ALA A 22 -10.60 1.72 -1.97
N PHE A 23 -9.27 1.68 -1.83
CA PHE A 23 -8.66 1.16 -0.62
C PHE A 23 -9.11 1.96 0.60
N MET A 24 -9.08 3.28 0.48
CA MET A 24 -9.47 4.14 1.58
C MET A 24 -10.91 3.87 1.98
N ASN A 25 -11.78 3.69 1.00
CA ASN A 25 -13.18 3.41 1.28
C ASN A 25 -13.31 2.10 2.07
N GLU A 26 -12.59 1.08 1.63
CA GLU A 26 -12.63 -0.21 2.31
C GLU A 26 -12.07 -0.09 3.73
N ALA A 27 -10.99 0.66 3.86
CA ALA A 27 -10.37 0.86 5.17
C ALA A 27 -11.35 1.56 6.12
N GLY A 28 -12.09 2.52 5.59
CA GLY A 28 -13.06 3.25 6.39
C GLY A 28 -14.14 2.29 6.93
N ARG A 29 -14.53 1.33 6.09
CA ARG A 29 -15.55 0.37 6.49
C ARG A 29 -15.08 -0.47 7.67
N THR A 30 -13.81 -0.86 7.64
CA THR A 30 -13.26 -1.68 8.72
C THR A 30 -13.22 -0.89 10.02
N GLY A 31 -12.88 0.39 9.91
CA GLY A 31 -12.82 1.24 11.10
C GLY A 31 -11.54 0.99 11.90
N ALA A 32 -10.70 0.10 11.38
CA ALA A 32 -9.45 -0.23 12.04
C ALA A 32 -8.55 1.00 12.13
N PHE A 33 -8.67 1.89 11.15
CA PHE A 33 -7.85 3.09 11.11
C PHE A 33 -8.64 4.30 11.60
N THR A 34 -7.98 5.20 12.31
CA THR A 34 -8.62 6.40 12.82
C THR A 34 -8.74 7.45 11.73
N ALA A 35 -9.50 8.51 12.00
CA ALA A 35 -9.70 9.57 11.02
C ALA A 35 -8.36 10.21 10.66
N ASP A 36 -7.52 10.44 11.67
CA ASP A 36 -6.22 11.03 11.44
C ASP A 36 -5.36 10.13 10.55
N GLN A 37 -5.37 8.83 10.85
CA GLN A 37 -4.58 7.88 10.08
C GLN A 37 -5.07 7.83 8.64
N LEU A 38 -6.39 7.88 8.47
CA LEU A 38 -6.98 7.86 7.13
C LEU A 38 -6.52 9.07 6.32
N ASP A 39 -6.43 10.21 6.99
CA ASP A 39 -6.01 11.44 6.32
C ASP A 39 -4.63 11.26 5.70
N ASP A 40 -3.70 10.71 6.49
CA ASP A 40 -2.34 10.48 6.00
C ASP A 40 -2.35 9.47 4.86
N MET A 41 -3.20 8.45 4.99
CA MET A 41 -3.28 7.41 3.97
C MET A 41 -3.75 8.00 2.64
N SER A 42 -4.70 8.93 2.71
CA SER A 42 -5.23 9.57 1.52
C SER A 42 -4.13 10.37 0.81
N THR A 43 -3.36 11.11 1.58
CA THR A 43 -2.29 11.93 1.01
C THR A 43 -1.24 11.06 0.34
N ILE A 44 -1.08 9.83 0.84
CA ILE A 44 -0.11 8.92 0.27
C ILE A 44 -0.42 8.65 -1.20
N GLY A 45 -1.69 8.74 -1.55
CA GLY A 45 -2.11 8.50 -2.93
C GLY A 45 -1.51 9.52 -3.88
N ASP A 46 -1.65 10.79 -3.52
CA ASP A 46 -1.12 11.88 -4.35
C ASP A 46 0.40 11.78 -4.43
N THR A 47 1.02 11.43 -3.31
CA THR A 47 2.48 11.31 -3.28
C THR A 47 2.95 10.26 -4.25
N ILE A 48 2.28 9.11 -4.27
CA ILE A 48 2.66 8.03 -5.17
C ILE A 48 2.53 8.44 -6.62
N LYS A 49 1.40 9.07 -6.96
CA LYS A 49 1.16 9.50 -8.33
C LYS A 49 2.23 10.49 -8.77
N THR A 50 2.50 11.49 -7.93
CA THR A 50 3.50 12.48 -8.23
C THR A 50 4.89 11.85 -8.30
N ALA A 51 5.17 10.95 -7.36
CA ALA A 51 6.46 10.29 -7.32
C ALA A 51 6.70 9.49 -8.59
N MET A 52 5.67 8.81 -9.07
CA MET A 52 5.79 8.02 -10.28
C MET A 52 6.15 8.89 -11.46
N ASP A 53 5.53 10.06 -11.54
CA ASP A 53 5.81 10.97 -12.65
C ASP A 53 7.29 11.37 -12.70
N LYS A 54 7.79 11.85 -11.55
CA LYS A 54 9.19 12.26 -11.47
C LYS A 54 10.12 11.06 -11.62
N MET A 55 9.76 9.95 -11.00
CA MET A 55 10.57 8.75 -11.06
C MET A 55 10.66 8.24 -12.49
N ALA A 56 9.55 8.31 -13.21
CA ALA A 56 9.52 7.84 -14.60
C ALA A 56 10.49 8.64 -15.45
N ARG A 57 10.48 9.95 -15.29
CA ARG A 57 11.38 10.81 -16.05
C ARG A 57 12.81 10.67 -15.58
N SER A 58 12.98 10.56 -14.26
CA SER A 58 14.32 10.43 -13.69
C SER A 58 14.98 9.12 -14.13
N ASN A 59 14.21 8.04 -14.11
CA ASN A 59 14.72 6.74 -14.50
C ASN A 59 13.72 6.00 -15.36
N LYS A 60 14.21 5.14 -16.24
CA LYS A 60 13.34 4.37 -17.12
C LYS A 60 13.25 2.92 -16.64
N SER A 61 13.78 2.66 -15.44
CA SER A 61 13.75 1.32 -14.89
C SER A 61 12.39 1.04 -14.25
N SER A 62 11.53 0.33 -14.98
CA SER A 62 10.20 0.01 -14.48
C SER A 62 10.30 -0.96 -13.30
N LYS A 63 11.25 -1.89 -13.38
CA LYS A 63 11.43 -2.87 -12.31
C LYS A 63 11.76 -2.18 -11.01
N GLY A 64 12.76 -1.29 -11.04
CA GLY A 64 13.16 -0.55 -9.84
C GLY A 64 12.04 0.35 -9.34
N LYS A 65 11.34 0.99 -10.27
CA LYS A 65 10.25 1.88 -9.92
C LYS A 65 9.15 1.12 -9.20
N LEU A 66 8.77 -0.03 -9.76
CA LEU A 66 7.72 -0.84 -9.15
C LEU A 66 8.09 -1.27 -7.75
N GLN A 67 9.32 -1.75 -7.59
CA GLN A 67 9.80 -2.21 -6.29
C GLN A 67 9.83 -1.06 -5.30
N ALA A 68 10.34 0.09 -5.75
CA ALA A 68 10.42 1.26 -4.88
C ALA A 68 9.04 1.71 -4.45
N LEU A 69 8.10 1.71 -5.38
CA LEU A 69 6.74 2.13 -5.08
C LEU A 69 6.09 1.19 -4.07
N ASN A 70 6.32 -0.10 -4.25
CA ASN A 70 5.75 -1.10 -3.35
C ASN A 70 6.28 -0.90 -1.93
N MET A 71 7.57 -0.63 -1.82
CA MET A 71 8.19 -0.43 -0.51
C MET A 71 7.72 0.89 0.10
N ALA A 72 7.67 1.94 -0.72
CA ALA A 72 7.25 3.24 -0.23
C ALA A 72 5.82 3.19 0.29
N PHE A 73 4.93 2.58 -0.49
CA PHE A 73 3.53 2.46 -0.10
C PHE A 73 3.40 1.65 1.18
N ALA A 74 4.04 0.49 1.22
CA ALA A 74 3.99 -0.37 2.39
C ALA A 74 4.57 0.34 3.60
N SER A 75 5.63 1.09 3.39
CA SER A 75 6.29 1.81 4.47
C SER A 75 5.32 2.78 5.12
N SER A 76 4.55 3.50 4.30
CA SER A 76 3.59 4.46 4.81
C SER A 76 2.54 3.76 5.68
N MET A 77 2.08 2.60 5.22
CA MET A 77 1.07 1.86 5.97
C MET A 77 1.67 1.26 7.23
N ALA A 78 2.91 0.79 7.12
CA ALA A 78 3.59 0.18 8.26
C ALA A 78 3.76 1.19 9.38
N GLU A 79 4.17 2.40 9.01
CA GLU A 79 4.37 3.46 10.00
C GLU A 79 3.06 3.83 10.67
N ILE A 80 2.00 3.90 9.88
CA ILE A 80 0.68 4.25 10.41
C ILE A 80 0.18 3.16 11.36
N ALA A 81 0.33 1.91 10.95
CA ALA A 81 -0.11 0.78 11.76
C ALA A 81 0.84 0.57 12.94
N ALA A 82 2.09 1.00 12.76
CA ALA A 82 3.09 0.83 13.80
C ALA A 82 2.98 1.96 14.83
N VAL A 83 1.84 2.01 15.52
CA VAL A 83 1.61 3.05 16.52
C VAL A 83 1.38 2.42 17.89
N GLU A 84 1.64 3.20 18.94
CA GLU A 84 1.48 2.70 20.30
C GLU A 84 0.02 2.79 20.73
N GLN A 85 -0.73 1.73 20.49
CA GLN A 85 -2.15 1.71 20.86
C GLN A 85 -2.50 0.37 21.51
N GLY A 86 -2.63 0.37 22.83
CA GLY A 86 -2.98 -0.85 23.55
C GLY A 86 -4.35 -1.37 23.14
N GLY A 87 -5.28 -0.46 22.94
CA GLY A 87 -6.63 -0.83 22.54
C GLY A 87 -6.62 -1.59 21.21
N LEU A 88 -5.70 -1.22 20.34
CA LEU A 88 -5.58 -1.86 19.03
C LEU A 88 -4.27 -2.62 18.91
N SER A 89 -3.99 -3.12 17.71
CA SER A 89 -2.75 -3.85 17.46
C SER A 89 -2.31 -3.68 16.01
N VAL A 90 -1.01 -3.63 15.80
CA VAL A 90 -0.47 -3.47 14.45
C VAL A 90 -0.79 -4.71 13.60
N ASP A 91 -0.74 -5.87 14.23
CA ASP A 91 -1.03 -7.12 13.53
C ASP A 91 -2.47 -7.12 13.01
N ALA A 92 -3.39 -6.66 13.84
CA ALA A 92 -4.80 -6.60 13.46
C ALA A 92 -5.00 -5.62 12.30
N LYS A 93 -4.32 -4.49 12.38
CA LYS A 93 -4.43 -3.48 11.34
C LYS A 93 -3.92 -4.02 10.00
N THR A 94 -2.84 -4.79 10.06
CA THR A 94 -2.27 -5.36 8.84
C THR A 94 -3.27 -6.29 8.16
N ASN A 95 -3.94 -7.12 8.95
CA ASN A 95 -4.93 -8.04 8.39
C ASN A 95 -6.07 -7.28 7.73
N ALA A 96 -6.50 -6.19 8.38
CA ALA A 96 -7.59 -5.38 7.84
C ALA A 96 -7.17 -4.76 6.51
N ILE A 97 -5.93 -4.29 6.44
CA ILE A 97 -5.42 -3.67 5.22
C ILE A 97 -5.42 -4.68 4.07
N ALA A 98 -4.99 -5.90 4.35
CA ALA A 98 -4.94 -6.93 3.33
C ALA A 98 -6.33 -7.21 2.76
N ASP A 99 -7.32 -7.25 3.64
CA ASP A 99 -8.70 -7.49 3.21
C ASP A 99 -9.19 -6.37 2.31
N SER A 100 -8.89 -5.14 2.70
CA SER A 100 -9.31 -3.98 1.91
C SER A 100 -8.68 -4.01 0.53
N LEU A 101 -7.41 -4.40 0.48
CA LEU A 101 -6.69 -4.47 -0.79
C LEU A 101 -7.37 -5.45 -1.75
N ASN A 102 -7.77 -6.60 -1.22
CA ASN A 102 -8.42 -7.61 -2.05
C ASN A 102 -9.71 -7.06 -2.66
N SER A 103 -10.51 -6.39 -1.84
CA SER A 103 -11.76 -5.80 -2.32
C SER A 103 -11.47 -4.67 -3.30
N ALA A 104 -10.40 -3.92 -3.04
CA ALA A 104 -10.03 -2.81 -3.90
C ALA A 104 -9.69 -3.32 -5.30
N PHE A 105 -8.97 -4.43 -5.37
CA PHE A 105 -8.59 -5.00 -6.65
C PHE A 105 -9.82 -5.37 -7.47
N TYR A 106 -10.81 -5.97 -6.81
CA TYR A 106 -12.03 -6.36 -7.50
C TYR A 106 -12.73 -5.14 -8.08
N GLN A 107 -12.92 -4.12 -7.25
CA GLN A 107 -13.59 -2.91 -7.71
C GLN A 107 -12.80 -2.23 -8.82
N THR A 108 -11.48 -2.22 -8.69
CA THR A 108 -10.63 -1.60 -9.69
C THR A 108 -10.58 -2.42 -10.97
N THR A 109 -10.72 -3.73 -10.83
CA THR A 109 -10.68 -4.62 -11.97
C THR A 109 -11.77 -5.66 -11.90
N GLY A 110 -11.73 -6.49 -10.87
CA GLY A 110 -12.72 -7.54 -10.68
C GLY A 110 -12.06 -8.90 -10.48
N ALA A 111 -10.78 -8.89 -10.14
CA ALA A 111 -10.05 -10.12 -9.91
C ALA A 111 -9.26 -10.05 -8.61
N ALA A 112 -9.49 -11.00 -7.73
CA ALA A 112 -8.78 -11.04 -6.45
C ALA A 112 -7.28 -11.25 -6.67
N ASN A 113 -6.47 -10.56 -5.88
CA ASN A 113 -5.02 -10.68 -6.00
C ASN A 113 -4.39 -10.97 -4.64
N PRO A 114 -4.59 -12.17 -4.14
CA PRO A 114 -4.04 -12.59 -2.82
C PRO A 114 -2.51 -12.54 -2.79
N GLN A 115 -1.88 -12.83 -3.93
CA GLN A 115 -0.43 -12.80 -4.04
C GLN A 115 0.07 -11.36 -3.85
N PHE A 116 -0.64 -10.41 -4.45
CA PHE A 116 -0.26 -9.01 -4.36
C PHE A 116 -0.43 -8.52 -2.92
N VAL A 117 -1.50 -8.94 -2.29
CA VAL A 117 -1.78 -8.52 -0.92
C VAL A 117 -0.68 -9.00 0.03
N ASN A 118 -0.30 -10.26 -0.11
CA ASN A 118 0.74 -10.83 0.73
C ASN A 118 2.06 -10.10 0.49
N GLU A 119 2.33 -9.74 -0.78
CA GLU A 119 3.57 -9.05 -1.11
C GLU A 119 3.67 -7.74 -0.34
N ILE A 120 2.57 -6.98 -0.32
CA ILE A 120 2.55 -5.72 0.42
C ILE A 120 2.63 -5.97 1.91
N ARG A 121 1.91 -7.00 2.37
CA ARG A 121 1.92 -7.35 3.79
C ARG A 121 3.35 -7.65 4.24
N SER A 122 4.09 -8.38 3.42
CA SER A 122 5.46 -8.74 3.75
C SER A 122 6.31 -7.48 3.91
N LEU A 123 6.10 -6.52 3.00
CA LEU A 123 6.86 -5.27 3.05
C LEU A 123 6.58 -4.54 4.36
N ILE A 124 5.33 -4.55 4.79
CA ILE A 124 4.95 -3.89 6.03
C ILE A 124 5.71 -4.50 7.21
N ASN A 125 5.75 -5.83 7.26
CA ASN A 125 6.45 -6.52 8.34
C ASN A 125 7.95 -6.18 8.31
N MET A 126 8.52 -6.13 7.10
CA MET A 126 9.93 -5.81 6.95
C MET A 126 10.21 -4.40 7.45
N PHE A 127 9.35 -3.47 7.09
CA PHE A 127 9.51 -2.09 7.53
C PHE A 127 9.29 -1.96 9.02
N ALA A 128 8.30 -2.69 9.54
CA ALA A 128 7.99 -2.64 10.96
C ALA A 128 9.17 -3.13 11.80
N GLN A 129 9.78 -4.24 11.37
CA GLN A 129 10.90 -4.80 12.09
C GLN A 129 12.16 -3.98 11.86
N SER A 130 12.27 -3.39 10.67
CA SER A 130 13.43 -2.59 10.33
C SER A 130 13.49 -1.34 11.19
N SER A 131 12.34 -0.73 11.43
CA SER A 131 12.27 0.47 12.26
C SER A 131 11.11 0.38 13.25
N ALA A 132 11.36 0.77 14.49
CA ALA A 132 10.33 0.73 15.51
C ALA A 132 10.31 2.04 16.30
N ASN A 133 11.47 2.65 16.47
CA ASN A 133 11.57 3.90 17.19
C ASN A 133 12.61 4.82 16.56
N GLU A 134 12.16 5.95 16.03
CA GLU A 134 13.07 6.90 15.39
C GLU A 134 13.23 8.14 16.26
N VAL A 135 14.48 8.44 16.61
CA VAL A 135 14.77 9.61 17.44
C VAL A 135 14.38 10.89 16.72
N SER A 136 14.71 10.97 15.44
CA SER A 136 14.40 12.15 14.64
C SER A 136 12.89 12.31 14.51
N TYR A 137 12.44 13.57 14.46
CA TYR A 137 11.01 13.84 14.33
C TYR A 137 10.74 14.63 13.05
N GLY A 1 12.25 -3.94 -19.55
CA GLY A 1 11.13 -2.96 -19.51
C GLY A 1 10.07 -3.34 -20.54
N SER A 2 9.14 -4.19 -20.15
CA SER A 2 8.08 -4.63 -21.05
C SER A 2 6.71 -4.37 -20.44
N HIS A 3 5.72 -4.11 -21.29
CA HIS A 3 4.37 -3.85 -20.81
C HIS A 3 3.44 -5.01 -21.18
N MET A 4 2.98 -5.72 -20.17
CA MET A 4 2.09 -6.86 -20.39
C MET A 4 0.98 -6.90 -19.34
N GLY A 5 -0.24 -6.59 -19.76
CA GLY A 5 -1.38 -6.60 -18.84
C GLY A 5 -1.14 -5.66 -17.66
N GLN A 6 -1.66 -6.02 -16.50
CA GLN A 6 -1.49 -5.21 -15.31
C GLN A 6 -0.88 -6.04 -14.18
N ASN A 7 0.41 -6.32 -14.29
CA ASN A 7 1.09 -7.11 -13.26
C ASN A 7 1.06 -6.41 -11.92
N THR A 8 1.25 -5.10 -11.95
CA THR A 8 1.24 -4.33 -10.73
C THR A 8 0.32 -3.10 -10.85
N PRO A 9 -0.34 -2.73 -9.78
CA PRO A 9 -1.27 -1.55 -9.78
C PRO A 9 -0.56 -0.25 -10.16
N TRP A 10 0.75 -0.22 -9.93
CA TRP A 10 1.54 0.97 -10.25
C TRP A 10 1.84 1.02 -11.75
N SER A 11 1.34 0.04 -12.50
CA SER A 11 1.56 0.00 -13.93
C SER A 11 1.00 1.24 -14.60
N SER A 12 -0.19 1.65 -14.17
CA SER A 12 -0.83 2.84 -14.74
C SER A 12 -1.12 3.86 -13.66
N THR A 13 -0.84 5.13 -13.96
CA THR A 13 -1.08 6.20 -13.01
C THR A 13 -2.55 6.29 -12.65
N GLU A 14 -3.41 6.22 -13.67
CA GLU A 14 -4.85 6.29 -13.45
C GLU A 14 -5.33 5.12 -12.59
N LEU A 15 -4.82 3.93 -12.89
CA LEU A 15 -5.20 2.74 -12.14
C LEU A 15 -4.77 2.88 -10.68
N ALA A 16 -3.57 3.38 -10.47
CA ALA A 16 -3.04 3.55 -9.11
C ALA A 16 -3.94 4.47 -8.31
N ASP A 17 -4.42 5.54 -8.94
CA ASP A 17 -5.29 6.50 -8.26
C ASP A 17 -6.59 5.82 -7.83
N ALA A 18 -7.16 5.04 -8.75
CA ALA A 18 -8.40 4.32 -8.45
C ALA A 18 -8.19 3.31 -7.32
N PHE A 19 -7.05 2.65 -7.35
CA PHE A 19 -6.73 1.64 -6.33
C PHE A 19 -6.70 2.29 -4.94
N ILE A 20 -6.03 3.43 -4.84
CA ILE A 20 -5.94 4.15 -3.57
C ILE A 20 -7.34 4.56 -3.09
N ASN A 21 -8.15 5.06 -4.01
CA ASN A 21 -9.50 5.49 -3.64
C ASN A 21 -10.31 4.31 -3.09
N ALA A 22 -10.21 3.17 -3.76
CA ALA A 22 -10.93 1.98 -3.32
C ALA A 22 -10.43 1.53 -1.95
N PHE A 23 -9.11 1.61 -1.75
CA PHE A 23 -8.50 1.21 -0.49
C PHE A 23 -9.06 2.05 0.65
N MET A 24 -9.13 3.36 0.44
CA MET A 24 -9.64 4.25 1.48
C MET A 24 -11.08 3.89 1.84
N ASN A 25 -11.89 3.63 0.82
CA ASN A 25 -13.29 3.26 1.06
C ASN A 25 -13.38 1.99 1.90
N GLU A 26 -12.60 1.00 1.53
CA GLU A 26 -12.60 -0.27 2.27
C GLU A 26 -12.06 -0.07 3.68
N ALA A 27 -11.03 0.76 3.80
CA ALA A 27 -10.42 1.04 5.10
C ALA A 27 -11.45 1.70 6.02
N GLY A 28 -12.22 2.62 5.48
CA GLY A 28 -13.23 3.32 6.25
C GLY A 28 -14.28 2.34 6.78
N ARG A 29 -14.62 1.36 5.94
CA ARG A 29 -15.63 0.36 6.33
C ARG A 29 -15.16 -0.44 7.53
N THR A 30 -13.88 -0.79 7.55
CA THR A 30 -13.33 -1.58 8.64
C THR A 30 -13.39 -0.78 9.95
N GLY A 31 -13.08 0.51 9.87
CA GLY A 31 -13.12 1.35 11.06
C GLY A 31 -11.87 1.13 11.91
N ALA A 32 -10.97 0.27 11.44
CA ALA A 32 -9.74 -0.02 12.17
C ALA A 32 -8.81 1.19 12.16
N PHE A 33 -9.00 2.08 11.19
CA PHE A 33 -8.15 3.25 11.08
C PHE A 33 -8.88 4.48 11.61
N THR A 34 -8.18 5.28 12.39
CA THR A 34 -8.77 6.49 12.96
C THR A 34 -8.88 7.59 11.90
N ALA A 35 -9.58 8.67 12.23
CA ALA A 35 -9.74 9.77 11.29
C ALA A 35 -8.39 10.35 10.89
N ASP A 36 -7.51 10.51 11.87
CA ASP A 36 -6.18 11.05 11.59
C ASP A 36 -5.39 10.11 10.69
N GLN A 37 -5.52 8.81 10.94
CA GLN A 37 -4.82 7.80 10.14
C GLN A 37 -5.32 7.84 8.70
N LEU A 38 -6.62 7.98 8.53
CA LEU A 38 -7.20 8.03 7.20
C LEU A 38 -6.66 9.22 6.41
N ASP A 39 -6.51 10.36 7.09
CA ASP A 39 -6.01 11.56 6.43
C ASP A 39 -4.61 11.29 5.87
N ASP A 40 -3.76 10.67 6.68
CA ASP A 40 -2.41 10.35 6.25
C ASP A 40 -2.43 9.32 5.11
N MET A 41 -3.35 8.35 5.22
CA MET A 41 -3.47 7.31 4.20
C MET A 41 -3.82 7.92 2.86
N SER A 42 -4.73 8.90 2.87
CA SER A 42 -5.14 9.57 1.63
C SER A 42 -3.97 10.37 1.05
N THR A 43 -3.15 10.93 1.93
CA THR A 43 -2.00 11.72 1.50
C THR A 43 -1.03 10.86 0.70
N ILE A 44 -0.82 9.63 1.17
CA ILE A 44 0.10 8.72 0.50
C ILE A 44 -0.30 8.56 -0.97
N GLY A 45 -1.59 8.69 -1.25
CA GLY A 45 -2.08 8.55 -2.61
C GLY A 45 -1.46 9.59 -3.53
N ASP A 46 -1.43 10.84 -3.06
CA ASP A 46 -0.86 11.92 -3.83
C ASP A 46 0.63 11.72 -4.01
N THR A 47 1.30 11.26 -2.96
CA THR A 47 2.73 11.02 -3.01
C THR A 47 3.08 9.99 -4.08
N ILE A 48 2.31 8.91 -4.12
CA ILE A 48 2.54 7.86 -5.10
C ILE A 48 2.40 8.41 -6.52
N LYS A 49 1.34 9.17 -6.75
CA LYS A 49 1.10 9.73 -8.08
C LYS A 49 2.26 10.64 -8.49
N THR A 50 2.69 11.49 -7.57
CA THR A 50 3.79 12.41 -7.84
C THR A 50 5.07 11.64 -8.13
N ALA A 51 5.36 10.63 -7.31
CA ALA A 51 6.55 9.83 -7.49
C ALA A 51 6.54 9.13 -8.85
N MET A 52 5.37 8.60 -9.22
CA MET A 52 5.23 7.92 -10.50
C MET A 52 5.48 8.87 -11.66
N ASP A 53 4.97 10.10 -11.53
CA ASP A 53 5.14 11.10 -12.57
C ASP A 53 6.62 11.41 -12.78
N LYS A 54 7.35 11.53 -11.68
CA LYS A 54 8.78 11.84 -11.76
C LYS A 54 9.51 10.77 -12.55
N MET A 55 9.33 9.51 -12.16
CA MET A 55 9.97 8.41 -12.85
C MET A 55 9.39 8.24 -14.25
N ALA A 56 8.15 8.66 -14.43
CA ALA A 56 7.50 8.54 -15.73
C ALA A 56 8.23 9.40 -16.76
N ARG A 57 8.57 10.62 -16.38
CA ARG A 57 9.27 11.53 -17.28
C ARG A 57 10.70 11.04 -17.54
N SER A 58 11.35 10.53 -16.50
CA SER A 58 12.70 10.03 -16.63
C SER A 58 12.81 8.62 -16.07
N ASN A 59 13.30 7.69 -16.89
CA ASN A 59 13.46 6.31 -16.46
C ASN A 59 14.75 6.12 -15.68
N LYS A 60 14.99 4.90 -15.22
CA LYS A 60 16.19 4.60 -14.46
C LYS A 60 16.36 3.09 -14.29
N SER A 61 15.25 2.40 -14.06
CA SER A 61 15.28 0.95 -13.88
C SER A 61 14.04 0.31 -14.49
N SER A 62 14.19 -0.93 -14.93
CA SER A 62 13.07 -1.65 -15.54
C SER A 62 12.02 -2.01 -14.50
N LYS A 63 12.49 -2.50 -13.35
CA LYS A 63 11.58 -2.88 -12.27
C LYS A 63 12.02 -2.23 -10.95
N GLY A 64 13.16 -1.55 -10.97
CA GLY A 64 13.66 -0.91 -9.77
C GLY A 64 12.68 0.14 -9.26
N LYS A 65 12.10 0.90 -10.18
CA LYS A 65 11.14 1.93 -9.80
C LYS A 65 9.90 1.31 -9.15
N LEU A 66 9.54 0.12 -9.62
CA LEU A 66 8.37 -0.57 -9.08
C LEU A 66 8.61 -0.97 -7.64
N GLN A 67 9.79 -1.51 -7.37
CA GLN A 67 10.13 -1.94 -6.02
C GLN A 67 10.13 -0.76 -5.05
N ALA A 68 10.66 0.37 -5.52
CA ALA A 68 10.73 1.57 -4.69
C ALA A 68 9.33 2.01 -4.28
N LEU A 69 8.40 1.99 -5.22
CA LEU A 69 7.04 2.40 -4.93
C LEU A 69 6.37 1.44 -3.95
N ASN A 70 6.63 0.15 -4.14
CA ASN A 70 6.04 -0.85 -3.26
C ASN A 70 6.54 -0.70 -1.83
N MET A 71 7.84 -0.46 -1.69
CA MET A 71 8.44 -0.29 -0.37
C MET A 71 8.01 1.03 0.25
N ALA A 72 8.03 2.08 -0.56
CA ALA A 72 7.65 3.40 -0.08
C ALA A 72 6.20 3.40 0.41
N PHE A 73 5.30 2.86 -0.40
CA PHE A 73 3.90 2.78 -0.03
C PHE A 73 3.71 1.95 1.22
N ALA A 74 4.31 0.76 1.23
CA ALA A 74 4.19 -0.14 2.37
C ALA A 74 4.71 0.52 3.64
N SER A 75 5.79 1.28 3.51
CA SER A 75 6.38 1.96 4.65
C SER A 75 5.38 2.93 5.26
N SER A 76 4.65 3.65 4.41
CA SER A 76 3.67 4.60 4.90
C SER A 76 2.57 3.92 5.71
N MET A 77 2.09 2.80 5.20
CA MET A 77 1.03 2.04 5.88
C MET A 77 1.59 1.37 7.13
N ALA A 78 2.83 0.91 7.04
CA ALA A 78 3.46 0.23 8.17
C ALA A 78 3.55 1.16 9.37
N GLU A 79 3.95 2.40 9.13
CA GLU A 79 4.06 3.38 10.22
C GLU A 79 2.69 3.69 10.80
N ILE A 80 1.70 3.85 9.93
CA ILE A 80 0.34 4.17 10.34
C ILE A 80 -0.22 3.06 11.23
N ALA A 81 0.02 1.81 10.84
CA ALA A 81 -0.46 0.68 11.62
C ALA A 81 0.49 0.38 12.77
N ALA A 82 1.74 0.80 12.62
CA ALA A 82 2.75 0.55 13.65
C ALA A 82 2.36 1.22 14.96
N VAL A 83 1.87 2.45 14.87
CA VAL A 83 1.46 3.20 16.05
C VAL A 83 0.13 2.68 16.59
N GLU A 84 0.13 2.24 17.84
CA GLU A 84 -1.08 1.72 18.47
C GLU A 84 -2.11 2.84 18.64
N GLN A 85 -1.63 4.02 19.02
CA GLN A 85 -2.52 5.16 19.24
C GLN A 85 -3.57 4.84 20.29
N GLY A 86 -3.27 3.84 21.14
CA GLY A 86 -4.20 3.45 22.19
C GLY A 86 -5.45 2.80 21.60
N GLY A 87 -5.34 2.31 20.37
CA GLY A 87 -6.47 1.67 19.73
C GLY A 87 -6.01 0.51 18.86
N LEU A 88 -6.66 -0.64 19.02
CA LEU A 88 -6.32 -1.83 18.26
C LEU A 88 -4.82 -2.06 18.28
N SER A 89 -4.33 -2.87 17.34
CA SER A 89 -2.90 -3.16 17.27
C SER A 89 -2.45 -3.19 15.81
N VAL A 90 -1.14 -3.05 15.60
CA VAL A 90 -0.59 -3.06 14.25
C VAL A 90 -0.94 -4.37 13.55
N ASP A 91 -0.92 -5.47 14.29
CA ASP A 91 -1.24 -6.76 13.72
C ASP A 91 -2.67 -6.80 13.20
N ALA A 92 -3.61 -6.36 14.04
CA ALA A 92 -5.01 -6.35 13.67
C ALA A 92 -5.25 -5.44 12.47
N LYS A 93 -4.62 -4.27 12.49
CA LYS A 93 -4.75 -3.32 11.39
C LYS A 93 -4.16 -3.90 10.10
N THR A 94 -3.05 -4.62 10.24
CA THR A 94 -2.40 -5.21 9.08
C THR A 94 -3.35 -6.15 8.35
N ASN A 95 -4.05 -6.98 9.11
CA ASN A 95 -5.01 -7.92 8.52
C ASN A 95 -6.13 -7.15 7.81
N ALA A 96 -6.57 -6.06 8.42
CA ALA A 96 -7.64 -5.24 7.84
C ALA A 96 -7.19 -4.67 6.50
N ILE A 97 -5.94 -4.24 6.43
CA ILE A 97 -5.40 -3.65 5.20
C ILE A 97 -5.43 -4.68 4.08
N ALA A 98 -5.02 -5.91 4.38
CA ALA A 98 -5.00 -6.96 3.37
C ALA A 98 -6.40 -7.21 2.82
N ASP A 99 -7.39 -7.23 3.71
CA ASP A 99 -8.77 -7.45 3.30
C ASP A 99 -9.24 -6.32 2.39
N SER A 100 -8.91 -5.09 2.78
CA SER A 100 -9.29 -3.92 2.00
C SER A 100 -8.64 -3.95 0.63
N LEU A 101 -7.37 -4.38 0.59
CA LEU A 101 -6.64 -4.45 -0.66
C LEU A 101 -7.32 -5.40 -1.64
N ASN A 102 -7.69 -6.58 -1.15
CA ASN A 102 -8.36 -7.56 -2.01
C ASN A 102 -9.68 -7.01 -2.56
N SER A 103 -10.44 -6.35 -1.68
CA SER A 103 -11.71 -5.76 -2.09
C SER A 103 -11.48 -4.64 -3.11
N ALA A 104 -10.45 -3.84 -2.86
CA ALA A 104 -10.12 -2.73 -3.75
C ALA A 104 -9.77 -3.25 -5.13
N PHE A 105 -9.05 -4.37 -5.18
CA PHE A 105 -8.67 -4.95 -6.46
C PHE A 105 -9.91 -5.31 -7.28
N TYR A 106 -10.90 -5.89 -6.63
CA TYR A 106 -12.12 -6.28 -7.34
C TYR A 106 -12.81 -5.04 -7.92
N GLN A 107 -12.97 -4.01 -7.12
CA GLN A 107 -13.62 -2.79 -7.59
C GLN A 107 -12.80 -2.13 -8.70
N THR A 108 -11.49 -2.14 -8.54
CA THR A 108 -10.60 -1.53 -9.52
C THR A 108 -10.54 -2.36 -10.78
N THR A 109 -10.73 -3.66 -10.65
CA THR A 109 -10.69 -4.56 -11.79
C THR A 109 -11.86 -5.53 -11.77
N GLY A 110 -11.87 -6.42 -10.79
CA GLY A 110 -12.94 -7.39 -10.66
C GLY A 110 -12.39 -8.80 -10.55
N ALA A 111 -11.17 -8.92 -10.07
CA ALA A 111 -10.54 -10.23 -9.91
C ALA A 111 -9.64 -10.24 -8.68
N ALA A 112 -10.06 -11.00 -7.66
CA ALA A 112 -9.28 -11.09 -6.42
C ALA A 112 -7.89 -11.66 -6.71
N ASN A 113 -6.87 -10.98 -6.20
CA ASN A 113 -5.49 -11.42 -6.39
C ASN A 113 -4.70 -11.27 -5.09
N PRO A 114 -4.93 -12.14 -4.15
CA PRO A 114 -4.23 -12.11 -2.83
C PRO A 114 -2.71 -12.26 -2.98
N GLN A 115 -2.28 -12.74 -4.13
CA GLN A 115 -0.85 -12.91 -4.39
C GLN A 115 -0.13 -11.58 -4.27
N PHE A 116 -0.74 -10.51 -4.81
CA PHE A 116 -0.15 -9.19 -4.74
C PHE A 116 -0.18 -8.66 -3.31
N VAL A 117 -1.29 -8.93 -2.62
CA VAL A 117 -1.46 -8.47 -1.24
C VAL A 117 -0.41 -9.09 -0.35
N ASN A 118 -0.09 -10.36 -0.59
CA ASN A 118 0.89 -11.07 0.22
C ASN A 118 2.23 -10.33 0.20
N GLU A 119 2.60 -9.82 -0.97
CA GLU A 119 3.84 -9.08 -1.10
C GLU A 119 3.76 -7.75 -0.34
N ILE A 120 2.61 -7.11 -0.40
CA ILE A 120 2.42 -5.84 0.28
C ILE A 120 2.53 -6.00 1.79
N ARG A 121 1.84 -7.00 2.33
CA ARG A 121 1.87 -7.25 3.76
C ARG A 121 3.25 -7.68 4.21
N SER A 122 3.97 -8.37 3.32
CA SER A 122 5.31 -8.83 3.65
C SER A 122 6.25 -7.65 3.83
N LEU A 123 6.08 -6.62 2.98
CA LEU A 123 6.91 -5.43 3.05
C LEU A 123 6.66 -4.69 4.36
N ILE A 124 5.40 -4.64 4.78
CA ILE A 124 5.05 -3.96 6.02
C ILE A 124 5.73 -4.63 7.21
N ASN A 125 5.67 -5.96 7.24
CA ASN A 125 6.30 -6.72 8.31
C ASN A 125 7.81 -6.46 8.35
N MET A 126 8.44 -6.42 7.17
CA MET A 126 9.86 -6.18 7.07
C MET A 126 10.21 -4.81 7.65
N PHE A 127 9.43 -3.80 7.25
CA PHE A 127 9.66 -2.44 7.72
C PHE A 127 9.43 -2.35 9.23
N ALA A 128 8.37 -3.00 9.69
CA ALA A 128 8.04 -2.99 11.12
C ALA A 128 9.18 -3.62 11.93
N GLN A 129 9.74 -4.70 11.41
CA GLN A 129 10.84 -5.38 12.09
C GLN A 129 12.16 -4.64 11.86
N SER A 130 12.15 -3.71 10.91
CA SER A 130 13.35 -2.95 10.59
C SER A 130 14.51 -3.89 10.27
N SER A 131 14.21 -4.94 9.51
CA SER A 131 15.24 -5.90 9.13
C SER A 131 15.26 -6.10 7.61
N ALA A 132 16.41 -5.89 7.01
CA ALA A 132 16.54 -6.05 5.55
C ALA A 132 18.01 -6.04 5.15
N ASN A 133 18.64 -4.87 5.25
CA ASN A 133 20.04 -4.73 4.89
C ASN A 133 20.92 -4.71 6.15
N GLU A 134 20.34 -5.10 7.28
CA GLU A 134 21.07 -5.12 8.53
C GLU A 134 21.75 -3.77 8.79
N VAL A 135 22.83 -3.79 9.57
CA VAL A 135 23.57 -2.56 9.87
C VAL A 135 24.61 -2.29 8.78
N SER A 136 24.45 -2.92 7.62
CA SER A 136 25.38 -2.73 6.52
C SER A 136 24.75 -1.84 5.45
N TYR A 137 25.44 -0.75 5.12
CA TYR A 137 24.93 0.18 4.11
C TYR A 137 25.98 0.40 3.03
N GLY A 1 17.33 -12.94 -13.96
CA GLY A 1 16.07 -12.32 -14.48
C GLY A 1 14.88 -13.20 -14.09
N SER A 2 14.30 -12.91 -12.93
CA SER A 2 13.16 -13.68 -12.45
C SER A 2 11.96 -13.51 -13.39
N HIS A 3 11.77 -12.29 -13.88
CA HIS A 3 10.67 -12.01 -14.80
C HIS A 3 9.33 -12.39 -14.14
N MET A 4 9.14 -11.92 -12.92
CA MET A 4 7.90 -12.22 -12.19
C MET A 4 7.02 -10.98 -12.11
N GLY A 5 5.75 -11.13 -12.48
CA GLY A 5 4.82 -10.01 -12.44
C GLY A 5 4.28 -9.69 -13.83
N GLN A 6 3.28 -10.45 -14.25
CA GLN A 6 2.67 -10.25 -15.56
C GLN A 6 2.02 -8.88 -15.64
N ASN A 7 1.39 -8.47 -14.54
CA ASN A 7 0.72 -7.17 -14.49
C ASN A 7 0.94 -6.52 -13.13
N THR A 8 0.71 -5.21 -13.06
CA THR A 8 0.87 -4.50 -11.81
C THR A 8 -0.02 -3.24 -11.78
N PRO A 9 -0.58 -2.92 -10.64
CA PRO A 9 -1.46 -1.72 -10.49
C PRO A 9 -0.72 -0.42 -10.75
N TRP A 10 0.61 -0.48 -10.70
CA TRP A 10 1.43 0.71 -10.94
C TRP A 10 1.70 0.89 -12.43
N SER A 11 1.15 -0.01 -13.26
CA SER A 11 1.35 0.07 -14.70
C SER A 11 0.78 1.36 -15.24
N SER A 12 -0.37 1.77 -14.73
CA SER A 12 -1.02 3.01 -15.17
C SER A 12 -1.21 3.96 -14.00
N THR A 13 -0.87 5.22 -14.20
CA THR A 13 -0.99 6.22 -13.16
C THR A 13 -2.46 6.35 -12.74
N GLU A 14 -3.36 6.38 -13.72
CA GLU A 14 -4.78 6.50 -13.42
C GLU A 14 -5.27 5.30 -12.62
N LEU A 15 -4.80 4.12 -12.98
CA LEU A 15 -5.19 2.91 -12.27
C LEU A 15 -4.74 2.96 -10.81
N ALA A 16 -3.50 3.40 -10.61
CA ALA A 16 -2.96 3.50 -9.25
C ALA A 16 -3.79 4.45 -8.41
N ASP A 17 -4.20 5.57 -9.01
CA ASP A 17 -5.00 6.56 -8.31
C ASP A 17 -6.33 5.95 -7.88
N ALA A 18 -6.94 5.18 -8.78
CA ALA A 18 -8.22 4.56 -8.47
C ALA A 18 -8.07 3.55 -7.34
N PHE A 19 -6.96 2.80 -7.36
CA PHE A 19 -6.70 1.81 -6.33
C PHE A 19 -6.62 2.47 -4.96
N ILE A 20 -5.92 3.59 -4.90
CA ILE A 20 -5.77 4.31 -3.63
C ILE A 20 -7.13 4.74 -3.10
N ASN A 21 -7.98 5.26 -3.98
CA ASN A 21 -9.31 5.70 -3.56
C ASN A 21 -10.12 4.52 -3.04
N ALA A 22 -10.05 3.39 -3.75
CA ALA A 22 -10.77 2.19 -3.34
C ALA A 22 -10.24 1.68 -2.00
N PHE A 23 -8.93 1.73 -1.84
CA PHE A 23 -8.29 1.27 -0.61
C PHE A 23 -8.80 2.07 0.58
N MET A 24 -8.83 3.39 0.43
CA MET A 24 -9.29 4.25 1.50
C MET A 24 -10.74 3.94 1.86
N ASN A 25 -11.57 3.71 0.85
CA ASN A 25 -12.97 3.41 1.09
C ASN A 25 -13.11 2.12 1.89
N GLU A 26 -12.33 1.11 1.53
CA GLU A 26 -12.38 -0.17 2.23
C GLU A 26 -11.87 -0.01 3.66
N ALA A 27 -10.80 0.76 3.82
CA ALA A 27 -10.22 0.98 5.14
C ALA A 27 -11.23 1.67 6.05
N GLY A 28 -11.96 2.63 5.50
CA GLY A 28 -12.96 3.35 6.27
C GLY A 28 -14.05 2.41 6.77
N ARG A 29 -14.43 1.46 5.92
CA ARG A 29 -15.47 0.50 6.28
C ARG A 29 -15.05 -0.35 7.47
N THR A 30 -13.79 -0.75 7.49
CA THR A 30 -13.28 -1.58 8.58
C THR A 30 -13.30 -0.80 9.89
N GLY A 31 -12.95 0.47 9.83
CA GLY A 31 -12.94 1.31 11.02
C GLY A 31 -11.69 1.05 11.87
N ALA A 32 -10.84 0.13 11.40
CA ALA A 32 -9.62 -0.20 12.11
C ALA A 32 -8.69 1.01 12.18
N PHE A 33 -8.86 1.94 11.24
CA PHE A 33 -8.01 3.12 11.21
C PHE A 33 -8.82 4.35 11.62
N THR A 34 -8.19 5.23 12.41
CA THR A 34 -8.86 6.44 12.87
C THR A 34 -8.82 7.51 11.79
N ALA A 35 -9.49 8.63 12.04
CA ALA A 35 -9.53 9.72 11.07
C ALA A 35 -8.12 10.23 10.78
N ASP A 36 -7.32 10.38 11.83
CA ASP A 36 -5.95 10.85 11.66
C ASP A 36 -5.12 9.82 10.88
N GLN A 37 -5.29 8.55 11.22
CA GLN A 37 -4.54 7.49 10.56
C GLN A 37 -4.89 7.43 9.08
N LEU A 38 -6.18 7.60 8.78
CA LEU A 38 -6.64 7.58 7.40
C LEU A 38 -6.07 8.76 6.63
N ASP A 39 -5.96 9.91 7.31
CA ASP A 39 -5.43 11.11 6.67
C ASP A 39 -4.04 10.83 6.13
N ASP A 40 -3.21 10.15 6.91
CA ASP A 40 -1.85 9.83 6.48
C ASP A 40 -1.88 8.95 5.23
N MET A 41 -2.77 7.97 5.22
CA MET A 41 -2.89 7.07 4.09
C MET A 41 -3.38 7.84 2.86
N SER A 42 -4.28 8.78 3.08
CA SER A 42 -4.82 9.58 1.98
C SER A 42 -3.71 10.37 1.30
N THR A 43 -2.81 10.95 2.09
CA THR A 43 -1.70 11.72 1.55
C THR A 43 -0.83 10.85 0.66
N ILE A 44 -0.61 9.61 1.09
CA ILE A 44 0.21 8.70 0.31
C ILE A 44 -0.25 8.66 -1.15
N GLY A 45 -1.53 8.93 -1.36
CA GLY A 45 -2.09 8.90 -2.71
C GLY A 45 -1.41 9.94 -3.59
N ASP A 46 -1.28 11.16 -3.06
CA ASP A 46 -0.64 12.24 -3.80
C ASP A 46 0.84 11.93 -4.03
N THR A 47 1.47 11.34 -3.03
CA THR A 47 2.88 11.00 -3.11
C THR A 47 3.12 10.01 -4.26
N ILE A 48 2.27 8.99 -4.35
CA ILE A 48 2.41 7.99 -5.40
C ILE A 48 2.25 8.64 -6.77
N LYS A 49 1.25 9.50 -6.90
CA LYS A 49 1.00 10.17 -8.17
C LYS A 49 2.23 10.97 -8.60
N THR A 50 2.80 11.71 -7.67
CA THR A 50 3.98 12.52 -7.97
C THR A 50 5.15 11.63 -8.37
N ALA A 51 5.34 10.55 -7.61
CA ALA A 51 6.43 9.62 -7.90
C ALA A 51 6.26 8.99 -9.27
N MET A 52 5.01 8.65 -9.61
CA MET A 52 4.72 8.04 -10.90
C MET A 52 5.09 8.97 -12.04
N ASP A 53 4.78 10.25 -11.88
CA ASP A 53 5.08 11.24 -12.91
C ASP A 53 6.59 11.36 -13.11
N LYS A 54 7.34 11.36 -12.01
CA LYS A 54 8.79 11.46 -12.09
C LYS A 54 9.38 10.28 -12.85
N MET A 55 8.85 9.10 -12.59
CA MET A 55 9.32 7.89 -13.26
C MET A 55 8.57 7.67 -14.58
N ALA A 56 7.75 8.65 -14.96
CA ALA A 56 6.97 8.54 -16.18
C ALA A 56 7.88 8.37 -17.40
N ARG A 57 8.99 9.11 -17.40
CA ARG A 57 9.93 9.04 -18.50
C ARG A 57 11.18 8.26 -18.09
N SER A 58 11.43 7.15 -18.78
CA SER A 58 12.60 6.33 -18.47
C SER A 58 12.93 5.41 -19.65
N ASN A 59 14.16 4.91 -19.67
CA ASN A 59 14.58 4.00 -20.74
C ASN A 59 15.18 2.72 -20.16
N LYS A 60 15.72 2.81 -18.95
CA LYS A 60 16.32 1.66 -18.30
C LYS A 60 15.77 1.48 -16.89
N SER A 61 14.50 1.84 -16.70
CA SER A 61 13.88 1.70 -15.38
C SER A 61 12.54 0.99 -15.49
N SER A 62 12.38 -0.09 -14.74
CA SER A 62 11.14 -0.85 -14.77
C SER A 62 10.82 -1.41 -13.39
N LYS A 63 11.54 -2.45 -13.00
CA LYS A 63 11.34 -3.07 -11.70
C LYS A 63 11.87 -2.19 -10.59
N GLY A 64 12.90 -1.41 -10.89
CA GLY A 64 13.49 -0.53 -9.89
C GLY A 64 12.49 0.49 -9.37
N LYS A 65 11.82 1.18 -10.30
CA LYS A 65 10.83 2.17 -9.92
C LYS A 65 9.59 1.52 -9.32
N LEU A 66 9.26 0.34 -9.84
CA LEU A 66 8.10 -0.39 -9.36
C LEU A 66 8.29 -0.83 -7.91
N GLN A 67 9.48 -1.33 -7.61
CA GLN A 67 9.80 -1.78 -6.27
C GLN A 67 9.73 -0.62 -5.29
N ALA A 68 10.22 0.54 -5.71
CA ALA A 68 10.22 1.72 -4.85
C ALA A 68 8.79 2.09 -4.48
N LEU A 69 7.88 1.98 -5.45
CA LEU A 69 6.49 2.32 -5.20
C LEU A 69 5.88 1.39 -4.16
N ASN A 70 6.17 0.10 -4.28
CA ASN A 70 5.64 -0.87 -3.33
C ASN A 70 6.16 -0.60 -1.93
N MET A 71 7.44 -0.28 -1.82
CA MET A 71 8.05 0.00 -0.53
C MET A 71 7.47 1.26 0.09
N ALA A 72 7.51 2.36 -0.67
CA ALA A 72 6.97 3.63 -0.16
C ALA A 72 5.49 3.51 0.14
N PHE A 73 4.76 2.83 -0.74
CA PHE A 73 3.32 2.67 -0.55
C PHE A 73 3.03 1.91 0.74
N ALA A 74 3.73 0.81 0.96
CA ALA A 74 3.53 0.00 2.15
C ALA A 74 4.17 0.64 3.38
N SER A 75 5.20 1.44 3.15
CA SER A 75 5.90 2.09 4.25
C SER A 75 4.98 3.07 4.97
N SER A 76 4.13 3.76 4.21
CA SER A 76 3.22 4.73 4.80
C SER A 76 2.26 4.06 5.79
N MET A 77 1.65 2.97 5.34
CA MET A 77 0.72 2.23 6.19
C MET A 77 1.48 1.39 7.20
N ALA A 78 2.73 1.05 6.88
CA ALA A 78 3.55 0.25 7.78
C ALA A 78 3.78 0.99 9.09
N GLU A 79 4.14 2.27 8.99
CA GLU A 79 4.38 3.08 10.17
C GLU A 79 3.07 3.35 10.90
N ILE A 80 2.01 3.61 10.12
CA ILE A 80 0.71 3.88 10.72
C ILE A 80 0.22 2.69 11.53
N ALA A 81 0.35 1.50 10.96
CA ALA A 81 -0.09 0.28 11.63
C ALA A 81 0.85 -0.04 12.78
N ALA A 82 2.08 0.47 12.73
CA ALA A 82 3.05 0.22 13.77
C ALA A 82 2.78 1.09 14.99
N VAL A 83 1.58 0.94 15.55
CA VAL A 83 1.19 1.73 16.72
C VAL A 83 0.58 0.82 17.79
N GLU A 84 0.58 1.30 19.03
CA GLU A 84 0.02 0.52 20.13
C GLU A 84 -0.78 1.43 21.07
N GLN A 85 -1.88 1.97 20.55
CA GLN A 85 -2.72 2.86 21.34
C GLN A 85 -3.31 2.11 22.54
N GLY A 86 -3.70 0.86 22.30
CA GLY A 86 -4.28 0.05 23.37
C GLY A 86 -5.10 -1.11 22.79
N GLY A 87 -6.40 -0.88 22.64
CA GLY A 87 -7.28 -1.91 22.08
C GLY A 87 -6.87 -2.29 20.67
N LEU A 88 -6.49 -1.28 19.88
CA LEU A 88 -6.08 -1.52 18.50
C LEU A 88 -4.65 -2.07 18.45
N SER A 89 -4.44 -3.07 17.61
CA SER A 89 -3.13 -3.68 17.47
C SER A 89 -2.66 -3.66 16.02
N VAL A 90 -1.35 -3.63 15.82
CA VAL A 90 -0.81 -3.62 14.47
C VAL A 90 -1.23 -4.87 13.70
N ASP A 91 -1.32 -6.00 14.41
CA ASP A 91 -1.71 -7.25 13.77
C ASP A 91 -3.12 -7.14 13.21
N ALA A 92 -4.03 -6.53 13.98
CA ALA A 92 -5.40 -6.37 13.54
C ALA A 92 -5.47 -5.50 12.29
N LYS A 93 -4.70 -4.42 12.29
CA LYS A 93 -4.67 -3.51 11.16
C LYS A 93 -4.12 -4.21 9.92
N THR A 94 -3.11 -5.05 10.13
CA THR A 94 -2.49 -5.77 9.01
C THR A 94 -3.53 -6.64 8.32
N ASN A 95 -4.30 -7.38 9.09
CA ASN A 95 -5.34 -8.24 8.54
C ASN A 95 -6.38 -7.42 7.79
N ALA A 96 -6.75 -6.28 8.35
CA ALA A 96 -7.73 -5.40 7.73
C ALA A 96 -7.21 -4.87 6.40
N ILE A 97 -5.93 -4.50 6.38
CA ILE A 97 -5.32 -3.97 5.16
C ILE A 97 -5.35 -5.02 4.05
N ALA A 98 -5.01 -6.26 4.41
CA ALA A 98 -4.99 -7.33 3.41
C ALA A 98 -6.36 -7.51 2.79
N ASP A 99 -7.40 -7.49 3.61
CA ASP A 99 -8.76 -7.65 3.14
C ASP A 99 -9.16 -6.48 2.23
N SER A 100 -8.82 -5.27 2.66
CA SER A 100 -9.16 -4.08 1.89
C SER A 100 -8.44 -4.09 0.54
N LEU A 101 -7.21 -4.58 0.53
CA LEU A 101 -6.44 -4.64 -0.72
C LEU A 101 -7.13 -5.55 -1.73
N ASN A 102 -7.63 -6.68 -1.27
CA ASN A 102 -8.30 -7.62 -2.15
C ASN A 102 -9.54 -6.98 -2.78
N SER A 103 -10.31 -6.27 -1.96
CA SER A 103 -11.51 -5.61 -2.44
C SER A 103 -11.15 -4.50 -3.44
N ALA A 104 -10.10 -3.76 -3.13
CA ALA A 104 -9.66 -2.67 -3.99
C ALA A 104 -9.32 -3.19 -5.38
N PHE A 105 -8.62 -4.32 -5.43
CA PHE A 105 -8.24 -4.90 -6.71
C PHE A 105 -9.47 -5.27 -7.52
N TYR A 106 -10.47 -5.85 -6.87
CA TYR A 106 -11.69 -6.23 -7.56
C TYR A 106 -12.38 -5.01 -8.15
N GLN A 107 -12.55 -3.97 -7.35
CA GLN A 107 -13.20 -2.75 -7.83
C GLN A 107 -12.38 -2.11 -8.94
N THR A 108 -11.07 -2.12 -8.80
CA THR A 108 -10.20 -1.51 -9.80
C THR A 108 -10.12 -2.37 -11.05
N THR A 109 -10.32 -3.68 -10.89
CA THR A 109 -10.26 -4.60 -12.02
C THR A 109 -11.39 -5.63 -11.95
N GLY A 110 -11.35 -6.45 -10.91
CA GLY A 110 -12.36 -7.48 -10.72
C GLY A 110 -11.71 -8.84 -10.48
N ALA A 111 -10.42 -8.83 -10.14
CA ALA A 111 -9.71 -10.08 -9.89
C ALA A 111 -8.88 -9.97 -8.61
N ALA A 112 -9.10 -10.89 -7.69
CA ALA A 112 -8.37 -10.90 -6.43
C ALA A 112 -6.89 -11.15 -6.68
N ASN A 113 -6.03 -10.51 -5.89
CA ASN A 113 -4.59 -10.67 -6.03
C ASN A 113 -3.95 -10.99 -4.69
N PRO A 114 -4.11 -12.19 -4.22
CA PRO A 114 -3.54 -12.64 -2.91
C PRO A 114 -2.04 -12.46 -2.87
N GLN A 115 -1.39 -12.77 -3.99
CA GLN A 115 0.07 -12.63 -4.07
C GLN A 115 0.48 -11.18 -3.85
N PHE A 116 -0.25 -10.25 -4.46
CA PHE A 116 0.04 -8.83 -4.32
C PHE A 116 -0.23 -8.38 -2.88
N VAL A 117 -1.32 -8.90 -2.31
CA VAL A 117 -1.69 -8.54 -0.94
C VAL A 117 -0.60 -8.97 0.04
N ASN A 118 -0.10 -10.19 -0.15
CA ASN A 118 0.94 -10.73 0.73
C ASN A 118 2.19 -9.84 0.65
N GLU A 119 2.50 -9.38 -0.56
CA GLU A 119 3.67 -8.53 -0.74
C GLU A 119 3.54 -7.25 0.08
N ILE A 120 2.34 -6.68 0.07
CA ILE A 120 2.09 -5.45 0.81
C ILE A 120 2.23 -5.68 2.31
N ARG A 121 1.62 -6.76 2.79
CA ARG A 121 1.69 -7.08 4.21
C ARG A 121 3.12 -7.44 4.60
N SER A 122 3.85 -8.02 3.65
CA SER A 122 5.23 -8.41 3.90
C SER A 122 6.08 -7.17 4.18
N LEU A 123 5.86 -6.13 3.39
CA LEU A 123 6.61 -4.89 3.56
C LEU A 123 6.34 -4.29 4.93
N ILE A 124 5.08 -4.33 5.37
CA ILE A 124 4.71 -3.80 6.67
C ILE A 124 5.44 -4.56 7.77
N ASN A 125 5.44 -5.88 7.67
CA ASN A 125 6.11 -6.71 8.67
C ASN A 125 7.60 -6.39 8.72
N MET A 126 8.22 -6.21 7.54
CA MET A 126 9.62 -5.87 7.47
C MET A 126 9.88 -4.54 8.14
N PHE A 127 9.03 -3.55 7.83
CA PHE A 127 9.19 -2.24 8.42
C PHE A 127 9.06 -2.30 9.94
N ALA A 128 8.08 -3.07 10.41
CA ALA A 128 7.88 -3.21 11.86
C ALA A 128 9.10 -3.84 12.52
N GLN A 129 9.64 -4.88 11.89
CA GLN A 129 10.81 -5.56 12.42
C GLN A 129 12.03 -4.63 12.39
N SER A 130 12.13 -3.84 11.33
CA SER A 130 13.25 -2.92 11.19
C SER A 130 13.26 -1.91 12.33
N SER A 131 12.07 -1.45 12.72
CA SER A 131 11.97 -0.49 13.81
C SER A 131 11.72 -1.19 15.13
N ALA A 132 12.79 -1.60 15.79
CA ALA A 132 12.68 -2.28 17.07
C ALA A 132 14.03 -2.32 17.78
N ASN A 133 14.00 -2.32 19.11
CA ASN A 133 15.24 -2.36 19.89
C ASN A 133 15.33 -3.67 20.67
N GLU A 134 16.52 -4.29 20.64
CA GLU A 134 16.72 -5.55 21.35
C GLU A 134 17.41 -5.29 22.68
N VAL A 135 16.74 -5.69 23.77
CA VAL A 135 17.30 -5.50 25.11
C VAL A 135 17.60 -6.84 25.75
N SER A 136 16.62 -7.75 25.70
CA SER A 136 16.78 -9.06 26.29
C SER A 136 17.81 -9.88 25.52
N TYR A 137 18.62 -10.65 26.24
CA TYR A 137 19.65 -11.48 25.62
C TYR A 137 19.06 -12.81 25.17
N GLY A 1 -4.71 -16.83 -15.51
CA GLY A 1 -5.66 -17.32 -16.56
C GLY A 1 -4.92 -17.45 -17.89
N SER A 2 -3.68 -17.95 -17.83
CA SER A 2 -2.87 -18.12 -19.03
C SER A 2 -2.66 -16.79 -19.73
N HIS A 3 -2.90 -15.69 -19.01
CA HIS A 3 -2.73 -14.36 -19.57
C HIS A 3 -1.26 -14.10 -19.88
N MET A 4 -0.38 -14.59 -19.00
CA MET A 4 1.06 -14.39 -19.17
C MET A 4 1.39 -12.90 -19.22
N GLY A 5 0.81 -12.14 -18.30
CA GLY A 5 1.05 -10.70 -18.23
C GLY A 5 1.28 -10.25 -16.80
N GLN A 6 1.76 -9.02 -16.64
CA GLN A 6 2.01 -8.48 -15.31
C GLN A 6 0.86 -7.60 -14.85
N ASN A 7 0.37 -7.86 -13.65
CA ASN A 7 -0.74 -7.09 -13.10
C ASN A 7 -0.29 -6.35 -11.84
N THR A 8 -0.38 -5.02 -11.89
CA THR A 8 0.01 -4.22 -10.75
C THR A 8 -0.74 -2.88 -10.74
N PRO A 9 -1.10 -2.39 -9.57
CA PRO A 9 -1.83 -1.10 -9.44
C PRO A 9 -0.96 0.09 -9.83
N TRP A 10 0.35 -0.13 -9.91
CA TRP A 10 1.27 0.94 -10.28
C TRP A 10 1.51 0.94 -11.78
N SER A 11 0.77 0.10 -12.51
CA SER A 11 0.93 0.03 -13.96
C SER A 11 0.60 1.37 -14.61
N SER A 12 -0.50 1.98 -14.17
CA SER A 12 -0.91 3.27 -14.72
C SER A 12 -1.25 4.25 -13.61
N THR A 13 -1.14 5.54 -13.90
CA THR A 13 -1.43 6.56 -12.90
C THR A 13 -2.90 6.50 -12.50
N GLU A 14 -3.77 6.26 -13.47
CA GLU A 14 -5.20 6.18 -13.20
C GLU A 14 -5.51 4.96 -12.33
N LEU A 15 -4.82 3.86 -12.61
CA LEU A 15 -5.04 2.63 -11.85
C LEU A 15 -4.56 2.81 -10.42
N ALA A 16 -3.38 3.39 -10.26
CA ALA A 16 -2.83 3.59 -8.93
C ALA A 16 -3.74 4.47 -8.09
N ASP A 17 -4.25 5.54 -8.69
CA ASP A 17 -5.15 6.44 -7.99
C ASP A 17 -6.44 5.72 -7.59
N ALA A 18 -7.00 4.99 -8.53
CA ALA A 18 -8.23 4.25 -8.26
C ALA A 18 -8.02 3.22 -7.16
N PHE A 19 -6.87 2.56 -7.19
CA PHE A 19 -6.57 1.54 -6.20
C PHE A 19 -6.51 2.14 -4.80
N ILE A 20 -5.81 3.27 -4.67
CA ILE A 20 -5.71 3.95 -3.39
C ILE A 20 -7.08 4.41 -2.92
N ASN A 21 -7.87 4.96 -3.83
CA ASN A 21 -9.20 5.44 -3.49
C ASN A 21 -10.07 4.29 -2.97
N ALA A 22 -10.01 3.15 -3.66
CA ALA A 22 -10.78 1.98 -3.25
C ALA A 22 -10.33 1.48 -1.89
N PHE A 23 -9.01 1.49 -1.68
CA PHE A 23 -8.44 1.04 -0.42
C PHE A 23 -8.95 1.90 0.72
N MET A 24 -8.91 3.21 0.53
CA MET A 24 -9.37 4.14 1.56
C MET A 24 -10.84 3.89 1.91
N ASN A 25 -11.65 3.65 0.89
CA ASN A 25 -13.07 3.40 1.12
C ASN A 25 -13.26 2.15 1.99
N GLU A 26 -12.53 1.10 1.67
CA GLU A 26 -12.63 -0.14 2.43
C GLU A 26 -12.12 0.07 3.85
N ALA A 27 -11.05 0.84 4.01
CA ALA A 27 -10.48 1.11 5.32
C ALA A 27 -11.51 1.81 6.19
N GLY A 28 -12.26 2.73 5.60
CA GLY A 28 -13.29 3.45 6.34
C GLY A 28 -14.38 2.49 6.83
N ARG A 29 -14.73 1.53 5.98
CA ARG A 29 -15.77 0.55 6.34
C ARG A 29 -15.33 -0.32 7.50
N THR A 30 -14.05 -0.70 7.50
CA THR A 30 -13.52 -1.55 8.57
C THR A 30 -13.60 -0.83 9.90
N GLY A 31 -13.32 0.47 9.89
CA GLY A 31 -13.36 1.26 11.12
C GLY A 31 -12.08 1.06 11.93
N ALA A 32 -11.16 0.24 11.42
CA ALA A 32 -9.91 -0.01 12.11
C ALA A 32 -9.06 1.26 12.16
N PHE A 33 -9.35 2.20 11.25
CA PHE A 33 -8.59 3.44 11.20
C PHE A 33 -9.50 4.63 11.52
N THR A 34 -8.90 5.70 12.02
CA THR A 34 -9.68 6.90 12.37
C THR A 34 -9.48 7.98 11.32
N ALA A 35 -10.02 9.17 11.58
CA ALA A 35 -9.89 10.27 10.64
C ALA A 35 -8.42 10.62 10.41
N ASP A 36 -7.66 10.70 11.49
CA ASP A 36 -6.24 11.03 11.37
C ASP A 36 -5.50 9.96 10.56
N GLN A 37 -5.82 8.70 10.82
CA GLN A 37 -5.19 7.60 10.10
C GLN A 37 -5.57 7.63 8.62
N LEU A 38 -6.84 7.92 8.34
CA LEU A 38 -7.32 7.99 6.97
C LEU A 38 -6.64 9.14 6.23
N ASP A 39 -6.46 10.25 6.92
CA ASP A 39 -5.83 11.42 6.33
C ASP A 39 -4.43 11.07 5.86
N ASP A 40 -3.69 10.32 6.68
CA ASP A 40 -2.33 9.92 6.33
C ASP A 40 -2.33 9.07 5.06
N MET A 41 -3.31 8.19 4.97
CA MET A 41 -3.42 7.31 3.79
C MET A 41 -3.69 8.14 2.54
N SER A 42 -4.57 9.11 2.66
CA SER A 42 -4.90 9.97 1.52
C SER A 42 -3.65 10.69 1.02
N THR A 43 -2.81 11.13 1.95
CA THR A 43 -1.58 11.83 1.59
C THR A 43 -0.68 10.92 0.77
N ILE A 44 -0.58 9.67 1.18
CA ILE A 44 0.27 8.73 0.47
C ILE A 44 -0.22 8.56 -0.96
N GLY A 45 -1.53 8.69 -1.16
CA GLY A 45 -2.10 8.54 -2.49
C GLY A 45 -1.58 9.62 -3.42
N ASP A 46 -1.63 10.86 -2.95
CA ASP A 46 -1.14 11.99 -3.74
C ASP A 46 0.36 11.89 -3.97
N THR A 47 1.08 11.45 -2.94
CA THR A 47 2.53 11.32 -3.01
C THR A 47 2.91 10.31 -4.10
N ILE A 48 2.20 9.18 -4.12
CA ILE A 48 2.49 8.14 -5.10
C ILE A 48 2.29 8.67 -6.51
N LYS A 49 1.21 9.41 -6.73
CA LYS A 49 0.92 9.96 -8.04
C LYS A 49 2.04 10.90 -8.49
N THR A 50 2.51 11.72 -7.57
CA THR A 50 3.59 12.66 -7.88
C THR A 50 4.88 11.91 -8.20
N ALA A 51 5.17 10.88 -7.40
CA ALA A 51 6.37 10.08 -7.59
C ALA A 51 6.32 9.36 -8.94
N MET A 52 5.14 8.88 -9.31
CA MET A 52 4.96 8.18 -10.57
C MET A 52 5.29 9.09 -11.74
N ASP A 53 4.88 10.35 -11.65
CA ASP A 53 5.14 11.30 -12.73
C ASP A 53 6.63 11.62 -12.88
N LYS A 54 7.25 12.00 -11.77
CA LYS A 54 8.67 12.35 -11.78
C LYS A 54 9.52 11.16 -12.19
N MET A 55 9.03 9.96 -11.88
CA MET A 55 9.75 8.75 -12.23
C MET A 55 9.33 8.23 -13.59
N ALA A 56 8.13 8.63 -14.04
CA ALA A 56 7.62 8.19 -15.33
C ALA A 56 8.50 8.70 -16.46
N ARG A 57 8.92 9.97 -16.35
CA ARG A 57 9.76 10.56 -17.39
C ARG A 57 10.99 9.71 -17.61
N SER A 58 11.50 9.71 -18.84
CA SER A 58 12.68 8.90 -19.21
C SER A 58 12.31 7.43 -19.36
N ASN A 59 11.42 6.93 -18.50
CA ASN A 59 11.00 5.55 -18.56
C ASN A 59 12.20 4.63 -18.45
N LYS A 60 13.13 4.98 -17.57
CA LYS A 60 14.33 4.16 -17.37
C LYS A 60 14.17 3.25 -16.15
N SER A 61 14.41 1.97 -16.36
CA SER A 61 14.31 0.99 -15.27
C SER A 61 12.90 1.03 -14.67
N SER A 62 11.91 0.69 -15.49
CA SER A 62 10.52 0.69 -15.03
C SER A 62 10.35 -0.30 -13.88
N LYS A 63 10.94 -1.48 -14.01
CA LYS A 63 10.85 -2.47 -12.96
C LYS A 63 11.52 -1.98 -11.68
N GLY A 64 12.69 -1.36 -11.83
CA GLY A 64 13.43 -0.87 -10.68
C GLY A 64 12.62 0.17 -9.90
N LYS A 65 12.09 1.16 -10.62
CA LYS A 65 11.29 2.19 -9.98
C LYS A 65 9.97 1.63 -9.49
N LEU A 66 9.47 0.61 -10.18
CA LEU A 66 8.21 -0.02 -9.79
C LEU A 66 8.33 -0.67 -8.42
N GLN A 67 9.44 -1.40 -8.21
CA GLN A 67 9.67 -2.06 -6.93
C GLN A 67 9.84 -1.03 -5.83
N ALA A 68 10.52 0.07 -6.13
CA ALA A 68 10.73 1.11 -5.15
C ALA A 68 9.40 1.70 -4.69
N LEU A 69 8.48 1.88 -5.64
CA LEU A 69 7.17 2.43 -5.32
C LEU A 69 6.42 1.50 -4.37
N ASN A 70 6.51 0.20 -4.63
CA ASN A 70 5.82 -0.77 -3.79
C ASN A 70 6.37 -0.74 -2.37
N MET A 71 7.70 -0.69 -2.25
CA MET A 71 8.34 -0.67 -0.94
C MET A 71 8.00 0.63 -0.21
N ALA A 72 8.05 1.75 -0.93
CA ALA A 72 7.75 3.04 -0.34
C ALA A 72 6.31 3.09 0.16
N PHE A 73 5.39 2.61 -0.67
CA PHE A 73 3.98 2.60 -0.30
C PHE A 73 3.76 1.75 0.95
N ALA A 74 4.30 0.54 0.94
CA ALA A 74 4.15 -0.36 2.08
C ALA A 74 4.72 0.26 3.34
N SER A 75 5.81 0.99 3.18
CA SER A 75 6.45 1.65 4.32
C SER A 75 5.48 2.62 5.00
N SER A 76 4.77 3.39 4.19
CA SER A 76 3.82 4.36 4.73
C SER A 76 2.73 3.65 5.53
N MET A 77 2.24 2.53 4.99
CA MET A 77 1.17 1.79 5.67
C MET A 77 1.70 1.18 6.97
N ALA A 78 2.91 0.67 6.93
CA ALA A 78 3.53 0.07 8.11
C ALA A 78 3.70 1.11 9.20
N GLU A 79 4.13 2.30 8.82
CA GLU A 79 4.34 3.38 9.78
C GLU A 79 3.01 3.82 10.40
N ILE A 80 1.98 3.92 9.57
CA ILE A 80 0.67 4.34 10.05
C ILE A 80 0.11 3.32 11.04
N ALA A 81 0.19 2.04 10.67
CA ALA A 81 -0.30 0.98 11.53
C ALA A 81 0.58 0.83 12.77
N ALA A 82 1.88 1.02 12.58
CA ALA A 82 2.83 0.89 13.67
C ALA A 82 2.75 2.11 14.59
N VAL A 83 1.61 2.28 15.24
CA VAL A 83 1.42 3.40 16.14
C VAL A 83 0.88 2.92 17.48
N GLU A 84 1.19 3.67 18.54
CA GLU A 84 0.72 3.30 19.87
C GLU A 84 0.00 4.48 20.52
N GLN A 85 -1.33 4.36 20.63
CA GLN A 85 -2.13 5.42 21.23
C GLN A 85 -3.39 4.84 21.88
N GLY A 86 -3.31 3.58 22.29
CA GLY A 86 -4.45 2.92 22.91
C GLY A 86 -5.41 2.37 21.84
N GLY A 87 -5.02 2.48 20.57
CA GLY A 87 -5.86 2.00 19.48
C GLY A 87 -5.59 0.53 19.21
N LEU A 88 -6.07 0.04 18.08
CA LEU A 88 -5.88 -1.35 17.70
C LEU A 88 -4.40 -1.64 17.42
N SER A 89 -3.98 -2.86 17.66
CA SER A 89 -2.60 -3.25 17.43
C SER A 89 -2.29 -3.27 15.94
N VAL A 90 -1.00 -3.23 15.60
CA VAL A 90 -0.59 -3.25 14.21
C VAL A 90 -1.06 -4.52 13.53
N ASP A 91 -1.08 -5.62 14.28
CA ASP A 91 -1.52 -6.90 13.72
C ASP A 91 -2.96 -6.81 13.24
N ALA A 92 -3.82 -6.22 14.08
CA ALA A 92 -5.23 -6.08 13.72
C ALA A 92 -5.40 -5.19 12.49
N LYS A 93 -4.65 -4.10 12.46
CA LYS A 93 -4.70 -3.18 11.34
C LYS A 93 -4.22 -3.86 10.06
N THR A 94 -3.19 -4.69 10.20
CA THR A 94 -2.63 -5.40 9.05
C THR A 94 -3.70 -6.28 8.40
N ASN A 95 -4.44 -7.01 9.22
CA ASN A 95 -5.49 -7.89 8.69
C ASN A 95 -6.55 -7.07 7.97
N ALA A 96 -6.92 -5.92 8.54
CA ALA A 96 -7.92 -5.05 7.94
C ALA A 96 -7.45 -4.54 6.58
N ILE A 97 -6.17 -4.17 6.51
CA ILE A 97 -5.59 -3.68 5.26
C ILE A 97 -5.65 -4.75 4.18
N ALA A 98 -5.32 -5.97 4.55
CA ALA A 98 -5.32 -7.07 3.59
C ALA A 98 -6.72 -7.26 3.00
N ASP A 99 -7.73 -7.21 3.86
CA ASP A 99 -9.10 -7.38 3.40
C ASP A 99 -9.50 -6.25 2.43
N SER A 100 -9.10 -5.03 2.77
CA SER A 100 -9.42 -3.88 1.93
C SER A 100 -8.74 -4.00 0.57
N LEU A 101 -7.48 -4.43 0.59
CA LEU A 101 -6.73 -4.58 -0.64
C LEU A 101 -7.33 -5.67 -1.53
N ASN A 102 -7.80 -6.75 -0.90
CA ASN A 102 -8.39 -7.86 -1.64
C ASN A 102 -9.61 -7.39 -2.42
N SER A 103 -10.45 -6.58 -1.80
CA SER A 103 -11.64 -6.07 -2.46
C SER A 103 -11.29 -4.91 -3.38
N ALA A 104 -10.19 -4.23 -3.08
CA ALA A 104 -9.76 -3.09 -3.88
C ALA A 104 -9.46 -3.52 -5.31
N PHE A 105 -8.76 -4.65 -5.45
CA PHE A 105 -8.43 -5.15 -6.78
C PHE A 105 -9.69 -5.44 -7.58
N TYR A 106 -10.70 -5.99 -6.92
CA TYR A 106 -11.96 -6.31 -7.59
C TYR A 106 -12.62 -5.05 -8.13
N GLN A 107 -12.84 -4.08 -7.27
CA GLN A 107 -13.48 -2.84 -7.68
C GLN A 107 -12.65 -2.11 -8.74
N THR A 108 -11.34 -2.14 -8.56
CA THR A 108 -10.44 -1.48 -9.52
C THR A 108 -10.44 -2.20 -10.86
N THR A 109 -10.60 -3.52 -10.82
CA THR A 109 -10.61 -4.30 -12.06
C THR A 109 -11.69 -5.39 -12.00
N GLY A 110 -11.55 -6.28 -11.04
CA GLY A 110 -12.52 -7.37 -10.88
C GLY A 110 -11.81 -8.72 -10.74
N ALA A 111 -10.53 -8.69 -10.39
CA ALA A 111 -9.76 -9.90 -10.23
C ALA A 111 -8.95 -9.86 -8.95
N ALA A 112 -9.27 -10.75 -8.02
CA ALA A 112 -8.55 -10.78 -6.74
C ALA A 112 -7.07 -11.08 -6.98
N ASN A 113 -6.21 -10.39 -6.22
CA ASN A 113 -4.78 -10.58 -6.35
C ASN A 113 -4.14 -10.77 -4.98
N PRO A 114 -4.29 -11.94 -4.40
CA PRO A 114 -3.73 -12.24 -3.05
C PRO A 114 -2.20 -12.20 -3.04
N GLN A 115 -1.61 -12.49 -4.20
CA GLN A 115 -0.15 -12.48 -4.31
C GLN A 115 0.40 -11.07 -4.07
N PHE A 116 -0.27 -10.07 -4.65
CA PHE A 116 0.15 -8.68 -4.48
C PHE A 116 -0.08 -8.24 -3.04
N VAL A 117 -1.23 -8.63 -2.49
CA VAL A 117 -1.58 -8.26 -1.13
C VAL A 117 -0.55 -8.83 -0.13
N ASN A 118 -0.20 -10.09 -0.32
CA ASN A 118 0.77 -10.75 0.54
C ASN A 118 2.11 -10.03 0.47
N GLU A 119 2.47 -9.58 -0.73
CA GLU A 119 3.74 -8.87 -0.91
C GLU A 119 3.77 -7.63 -0.04
N ILE A 120 2.68 -6.88 -0.04
CA ILE A 120 2.60 -5.66 0.78
C ILE A 120 2.63 -6.02 2.26
N ARG A 121 1.90 -7.06 2.61
CA ARG A 121 1.85 -7.51 4.00
C ARG A 121 3.25 -7.86 4.49
N SER A 122 4.01 -8.55 3.66
CA SER A 122 5.36 -8.95 4.01
C SER A 122 6.23 -7.71 4.23
N LEU A 123 6.03 -6.70 3.38
CA LEU A 123 6.80 -5.47 3.49
C LEU A 123 6.54 -4.79 4.84
N ILE A 124 5.29 -4.80 5.26
CA ILE A 124 4.92 -4.19 6.53
C ILE A 124 5.64 -4.88 7.67
N ASN A 125 5.64 -6.21 7.65
CA ASN A 125 6.31 -6.98 8.69
C ASN A 125 7.81 -6.68 8.70
N MET A 126 8.40 -6.60 7.50
CA MET A 126 9.81 -6.31 7.38
C MET A 126 10.14 -4.95 7.98
N PHE A 127 9.33 -3.95 7.65
CA PHE A 127 9.54 -2.61 8.16
C PHE A 127 9.35 -2.58 9.68
N ALA A 128 8.32 -3.28 10.15
CA ALA A 128 8.03 -3.33 11.58
C ALA A 128 9.21 -3.95 12.34
N GLN A 129 9.79 -4.98 11.75
CA GLN A 129 10.93 -5.67 12.37
C GLN A 129 12.25 -4.99 11.98
N SER A 130 12.16 -3.93 11.17
CA SER A 130 13.33 -3.20 10.74
C SER A 130 14.40 -4.15 10.25
N SER A 131 14.10 -4.88 9.18
CA SER A 131 15.05 -5.84 8.61
C SER A 131 15.33 -6.96 9.61
N ALA A 132 16.24 -6.71 10.54
CA ALA A 132 16.59 -7.71 11.55
C ALA A 132 17.08 -7.02 12.82
N ASN A 133 16.39 -5.94 13.21
CA ASN A 133 16.78 -5.20 14.40
C ASN A 133 15.87 -5.58 15.57
N GLU A 134 16.41 -5.52 16.78
CA GLU A 134 15.65 -5.86 17.98
C GLU A 134 15.08 -7.27 17.85
N VAL A 135 15.73 -8.10 17.06
CA VAL A 135 15.29 -9.48 16.87
C VAL A 135 15.64 -10.33 18.09
N SER A 136 16.77 -10.00 18.72
CA SER A 136 17.22 -10.74 19.89
C SER A 136 16.33 -10.43 21.08
N TYR A 137 16.40 -11.28 22.11
CA TYR A 137 15.59 -11.09 23.30
C TYR A 137 15.74 -9.67 23.83
N GLY A 1 -7.71 -22.63 -14.57
CA GLY A 1 -7.70 -21.40 -13.74
C GLY A 1 -6.25 -21.02 -13.42
N SER A 2 -5.71 -20.07 -14.17
CA SER A 2 -4.34 -19.62 -13.96
C SER A 2 -4.16 -18.19 -14.47
N HIS A 3 -3.09 -17.54 -14.03
CA HIS A 3 -2.80 -16.17 -14.45
C HIS A 3 -1.46 -16.11 -15.18
N MET A 4 -1.45 -15.43 -16.32
CA MET A 4 -0.22 -15.29 -17.10
C MET A 4 0.31 -13.87 -17.01
N GLY A 5 1.59 -13.74 -16.67
CA GLY A 5 2.20 -12.42 -16.55
C GLY A 5 1.85 -11.77 -15.22
N GLN A 6 2.19 -10.49 -15.08
CA GLN A 6 1.91 -9.77 -13.85
C GLN A 6 1.21 -8.45 -14.15
N ASN A 7 0.35 -8.01 -13.23
CA ASN A 7 -0.36 -6.75 -13.43
C ASN A 7 -0.43 -5.98 -12.11
N THR A 8 0.64 -5.26 -11.81
CA THR A 8 0.70 -4.49 -10.58
C THR A 8 -0.27 -3.30 -10.63
N PRO A 9 -0.87 -2.93 -9.52
CA PRO A 9 -1.82 -1.78 -9.47
C PRO A 9 -1.18 -0.48 -9.96
N TRP A 10 0.15 -0.43 -9.92
CA TRP A 10 0.87 0.77 -10.36
C TRP A 10 1.18 0.69 -11.85
N SER A 11 0.58 -0.28 -12.54
CA SER A 11 0.80 -0.44 -13.96
C SER A 11 0.29 0.78 -14.73
N SER A 12 -0.65 1.51 -14.13
CA SER A 12 -1.21 2.70 -14.77
C SER A 12 -1.47 3.78 -13.74
N THR A 13 -1.32 5.04 -14.15
CA THR A 13 -1.54 6.16 -13.25
C THR A 13 -3.00 6.25 -12.86
N GLU A 14 -3.89 6.06 -13.84
CA GLU A 14 -5.32 6.11 -13.57
C GLU A 14 -5.74 4.96 -12.66
N LEU A 15 -5.18 3.79 -12.91
CA LEU A 15 -5.51 2.61 -12.12
C LEU A 15 -5.06 2.80 -10.68
N ALA A 16 -3.85 3.33 -10.49
CA ALA A 16 -3.32 3.56 -9.16
C ALA A 16 -4.20 4.53 -8.39
N ASP A 17 -4.68 5.56 -9.07
CA ASP A 17 -5.53 6.55 -8.44
C ASP A 17 -6.82 5.92 -7.94
N ALA A 18 -7.46 5.15 -8.80
CA ALA A 18 -8.71 4.48 -8.44
C ALA A 18 -8.47 3.47 -7.32
N PHE A 19 -7.36 2.75 -7.41
CA PHE A 19 -7.02 1.74 -6.42
C PHE A 19 -6.88 2.39 -5.05
N ILE A 20 -6.17 3.51 -5.00
CA ILE A 20 -5.97 4.22 -3.74
C ILE A 20 -7.31 4.66 -3.15
N ASN A 21 -8.16 5.23 -3.99
CA ASN A 21 -9.47 5.69 -3.52
C ASN A 21 -10.30 4.53 -2.99
N ALA A 22 -10.30 3.42 -3.73
CA ALA A 22 -11.05 2.24 -3.32
C ALA A 22 -10.47 1.65 -2.04
N PHE A 23 -9.15 1.63 -1.96
CA PHE A 23 -8.46 1.09 -0.79
C PHE A 23 -8.87 1.84 0.47
N MET A 24 -8.83 3.16 0.41
CA MET A 24 -9.19 3.98 1.55
C MET A 24 -10.64 3.74 1.95
N ASN A 25 -11.51 3.57 0.96
CA ASN A 25 -12.92 3.34 1.24
C ASN A 25 -13.08 2.11 2.13
N GLU A 26 -12.45 1.00 1.74
CA GLU A 26 -12.54 -0.21 2.53
C GLU A 26 -11.77 -0.08 3.84
N ALA A 27 -10.62 0.57 3.78
CA ALA A 27 -9.79 0.75 4.97
C ALA A 27 -10.55 1.55 6.02
N GLY A 28 -11.46 2.40 5.58
CA GLY A 28 -12.25 3.20 6.51
C GLY A 28 -13.45 2.43 7.05
N ARG A 29 -14.09 1.65 6.19
CA ARG A 29 -15.25 0.87 6.60
C ARG A 29 -14.88 -0.15 7.67
N THR A 30 -13.62 -0.55 7.67
CA THR A 30 -13.14 -1.54 8.63
C THR A 30 -13.22 -0.99 10.04
N GLY A 31 -12.97 0.31 10.18
CA GLY A 31 -13.01 0.96 11.47
C GLY A 31 -11.73 0.69 12.27
N ALA A 32 -10.83 -0.11 11.69
CA ALA A 32 -9.57 -0.44 12.36
C ALA A 32 -8.72 0.80 12.53
N PHE A 33 -8.75 1.66 11.51
CA PHE A 33 -7.96 2.89 11.55
C PHE A 33 -8.83 4.09 11.91
N THR A 34 -8.21 5.12 12.48
CA THR A 34 -8.93 6.32 12.87
C THR A 34 -8.92 7.35 11.73
N ALA A 35 -9.67 8.42 11.90
CA ALA A 35 -9.76 9.45 10.88
C ALA A 35 -8.38 10.05 10.61
N ASP A 36 -7.62 10.28 11.68
CA ASP A 36 -6.29 10.84 11.55
C ASP A 36 -5.38 9.91 10.76
N GLN A 37 -5.48 8.61 11.04
CA GLN A 37 -4.67 7.62 10.35
C GLN A 37 -5.06 7.54 8.87
N LEU A 38 -6.35 7.63 8.60
CA LEU A 38 -6.85 7.56 7.23
C LEU A 38 -6.31 8.73 6.42
N ASP A 39 -6.28 9.91 7.02
CA ASP A 39 -5.79 11.09 6.33
C ASP A 39 -4.32 10.91 5.95
N ASP A 40 -3.53 10.38 6.87
CA ASP A 40 -2.11 10.16 6.62
C ASP A 40 -1.91 9.21 5.44
N MET A 41 -2.72 8.17 5.39
CA MET A 41 -2.64 7.19 4.32
C MET A 41 -3.16 7.78 3.01
N SER A 42 -4.20 8.59 3.09
CA SER A 42 -4.80 9.19 1.91
C SER A 42 -3.78 10.08 1.20
N THR A 43 -2.86 10.65 1.97
CA THR A 43 -1.82 11.52 1.43
C THR A 43 -0.94 10.74 0.45
N ILE A 44 -0.65 9.48 0.80
CA ILE A 44 0.20 8.66 -0.05
C ILE A 44 -0.31 8.67 -1.48
N GLY A 45 -1.60 8.91 -1.67
CA GLY A 45 -2.17 8.92 -3.00
C GLY A 45 -1.50 9.99 -3.86
N ASP A 46 -1.38 11.19 -3.32
CA ASP A 46 -0.74 12.29 -4.04
C ASP A 46 0.74 12.01 -4.25
N THR A 47 1.37 11.43 -3.23
CA THR A 47 2.79 11.12 -3.30
C THR A 47 3.07 10.08 -4.38
N ILE A 48 2.23 9.06 -4.44
CA ILE A 48 2.38 8.00 -5.43
C ILE A 48 2.26 8.57 -6.83
N LYS A 49 1.26 9.41 -7.05
CA LYS A 49 1.05 10.01 -8.36
C LYS A 49 2.28 10.82 -8.79
N THR A 50 2.76 11.65 -7.89
CA THR A 50 3.93 12.49 -8.18
C THR A 50 5.16 11.63 -8.43
N ALA A 51 5.38 10.65 -7.55
CA ALA A 51 6.52 9.75 -7.68
C ALA A 51 6.46 8.97 -8.98
N MET A 52 5.27 8.53 -9.34
CA MET A 52 5.08 7.77 -10.58
C MET A 52 5.48 8.59 -11.79
N ASP A 53 5.03 9.84 -11.83
CA ASP A 53 5.35 10.72 -12.96
C ASP A 53 6.85 11.03 -13.01
N LYS A 54 7.42 11.36 -11.86
CA LYS A 54 8.84 11.69 -11.79
C LYS A 54 9.69 10.51 -12.23
N MET A 55 9.45 9.35 -11.63
CA MET A 55 10.22 8.16 -11.97
C MET A 55 9.94 7.75 -13.42
N ALA A 56 8.68 7.86 -13.84
CA ALA A 56 8.30 7.49 -15.19
C ALA A 56 9.04 8.36 -16.21
N ARG A 57 9.16 9.64 -15.90
CA ARG A 57 9.86 10.56 -16.80
C ARG A 57 11.32 10.15 -16.97
N SER A 58 11.96 9.80 -15.86
CA SER A 58 13.35 9.38 -15.90
C SER A 58 13.50 8.06 -16.66
N ASN A 59 12.62 7.11 -16.34
CA ASN A 59 12.66 5.81 -16.98
C ASN A 59 11.25 5.34 -17.34
N LYS A 60 11.07 4.90 -18.58
CA LYS A 60 9.77 4.43 -19.04
C LYS A 60 9.36 3.17 -18.29
N SER A 61 10.35 2.37 -17.87
CA SER A 61 10.08 1.15 -17.15
C SER A 61 11.30 0.72 -16.33
N SER A 62 11.06 0.28 -15.10
CA SER A 62 12.15 -0.17 -14.24
C SER A 62 11.62 -1.02 -13.09
N LYS A 63 12.24 -2.18 -12.88
CA LYS A 63 11.82 -3.06 -11.81
C LYS A 63 11.98 -2.39 -10.46
N GLY A 64 13.02 -1.56 -10.34
CA GLY A 64 13.28 -0.84 -9.11
C GLY A 64 12.16 0.15 -8.81
N LYS A 65 11.68 0.81 -9.86
CA LYS A 65 10.61 1.78 -9.70
C LYS A 65 9.37 1.14 -9.10
N LEU A 66 8.98 0.00 -9.65
CA LEU A 66 7.80 -0.70 -9.15
C LEU A 66 8.00 -1.14 -7.71
N GLN A 67 9.17 -1.70 -7.41
CA GLN A 67 9.47 -2.16 -6.07
C GLN A 67 9.47 -1.01 -5.08
N ALA A 68 10.02 0.12 -5.49
CA ALA A 68 10.09 1.29 -4.63
C ALA A 68 8.69 1.78 -4.26
N LEU A 69 7.79 1.75 -5.24
CA LEU A 69 6.42 2.19 -5.01
C LEU A 69 5.73 1.30 -3.98
N ASN A 70 5.95 0.00 -4.09
CA ASN A 70 5.35 -0.95 -3.17
C ASN A 70 5.86 -0.73 -1.75
N MET A 71 7.15 -0.45 -1.63
CA MET A 71 7.74 -0.22 -0.31
C MET A 71 7.26 1.10 0.27
N ALA A 72 7.23 2.15 -0.54
CA ALA A 72 6.80 3.45 -0.07
C ALA A 72 5.34 3.40 0.39
N PHE A 73 4.48 2.79 -0.43
CA PHE A 73 3.06 2.70 -0.09
C PHE A 73 2.87 1.88 1.19
N ALA A 74 3.51 0.71 1.24
CA ALA A 74 3.40 -0.15 2.41
C ALA A 74 3.98 0.52 3.64
N SER A 75 5.08 1.22 3.47
CA SER A 75 5.74 1.89 4.59
C SER A 75 4.81 2.93 5.21
N SER A 76 3.94 3.52 4.39
CA SER A 76 3.03 4.55 4.89
C SER A 76 2.12 3.98 5.98
N MET A 77 1.47 2.87 5.67
CA MET A 77 0.57 2.22 6.62
C MET A 77 1.36 1.40 7.63
N ALA A 78 2.57 1.01 7.25
CA ALA A 78 3.41 0.22 8.14
C ALA A 78 3.72 0.99 9.41
N GLU A 79 4.09 2.26 9.26
CA GLU A 79 4.41 3.09 10.41
C GLU A 79 3.14 3.53 11.13
N ILE A 80 2.08 3.79 10.35
CA ILE A 80 0.81 4.22 10.93
C ILE A 80 0.22 3.13 11.82
N ALA A 81 0.25 1.90 11.32
CA ALA A 81 -0.28 0.77 12.07
C ALA A 81 0.56 0.50 13.31
N ALA A 82 1.88 0.63 13.15
CA ALA A 82 2.79 0.39 14.26
C ALA A 82 2.93 1.64 15.13
N VAL A 83 1.85 2.00 15.81
CA VAL A 83 1.86 3.18 16.68
C VAL A 83 1.35 2.83 18.07
N GLU A 84 1.71 3.65 19.04
CA GLU A 84 1.28 3.41 20.42
C GLU A 84 0.28 4.48 20.87
N GLN A 85 -0.77 4.66 20.07
CA GLN A 85 -1.79 5.65 20.39
C GLN A 85 -2.95 5.00 21.15
N GLY A 86 -2.72 3.80 21.67
CA GLY A 86 -3.76 3.08 22.40
C GLY A 86 -4.70 2.35 21.44
N GLY A 87 -4.22 2.09 20.23
CA GLY A 87 -5.03 1.40 19.24
C GLY A 87 -5.15 -0.09 19.56
N LEU A 88 -5.91 -0.81 18.74
CA LEU A 88 -6.10 -2.24 18.97
C LEU A 88 -4.76 -2.98 18.92
N SER A 89 -4.31 -3.29 17.71
CA SER A 89 -3.05 -4.00 17.55
C SER A 89 -2.53 -3.85 16.12
N VAL A 90 -1.21 -3.82 15.96
CA VAL A 90 -0.62 -3.68 14.65
C VAL A 90 -0.95 -4.90 13.79
N ASP A 91 -1.00 -6.07 14.41
CA ASP A 91 -1.32 -7.29 13.67
C ASP A 91 -2.72 -7.22 13.08
N ALA A 92 -3.68 -6.76 13.87
CA ALA A 92 -5.06 -6.64 13.40
C ALA A 92 -5.16 -5.64 12.25
N LYS A 93 -4.44 -4.53 12.39
CA LYS A 93 -4.46 -3.50 11.36
C LYS A 93 -3.91 -4.04 10.04
N THR A 94 -2.87 -4.86 10.14
CA THR A 94 -2.26 -5.44 8.95
C THR A 94 -3.27 -6.32 8.20
N ASN A 95 -4.00 -7.14 8.95
CA ASN A 95 -4.99 -8.02 8.34
C ASN A 95 -6.07 -7.21 7.65
N ALA A 96 -6.49 -6.11 8.28
CA ALA A 96 -7.52 -5.25 7.72
C ALA A 96 -7.04 -4.66 6.40
N ILE A 97 -5.78 -4.25 6.36
CA ILE A 97 -5.21 -3.65 5.16
C ILE A 97 -5.24 -4.65 4.00
N ALA A 98 -4.87 -5.89 4.29
CA ALA A 98 -4.84 -6.91 3.25
C ALA A 98 -6.23 -7.12 2.65
N ASP A 99 -7.24 -7.18 3.50
CA ASP A 99 -8.62 -7.36 3.04
C ASP A 99 -9.05 -6.19 2.16
N SER A 100 -8.71 -4.98 2.60
CA SER A 100 -9.07 -3.78 1.85
C SER A 100 -8.43 -3.79 0.47
N LEU A 101 -7.16 -4.20 0.41
CA LEU A 101 -6.45 -4.23 -0.87
C LEU A 101 -7.13 -5.18 -1.85
N ASN A 102 -7.58 -6.33 -1.36
CA ASN A 102 -8.25 -7.30 -2.21
C ASN A 102 -9.53 -6.71 -2.81
N SER A 103 -10.28 -6.00 -1.97
CA SER A 103 -11.53 -5.39 -2.42
C SER A 103 -11.26 -4.34 -3.49
N ALA A 104 -10.21 -3.56 -3.29
CA ALA A 104 -9.85 -2.51 -4.24
C ALA A 104 -9.54 -3.12 -5.60
N PHE A 105 -8.84 -4.24 -5.60
CA PHE A 105 -8.48 -4.90 -6.86
C PHE A 105 -9.73 -5.24 -7.66
N TYR A 106 -10.72 -5.83 -7.00
CA TYR A 106 -11.95 -6.21 -7.68
C TYR A 106 -12.63 -4.96 -8.27
N GLN A 107 -12.80 -3.93 -7.47
CA GLN A 107 -13.45 -2.70 -7.94
C GLN A 107 -12.65 -2.06 -9.07
N THR A 108 -11.33 -2.08 -8.93
CA THR A 108 -10.45 -1.50 -9.94
C THR A 108 -10.44 -2.34 -11.22
N THR A 109 -10.62 -3.64 -11.06
CA THR A 109 -10.62 -4.54 -12.22
C THR A 109 -11.71 -5.58 -12.11
N GLY A 110 -11.62 -6.40 -11.05
CA GLY A 110 -12.61 -7.45 -10.83
C GLY A 110 -11.92 -8.80 -10.64
N ALA A 111 -10.62 -8.78 -10.37
CA ALA A 111 -9.87 -10.01 -10.17
C ALA A 111 -9.00 -9.91 -8.93
N ALA A 112 -9.21 -10.81 -7.98
CA ALA A 112 -8.42 -10.82 -6.75
C ALA A 112 -6.96 -11.07 -7.05
N ASN A 113 -6.08 -10.41 -6.32
CA ASN A 113 -4.65 -10.59 -6.51
C ASN A 113 -3.96 -10.78 -5.16
N PRO A 114 -4.07 -11.97 -4.61
CA PRO A 114 -3.46 -12.29 -3.28
C PRO A 114 -1.94 -12.15 -3.29
N GLN A 115 -1.34 -12.37 -4.46
CA GLN A 115 0.12 -12.25 -4.57
C GLN A 115 0.57 -10.83 -4.25
N PHE A 116 -0.12 -9.85 -4.81
CA PHE A 116 0.21 -8.45 -4.56
C PHE A 116 -0.04 -8.10 -3.10
N VAL A 117 -1.18 -8.55 -2.58
CA VAL A 117 -1.54 -8.27 -1.19
C VAL A 117 -0.51 -8.85 -0.24
N ASN A 118 -0.07 -10.07 -0.53
CA ASN A 118 0.92 -10.74 0.31
C ASN A 118 2.21 -9.92 0.36
N GLU A 119 2.59 -9.37 -0.78
CA GLU A 119 3.81 -8.57 -0.86
C GLU A 119 3.65 -7.29 -0.03
N ILE A 120 2.48 -6.68 -0.10
CA ILE A 120 2.23 -5.45 0.64
C ILE A 120 2.33 -5.68 2.15
N ARG A 121 1.68 -6.72 2.63
CA ARG A 121 1.70 -7.03 4.05
C ARG A 121 3.10 -7.48 4.48
N SER A 122 3.82 -8.15 3.58
CA SER A 122 5.17 -8.61 3.89
C SER A 122 6.11 -7.42 4.07
N LEU A 123 5.94 -6.41 3.24
CA LEU A 123 6.77 -5.21 3.32
C LEU A 123 6.55 -4.50 4.64
N ILE A 124 5.29 -4.45 5.09
CA ILE A 124 4.96 -3.81 6.35
C ILE A 124 5.68 -4.50 7.50
N ASN A 125 5.66 -5.83 7.49
CA ASN A 125 6.32 -6.60 8.54
C ASN A 125 7.82 -6.30 8.56
N MET A 126 8.42 -6.21 7.37
CA MET A 126 9.84 -5.90 7.27
C MET A 126 10.12 -4.51 7.82
N PHE A 127 9.30 -3.54 7.44
CA PHE A 127 9.47 -2.17 7.91
C PHE A 127 9.31 -2.11 9.42
N ALA A 128 8.34 -2.84 9.95
CA ALA A 128 8.09 -2.86 11.39
C ALA A 128 9.32 -3.40 12.12
N GLN A 129 9.96 -4.42 11.53
CA GLN A 129 11.15 -5.01 12.14
C GLN A 129 12.41 -4.45 11.50
N SER A 130 12.29 -3.28 10.87
CA SER A 130 13.44 -2.64 10.22
C SER A 130 14.53 -2.35 11.24
N SER A 131 15.77 -2.60 10.84
CA SER A 131 16.91 -2.37 11.72
C SER A 131 16.82 -3.24 12.97
N ALA A 132 16.11 -4.37 12.85
CA ALA A 132 15.97 -5.28 13.97
C ALA A 132 16.57 -6.63 13.63
N ASN A 133 16.12 -7.20 12.52
CA ASN A 133 16.63 -8.50 12.08
C ASN A 133 18.12 -8.42 11.76
N GLU A 134 18.53 -7.34 11.11
CA GLU A 134 19.92 -7.14 10.75
C GLU A 134 20.65 -6.30 11.80
N VAL A 135 21.94 -6.51 11.94
CA VAL A 135 22.74 -5.76 12.90
C VAL A 135 22.10 -5.83 14.28
N SER A 136 22.40 -6.90 15.01
CA SER A 136 21.85 -7.07 16.35
C SER A 136 22.51 -6.10 17.34
N TYR A 137 21.87 -5.88 18.47
CA TYR A 137 22.41 -4.98 19.49
C TYR A 137 21.71 -5.20 20.82
N GLY A 1 5.00 -21.58 -12.73
CA GLY A 1 5.18 -20.22 -13.29
C GLY A 1 5.88 -20.32 -14.65
N SER A 2 5.13 -20.08 -15.72
CA SER A 2 5.70 -20.15 -17.07
C SER A 2 6.79 -19.10 -17.24
N HIS A 3 6.62 -17.95 -16.59
CA HIS A 3 7.60 -16.88 -16.69
C HIS A 3 7.51 -15.97 -15.46
N MET A 4 8.53 -15.14 -15.28
CA MET A 4 8.56 -14.22 -14.14
C MET A 4 7.90 -12.89 -14.51
N GLY A 5 7.00 -12.43 -13.65
CA GLY A 5 6.31 -11.18 -13.88
C GLY A 5 4.89 -11.23 -13.32
N GLN A 6 4.49 -10.16 -12.64
CA GLN A 6 3.15 -10.09 -12.06
C GLN A 6 2.53 -8.72 -12.33
N ASN A 7 1.20 -8.70 -12.40
CA ASN A 7 0.48 -7.46 -12.65
C ASN A 7 0.55 -6.55 -11.44
N THR A 8 0.64 -5.24 -11.68
CA THR A 8 0.70 -4.30 -10.58
C THR A 8 -0.02 -2.99 -10.94
N PRO A 9 -0.73 -2.40 -10.01
CA PRO A 9 -1.48 -1.12 -10.26
C PRO A 9 -0.54 0.06 -10.54
N TRP A 10 0.68 -0.04 -10.03
CA TRP A 10 1.67 1.02 -10.22
C TRP A 10 1.99 1.19 -11.71
N SER A 11 1.65 0.17 -12.50
CA SER A 11 1.92 0.22 -13.94
C SER A 11 1.19 1.40 -14.57
N SER A 12 -0.05 1.64 -14.14
CA SER A 12 -0.83 2.74 -14.67
C SER A 12 -1.15 3.75 -13.58
N THR A 13 -0.86 5.02 -13.85
CA THR A 13 -1.12 6.07 -12.88
C THR A 13 -2.61 6.18 -12.58
N GLU A 14 -3.42 6.13 -13.63
CA GLU A 14 -4.86 6.23 -13.47
C GLU A 14 -5.40 5.08 -12.63
N LEU A 15 -4.88 3.89 -12.89
CA LEU A 15 -5.31 2.70 -12.15
C LEU A 15 -4.91 2.81 -10.68
N ALA A 16 -3.69 3.29 -10.45
CA ALA A 16 -3.18 3.45 -9.09
C ALA A 16 -4.07 4.40 -8.30
N ASP A 17 -4.52 5.46 -8.95
CA ASP A 17 -5.38 6.44 -8.29
C ASP A 17 -6.68 5.79 -7.83
N ALA A 18 -7.30 5.03 -8.73
CA ALA A 18 -8.55 4.34 -8.41
C ALA A 18 -8.35 3.34 -7.29
N PHE A 19 -7.22 2.63 -7.33
CA PHE A 19 -6.92 1.64 -6.31
C PHE A 19 -6.82 2.29 -4.93
N ILE A 20 -6.13 3.42 -4.87
CA ILE A 20 -5.97 4.14 -3.60
C ILE A 20 -7.33 4.62 -3.11
N ASN A 21 -8.13 5.16 -4.01
CA ASN A 21 -9.46 5.65 -3.64
C ASN A 21 -10.30 4.52 -3.05
N ALA A 22 -10.37 3.40 -3.77
CA ALA A 22 -11.14 2.25 -3.31
C ALA A 22 -10.58 1.72 -1.99
N PHE A 23 -9.25 1.70 -1.88
CA PHE A 23 -8.60 1.21 -0.68
C PHE A 23 -9.07 2.00 0.54
N MET A 24 -9.09 3.32 0.40
CA MET A 24 -9.51 4.18 1.50
C MET A 24 -10.96 3.88 1.88
N ASN A 25 -11.81 3.64 0.89
CA ASN A 25 -13.20 3.35 1.16
C ASN A 25 -13.34 2.08 2.00
N GLU A 26 -12.58 1.04 1.63
CA GLU A 26 -12.61 -0.21 2.37
C GLU A 26 -12.06 -0.02 3.77
N ALA A 27 -11.00 0.79 3.89
CA ALA A 27 -10.39 1.04 5.18
C ALA A 27 -11.40 1.72 6.12
N GLY A 28 -12.18 2.63 5.56
CA GLY A 28 -13.19 3.33 6.36
C GLY A 28 -14.23 2.35 6.89
N ARG A 29 -14.61 1.39 6.06
CA ARG A 29 -15.61 0.40 6.46
C ARG A 29 -15.12 -0.43 7.65
N THR A 30 -13.84 -0.79 7.64
CA THR A 30 -13.29 -1.59 8.72
C THR A 30 -13.32 -0.81 10.03
N GLY A 31 -13.03 0.48 9.95
CA GLY A 31 -13.03 1.32 11.14
C GLY A 31 -11.76 1.12 11.96
N ALA A 32 -10.87 0.24 11.50
CA ALA A 32 -9.62 -0.02 12.20
C ALA A 32 -8.79 1.24 12.31
N PHE A 33 -8.80 2.05 11.25
CA PHE A 33 -8.03 3.28 11.24
C PHE A 33 -8.91 4.46 11.62
N THR A 34 -8.29 5.54 12.09
CA THR A 34 -9.03 6.73 12.49
C THR A 34 -8.88 7.83 11.44
N ALA A 35 -9.45 8.99 11.71
CA ALA A 35 -9.37 10.10 10.76
C ALA A 35 -7.92 10.49 10.50
N ASP A 36 -7.13 10.55 11.56
CA ASP A 36 -5.72 10.91 11.42
C ASP A 36 -4.98 9.88 10.58
N GLN A 37 -5.19 8.61 10.88
CA GLN A 37 -4.53 7.54 10.13
C GLN A 37 -4.98 7.53 8.68
N LEU A 38 -6.27 7.75 8.46
CA LEU A 38 -6.82 7.79 7.11
C LEU A 38 -6.22 8.93 6.32
N ASP A 39 -6.03 10.07 6.98
CA ASP A 39 -5.44 11.23 6.32
C ASP A 39 -4.05 10.90 5.79
N ASP A 40 -3.25 10.22 6.61
CA ASP A 40 -1.91 9.86 6.20
C ASP A 40 -1.93 8.92 5.00
N MET A 41 -2.85 7.97 5.02
CA MET A 41 -2.98 7.01 3.93
C MET A 41 -3.46 7.71 2.66
N SER A 42 -4.41 8.64 2.81
CA SER A 42 -4.94 9.37 1.67
C SER A 42 -3.85 10.22 1.02
N THR A 43 -2.99 10.78 1.85
CA THR A 43 -1.89 11.61 1.35
C THR A 43 -0.95 10.78 0.49
N ILE A 44 -0.70 9.56 0.93
CA ILE A 44 0.21 8.68 0.19
C ILE A 44 -0.22 8.61 -1.27
N GLY A 45 -1.51 8.77 -1.51
CA GLY A 45 -2.02 8.69 -2.89
C GLY A 45 -1.42 9.78 -3.75
N ASP A 46 -1.41 11.00 -3.25
CA ASP A 46 -0.86 12.12 -3.99
C ASP A 46 0.65 11.94 -4.17
N THR A 47 1.31 11.42 -3.15
CA THR A 47 2.75 11.21 -3.20
C THR A 47 3.10 10.22 -4.32
N ILE A 48 2.36 9.12 -4.38
CA ILE A 48 2.61 8.11 -5.40
C ILE A 48 2.37 8.69 -6.79
N LYS A 49 1.28 9.42 -6.95
CA LYS A 49 0.95 10.01 -8.25
C LYS A 49 2.06 10.94 -8.71
N THR A 50 2.53 11.79 -7.80
CA THR A 50 3.59 12.73 -8.13
C THR A 50 4.90 12.00 -8.41
N ALA A 51 5.20 11.01 -7.57
CA ALA A 51 6.43 10.23 -7.72
C ALA A 51 6.46 9.51 -9.06
N MET A 52 5.33 8.93 -9.45
CA MET A 52 5.25 8.22 -10.72
C MET A 52 5.48 9.17 -11.89
N ASP A 53 4.93 10.38 -11.78
CA ASP A 53 5.10 11.36 -12.84
C ASP A 53 6.56 11.72 -13.02
N LYS A 54 7.24 11.98 -11.90
CA LYS A 54 8.66 12.34 -11.96
C LYS A 54 9.49 11.18 -12.50
N MET A 55 9.16 9.97 -12.06
CA MET A 55 9.87 8.78 -12.50
C MET A 55 9.67 8.57 -14.00
N ALA A 56 8.45 8.82 -14.48
CA ALA A 56 8.14 8.64 -15.88
C ALA A 56 9.01 9.56 -16.73
N ARG A 57 9.19 10.79 -16.27
CA ARG A 57 10.01 11.76 -17.01
C ARG A 57 11.46 11.30 -17.05
N SER A 58 11.93 10.75 -15.93
CA SER A 58 13.31 10.27 -15.85
C SER A 58 13.44 8.90 -16.51
N ASN A 59 14.65 8.56 -16.93
CA ASN A 59 14.89 7.28 -17.58
C ASN A 59 15.34 6.24 -16.55
N LYS A 60 14.49 5.25 -16.31
CA LYS A 60 14.81 4.19 -15.35
C LYS A 60 14.56 2.82 -15.97
N SER A 61 13.30 2.49 -16.18
CA SER A 61 12.93 1.21 -16.77
C SER A 61 13.64 0.07 -16.04
N SER A 62 13.49 0.02 -14.72
CA SER A 62 14.12 -1.03 -13.92
C SER A 62 13.14 -1.55 -12.88
N LYS A 63 13.34 -2.80 -12.46
CA LYS A 63 12.49 -3.41 -11.45
C LYS A 63 12.59 -2.67 -10.13
N GLY A 64 13.68 -1.93 -9.96
CA GLY A 64 13.89 -1.17 -8.73
C GLY A 64 12.77 -0.16 -8.52
N LYS A 65 12.29 0.45 -9.61
CA LYS A 65 11.21 1.43 -9.51
C LYS A 65 9.97 0.81 -8.90
N LEU A 66 9.58 -0.36 -9.39
CA LEU A 66 8.39 -1.03 -8.87
C LEU A 66 8.56 -1.36 -7.40
N GLN A 67 9.71 -1.93 -7.06
CA GLN A 67 9.98 -2.32 -5.68
C GLN A 67 10.00 -1.10 -4.77
N ALA A 68 10.62 -0.01 -5.25
CA ALA A 68 10.71 1.22 -4.47
C ALA A 68 9.31 1.76 -4.18
N LEU A 69 8.45 1.76 -5.19
CA LEU A 69 7.09 2.27 -5.03
C LEU A 69 6.32 1.40 -4.05
N ASN A 70 6.47 0.09 -4.17
CA ASN A 70 5.76 -0.84 -3.29
C ASN A 70 6.22 -0.67 -1.85
N MET A 71 7.52 -0.46 -1.66
CA MET A 71 8.06 -0.28 -0.33
C MET A 71 7.58 1.03 0.28
N ALA A 72 7.70 2.11 -0.48
CA ALA A 72 7.27 3.42 0.02
C ALA A 72 5.78 3.42 0.31
N PHE A 73 5.00 2.83 -0.59
CA PHE A 73 3.55 2.78 -0.42
C PHE A 73 3.19 2.04 0.87
N ALA A 74 3.77 0.86 1.04
CA ALA A 74 3.51 0.06 2.23
C ALA A 74 4.18 0.67 3.45
N SER A 75 5.23 1.45 3.23
CA SER A 75 5.95 2.08 4.32
C SER A 75 5.06 3.04 5.10
N SER A 76 4.29 3.84 4.37
CA SER A 76 3.40 4.82 5.00
C SER A 76 2.39 4.13 5.91
N MET A 77 1.74 3.11 5.38
CA MET A 77 0.76 2.36 6.17
C MET A 77 1.46 1.47 7.18
N ALA A 78 2.70 1.10 6.89
CA ALA A 78 3.45 0.25 7.80
C ALA A 78 3.68 0.96 9.13
N GLU A 79 4.08 2.22 9.07
CA GLU A 79 4.31 3.00 10.27
C GLU A 79 3.00 3.26 10.99
N ILE A 80 1.95 3.56 10.23
CA ILE A 80 0.65 3.82 10.80
C ILE A 80 0.14 2.60 11.56
N ALA A 81 0.26 1.43 10.95
CA ALA A 81 -0.18 0.19 11.56
C ALA A 81 0.73 -0.19 12.72
N ALA A 82 2.00 0.16 12.60
CA ALA A 82 2.98 -0.16 13.64
C ALA A 82 2.58 0.47 14.97
N VAL A 83 2.09 1.70 14.91
CA VAL A 83 1.66 2.40 16.12
C VAL A 83 0.24 1.99 16.51
N GLU A 84 0.01 1.87 17.81
CA GLU A 84 -1.31 1.48 18.29
C GLU A 84 -2.35 2.53 17.93
N GLN A 85 -1.98 3.81 18.08
CA GLN A 85 -2.89 4.91 17.76
C GLN A 85 -4.16 4.83 18.60
N GLY A 86 -5.15 4.08 18.10
CA GLY A 86 -6.41 3.92 18.81
C GLY A 86 -6.36 2.73 19.77
N GLY A 87 -5.15 2.26 20.06
CA GLY A 87 -4.99 1.12 20.97
C GLY A 87 -5.20 -0.20 20.23
N LEU A 88 -5.08 -0.16 18.90
CA LEU A 88 -5.26 -1.36 18.09
C LEU A 88 -3.91 -1.98 17.75
N SER A 89 -3.84 -3.31 17.84
CA SER A 89 -2.61 -4.02 17.53
C SER A 89 -2.28 -3.91 16.05
N VAL A 90 -0.99 -3.80 15.75
CA VAL A 90 -0.54 -3.68 14.36
C VAL A 90 -0.94 -4.93 13.57
N ASP A 91 -0.93 -6.08 14.24
CA ASP A 91 -1.28 -7.33 13.57
C ASP A 91 -2.72 -7.29 13.07
N ALA A 92 -3.64 -6.89 13.95
CA ALA A 92 -5.05 -6.80 13.58
C ALA A 92 -5.25 -5.77 12.48
N LYS A 93 -4.55 -4.65 12.59
CA LYS A 93 -4.66 -3.58 11.60
C LYS A 93 -4.13 -4.06 10.25
N THR A 94 -3.06 -4.83 10.28
CA THR A 94 -2.46 -5.35 9.05
C THR A 94 -3.44 -6.24 8.31
N ASN A 95 -4.13 -7.11 9.05
CA ASN A 95 -5.10 -8.02 8.44
C ASN A 95 -6.21 -7.23 7.77
N ALA A 96 -6.65 -6.15 8.42
CA ALA A 96 -7.72 -5.32 7.87
C ALA A 96 -7.28 -4.71 6.55
N ILE A 97 -6.02 -4.28 6.48
CA ILE A 97 -5.48 -3.68 5.27
C ILE A 97 -5.51 -4.68 4.12
N ALA A 98 -5.11 -5.91 4.39
CA ALA A 98 -5.09 -6.94 3.36
C ALA A 98 -6.49 -7.19 2.80
N ASP A 99 -7.48 -7.23 3.69
CA ASP A 99 -8.85 -7.46 3.27
C ASP A 99 -9.33 -6.33 2.37
N SER A 100 -8.99 -5.10 2.74
CA SER A 100 -9.39 -3.94 1.96
C SER A 100 -8.75 -3.98 0.58
N LEU A 101 -7.48 -4.38 0.54
CA LEU A 101 -6.75 -4.45 -0.73
C LEU A 101 -7.39 -5.50 -1.65
N ASN A 102 -7.78 -6.63 -1.09
CA ASN A 102 -8.39 -7.70 -1.88
C ASN A 102 -9.68 -7.19 -2.52
N SER A 103 -10.50 -6.51 -1.75
CA SER A 103 -11.76 -5.97 -2.26
C SER A 103 -11.49 -4.86 -3.27
N ALA A 104 -10.46 -4.05 -3.00
CA ALA A 104 -10.11 -2.93 -3.87
C ALA A 104 -9.78 -3.43 -5.27
N PHE A 105 -9.06 -4.55 -5.35
CA PHE A 105 -8.70 -5.10 -6.64
C PHE A 105 -9.95 -5.41 -7.48
N TYR A 106 -10.99 -5.90 -6.82
CA TYR A 106 -12.23 -6.21 -7.51
C TYR A 106 -12.84 -4.96 -8.15
N GLN A 107 -13.05 -3.93 -7.35
CA GLN A 107 -13.64 -2.71 -7.85
C GLN A 107 -12.76 -2.08 -8.93
N THR A 108 -11.45 -2.13 -8.72
CA THR A 108 -10.51 -1.56 -9.68
C THR A 108 -10.48 -2.37 -10.96
N THR A 109 -10.70 -3.68 -10.85
CA THR A 109 -10.68 -4.54 -12.03
C THR A 109 -11.80 -5.57 -11.95
N GLY A 110 -11.74 -6.41 -10.92
CA GLY A 110 -12.75 -7.45 -10.73
C GLY A 110 -12.12 -8.80 -10.47
N ALA A 111 -10.83 -8.80 -10.15
CA ALA A 111 -10.11 -10.05 -9.88
C ALA A 111 -9.24 -9.89 -8.65
N ALA A 112 -9.49 -10.72 -7.64
CA ALA A 112 -8.71 -10.67 -6.40
C ALA A 112 -7.25 -10.97 -6.68
N ASN A 113 -6.36 -10.31 -5.95
CA ASN A 113 -4.93 -10.52 -6.13
C ASN A 113 -4.27 -10.79 -4.77
N PRO A 114 -4.40 -11.98 -4.27
CA PRO A 114 -3.83 -12.38 -2.94
C PRO A 114 -2.32 -12.23 -2.92
N GLN A 115 -1.70 -12.56 -4.03
CA GLN A 115 -0.23 -12.47 -4.14
C GLN A 115 0.23 -11.02 -3.93
N PHE A 116 -0.50 -10.08 -4.53
CA PHE A 116 -0.15 -8.67 -4.40
C PHE A 116 -0.33 -8.21 -2.96
N VAL A 117 -1.43 -8.62 -2.34
CA VAL A 117 -1.72 -8.25 -0.96
C VAL A 117 -0.62 -8.78 -0.04
N ASN A 118 -0.24 -10.04 -0.25
CA ASN A 118 0.80 -10.65 0.57
C ASN A 118 2.11 -9.90 0.40
N GLU A 119 2.40 -9.45 -0.82
CA GLU A 119 3.63 -8.71 -1.07
C GLU A 119 3.67 -7.45 -0.23
N ILE A 120 2.57 -6.72 -0.20
CA ILE A 120 2.49 -5.48 0.59
C ILE A 120 2.53 -5.82 2.08
N ARG A 121 1.83 -6.87 2.45
CA ARG A 121 1.80 -7.30 3.83
C ARG A 121 3.20 -7.63 4.34
N SER A 122 3.97 -8.33 3.51
CA SER A 122 5.32 -8.71 3.89
C SER A 122 6.20 -7.47 4.04
N LEU A 123 6.00 -6.49 3.19
CA LEU A 123 6.78 -5.26 3.25
C LEU A 123 6.54 -4.54 4.58
N ILE A 124 5.28 -4.50 5.01
CA ILE A 124 4.94 -3.86 6.27
C ILE A 124 5.65 -4.54 7.43
N ASN A 125 5.63 -5.86 7.43
CA ASN A 125 6.28 -6.63 8.50
C ASN A 125 7.77 -6.34 8.52
N MET A 126 8.38 -6.29 7.33
CA MET A 126 9.80 -6.02 7.22
C MET A 126 10.12 -4.64 7.77
N PHE A 127 9.32 -3.65 7.38
CA PHE A 127 9.52 -2.29 7.84
C PHE A 127 9.35 -2.21 9.36
N ALA A 128 8.34 -2.90 9.87
CA ALA A 128 8.08 -2.89 11.31
C ALA A 128 9.26 -3.46 12.07
N GLN A 129 9.83 -4.55 11.56
CA GLN A 129 10.97 -5.18 12.21
C GLN A 129 12.20 -4.27 12.16
N SER A 130 12.37 -3.59 11.03
CA SER A 130 13.50 -2.68 10.87
C SER A 130 13.44 -1.55 11.89
N SER A 131 12.25 -0.99 12.07
CA SER A 131 12.06 0.11 13.02
C SER A 131 12.37 -0.37 14.44
N ALA A 132 13.20 0.40 15.13
CA ALA A 132 13.55 0.05 16.51
C ALA A 132 12.61 0.73 17.50
N ASN A 133 11.85 1.72 17.03
CA ASN A 133 10.92 2.45 17.89
C ASN A 133 11.67 3.14 19.03
N GLU A 134 11.87 2.42 20.12
CA GLU A 134 12.57 2.97 21.27
C GLU A 134 13.18 1.84 22.11
N VAL A 135 13.50 0.72 21.46
CA VAL A 135 14.07 -0.41 22.15
C VAL A 135 15.34 -0.89 21.44
N SER A 136 16.45 -0.85 22.15
CA SER A 136 17.72 -1.28 21.59
C SER A 136 17.74 -2.79 21.41
N TYR A 137 18.44 -3.25 20.37
CA TYR A 137 18.53 -4.69 20.10
C TYR A 137 17.14 -5.32 20.10
N GLY A 1 9.31 -5.44 -26.41
CA GLY A 1 7.94 -6.00 -26.18
C GLY A 1 6.99 -4.87 -25.80
N SER A 2 7.31 -4.18 -24.70
CA SER A 2 6.47 -3.08 -24.23
C SER A 2 5.03 -3.54 -24.07
N HIS A 3 4.84 -4.74 -23.52
CA HIS A 3 3.51 -5.28 -23.31
C HIS A 3 2.98 -4.88 -21.94
N MET A 4 2.56 -3.62 -21.83
CA MET A 4 2.02 -3.13 -20.56
C MET A 4 0.52 -2.89 -20.66
N GLY A 5 -0.23 -3.50 -19.75
CA GLY A 5 -1.68 -3.37 -19.74
C GLY A 5 -2.17 -2.90 -18.38
N GLN A 6 -2.88 -3.79 -17.69
CA GLN A 6 -3.40 -3.47 -16.36
C GLN A 6 -2.66 -4.25 -15.29
N ASN A 7 -1.40 -4.57 -15.56
CA ASN A 7 -0.60 -5.32 -14.60
C ASN A 7 -0.31 -4.48 -13.38
N THR A 8 -0.69 -4.98 -12.22
CA THR A 8 -0.46 -4.26 -10.97
C THR A 8 -1.16 -2.90 -10.98
N PRO A 9 -1.41 -2.34 -9.83
CA PRO A 9 -2.08 -1.01 -9.71
C PRO A 9 -1.17 0.13 -10.16
N TRP A 10 0.10 -0.19 -10.42
CA TRP A 10 1.06 0.82 -10.86
C TRP A 10 1.12 0.88 -12.38
N SER A 11 0.32 0.05 -13.06
CA SER A 11 0.32 0.04 -14.52
C SER A 11 0.16 1.45 -15.07
N SER A 12 -0.66 2.25 -14.39
CA SER A 12 -0.89 3.63 -14.83
C SER A 12 -1.29 4.51 -13.65
N THR A 13 -1.07 5.82 -13.79
CA THR A 13 -1.40 6.75 -12.73
C THR A 13 -2.91 6.70 -12.43
N GLU A 14 -3.70 6.54 -13.48
CA GLU A 14 -5.15 6.47 -13.31
C GLU A 14 -5.54 5.26 -12.49
N LEU A 15 -4.87 4.14 -12.75
CA LEU A 15 -5.16 2.90 -12.02
C LEU A 15 -4.71 3.03 -10.57
N ALA A 16 -3.53 3.58 -10.37
CA ALA A 16 -3.00 3.75 -9.02
C ALA A 16 -3.91 4.65 -8.20
N ASP A 17 -4.39 5.72 -8.81
CA ASP A 17 -5.28 6.65 -8.12
C ASP A 17 -6.58 5.95 -7.71
N ALA A 18 -7.14 5.19 -8.65
CA ALA A 18 -8.38 4.47 -8.37
C ALA A 18 -8.18 3.45 -7.27
N PHE A 19 -7.05 2.75 -7.31
CA PHE A 19 -6.74 1.73 -6.31
C PHE A 19 -6.66 2.35 -4.93
N ILE A 20 -5.98 3.47 -4.83
CA ILE A 20 -5.83 4.17 -3.55
C ILE A 20 -7.20 4.59 -3.02
N ASN A 21 -8.03 5.15 -3.91
CA ASN A 21 -9.35 5.60 -3.51
C ASN A 21 -10.19 4.43 -3.00
N ALA A 22 -10.12 3.30 -3.71
CA ALA A 22 -10.86 2.11 -3.32
C ALA A 22 -10.35 1.58 -1.99
N PHE A 23 -9.03 1.59 -1.84
CA PHE A 23 -8.40 1.11 -0.61
C PHE A 23 -8.88 1.92 0.59
N MET A 24 -8.86 3.24 0.47
CA MET A 24 -9.30 4.09 1.55
C MET A 24 -10.75 3.83 1.92
N ASN A 25 -11.61 3.69 0.91
CA ASN A 25 -13.02 3.43 1.16
C ASN A 25 -13.20 2.11 1.91
N GLU A 26 -12.46 1.09 1.48
CA GLU A 26 -12.54 -0.22 2.13
C GLU A 26 -12.02 -0.13 3.56
N ALA A 27 -10.95 0.62 3.75
CA ALA A 27 -10.36 0.78 5.08
C ALA A 27 -11.37 1.43 6.02
N GLY A 28 -12.12 2.39 5.50
CA GLY A 28 -13.12 3.08 6.31
C GLY A 28 -14.20 2.10 6.77
N ARG A 29 -14.57 1.19 5.88
CA ARG A 29 -15.59 0.20 6.21
C ARG A 29 -15.14 -0.69 7.37
N THR A 30 -13.88 -1.07 7.37
CA THR A 30 -13.36 -1.93 8.44
C THR A 30 -13.40 -1.19 9.77
N GLY A 31 -13.12 0.11 9.74
CA GLY A 31 -13.14 0.92 10.95
C GLY A 31 -11.87 0.70 11.77
N ALA A 32 -10.95 -0.12 11.25
CA ALA A 32 -9.70 -0.40 11.93
C ALA A 32 -8.80 0.83 11.92
N PHE A 33 -9.07 1.76 11.00
CA PHE A 33 -8.25 2.95 10.88
C PHE A 33 -9.02 4.17 11.41
N THR A 34 -8.30 5.08 12.06
CA THR A 34 -8.91 6.29 12.61
C THR A 34 -8.94 7.40 11.56
N ALA A 35 -9.61 8.50 11.88
CA ALA A 35 -9.70 9.62 10.96
C ALA A 35 -8.31 10.15 10.63
N ASP A 36 -7.46 10.25 11.65
CA ASP A 36 -6.10 10.75 11.44
C ASP A 36 -5.31 9.79 10.54
N GLN A 37 -5.44 8.49 10.82
CA GLN A 37 -4.73 7.49 10.03
C GLN A 37 -5.19 7.54 8.57
N LEU A 38 -6.48 7.73 8.37
CA LEU A 38 -7.03 7.80 7.02
C LEU A 38 -6.44 8.98 6.27
N ASP A 39 -6.26 10.10 6.96
CA ASP A 39 -5.70 11.30 6.35
C ASP A 39 -4.31 11.00 5.81
N ASP A 40 -3.51 10.29 6.60
CA ASP A 40 -2.14 9.95 6.17
C ASP A 40 -2.18 9.07 4.92
N MET A 41 -3.06 8.08 4.92
CA MET A 41 -3.19 7.19 3.77
C MET A 41 -3.65 7.96 2.55
N SER A 42 -4.58 8.90 2.75
CA SER A 42 -5.09 9.69 1.65
C SER A 42 -3.98 10.55 1.04
N THR A 43 -3.08 11.01 1.91
CA THR A 43 -1.96 11.85 1.47
C THR A 43 -1.04 11.08 0.54
N ILE A 44 -0.77 9.82 0.88
CA ILE A 44 0.10 9.00 0.06
C ILE A 44 -0.43 8.88 -1.35
N GLY A 45 -1.74 9.10 -1.51
CA GLY A 45 -2.34 9.00 -2.83
C GLY A 45 -1.73 10.00 -3.80
N ASP A 46 -1.67 11.26 -3.38
CA ASP A 46 -1.09 12.32 -4.20
C ASP A 46 0.42 12.16 -4.31
N THR A 47 1.04 11.75 -3.20
CA THR A 47 2.48 11.58 -3.16
C THR A 47 2.93 10.50 -4.16
N ILE A 48 2.22 9.39 -4.16
CA ILE A 48 2.55 8.29 -5.06
C ILE A 48 2.39 8.73 -6.51
N LYS A 49 1.30 9.40 -6.81
CA LYS A 49 1.05 9.86 -8.17
C LYS A 49 2.15 10.79 -8.62
N THR A 50 2.54 11.73 -7.76
CA THR A 50 3.60 12.67 -8.09
C THR A 50 4.92 11.93 -8.31
N ALA A 51 5.21 10.98 -7.43
CA ALA A 51 6.44 10.22 -7.54
C ALA A 51 6.49 9.45 -8.86
N MET A 52 5.36 8.87 -9.24
CA MET A 52 5.27 8.12 -10.49
C MET A 52 5.58 9.02 -11.68
N ASP A 53 5.07 10.25 -11.62
CA ASP A 53 5.30 11.20 -12.70
C ASP A 53 6.79 11.45 -12.89
N LYS A 54 7.51 11.60 -11.78
CA LYS A 54 8.95 11.86 -11.86
C LYS A 54 9.68 10.68 -12.51
N MET A 55 9.46 9.49 -11.97
CA MET A 55 10.11 8.29 -12.52
C MET A 55 9.54 7.96 -13.90
N ALA A 56 8.49 8.66 -14.29
CA ALA A 56 7.88 8.42 -15.59
C ALA A 56 8.90 8.62 -16.70
N ARG A 57 9.77 9.61 -16.54
CA ARG A 57 10.79 9.88 -17.54
C ARG A 57 11.76 8.71 -17.65
N SER A 58 12.11 8.12 -16.52
CA SER A 58 13.04 6.99 -16.51
C SER A 58 12.56 5.91 -15.53
N ASN A 59 12.37 4.71 -16.04
CA ASN A 59 11.90 3.61 -15.19
C ASN A 59 13.09 2.87 -14.58
N LYS A 60 12.85 2.20 -13.46
CA LYS A 60 13.90 1.47 -12.78
C LYS A 60 13.88 -0.01 -13.18
N SER A 61 14.44 -0.31 -14.34
CA SER A 61 14.48 -1.67 -14.84
C SER A 61 13.11 -2.33 -14.75
N SER A 62 12.06 -1.51 -14.76
CA SER A 62 10.69 -2.01 -14.67
C SER A 62 10.40 -2.58 -13.28
N LYS A 63 11.03 -3.71 -12.97
CA LYS A 63 10.83 -4.36 -11.68
C LYS A 63 11.29 -3.44 -10.55
N GLY A 64 12.40 -2.73 -10.77
CA GLY A 64 12.93 -1.83 -9.76
C GLY A 64 11.90 -0.75 -9.42
N LYS A 65 11.20 -0.26 -10.44
CA LYS A 65 10.19 0.77 -10.23
C LYS A 65 9.08 0.26 -9.32
N LEU A 66 8.56 -0.92 -9.63
CA LEU A 66 7.49 -1.50 -8.85
C LEU A 66 7.96 -1.75 -7.41
N GLN A 67 9.15 -2.30 -7.27
CA GLN A 67 9.70 -2.58 -5.95
C GLN A 67 9.86 -1.30 -5.14
N ALA A 68 10.41 -0.27 -5.76
CA ALA A 68 10.61 1.01 -5.09
C ALA A 68 9.27 1.61 -4.65
N LEU A 69 8.30 1.57 -5.55
CA LEU A 69 6.98 2.12 -5.25
C LEU A 69 6.31 1.31 -4.15
N ASN A 70 6.43 -0.01 -4.22
CA ASN A 70 5.83 -0.88 -3.23
C ASN A 70 6.44 -0.65 -1.86
N MET A 71 7.76 -0.48 -1.82
CA MET A 71 8.45 -0.25 -0.56
C MET A 71 8.00 1.06 0.08
N ALA A 72 8.05 2.14 -0.69
CA ALA A 72 7.65 3.45 -0.19
C ALA A 72 6.18 3.46 0.22
N PHE A 73 5.34 2.91 -0.65
CA PHE A 73 3.91 2.86 -0.38
C PHE A 73 3.62 2.07 0.88
N ALA A 74 4.20 0.87 0.96
CA ALA A 74 4.00 0.01 2.13
C ALA A 74 4.48 0.70 3.39
N SER A 75 5.58 1.44 3.27
CA SER A 75 6.14 2.15 4.41
C SER A 75 5.12 3.11 5.00
N SER A 76 4.33 3.75 4.14
CA SER A 76 3.33 4.70 4.61
C SER A 76 2.36 4.05 5.60
N MET A 77 1.66 3.03 5.13
CA MET A 77 0.71 2.31 5.96
C MET A 77 1.42 1.48 7.01
N ALA A 78 2.68 1.14 6.73
CA ALA A 78 3.46 0.34 7.67
C ALA A 78 3.63 1.10 8.98
N GLU A 79 3.96 2.38 8.89
CA GLU A 79 4.15 3.21 10.07
C GLU A 79 2.82 3.42 10.79
N ILE A 80 1.77 3.64 10.01
CA ILE A 80 0.44 3.87 10.58
C ILE A 80 -0.01 2.65 11.37
N ALA A 81 0.18 1.47 10.78
CA ALA A 81 -0.20 0.22 11.43
C ALA A 81 0.74 -0.09 12.60
N ALA A 82 1.99 0.36 12.48
CA ALA A 82 2.98 0.11 13.51
C ALA A 82 2.53 0.70 14.84
N VAL A 83 1.96 1.90 14.78
CA VAL A 83 1.48 2.56 15.99
C VAL A 83 0.10 2.06 16.36
N GLU A 84 -0.08 1.70 17.63
CA GLU A 84 -1.37 1.20 18.10
C GLU A 84 -2.41 2.32 18.13
N GLN A 85 -1.98 3.49 18.58
CA GLN A 85 -2.88 4.64 18.67
C GLN A 85 -4.18 4.26 19.34
N GLY A 86 -4.09 3.38 20.33
CA GLY A 86 -5.28 2.92 21.05
C GLY A 86 -5.20 1.43 21.34
N GLY A 87 -6.33 0.84 21.73
CA GLY A 87 -6.38 -0.59 22.03
C GLY A 87 -6.08 -1.42 20.79
N LEU A 88 -6.22 -0.82 19.61
CA LEU A 88 -5.97 -1.52 18.36
C LEU A 88 -4.51 -1.96 18.29
N SER A 89 -4.27 -3.06 17.61
CA SER A 89 -2.91 -3.59 17.48
C SER A 89 -2.48 -3.59 16.01
N VAL A 90 -1.18 -3.51 15.79
CA VAL A 90 -0.66 -3.50 14.43
C VAL A 90 -1.02 -4.79 13.70
N ASP A 91 -1.02 -5.89 14.42
CA ASP A 91 -1.36 -7.18 13.83
C ASP A 91 -2.77 -7.16 13.26
N ALA A 92 -3.71 -6.67 14.07
CA ALA A 92 -5.11 -6.58 13.64
C ALA A 92 -5.25 -5.63 12.46
N LYS A 93 -4.52 -4.52 12.52
CA LYS A 93 -4.57 -3.52 11.46
C LYS A 93 -4.06 -4.11 10.15
N THR A 94 -3.01 -4.91 10.23
CA THR A 94 -2.43 -5.54 9.05
C THR A 94 -3.45 -6.44 8.36
N ASN A 95 -4.17 -7.23 9.16
CA ASN A 95 -5.16 -8.14 8.61
C ASN A 95 -6.25 -7.36 7.87
N ALA A 96 -6.67 -6.25 8.45
CA ALA A 96 -7.70 -5.42 7.85
C ALA A 96 -7.23 -4.85 6.51
N ILE A 97 -5.96 -4.44 6.47
CA ILE A 97 -5.39 -3.89 5.25
C ILE A 97 -5.39 -4.92 4.14
N ALA A 98 -5.05 -6.15 4.48
CA ALA A 98 -5.01 -7.23 3.48
C ALA A 98 -6.39 -7.41 2.85
N ASP A 99 -7.43 -7.41 3.68
CA ASP A 99 -8.80 -7.57 3.19
C ASP A 99 -9.19 -6.39 2.31
N SER A 100 -8.81 -5.19 2.74
CA SER A 100 -9.13 -3.98 1.99
C SER A 100 -8.51 -4.02 0.61
N LEU A 101 -7.24 -4.41 0.55
CA LEU A 101 -6.53 -4.48 -0.73
C LEU A 101 -7.20 -5.48 -1.67
N ASN A 102 -7.60 -6.63 -1.13
CA ASN A 102 -8.24 -7.65 -1.94
C ASN A 102 -9.55 -7.13 -2.54
N SER A 103 -10.31 -6.40 -1.74
CA SER A 103 -11.57 -5.84 -2.20
C SER A 103 -11.34 -4.73 -3.22
N ALA A 104 -10.29 -3.94 -2.99
CA ALA A 104 -9.96 -2.84 -3.89
C ALA A 104 -9.67 -3.36 -5.29
N PHE A 105 -8.93 -4.46 -5.37
CA PHE A 105 -8.59 -5.04 -6.65
C PHE A 105 -9.83 -5.39 -7.45
N TYR A 106 -10.94 -5.62 -6.75
CA TYR A 106 -12.18 -5.96 -7.41
C TYR A 106 -12.86 -4.71 -7.96
N GLN A 107 -12.99 -3.69 -7.10
CA GLN A 107 -13.64 -2.44 -7.50
C GLN A 107 -12.73 -1.65 -8.45
N THR A 108 -11.51 -2.10 -8.63
CA THR A 108 -10.57 -1.41 -9.51
C THR A 108 -10.40 -2.18 -10.81
N THR A 109 -10.62 -3.49 -10.77
CA THR A 109 -10.47 -4.31 -11.97
C THR A 109 -11.51 -5.43 -11.97
N GLY A 110 -11.78 -5.97 -10.80
CA GLY A 110 -12.75 -7.06 -10.66
C GLY A 110 -12.04 -8.40 -10.54
N ALA A 111 -10.77 -8.37 -10.14
CA ALA A 111 -10.01 -9.61 -9.99
C ALA A 111 -9.14 -9.55 -8.74
N ALA A 112 -9.44 -10.41 -7.77
CA ALA A 112 -8.68 -10.45 -6.53
C ALA A 112 -7.22 -10.78 -6.80
N ASN A 113 -6.32 -10.16 -6.05
CA ASN A 113 -4.89 -10.39 -6.22
C ASN A 113 -4.23 -10.63 -4.87
N PRO A 114 -4.40 -11.81 -4.32
CA PRO A 114 -3.82 -12.18 -2.99
C PRO A 114 -2.29 -12.10 -3.00
N GLN A 115 -1.70 -12.37 -4.15
CA GLN A 115 -0.24 -12.32 -4.26
C GLN A 115 0.27 -10.90 -3.99
N PHE A 116 -0.39 -9.92 -4.60
CA PHE A 116 -0.01 -8.53 -4.41
C PHE A 116 -0.18 -8.13 -2.95
N VAL A 117 -1.30 -8.52 -2.36
CA VAL A 117 -1.58 -8.20 -0.97
C VAL A 117 -0.49 -8.75 -0.05
N ASN A 118 -0.06 -9.98 -0.34
CA ASN A 118 0.98 -10.61 0.46
C ASN A 118 2.25 -9.77 0.44
N GLU A 119 2.57 -9.22 -0.72
CA GLU A 119 3.76 -8.40 -0.85
C GLU A 119 3.62 -7.13 0.01
N ILE A 120 2.44 -6.55 0.01
CA ILE A 120 2.20 -5.33 0.79
C ILE A 120 2.37 -5.58 2.28
N ARG A 121 1.72 -6.64 2.77
CA ARG A 121 1.82 -6.98 4.17
C ARG A 121 3.23 -7.43 4.51
N SER A 122 3.90 -8.06 3.55
CA SER A 122 5.26 -8.55 3.76
C SER A 122 6.20 -7.38 4.02
N LEU A 123 6.06 -6.34 3.21
CA LEU A 123 6.92 -5.16 3.35
C LEU A 123 6.68 -4.49 4.70
N ILE A 124 5.42 -4.44 5.12
CA ILE A 124 5.08 -3.83 6.39
C ILE A 124 5.77 -4.56 7.53
N ASN A 125 5.73 -5.89 7.50
CA ASN A 125 6.36 -6.69 8.53
C ASN A 125 7.86 -6.42 8.57
N MET A 126 8.47 -6.28 7.39
CA MET A 126 9.89 -6.01 7.28
C MET A 126 10.22 -4.68 7.96
N PHE A 127 9.44 -3.66 7.65
CA PHE A 127 9.67 -2.34 8.24
C PHE A 127 9.43 -2.38 9.75
N ALA A 128 8.39 -3.09 10.15
CA ALA A 128 8.07 -3.19 11.58
C ALA A 128 9.22 -3.84 12.35
N GLN A 129 9.77 -4.90 11.78
CA GLN A 129 10.89 -5.60 12.42
C GLN A 129 12.11 -4.70 12.49
N SER A 130 12.37 -3.96 11.42
CA SER A 130 13.52 -3.05 11.39
C SER A 130 13.24 -1.81 12.23
N SER A 131 11.98 -1.61 12.61
CA SER A 131 11.61 -0.45 13.41
C SER A 131 11.65 -0.80 14.89
N ALA A 132 12.61 -0.21 15.60
CA ALA A 132 12.74 -0.45 17.04
C ALA A 132 13.49 0.69 17.71
N ASN A 133 13.16 0.95 18.96
CA ASN A 133 13.81 2.02 19.70
C ASN A 133 14.75 1.46 20.76
N GLU A 134 16.06 1.55 20.52
CA GLU A 134 17.04 1.03 21.47
C GLU A 134 18.11 2.08 21.74
N VAL A 135 17.97 2.80 22.84
CA VAL A 135 18.94 3.83 23.21
C VAL A 135 20.22 3.19 23.74
N SER A 136 20.07 2.08 24.44
CA SER A 136 21.22 1.38 25.01
C SER A 136 21.20 -0.09 24.61
N TYR A 137 22.39 -0.68 24.52
CA TYR A 137 22.51 -2.09 24.13
C TYR A 137 21.99 -2.98 25.25
N GLY A 1 -6.72 -17.01 -18.12
CA GLY A 1 -6.16 -15.85 -18.89
C GLY A 1 -4.71 -16.12 -19.23
N SER A 2 -4.47 -16.59 -20.45
CA SER A 2 -3.11 -16.89 -20.90
C SER A 2 -2.25 -15.62 -20.89
N HIS A 3 -2.86 -14.51 -21.30
CA HIS A 3 -2.13 -13.24 -21.34
C HIS A 3 -2.66 -12.30 -20.26
N MET A 4 -1.75 -11.49 -19.71
CA MET A 4 -2.13 -10.54 -18.66
C MET A 4 -2.76 -11.28 -17.48
N GLY A 5 -2.16 -12.40 -17.11
CA GLY A 5 -2.67 -13.19 -15.99
C GLY A 5 -2.64 -12.38 -14.69
N GLN A 6 -1.56 -11.61 -14.51
CA GLN A 6 -1.43 -10.80 -13.30
C GLN A 6 -0.77 -9.46 -13.64
N ASN A 7 -0.98 -8.48 -12.78
CA ASN A 7 -0.41 -7.15 -12.99
C ASN A 7 -0.24 -6.42 -11.66
N THR A 8 0.31 -5.21 -11.73
CA THR A 8 0.53 -4.42 -10.54
C THR A 8 -0.37 -3.17 -10.54
N PRO A 9 -0.96 -2.84 -9.42
CA PRO A 9 -1.84 -1.64 -9.30
C PRO A 9 -1.13 -0.36 -9.73
N TRP A 10 0.19 -0.38 -9.69
CA TRP A 10 0.98 0.79 -10.08
C TRP A 10 1.34 0.73 -11.56
N SER A 11 0.67 -0.15 -12.31
CA SER A 11 0.94 -0.29 -13.73
C SER A 11 0.64 1.02 -14.45
N SER A 12 -0.44 1.68 -14.06
CA SER A 12 -0.82 2.94 -14.69
C SER A 12 -1.10 4.00 -13.63
N THR A 13 -0.87 5.26 -13.98
CA THR A 13 -1.11 6.35 -13.04
C THR A 13 -2.59 6.47 -12.71
N GLU A 14 -3.44 6.32 -13.73
CA GLU A 14 -4.88 6.40 -13.52
C GLU A 14 -5.36 5.24 -12.66
N LEU A 15 -4.82 4.05 -12.91
CA LEU A 15 -5.20 2.87 -12.15
C LEU A 15 -4.78 3.02 -10.69
N ALA A 16 -3.59 3.55 -10.48
CA ALA A 16 -3.07 3.74 -9.13
C ALA A 16 -4.00 4.63 -8.32
N ASP A 17 -4.49 5.69 -8.96
CA ASP A 17 -5.40 6.61 -8.28
C ASP A 17 -6.68 5.90 -7.87
N ALA A 18 -7.23 5.11 -8.78
CA ALA A 18 -8.46 4.37 -8.50
C ALA A 18 -8.25 3.41 -7.34
N PHE A 19 -7.09 2.75 -7.33
CA PHE A 19 -6.77 1.80 -6.26
C PHE A 19 -6.74 2.50 -4.91
N ILE A 20 -6.11 3.66 -4.87
CA ILE A 20 -6.03 4.43 -3.63
C ILE A 20 -7.42 4.82 -3.15
N ASN A 21 -8.26 5.29 -4.07
CA ASN A 21 -9.61 5.69 -3.72
C ASN A 21 -10.39 4.51 -3.15
N ALA A 22 -10.30 3.37 -3.83
CA ALA A 22 -11.00 2.17 -3.38
C ALA A 22 -10.46 1.71 -2.02
N PHE A 23 -9.14 1.77 -1.87
CA PHE A 23 -8.51 1.37 -0.61
C PHE A 23 -9.04 2.21 0.54
N MET A 24 -9.09 3.52 0.35
CA MET A 24 -9.56 4.43 1.38
C MET A 24 -11.01 4.12 1.75
N ASN A 25 -11.83 3.85 0.74
CA ASN A 25 -13.23 3.53 0.97
C ASN A 25 -13.36 2.29 1.84
N GLU A 26 -12.61 1.25 1.50
CA GLU A 26 -12.64 0.01 2.26
C GLU A 26 -12.11 0.24 3.67
N ALA A 27 -11.07 1.05 3.79
CA ALA A 27 -10.46 1.32 5.09
C ALA A 27 -11.48 1.98 6.02
N GLY A 28 -12.26 2.91 5.49
CA GLY A 28 -13.28 3.59 6.27
C GLY A 28 -14.35 2.60 6.74
N ARG A 29 -14.70 1.65 5.87
CA ARG A 29 -15.73 0.68 6.20
C ARG A 29 -15.28 -0.20 7.36
N THR A 30 -14.00 -0.58 7.36
CA THR A 30 -13.47 -1.44 8.42
C THR A 30 -13.53 -0.73 9.76
N GLY A 31 -13.21 0.57 9.75
CA GLY A 31 -13.24 1.35 10.98
C GLY A 31 -11.98 1.12 11.80
N ALA A 32 -11.08 0.27 11.29
CA ALA A 32 -9.84 -0.03 11.98
C ALA A 32 -9.00 1.23 12.14
N PHE A 33 -9.01 2.07 11.11
CA PHE A 33 -8.23 3.30 11.14
C PHE A 33 -9.11 4.49 11.53
N THR A 34 -8.53 5.42 12.27
CA THR A 34 -9.27 6.60 12.72
C THR A 34 -9.13 7.73 11.70
N ALA A 35 -9.74 8.87 12.00
CA ALA A 35 -9.69 10.01 11.09
C ALA A 35 -8.25 10.45 10.86
N ASP A 36 -7.46 10.46 11.92
CA ASP A 36 -6.05 10.86 11.80
C ASP A 36 -5.30 9.92 10.86
N GLN A 37 -5.48 8.61 11.07
CA GLN A 37 -4.81 7.62 10.24
C GLN A 37 -5.27 7.73 8.79
N LEU A 38 -6.56 7.95 8.61
CA LEU A 38 -7.12 8.09 7.27
C LEU A 38 -6.53 9.29 6.55
N ASP A 39 -6.33 10.38 7.28
CA ASP A 39 -5.77 11.59 6.70
C ASP A 39 -4.38 11.31 6.14
N ASP A 40 -3.57 10.58 6.90
CA ASP A 40 -2.23 10.24 6.46
C ASP A 40 -2.28 9.29 5.26
N MET A 41 -3.20 8.33 5.31
CA MET A 41 -3.34 7.36 4.22
C MET A 41 -3.73 8.06 2.93
N SER A 42 -4.63 9.03 3.03
CA SER A 42 -5.08 9.78 1.86
C SER A 42 -3.91 10.53 1.22
N THR A 43 -3.07 11.12 2.06
CA THR A 43 -1.93 11.88 1.57
C THR A 43 -1.00 10.97 0.75
N ILE A 44 -0.79 9.76 1.23
CA ILE A 44 0.08 8.82 0.54
C ILE A 44 -0.33 8.70 -0.93
N GLY A 45 -1.61 8.89 -1.20
CA GLY A 45 -2.11 8.78 -2.56
C GLY A 45 -1.48 9.83 -3.47
N ASP A 46 -1.41 11.05 -2.98
CA ASP A 46 -0.81 12.14 -3.74
C ASP A 46 0.68 11.90 -3.94
N THR A 47 1.33 11.36 -2.91
CA THR A 47 2.76 11.09 -2.98
C THR A 47 3.05 10.08 -4.08
N ILE A 48 2.24 9.02 -4.15
CA ILE A 48 2.44 8.00 -5.16
C ILE A 48 2.25 8.57 -6.57
N LYS A 49 1.20 9.37 -6.74
CA LYS A 49 0.92 9.97 -8.03
C LYS A 49 2.06 10.88 -8.46
N THR A 50 2.60 11.65 -7.52
CA THR A 50 3.70 12.56 -7.82
C THR A 50 4.93 11.77 -8.26
N ALA A 51 5.27 10.73 -7.50
CA ALA A 51 6.44 9.92 -7.82
C ALA A 51 6.25 9.21 -9.15
N MET A 52 5.04 8.72 -9.40
CA MET A 52 4.75 8.01 -10.64
C MET A 52 4.96 8.92 -11.84
N ASP A 53 4.51 10.17 -11.73
CA ASP A 53 4.65 11.11 -12.83
C ASP A 53 6.11 11.36 -13.17
N LYS A 54 6.90 11.71 -12.16
CA LYS A 54 8.32 11.96 -12.35
C LYS A 54 9.05 10.68 -12.77
N MET A 55 8.68 9.58 -12.15
CA MET A 55 9.29 8.29 -12.44
C MET A 55 8.88 7.80 -13.83
N ALA A 56 7.79 8.36 -14.36
CA ALA A 56 7.31 7.97 -15.67
C ALA A 56 8.35 8.25 -16.75
N ARG A 57 8.99 9.42 -16.65
CA ARG A 57 10.02 9.80 -17.61
C ARG A 57 11.40 9.33 -17.14
N SER A 58 11.57 9.26 -15.82
CA SER A 58 12.84 8.84 -15.26
C SER A 58 12.71 7.47 -14.58
N ASN A 59 13.57 6.54 -14.97
CA ASN A 59 13.53 5.20 -14.39
C ASN A 59 14.91 4.55 -14.46
N LYS A 60 15.04 3.40 -13.82
CA LYS A 60 16.31 2.68 -13.82
C LYS A 60 16.08 1.18 -13.76
N SER A 61 17.03 0.41 -14.29
CA SER A 61 16.92 -1.04 -14.29
C SER A 61 15.66 -1.48 -15.04
N SER A 62 14.55 -1.62 -14.31
CA SER A 62 13.29 -2.03 -14.92
C SER A 62 12.23 -2.23 -13.85
N LYS A 63 12.22 -3.40 -13.23
CA LYS A 63 11.26 -3.70 -12.19
C LYS A 63 11.71 -3.13 -10.84
N GLY A 64 12.93 -2.60 -10.81
CA GLY A 64 13.47 -2.03 -9.58
C GLY A 64 12.59 -0.89 -9.07
N LYS A 65 12.15 -0.04 -9.99
CA LYS A 65 11.30 1.08 -9.62
C LYS A 65 9.96 0.60 -9.09
N LEU A 66 9.50 -0.53 -9.61
CA LEU A 66 8.23 -1.09 -9.17
C LEU A 66 8.30 -1.52 -7.71
N GLN A 67 9.40 -2.18 -7.36
CA GLN A 67 9.59 -2.66 -6.00
C GLN A 67 9.65 -1.47 -5.02
N ALA A 68 10.31 -0.40 -5.46
CA ALA A 68 10.44 0.78 -4.62
C ALA A 68 9.07 1.38 -4.30
N LEU A 69 8.21 1.44 -5.32
CA LEU A 69 6.88 1.98 -5.12
C LEU A 69 6.08 1.14 -4.13
N ASN A 70 6.19 -0.18 -4.27
CA ASN A 70 5.47 -1.09 -3.39
C ASN A 70 5.92 -0.92 -1.93
N MET A 71 7.24 -0.83 -1.74
CA MET A 71 7.79 -0.66 -0.41
C MET A 71 7.40 0.70 0.15
N ALA A 72 7.42 1.72 -0.70
CA ALA A 72 7.08 3.07 -0.26
C ALA A 72 5.65 3.11 0.27
N PHE A 73 4.73 2.55 -0.48
CA PHE A 73 3.33 2.51 -0.06
C PHE A 73 3.17 1.74 1.24
N ALA A 74 3.78 0.56 1.30
CA ALA A 74 3.72 -0.27 2.49
C ALA A 74 4.35 0.44 3.67
N SER A 75 5.41 1.21 3.40
CA SER A 75 6.11 1.93 4.45
C SER A 75 5.17 2.90 5.17
N SER A 76 4.39 3.64 4.39
CA SER A 76 3.45 4.59 4.97
C SER A 76 2.42 3.89 5.84
N MET A 77 1.85 2.81 5.30
CA MET A 77 0.85 2.06 6.04
C MET A 77 1.46 1.39 7.26
N ALA A 78 2.67 0.86 7.09
CA ALA A 78 3.36 0.18 8.18
C ALA A 78 3.60 1.14 9.34
N GLU A 79 4.05 2.35 9.02
CA GLU A 79 4.31 3.34 10.05
C GLU A 79 3.03 3.71 10.77
N ILE A 80 1.95 3.90 10.02
CA ILE A 80 0.66 4.25 10.60
C ILE A 80 0.14 3.11 11.48
N ALA A 81 0.24 1.89 10.98
CA ALA A 81 -0.22 0.73 11.72
C ALA A 81 0.59 0.54 12.98
N ALA A 82 1.90 0.77 12.88
CA ALA A 82 2.79 0.61 14.02
C ALA A 82 2.97 1.93 14.75
N VAL A 83 1.93 2.34 15.47
CA VAL A 83 1.98 3.58 16.24
C VAL A 83 1.76 3.31 17.72
N GLU A 84 2.25 4.21 18.56
CA GLU A 84 2.11 4.05 20.00
C GLU A 84 0.89 4.83 20.50
N GLN A 85 -0.27 4.20 20.47
CA GLN A 85 -1.50 4.84 20.91
C GLN A 85 -2.57 3.80 21.21
N GLY A 86 -3.59 4.20 21.95
CA GLY A 86 -4.69 3.29 22.30
C GLY A 86 -5.49 2.91 21.06
N GLY A 87 -6.07 1.71 21.07
CA GLY A 87 -6.86 1.24 19.95
C GLY A 87 -6.49 -0.19 19.59
N LEU A 88 -6.73 -0.57 18.34
CA LEU A 88 -6.42 -1.92 17.89
C LEU A 88 -4.92 -2.09 17.68
N SER A 89 -4.44 -3.30 17.90
CA SER A 89 -3.02 -3.59 17.74
C SER A 89 -2.62 -3.55 16.27
N VAL A 90 -1.31 -3.46 16.01
CA VAL A 90 -0.83 -3.41 14.64
C VAL A 90 -1.24 -4.67 13.87
N ASP A 91 -1.32 -5.79 14.58
CA ASP A 91 -1.70 -7.04 13.95
C ASP A 91 -3.10 -6.95 13.38
N ALA A 92 -4.02 -6.36 14.15
CA ALA A 92 -5.39 -6.20 13.70
C ALA A 92 -5.47 -5.30 12.47
N LYS A 93 -4.71 -4.20 12.51
CA LYS A 93 -4.68 -3.26 11.40
C LYS A 93 -4.10 -3.92 10.15
N THR A 94 -3.07 -4.74 10.36
CA THR A 94 -2.42 -5.42 9.24
C THR A 94 -3.41 -6.31 8.50
N ASN A 95 -4.21 -7.06 9.26
CA ASN A 95 -5.20 -7.95 8.67
C ASN A 95 -6.28 -7.15 7.93
N ALA A 96 -6.70 -6.04 8.53
CA ALA A 96 -7.72 -5.20 7.93
C ALA A 96 -7.23 -4.62 6.61
N ILE A 97 -5.97 -4.20 6.58
CA ILE A 97 -5.40 -3.62 5.37
C ILE A 97 -5.41 -4.63 4.23
N ALA A 98 -5.02 -5.87 4.53
CA ALA A 98 -4.97 -6.90 3.51
C ALA A 98 -6.36 -7.15 2.92
N ASP A 99 -7.37 -7.14 3.78
CA ASP A 99 -8.75 -7.35 3.34
C ASP A 99 -9.17 -6.26 2.37
N SER A 100 -8.84 -5.01 2.69
CA SER A 100 -9.19 -3.89 1.84
C SER A 100 -8.39 -3.93 0.54
N LEU A 101 -7.18 -4.49 0.60
CA LEU A 101 -6.34 -4.58 -0.59
C LEU A 101 -7.01 -5.43 -1.67
N ASN A 102 -7.44 -6.62 -1.29
CA ASN A 102 -8.09 -7.53 -2.23
C ASN A 102 -9.39 -6.91 -2.75
N SER A 103 -10.13 -6.26 -1.87
CA SER A 103 -11.39 -5.63 -2.25
C SER A 103 -11.15 -4.53 -3.28
N ALA A 104 -10.12 -3.73 -3.05
CA ALA A 104 -9.80 -2.63 -3.96
C ALA A 104 -9.47 -3.17 -5.36
N PHE A 105 -8.73 -4.27 -5.40
CA PHE A 105 -8.35 -4.86 -6.67
C PHE A 105 -9.58 -5.21 -7.50
N TYR A 106 -10.58 -5.83 -6.86
CA TYR A 106 -11.78 -6.21 -7.55
C TYR A 106 -12.49 -4.98 -8.13
N GLN A 107 -12.69 -3.97 -7.29
CA GLN A 107 -13.35 -2.75 -7.73
C GLN A 107 -12.55 -2.06 -8.84
N THR A 108 -11.24 -2.08 -8.71
CA THR A 108 -10.37 -1.46 -9.70
C THR A 108 -10.33 -2.28 -10.98
N THR A 109 -10.45 -3.60 -10.84
CA THR A 109 -10.41 -4.48 -12.00
C THR A 109 -11.52 -5.52 -11.92
N GLY A 110 -11.46 -6.37 -10.91
CA GLY A 110 -12.47 -7.42 -10.75
C GLY A 110 -11.83 -8.79 -10.59
N ALA A 111 -10.53 -8.80 -10.27
CA ALA A 111 -9.81 -10.05 -10.09
C ALA A 111 -8.92 -9.98 -8.86
N ALA A 112 -9.17 -10.86 -7.90
CA ALA A 112 -8.38 -10.89 -6.68
C ALA A 112 -6.92 -11.17 -7.00
N ASN A 113 -6.02 -10.47 -6.31
CA ASN A 113 -4.59 -10.64 -6.53
C ASN A 113 -3.87 -10.87 -5.20
N PRO A 114 -4.01 -12.05 -4.64
CA PRO A 114 -3.36 -12.39 -3.35
C PRO A 114 -1.85 -12.36 -3.44
N GLN A 115 -1.32 -12.62 -4.64
CA GLN A 115 0.13 -12.62 -4.83
C GLN A 115 0.71 -11.24 -4.57
N PHE A 116 0.09 -10.22 -5.15
CA PHE A 116 0.53 -8.84 -4.94
C PHE A 116 0.31 -8.41 -3.49
N VAL A 117 -0.87 -8.76 -2.96
CA VAL A 117 -1.21 -8.40 -1.59
C VAL A 117 -0.19 -9.00 -0.62
N ASN A 118 0.14 -10.27 -0.83
CA ASN A 118 1.10 -10.94 0.04
C ASN A 118 2.44 -10.20 0.04
N GLU A 119 2.84 -9.72 -1.14
CA GLU A 119 4.09 -8.97 -1.26
C GLU A 119 4.07 -7.76 -0.35
N ILE A 120 2.92 -7.10 -0.28
CA ILE A 120 2.77 -5.92 0.58
C ILE A 120 2.97 -6.30 2.03
N ARG A 121 2.47 -7.49 2.41
CA ARG A 121 2.58 -7.94 3.79
C ARG A 121 4.05 -8.03 4.19
N SER A 122 4.88 -8.56 3.30
CA SER A 122 6.31 -8.67 3.56
C SER A 122 6.93 -7.30 3.76
N LEU A 123 6.51 -6.34 2.94
CA LEU A 123 7.05 -4.99 3.02
C LEU A 123 6.78 -4.38 4.39
N ILE A 124 5.57 -4.54 4.87
CA ILE A 124 5.19 -4.03 6.19
C ILE A 124 5.96 -4.77 7.28
N ASN A 125 6.12 -6.08 7.09
CA ASN A 125 6.82 -6.91 8.07
C ASN A 125 8.24 -6.41 8.25
N MET A 126 8.88 -6.05 7.13
CA MET A 126 10.26 -5.56 7.18
C MET A 126 10.35 -4.28 7.99
N PHE A 127 9.40 -3.38 7.76
CA PHE A 127 9.39 -2.11 8.48
C PHE A 127 9.05 -2.32 9.95
N ALA A 128 8.08 -3.19 10.22
CA ALA A 128 7.67 -3.47 11.59
C ALA A 128 8.83 -4.09 12.38
N GLN A 129 9.51 -5.05 11.77
CA GLN A 129 10.63 -5.70 12.42
C GLN A 129 11.76 -4.73 12.66
N SER A 130 12.05 -3.89 11.67
CA SER A 130 13.12 -2.91 11.78
C SER A 130 14.46 -3.59 12.02
N SER A 131 14.74 -3.94 13.28
CA SER A 131 15.99 -4.60 13.62
C SER A 131 17.19 -3.74 13.26
N ALA A 132 17.73 -3.94 12.06
CA ALA A 132 18.88 -3.19 11.61
C ALA A 132 18.50 -2.28 10.45
N ASN A 133 17.30 -2.47 9.91
CA ASN A 133 16.84 -1.66 8.79
C ASN A 133 17.83 -1.74 7.63
N GLU A 134 18.38 -2.94 7.41
CA GLU A 134 19.33 -3.13 6.33
C GLU A 134 20.49 -2.16 6.44
N VAL A 135 20.83 -1.79 7.69
CA VAL A 135 21.92 -0.85 7.94
C VAL A 135 21.50 0.57 7.58
N SER A 136 20.36 0.72 6.88
CA SER A 136 19.88 2.02 6.47
C SER A 136 19.36 2.78 7.67
N TYR A 137 19.50 4.10 7.62
CA TYR A 137 19.03 4.95 8.72
C TYR A 137 18.44 6.25 8.17
N GLY A 1 -11.66 -4.04 -18.13
CA GLY A 1 -10.25 -3.59 -18.22
C GLY A 1 -9.87 -3.36 -19.67
N SER A 2 -9.19 -2.24 -19.93
CA SER A 2 -8.77 -1.91 -21.28
C SER A 2 -7.82 -2.97 -21.83
N HIS A 3 -6.93 -3.46 -20.97
CA HIS A 3 -5.97 -4.48 -21.37
C HIS A 3 -6.22 -5.77 -20.61
N MET A 4 -6.33 -6.88 -21.36
CA MET A 4 -6.57 -8.17 -20.74
C MET A 4 -5.40 -8.55 -19.83
N GLY A 5 -4.19 -8.26 -20.28
CA GLY A 5 -3.00 -8.57 -19.50
C GLY A 5 -2.88 -7.64 -18.29
N GLN A 6 -2.20 -8.11 -17.25
CA GLN A 6 -2.02 -7.30 -16.04
C GLN A 6 -0.65 -7.56 -15.43
N ASN A 7 0.08 -6.49 -15.14
CA ASN A 7 1.41 -6.61 -14.55
C ASN A 7 1.40 -6.16 -13.10
N THR A 8 1.16 -4.86 -12.91
CA THR A 8 1.13 -4.31 -11.56
C THR A 8 0.20 -3.09 -11.50
N PRO A 9 -0.44 -2.85 -10.37
CA PRO A 9 -1.35 -1.67 -10.19
C PRO A 9 -0.63 -0.35 -10.46
N TRP A 10 0.69 -0.36 -10.33
CA TRP A 10 1.49 0.84 -10.56
C TRP A 10 1.80 1.02 -12.04
N SER A 11 1.26 0.14 -12.87
CA SER A 11 1.50 0.21 -14.32
C SER A 11 0.96 1.52 -14.89
N SER A 12 -0.19 1.95 -14.38
CA SER A 12 -0.79 3.20 -14.86
C SER A 12 -1.06 4.15 -13.69
N THR A 13 -0.95 5.44 -13.95
CA THR A 13 -1.20 6.43 -12.90
C THR A 13 -2.67 6.46 -12.52
N GLU A 14 -3.55 6.33 -13.51
CA GLU A 14 -4.98 6.35 -13.26
C GLU A 14 -5.40 5.11 -12.45
N LEU A 15 -4.81 3.97 -12.79
CA LEU A 15 -5.14 2.73 -12.09
C LEU A 15 -4.74 2.84 -10.63
N ALA A 16 -3.55 3.37 -10.37
CA ALA A 16 -3.07 3.52 -9.00
C ALA A 16 -3.98 4.46 -8.22
N ASP A 17 -4.40 5.55 -8.87
CA ASP A 17 -5.27 6.51 -8.21
C ASP A 17 -6.59 5.87 -7.82
N ALA A 18 -7.16 5.07 -8.71
CA ALA A 18 -8.41 4.40 -8.44
C ALA A 18 -8.25 3.38 -7.31
N PHE A 19 -7.12 2.67 -7.34
CA PHE A 19 -6.84 1.66 -6.32
C PHE A 19 -6.74 2.31 -4.94
N ILE A 20 -6.04 3.43 -4.87
CA ILE A 20 -5.88 4.15 -3.62
C ILE A 20 -7.24 4.58 -3.08
N ASN A 21 -8.08 5.12 -3.95
CA ASN A 21 -9.40 5.56 -3.53
C ASN A 21 -10.22 4.39 -2.99
N ALA A 22 -10.16 3.26 -3.68
CA ALA A 22 -10.89 2.07 -3.25
C ALA A 22 -10.35 1.56 -1.92
N PHE A 23 -9.03 1.60 -1.78
CA PHE A 23 -8.39 1.14 -0.56
C PHE A 23 -8.88 1.93 0.65
N MET A 24 -8.91 3.24 0.51
CA MET A 24 -9.37 4.11 1.59
C MET A 24 -10.82 3.80 1.94
N ASN A 25 -11.64 3.58 0.91
CA ASN A 25 -13.04 3.28 1.15
C ASN A 25 -13.20 2.01 1.97
N GLU A 26 -12.47 0.96 1.60
CA GLU A 26 -12.53 -0.30 2.32
C GLU A 26 -12.00 -0.14 3.74
N ALA A 27 -10.92 0.62 3.88
CA ALA A 27 -10.33 0.85 5.20
C ALA A 27 -11.33 1.54 6.11
N GLY A 28 -12.06 2.49 5.56
CA GLY A 28 -13.06 3.22 6.34
C GLY A 28 -14.15 2.27 6.83
N ARG A 29 -14.54 1.33 5.98
CA ARG A 29 -15.58 0.36 6.33
C ARG A 29 -15.16 -0.50 7.51
N THR A 30 -13.89 -0.89 7.54
CA THR A 30 -13.40 -1.73 8.63
C THR A 30 -13.44 -0.97 9.95
N GLY A 31 -13.10 0.32 9.89
CA GLY A 31 -13.11 1.14 11.09
C GLY A 31 -11.87 0.89 11.95
N ALA A 32 -10.99 0.01 11.48
CA ALA A 32 -9.78 -0.31 12.21
C ALA A 32 -8.90 0.93 12.37
N PHE A 33 -8.84 1.74 11.33
CA PHE A 33 -8.03 2.96 11.36
C PHE A 33 -8.87 4.14 11.83
N THR A 34 -8.22 5.30 11.98
CA THR A 34 -8.92 6.49 12.43
C THR A 34 -8.75 7.61 11.40
N ALA A 35 -9.34 8.77 11.67
CA ALA A 35 -9.24 9.89 10.75
C ALA A 35 -7.80 10.32 10.54
N ASP A 36 -7.03 10.38 11.61
CA ASP A 36 -5.63 10.78 11.52
C ASP A 36 -4.85 9.79 10.66
N GLN A 37 -5.01 8.50 10.95
CA GLN A 37 -4.30 7.47 10.19
C GLN A 37 -4.75 7.47 8.74
N LEU A 38 -6.05 7.62 8.52
CA LEU A 38 -6.60 7.66 7.17
C LEU A 38 -6.06 8.87 6.42
N ASP A 39 -5.92 9.99 7.11
CA ASP A 39 -5.42 11.19 6.47
C ASP A 39 -4.04 10.95 5.86
N ASP A 40 -3.17 10.29 6.63
CA ASP A 40 -1.83 10.00 6.12
C ASP A 40 -1.89 9.11 4.89
N MET A 41 -2.76 8.10 4.93
CA MET A 41 -2.91 7.21 3.79
C MET A 41 -3.48 7.95 2.59
N SER A 42 -4.40 8.87 2.84
CA SER A 42 -5.00 9.65 1.77
C SER A 42 -3.94 10.47 1.04
N THR A 43 -3.06 11.10 1.81
CA THR A 43 -2.00 11.92 1.23
C THR A 43 -1.03 11.04 0.43
N ILE A 44 -0.93 9.78 0.82
CA ILE A 44 -0.03 8.87 0.14
C ILE A 44 -0.36 8.81 -1.35
N GLY A 45 -1.64 8.99 -1.67
CA GLY A 45 -2.07 8.95 -3.06
C GLY A 45 -1.42 10.07 -3.87
N ASP A 46 -1.43 11.27 -3.32
CA ASP A 46 -0.84 12.41 -4.00
C ASP A 46 0.66 12.21 -4.15
N THR A 47 1.28 11.70 -3.09
CA THR A 47 2.72 11.46 -3.11
C THR A 47 3.09 10.48 -4.21
N ILE A 48 2.32 9.40 -4.31
CA ILE A 48 2.57 8.38 -5.31
C ILE A 48 2.40 8.97 -6.71
N LYS A 49 1.37 9.79 -6.89
CA LYS A 49 1.11 10.39 -8.18
C LYS A 49 2.29 11.21 -8.65
N THR A 50 2.84 12.03 -7.77
CA THR A 50 3.99 12.85 -8.11
C THR A 50 5.20 11.98 -8.44
N ALA A 51 5.44 10.99 -7.59
CA ALA A 51 6.58 10.10 -7.78
C ALA A 51 6.46 9.37 -9.11
N MET A 52 5.26 8.94 -9.45
CA MET A 52 5.03 8.23 -10.71
C MET A 52 5.39 9.11 -11.90
N ASP A 53 4.97 10.37 -11.85
CA ASP A 53 5.25 11.29 -12.95
C ASP A 53 6.75 11.56 -13.08
N LYS A 54 7.38 11.94 -11.97
CA LYS A 54 8.81 12.24 -11.98
C LYS A 54 9.63 11.01 -12.37
N MET A 55 9.26 9.88 -11.78
CA MET A 55 9.95 8.61 -12.06
C MET A 55 9.68 8.17 -13.50
N ALA A 56 8.45 8.41 -13.97
CA ALA A 56 8.07 8.01 -15.31
C ALA A 56 8.97 8.66 -16.33
N ARG A 57 9.35 9.91 -16.08
CA ARG A 57 10.22 10.63 -16.99
C ARG A 57 11.55 9.90 -17.14
N SER A 58 12.06 9.34 -16.04
CA SER A 58 13.32 8.61 -16.08
C SER A 58 13.09 7.13 -16.34
N ASN A 59 14.13 6.44 -16.79
CA ASN A 59 14.03 5.01 -17.07
C ASN A 59 15.31 4.29 -16.63
N LYS A 60 15.88 4.71 -15.51
CA LYS A 60 17.11 4.10 -15.01
C LYS A 60 16.89 2.62 -14.73
N SER A 61 15.81 2.30 -14.04
CA SER A 61 15.52 0.90 -13.72
C SER A 61 14.02 0.70 -13.53
N SER A 62 13.39 -0.03 -14.46
CA SER A 62 11.97 -0.29 -14.36
C SER A 62 11.64 -1.13 -13.13
N LYS A 63 12.48 -2.13 -12.87
CA LYS A 63 12.27 -3.00 -11.72
C LYS A 63 12.44 -2.22 -10.41
N GLY A 64 13.39 -1.28 -10.41
CA GLY A 64 13.64 -0.46 -9.23
C GLY A 64 12.43 0.41 -8.92
N LYS A 65 11.81 0.96 -9.96
CA LYS A 65 10.65 1.81 -9.78
C LYS A 65 9.51 1.05 -9.14
N LEU A 66 9.22 -0.14 -9.67
CA LEU A 66 8.14 -0.95 -9.13
C LEU A 66 8.40 -1.31 -7.68
N GLN A 67 9.61 -1.75 -7.39
CA GLN A 67 9.97 -2.14 -6.03
C GLN A 67 9.92 -0.93 -5.10
N ALA A 68 10.40 0.21 -5.58
CA ALA A 68 10.42 1.42 -4.78
C ALA A 68 9.00 1.85 -4.42
N LEU A 69 8.11 1.79 -5.39
CA LEU A 69 6.71 2.18 -5.16
C LEU A 69 6.04 1.23 -4.19
N ASN A 70 6.32 -0.06 -4.34
CA ASN A 70 5.73 -1.07 -3.46
C ASN A 70 6.16 -0.86 -2.02
N MET A 71 7.44 -0.52 -1.83
CA MET A 71 7.96 -0.30 -0.49
C MET A 71 7.42 0.99 0.10
N ALA A 72 7.52 2.08 -0.66
CA ALA A 72 7.04 3.37 -0.19
C ALA A 72 5.54 3.33 0.09
N PHE A 73 4.79 2.69 -0.81
CA PHE A 73 3.35 2.60 -0.67
C PHE A 73 2.99 1.89 0.64
N ALA A 74 3.60 0.74 0.87
CA ALA A 74 3.35 -0.01 2.08
C ALA A 74 4.02 0.65 3.29
N SER A 75 5.05 1.44 3.02
CA SER A 75 5.78 2.13 4.09
C SER A 75 4.88 3.09 4.85
N SER A 76 4.04 3.82 4.11
CA SER A 76 3.15 4.79 4.74
C SER A 76 2.21 4.09 5.73
N MET A 77 1.60 3.00 5.29
CA MET A 77 0.70 2.26 6.17
C MET A 77 1.48 1.42 7.17
N ALA A 78 2.70 1.06 6.80
CA ALA A 78 3.53 0.25 7.67
C ALA A 78 3.83 0.98 8.98
N GLU A 79 4.21 2.25 8.86
CA GLU A 79 4.52 3.05 10.04
C GLU A 79 3.22 3.42 10.77
N ILE A 80 2.17 3.68 10.01
CA ILE A 80 0.88 4.02 10.60
C ILE A 80 0.35 2.87 11.46
N ALA A 81 0.42 1.66 10.92
CA ALA A 81 -0.06 0.49 11.64
C ALA A 81 0.80 0.23 12.87
N ALA A 82 2.11 0.41 12.71
CA ALA A 82 3.04 0.19 13.82
C ALA A 82 3.06 1.39 14.75
N VAL A 83 1.93 1.63 15.41
CA VAL A 83 1.83 2.75 16.34
C VAL A 83 1.29 2.29 17.69
N GLU A 84 1.62 3.03 18.74
CA GLU A 84 1.16 2.69 20.08
C GLU A 84 0.24 3.78 20.62
N GLN A 85 -1.06 3.60 20.41
CA GLN A 85 -2.04 4.56 20.89
C GLN A 85 -2.76 4.03 22.13
N GLY A 86 -2.18 3.00 22.75
CA GLY A 86 -2.79 2.41 23.94
C GLY A 86 -3.89 1.41 23.55
N GLY A 87 -3.93 1.04 22.27
CA GLY A 87 -4.93 0.09 21.79
C GLY A 87 -4.74 -0.18 20.30
N LEU A 88 -5.62 -1.00 19.74
CA LEU A 88 -5.54 -1.34 18.32
C LEU A 88 -4.19 -1.97 17.99
N SER A 89 -4.12 -3.30 18.14
CA SER A 89 -2.88 -4.01 17.85
C SER A 89 -2.52 -3.89 16.37
N VAL A 90 -1.23 -3.87 16.08
CA VAL A 90 -0.77 -3.76 14.71
C VAL A 90 -1.18 -4.99 13.90
N ASP A 91 -1.22 -6.13 14.56
CA ASP A 91 -1.60 -7.37 13.89
C ASP A 91 -3.02 -7.29 13.37
N ALA A 92 -3.94 -6.82 14.20
CA ALA A 92 -5.33 -6.70 13.80
C ALA A 92 -5.48 -5.74 12.63
N LYS A 93 -4.77 -4.62 12.70
CA LYS A 93 -4.81 -3.63 11.64
C LYS A 93 -4.26 -4.20 10.34
N THR A 94 -3.20 -4.99 10.45
CA THR A 94 -2.57 -5.59 9.28
C THR A 94 -3.57 -6.47 8.54
N ASN A 95 -4.32 -7.27 9.28
CA ASN A 95 -5.30 -8.16 8.67
C ASN A 95 -6.36 -7.35 7.93
N ALA A 96 -6.79 -6.25 8.54
CA ALA A 96 -7.80 -5.39 7.93
C ALA A 96 -7.28 -4.79 6.62
N ILE A 97 -6.02 -4.37 6.63
CA ILE A 97 -5.42 -3.77 5.45
C ILE A 97 -5.41 -4.76 4.30
N ALA A 98 -5.02 -6.00 4.59
CA ALA A 98 -4.97 -7.02 3.56
C ALA A 98 -6.35 -7.25 2.95
N ASP A 99 -7.38 -7.30 3.79
CA ASP A 99 -8.74 -7.51 3.32
C ASP A 99 -9.17 -6.38 2.41
N SER A 100 -8.82 -5.15 2.78
CA SER A 100 -9.17 -3.98 1.99
C SER A 100 -8.50 -4.04 0.62
N LEU A 101 -7.25 -4.48 0.60
CA LEU A 101 -6.50 -4.58 -0.64
C LEU A 101 -7.17 -5.55 -1.61
N ASN A 102 -7.65 -6.68 -1.09
CA ASN A 102 -8.31 -7.66 -1.93
C ASN A 102 -9.57 -7.08 -2.58
N SER A 103 -10.34 -6.35 -1.79
CA SER A 103 -11.55 -5.72 -2.28
C SER A 103 -11.23 -4.67 -3.34
N ALA A 104 -10.17 -3.91 -3.09
CA ALA A 104 -9.77 -2.87 -4.02
C ALA A 104 -9.41 -3.47 -5.37
N PHE A 105 -8.70 -4.58 -5.36
CA PHE A 105 -8.31 -5.24 -6.61
C PHE A 105 -9.54 -5.60 -7.43
N TYR A 106 -10.55 -6.14 -6.77
CA TYR A 106 -11.76 -6.52 -7.48
C TYR A 106 -12.49 -5.27 -8.00
N GLN A 107 -12.55 -4.23 -7.17
CA GLN A 107 -13.23 -3.00 -7.58
C GLN A 107 -12.38 -2.19 -8.57
N THR A 108 -11.16 -2.64 -8.81
CA THR A 108 -10.26 -1.95 -9.73
C THR A 108 -9.95 -2.82 -10.94
N THR A 109 -10.22 -4.12 -10.83
CA THR A 109 -9.94 -5.03 -11.94
C THR A 109 -11.02 -6.09 -12.04
N GLY A 110 -11.57 -6.49 -10.90
CA GLY A 110 -12.62 -7.50 -10.87
C GLY A 110 -12.04 -8.89 -10.61
N ALA A 111 -10.78 -8.94 -10.19
CA ALA A 111 -10.13 -10.22 -9.91
C ALA A 111 -9.29 -10.12 -8.64
N ALA A 112 -9.50 -11.07 -7.73
CA ALA A 112 -8.75 -11.10 -6.48
C ALA A 112 -7.27 -11.30 -6.75
N ASN A 113 -6.43 -10.67 -5.93
CA ASN A 113 -4.98 -10.80 -6.10
C ASN A 113 -4.30 -11.02 -4.74
N PRO A 114 -4.45 -12.19 -4.20
CA PRO A 114 -3.86 -12.55 -2.86
C PRO A 114 -2.35 -12.43 -2.86
N GLN A 115 -1.73 -12.86 -3.95
CA GLN A 115 -0.28 -12.80 -4.06
C GLN A 115 0.22 -11.37 -3.92
N PHE A 116 -0.45 -10.44 -4.59
CA PHE A 116 -0.08 -9.04 -4.51
C PHE A 116 -0.28 -8.51 -3.10
N VAL A 117 -1.39 -8.92 -2.48
CA VAL A 117 -1.71 -8.48 -1.13
C VAL A 117 -0.62 -8.91 -0.15
N ASN A 118 -0.18 -10.16 -0.27
CA ASN A 118 0.87 -10.67 0.59
C ASN A 118 2.15 -9.87 0.42
N GLU A 119 2.43 -9.47 -0.82
CA GLU A 119 3.63 -8.70 -1.10
C GLU A 119 3.63 -7.40 -0.29
N ILE A 120 2.49 -6.71 -0.27
CA ILE A 120 2.37 -5.47 0.49
C ILE A 120 2.43 -5.77 1.98
N ARG A 121 1.75 -6.82 2.39
CA ARG A 121 1.74 -7.23 3.80
C ARG A 121 3.16 -7.53 4.27
N SER A 122 3.92 -8.21 3.43
CA SER A 122 5.29 -8.55 3.77
C SER A 122 6.13 -7.30 3.98
N LEU A 123 5.90 -6.29 3.15
CA LEU A 123 6.65 -5.04 3.25
C LEU A 123 6.38 -4.38 4.60
N ILE A 124 5.12 -4.41 5.04
CA ILE A 124 4.74 -3.82 6.31
C ILE A 124 5.47 -4.53 7.44
N ASN A 125 5.48 -5.85 7.40
CA ASN A 125 6.16 -6.63 8.44
C ASN A 125 7.65 -6.29 8.48
N MET A 126 8.26 -6.19 7.31
CA MET A 126 9.67 -5.86 7.22
C MET A 126 9.94 -4.49 7.84
N PHE A 127 9.12 -3.52 7.47
CA PHE A 127 9.29 -2.17 8.00
C PHE A 127 9.07 -2.16 9.51
N ALA A 128 8.07 -2.91 9.97
CA ALA A 128 7.78 -2.97 11.40
C ALA A 128 8.96 -3.54 12.17
N GLN A 129 9.57 -4.60 11.63
CA GLN A 129 10.73 -5.21 12.27
C GLN A 129 11.94 -4.30 12.22
N SER A 130 12.10 -3.60 11.10
CA SER A 130 13.23 -2.70 10.93
C SER A 130 13.20 -1.60 11.99
N SER A 131 12.00 -1.08 12.28
CA SER A 131 11.85 -0.04 13.29
C SER A 131 10.50 -0.14 13.96
N ALA A 132 10.47 0.06 15.27
CA ALA A 132 9.23 -0.01 16.02
C ALA A 132 9.42 0.53 17.43
N ASN A 133 9.99 -0.29 18.31
CA ASN A 133 10.22 0.13 19.69
C ASN A 133 11.66 0.60 19.88
N GLU A 134 12.56 0.06 19.08
CA GLU A 134 13.97 0.42 19.16
C GLU A 134 14.70 0.10 17.86
N VAL A 135 15.84 0.74 17.64
CA VAL A 135 16.62 0.50 16.43
C VAL A 135 17.25 -0.88 16.46
N SER A 136 17.49 -1.40 17.67
CA SER A 136 18.09 -2.71 17.82
C SER A 136 19.43 -2.78 17.10
N TYR A 137 20.31 -1.85 17.42
CA TYR A 137 21.63 -1.80 16.80
C TYR A 137 22.50 -2.95 17.30
N GLY A 1 -11.03 -17.58 -22.93
CA GLY A 1 -10.52 -18.65 -22.03
C GLY A 1 -9.73 -18.01 -20.89
N SER A 2 -8.72 -17.22 -21.24
CA SER A 2 -7.90 -16.55 -20.23
C SER A 2 -7.41 -15.20 -20.74
N HIS A 3 -7.38 -14.22 -19.85
CA HIS A 3 -6.94 -12.88 -20.23
C HIS A 3 -5.95 -12.34 -19.20
N MET A 4 -4.93 -11.63 -19.69
CA MET A 4 -3.92 -11.06 -18.80
C MET A 4 -3.24 -9.87 -19.45
N GLY A 5 -2.60 -9.04 -18.65
CA GLY A 5 -1.91 -7.87 -19.16
C GLY A 5 -1.49 -6.93 -18.03
N GLN A 6 -2.45 -6.59 -17.18
CA GLN A 6 -2.17 -5.70 -16.05
C GLN A 6 -2.20 -6.48 -14.74
N ASN A 7 -1.02 -6.71 -14.17
CA ASN A 7 -0.92 -7.43 -12.90
C ASN A 7 -0.38 -6.51 -11.81
N THR A 8 0.24 -5.41 -12.22
CA THR A 8 0.80 -4.46 -11.27
C THR A 8 -0.11 -3.22 -11.13
N PRO A 9 -0.68 -3.00 -9.96
CA PRO A 9 -1.58 -1.82 -9.72
C PRO A 9 -0.89 -0.50 -10.10
N TRP A 10 0.44 -0.49 -10.08
CA TRP A 10 1.20 0.70 -10.41
C TRP A 10 1.52 0.75 -11.90
N SER A 11 0.77 -0.01 -12.69
CA SER A 11 0.99 -0.05 -14.14
C SER A 11 0.80 1.33 -14.76
N SER A 12 -0.26 2.02 -14.34
CA SER A 12 -0.56 3.35 -14.86
C SER A 12 -1.07 4.26 -13.74
N THR A 13 -0.97 5.57 -13.95
CA THR A 13 -1.40 6.53 -12.95
C THR A 13 -2.90 6.38 -12.69
N GLU A 14 -3.65 6.11 -13.75
CA GLU A 14 -5.09 5.93 -13.62
C GLU A 14 -5.41 4.71 -12.76
N LEU A 15 -4.57 3.69 -12.87
CA LEU A 15 -4.77 2.47 -12.09
C LEU A 15 -4.36 2.70 -10.64
N ALA A 16 -3.22 3.33 -10.45
CA ALA A 16 -2.74 3.60 -9.09
C ALA A 16 -3.71 4.50 -8.34
N ASP A 17 -4.21 5.52 -9.02
CA ASP A 17 -5.15 6.45 -8.39
C ASP A 17 -6.43 5.73 -7.99
N ALA A 18 -6.97 4.92 -8.90
CA ALA A 18 -8.19 4.18 -8.62
C ALA A 18 -7.99 3.23 -7.45
N PHE A 19 -6.83 2.57 -7.42
CA PHE A 19 -6.51 1.62 -6.36
C PHE A 19 -6.50 2.33 -5.01
N ILE A 20 -5.84 3.48 -4.95
CA ILE A 20 -5.77 4.26 -3.72
C ILE A 20 -7.16 4.68 -3.27
N ASN A 21 -7.97 5.17 -4.21
CA ASN A 21 -9.32 5.60 -3.88
C ASN A 21 -10.15 4.44 -3.35
N ALA A 22 -10.08 3.30 -4.02
CA ALA A 22 -10.83 2.12 -3.60
C ALA A 22 -10.33 1.61 -2.26
N PHE A 23 -9.01 1.64 -2.09
CA PHE A 23 -8.39 1.18 -0.84
C PHE A 23 -8.89 2.01 0.33
N MET A 24 -8.89 3.33 0.16
CA MET A 24 -9.34 4.23 1.21
C MET A 24 -10.80 3.95 1.58
N ASN A 25 -11.63 3.69 0.57
CA ASN A 25 -13.03 3.41 0.82
C ASN A 25 -13.18 2.17 1.70
N GLU A 26 -12.41 1.13 1.39
CA GLU A 26 -12.46 -0.10 2.17
C GLU A 26 -11.96 0.15 3.60
N ALA A 27 -10.89 0.94 3.71
CA ALA A 27 -10.32 1.25 5.02
C ALA A 27 -11.35 1.98 5.88
N GLY A 28 -12.07 2.90 5.27
CA GLY A 28 -13.08 3.66 5.99
C GLY A 28 -14.16 2.74 6.54
N ARG A 29 -14.55 1.75 5.75
CA ARG A 29 -15.58 0.80 6.16
C ARG A 29 -15.14 -0.01 7.37
N THR A 30 -13.87 -0.42 7.39
CA THR A 30 -13.36 -1.21 8.49
C THR A 30 -13.39 -0.42 9.79
N GLY A 31 -13.04 0.86 9.71
CA GLY A 31 -13.04 1.73 10.88
C GLY A 31 -11.79 1.47 11.74
N ALA A 32 -10.95 0.53 11.31
CA ALA A 32 -9.75 0.20 12.04
C ALA A 32 -8.83 1.41 12.14
N PHE A 33 -8.76 2.19 11.06
CA PHE A 33 -7.91 3.36 11.02
C PHE A 33 -8.72 4.62 11.38
N THR A 34 -8.35 5.25 12.49
CA THR A 34 -9.05 6.46 12.93
C THR A 34 -8.92 7.55 11.88
N ALA A 35 -9.49 8.71 12.18
CA ALA A 35 -9.44 9.84 11.25
C ALA A 35 -7.99 10.25 10.98
N ASP A 36 -7.19 10.27 12.04
CA ASP A 36 -5.79 10.65 11.89
C ASP A 36 -5.05 9.68 10.96
N GLN A 37 -5.29 8.38 11.16
CA GLN A 37 -4.65 7.37 10.34
C GLN A 37 -5.12 7.46 8.89
N LEU A 38 -6.42 7.68 8.71
CA LEU A 38 -7.00 7.79 7.37
C LEU A 38 -6.40 8.99 6.64
N ASP A 39 -6.21 10.09 7.38
CA ASP A 39 -5.65 11.29 6.77
C ASP A 39 -4.28 11.02 6.19
N ASP A 40 -3.42 10.38 6.98
CA ASP A 40 -2.08 10.05 6.51
C ASP A 40 -2.14 9.07 5.33
N MET A 41 -3.06 8.12 5.41
CA MET A 41 -3.22 7.13 4.35
C MET A 41 -3.63 7.81 3.05
N SER A 42 -4.53 8.78 3.15
CA SER A 42 -4.99 9.51 1.96
C SER A 42 -3.84 10.28 1.33
N THR A 43 -2.99 10.87 2.17
CA THR A 43 -1.86 11.64 1.68
C THR A 43 -0.95 10.77 0.82
N ILE A 44 -0.72 9.54 1.25
CA ILE A 44 0.14 8.62 0.52
C ILE A 44 -0.29 8.57 -0.95
N GLY A 45 -1.58 8.81 -1.20
CA GLY A 45 -2.09 8.80 -2.56
C GLY A 45 -1.43 9.87 -3.41
N ASP A 46 -1.25 11.06 -2.84
CA ASP A 46 -0.63 12.16 -3.56
C ASP A 46 0.86 11.92 -3.75
N THR A 47 1.48 11.30 -2.75
CA THR A 47 2.90 11.00 -2.82
C THR A 47 3.20 10.04 -3.96
N ILE A 48 2.38 9.00 -4.09
CA ILE A 48 2.56 8.01 -5.14
C ILE A 48 2.36 8.65 -6.50
N LYS A 49 1.33 9.49 -6.61
CA LYS A 49 1.04 10.16 -7.88
C LYS A 49 2.23 11.01 -8.31
N THR A 50 2.82 11.73 -7.37
CA THR A 50 3.97 12.57 -7.68
C THR A 50 5.13 11.73 -8.21
N ALA A 51 5.41 10.63 -7.51
CA ALA A 51 6.50 9.74 -7.93
C ALA A 51 6.23 9.16 -9.31
N MET A 52 4.98 8.75 -9.53
CA MET A 52 4.59 8.18 -10.82
C MET A 52 4.77 9.20 -11.94
N ASP A 53 4.40 10.44 -11.65
CA ASP A 53 4.51 11.51 -12.64
C ASP A 53 5.96 11.69 -13.08
N LYS A 54 6.86 11.66 -12.10
CA LYS A 54 8.28 11.82 -12.39
C LYS A 54 8.78 10.67 -13.27
N MET A 55 8.31 9.47 -12.98
CA MET A 55 8.71 8.29 -13.74
C MET A 55 8.27 8.42 -15.21
N ALA A 56 7.06 8.93 -15.41
CA ALA A 56 6.55 9.10 -16.76
C ALA A 56 7.43 10.05 -17.56
N ARG A 57 7.84 11.13 -16.92
CA ARG A 57 8.70 12.11 -17.58
C ARG A 57 10.06 11.50 -17.92
N SER A 58 10.56 10.68 -17.00
CA SER A 58 11.86 10.03 -17.20
C SER A 58 11.83 9.15 -18.44
N ASN A 59 10.73 8.44 -18.64
CA ASN A 59 10.59 7.56 -19.79
C ASN A 59 11.67 6.50 -19.79
N LYS A 60 11.91 5.91 -18.63
CA LYS A 60 12.93 4.86 -18.50
C LYS A 60 12.29 3.56 -18.03
N SER A 61 12.81 2.44 -18.54
CA SER A 61 12.29 1.13 -18.15
C SER A 61 13.21 0.46 -17.13
N SER A 62 12.65 0.15 -15.96
CA SER A 62 13.42 -0.49 -14.91
C SER A 62 12.50 -1.18 -13.91
N LYS A 63 13.06 -2.12 -13.14
CA LYS A 63 12.27 -2.83 -12.14
C LYS A 63 12.50 -2.22 -10.76
N GLY A 64 13.59 -1.49 -10.60
CA GLY A 64 13.91 -0.86 -9.32
C GLY A 64 12.84 0.15 -8.94
N LYS A 65 12.37 0.91 -9.94
CA LYS A 65 11.35 1.93 -9.69
C LYS A 65 10.07 1.27 -9.16
N LEU A 66 9.74 0.11 -9.70
CA LEU A 66 8.54 -0.60 -9.26
C LEU A 66 8.67 -1.04 -7.81
N GLN A 67 9.84 -1.58 -7.47
CA GLN A 67 10.08 -2.04 -6.11
C GLN A 67 10.03 -0.86 -5.14
N ALA A 68 10.59 0.27 -5.56
CA ALA A 68 10.61 1.46 -4.72
C ALA A 68 9.19 1.91 -4.40
N LEU A 69 8.31 1.86 -5.39
CA LEU A 69 6.93 2.27 -5.19
C LEU A 69 6.25 1.37 -4.17
N ASN A 70 6.45 0.06 -4.30
CA ASN A 70 5.84 -0.88 -3.38
C ASN A 70 6.38 -0.69 -1.97
N MET A 71 7.68 -0.46 -1.86
CA MET A 71 8.31 -0.27 -0.57
C MET A 71 7.83 1.02 0.08
N ALA A 72 7.77 2.09 -0.72
CA ALA A 72 7.32 3.38 -0.21
C ALA A 72 5.88 3.31 0.28
N PHE A 73 5.02 2.69 -0.52
CA PHE A 73 3.61 2.56 -0.14
C PHE A 73 3.46 1.74 1.13
N ALA A 74 4.13 0.59 1.16
CA ALA A 74 4.07 -0.29 2.32
C ALA A 74 4.63 0.41 3.54
N SER A 75 5.69 1.20 3.35
CA SER A 75 6.32 1.91 4.45
C SER A 75 5.33 2.87 5.09
N SER A 76 4.56 3.57 4.27
CA SER A 76 3.58 4.53 4.78
C SER A 76 2.53 3.81 5.63
N MET A 77 2.10 2.63 5.17
CA MET A 77 1.10 1.88 5.90
C MET A 77 1.69 1.24 7.15
N ALA A 78 2.94 0.80 7.03
CA ALA A 78 3.63 0.16 8.14
C ALA A 78 3.80 1.10 9.32
N GLU A 79 4.22 2.33 9.04
CA GLU A 79 4.42 3.32 10.10
C GLU A 79 3.08 3.76 10.67
N ILE A 80 2.08 3.90 9.80
CA ILE A 80 0.75 4.31 10.24
C ILE A 80 0.12 3.25 11.13
N ALA A 81 0.22 2.00 10.69
CA ALA A 81 -0.34 0.89 11.46
C ALA A 81 0.38 0.73 12.79
N ALA A 82 1.70 0.88 12.76
CA ALA A 82 2.50 0.74 13.96
C ALA A 82 2.40 1.99 14.83
N VAL A 83 1.19 2.30 15.28
CA VAL A 83 0.99 3.48 16.12
C VAL A 83 0.17 3.11 17.35
N GLU A 84 0.32 3.89 18.42
CA GLU A 84 -0.42 3.63 19.65
C GLU A 84 -1.14 4.89 20.11
N GLN A 85 -2.41 5.01 19.76
CA GLN A 85 -3.21 6.17 20.13
C GLN A 85 -4.70 5.86 20.06
N GLY A 86 -5.17 5.55 18.86
CA GLY A 86 -6.57 5.23 18.66
C GLY A 86 -6.97 4.01 19.46
N GLY A 87 -6.09 3.01 19.49
CA GLY A 87 -6.35 1.78 20.22
C GLY A 87 -6.02 0.56 19.37
N LEU A 88 -6.51 -0.61 19.80
CA LEU A 88 -6.27 -1.84 19.07
C LEU A 88 -4.77 -2.14 18.99
N SER A 89 -4.39 -3.00 18.05
CA SER A 89 -2.99 -3.37 17.89
C SER A 89 -2.62 -3.38 16.41
N VAL A 90 -1.35 -3.16 16.11
CA VAL A 90 -0.88 -3.12 14.74
C VAL A 90 -1.28 -4.40 14.01
N ASP A 91 -1.38 -5.50 14.76
CA ASP A 91 -1.77 -6.78 14.17
C ASP A 91 -3.16 -6.69 13.55
N ALA A 92 -4.09 -6.12 14.31
CA ALA A 92 -5.46 -5.97 13.84
C ALA A 92 -5.51 -5.09 12.59
N LYS A 93 -4.71 -4.03 12.60
CA LYS A 93 -4.67 -3.10 11.46
C LYS A 93 -4.15 -3.81 10.22
N THR A 94 -3.15 -4.67 10.40
CA THR A 94 -2.56 -5.39 9.28
C THR A 94 -3.61 -6.26 8.60
N ASN A 95 -4.38 -6.98 9.39
CA ASN A 95 -5.43 -7.84 8.84
C ASN A 95 -6.47 -7.00 8.10
N ALA A 96 -6.82 -5.85 8.68
CA ALA A 96 -7.81 -4.97 8.07
C ALA A 96 -7.30 -4.47 6.72
N ILE A 97 -6.03 -4.10 6.66
CA ILE A 97 -5.43 -3.61 5.43
C ILE A 97 -5.48 -4.69 4.36
N ALA A 98 -5.15 -5.92 4.75
CA ALA A 98 -5.14 -7.03 3.81
C ALA A 98 -6.54 -7.23 3.21
N ASP A 99 -7.56 -7.14 4.05
CA ASP A 99 -8.94 -7.30 3.58
C ASP A 99 -9.30 -6.21 2.58
N SER A 100 -8.95 -4.97 2.92
CA SER A 100 -9.23 -3.85 2.03
C SER A 100 -8.45 -3.98 0.73
N LEU A 101 -7.22 -4.47 0.84
CA LEU A 101 -6.37 -4.63 -0.34
C LEU A 101 -7.05 -5.51 -1.39
N ASN A 102 -7.37 -6.73 -1.02
CA ASN A 102 -8.01 -7.65 -1.96
C ASN A 102 -9.32 -7.07 -2.47
N SER A 103 -10.04 -6.40 -1.59
CA SER A 103 -11.32 -5.80 -1.96
C SER A 103 -11.14 -4.74 -3.04
N ALA A 104 -10.13 -3.88 -2.83
CA ALA A 104 -9.84 -2.83 -3.80
C ALA A 104 -9.40 -3.41 -5.12
N PHE A 105 -8.59 -4.48 -5.06
CA PHE A 105 -8.10 -5.11 -6.27
C PHE A 105 -9.26 -5.56 -7.17
N TYR A 106 -10.29 -6.13 -6.55
CA TYR A 106 -11.43 -6.61 -7.31
C TYR A 106 -12.12 -5.44 -8.01
N GLN A 107 -12.44 -4.39 -7.25
CA GLN A 107 -13.10 -3.23 -7.84
C GLN A 107 -12.22 -2.58 -8.91
N THR A 108 -10.93 -2.52 -8.65
CA THR A 108 -9.99 -1.91 -9.58
C THR A 108 -9.81 -2.77 -10.83
N THR A 109 -9.88 -4.09 -10.67
CA THR A 109 -9.69 -4.98 -11.81
C THR A 109 -10.77 -6.05 -11.84
N GLY A 110 -10.83 -6.84 -10.78
CA GLY A 110 -11.80 -7.92 -10.68
C GLY A 110 -11.22 -9.17 -10.03
N ALA A 111 -9.96 -9.08 -9.60
CA ALA A 111 -9.30 -10.21 -8.96
C ALA A 111 -8.61 -9.75 -7.69
N ALA A 112 -8.73 -10.52 -6.62
CA ALA A 112 -8.10 -10.17 -5.34
C ALA A 112 -6.61 -10.00 -5.48
N ASN A 113 -6.02 -10.85 -6.30
CA ASN A 113 -4.59 -10.84 -6.54
C ASN A 113 -3.84 -11.08 -5.24
N PRO A 114 -3.94 -12.28 -4.71
CA PRO A 114 -3.28 -12.64 -3.43
C PRO A 114 -1.77 -12.50 -3.51
N GLN A 115 -1.20 -12.69 -4.69
CA GLN A 115 0.24 -12.57 -4.87
C GLN A 115 0.71 -11.16 -4.55
N PHE A 116 0.03 -10.17 -5.12
CA PHE A 116 0.37 -8.78 -4.87
C PHE A 116 0.02 -8.37 -3.45
N VAL A 117 -1.14 -8.84 -2.99
CA VAL A 117 -1.61 -8.51 -1.65
C VAL A 117 -0.61 -9.00 -0.60
N ASN A 118 -0.15 -10.23 -0.77
CA ASN A 118 0.82 -10.82 0.15
C ASN A 118 2.12 -10.03 0.12
N GLU A 119 2.52 -9.59 -1.07
CA GLU A 119 3.75 -8.84 -1.21
C GLU A 119 3.72 -7.58 -0.36
N ILE A 120 2.61 -6.87 -0.40
CA ILE A 120 2.47 -5.64 0.40
C ILE A 120 2.44 -5.99 1.89
N ARG A 121 1.71 -7.05 2.23
CA ARG A 121 1.63 -7.48 3.62
C ARG A 121 3.01 -7.80 4.18
N SER A 122 3.82 -8.50 3.38
CA SER A 122 5.16 -8.85 3.80
C SER A 122 5.99 -7.60 4.07
N LEU A 123 5.84 -6.60 3.21
CA LEU A 123 6.60 -5.36 3.35
C LEU A 123 6.29 -4.69 4.69
N ILE A 124 5.01 -4.71 5.08
CA ILE A 124 4.61 -4.11 6.34
C ILE A 124 5.28 -4.84 7.50
N ASN A 125 5.29 -6.16 7.44
CA ASN A 125 5.91 -6.97 8.48
C ASN A 125 7.40 -6.64 8.58
N MET A 126 8.05 -6.49 7.44
CA MET A 126 9.46 -6.16 7.41
C MET A 126 9.72 -4.84 8.11
N PHE A 127 8.90 -3.83 7.79
CA PHE A 127 9.05 -2.53 8.41
C PHE A 127 8.79 -2.63 9.91
N ALA A 128 7.77 -3.38 10.28
CA ALA A 128 7.42 -3.55 11.69
C ALA A 128 8.58 -4.19 12.46
N GLN A 129 9.20 -5.20 11.84
CA GLN A 129 10.32 -5.88 12.48
C GLN A 129 11.50 -4.95 12.66
N SER A 130 11.77 -4.13 11.64
CA SER A 130 12.89 -3.20 11.70
C SER A 130 12.66 -2.16 12.79
N SER A 131 11.42 -1.70 12.91
CA SER A 131 11.08 -0.69 13.91
C SER A 131 9.73 -1.01 14.54
N ALA A 132 9.66 -0.92 15.86
CA ALA A 132 8.41 -1.19 16.57
C ALA A 132 8.05 -0.04 17.50
N ASN A 133 9.01 0.37 18.32
CA ASN A 133 8.80 1.47 19.26
C ASN A 133 9.89 2.52 19.10
N GLU A 134 10.48 2.59 17.91
CA GLU A 134 11.53 3.57 17.65
C GLU A 134 12.66 3.41 18.65
N VAL A 135 12.97 2.17 19.00
CA VAL A 135 14.05 1.90 19.96
C VAL A 135 15.41 2.19 19.33
N SER A 136 15.47 2.15 18.00
CA SER A 136 16.72 2.41 17.30
C SER A 136 17.19 3.84 17.56
N TYR A 137 18.49 4.00 17.75
CA TYR A 137 19.06 5.32 18.01
C TYR A 137 18.35 5.99 19.18
N GLY A 1 -0.97 -19.16 -21.11
CA GLY A 1 0.32 -19.12 -20.37
C GLY A 1 0.07 -18.69 -18.92
N SER A 2 1.11 -18.17 -18.28
CA SER A 2 0.99 -17.73 -16.90
C SER A 2 1.44 -16.27 -16.76
N HIS A 3 0.81 -15.56 -15.84
CA HIS A 3 1.15 -14.15 -15.62
C HIS A 3 1.64 -13.93 -14.19
N MET A 4 2.90 -13.54 -14.06
CA MET A 4 3.49 -13.29 -12.74
C MET A 4 4.11 -11.89 -12.68
N GLY A 5 3.49 -11.01 -11.91
CA GLY A 5 3.98 -9.65 -11.77
C GLY A 5 3.54 -8.78 -12.96
N GLN A 6 2.86 -9.40 -13.92
CA GLN A 6 2.39 -8.68 -15.09
C GLN A 6 1.34 -7.64 -14.70
N ASN A 7 0.48 -8.00 -13.75
CA ASN A 7 -0.57 -7.09 -13.30
C ASN A 7 -0.11 -6.33 -12.07
N THR A 8 -0.19 -5.00 -12.13
CA THR A 8 0.22 -4.18 -11.02
C THR A 8 -0.60 -2.88 -10.96
N PRO A 9 -0.94 -2.42 -9.79
CA PRO A 9 -1.73 -1.17 -9.61
C PRO A 9 -0.95 0.08 -10.01
N TRP A 10 0.36 -0.05 -10.09
CA TRP A 10 1.21 1.07 -10.47
C TRP A 10 1.45 1.09 -11.98
N SER A 11 0.77 0.19 -12.70
CA SER A 11 0.90 0.12 -14.14
C SER A 11 0.46 1.43 -14.78
N SER A 12 -0.66 1.96 -14.31
CA SER A 12 -1.19 3.22 -14.85
C SER A 12 -1.47 4.20 -13.73
N THR A 13 -1.31 5.48 -14.02
CA THR A 13 -1.56 6.52 -13.01
C THR A 13 -3.04 6.58 -12.66
N GLU A 14 -3.90 6.42 -13.66
CA GLU A 14 -5.34 6.45 -13.44
C GLU A 14 -5.77 5.27 -12.57
N LEU A 15 -5.20 4.11 -12.84
CA LEU A 15 -5.54 2.92 -12.08
C LEU A 15 -5.05 3.05 -10.64
N ALA A 16 -3.85 3.59 -10.47
CA ALA A 16 -3.28 3.76 -9.14
C ALA A 16 -4.17 4.64 -8.28
N ASP A 17 -4.67 5.73 -8.87
CA ASP A 17 -5.54 6.64 -8.14
C ASP A 17 -6.82 5.93 -7.71
N ALA A 18 -7.42 5.19 -8.63
CA ALA A 18 -8.65 4.46 -8.33
C ALA A 18 -8.41 3.42 -7.25
N PHE A 19 -7.26 2.75 -7.32
CA PHE A 19 -6.91 1.72 -6.35
C PHE A 19 -6.84 2.31 -4.94
N ILE A 20 -6.16 3.44 -4.82
CA ILE A 20 -6.03 4.11 -3.54
C ILE A 20 -7.39 4.54 -3.02
N ASN A 21 -8.20 5.13 -3.90
CA ASN A 21 -9.53 5.58 -3.50
C ASN A 21 -10.39 4.41 -3.02
N ALA A 22 -10.35 3.31 -3.77
CA ALA A 22 -11.11 2.12 -3.40
C ALA A 22 -10.61 1.54 -2.08
N PHE A 23 -9.29 1.51 -1.92
CA PHE A 23 -8.69 0.99 -0.70
C PHE A 23 -9.14 1.80 0.50
N MET A 24 -9.09 3.12 0.38
CA MET A 24 -9.48 3.99 1.48
C MET A 24 -10.97 3.80 1.81
N ASN A 25 -11.78 3.62 0.77
CA ASN A 25 -13.21 3.43 0.97
C ASN A 25 -13.49 2.23 1.87
N GLU A 26 -12.84 1.12 1.58
CA GLU A 26 -13.01 -0.09 2.38
C GLU A 26 -12.29 0.04 3.71
N ALA A 27 -11.13 0.68 3.71
CA ALA A 27 -10.34 0.86 4.91
C ALA A 27 -11.13 1.63 5.97
N GLY A 28 -11.85 2.66 5.51
CA GLY A 28 -12.66 3.45 6.43
C GLY A 28 -13.85 2.66 6.96
N ARG A 29 -14.16 1.54 6.31
CA ARG A 29 -15.27 0.70 6.73
C ARG A 29 -14.83 -0.31 7.78
N THR A 30 -13.56 -0.69 7.72
CA THR A 30 -13.03 -1.67 8.68
C THR A 30 -13.10 -1.11 10.09
N GLY A 31 -12.88 0.19 10.23
CA GLY A 31 -12.92 0.83 11.54
C GLY A 31 -11.60 0.62 12.28
N ALA A 32 -10.68 -0.14 11.69
CA ALA A 32 -9.39 -0.39 12.30
C ALA A 32 -8.62 0.92 12.46
N PHE A 33 -8.73 1.78 11.46
CA PHE A 33 -8.02 3.06 11.50
C PHE A 33 -8.95 4.17 11.98
N THR A 34 -8.39 5.36 12.19
CA THR A 34 -9.18 6.49 12.65
C THR A 34 -9.16 7.61 11.63
N ALA A 35 -9.86 8.71 11.92
CA ALA A 35 -9.92 9.84 11.00
C ALA A 35 -8.53 10.39 10.73
N ASP A 36 -7.72 10.51 11.77
CA ASP A 36 -6.36 11.02 11.64
C ASP A 36 -5.53 10.11 10.73
N GLN A 37 -5.59 8.81 10.99
CA GLN A 37 -4.85 7.84 10.20
C GLN A 37 -5.32 7.85 8.74
N LEU A 38 -6.64 7.96 8.56
CA LEU A 38 -7.21 7.99 7.22
C LEU A 38 -6.69 9.20 6.45
N ASP A 39 -6.56 10.33 7.13
CA ASP A 39 -6.07 11.55 6.49
C ASP A 39 -4.67 11.33 5.93
N ASP A 40 -3.80 10.75 6.75
CA ASP A 40 -2.42 10.48 6.32
C ASP A 40 -2.42 9.46 5.19
N MET A 41 -3.29 8.46 5.30
CA MET A 41 -3.38 7.42 4.27
C MET A 41 -3.76 8.02 2.93
N SER A 42 -4.68 8.96 2.95
CA SER A 42 -5.13 9.61 1.72
C SER A 42 -3.98 10.38 1.08
N THR A 43 -3.16 11.01 1.91
CA THR A 43 -2.03 11.78 1.41
C THR A 43 -1.07 10.88 0.64
N ILE A 44 -0.86 9.68 1.15
CA ILE A 44 0.06 8.75 0.50
C ILE A 44 -0.33 8.57 -0.96
N GLY A 45 -1.62 8.73 -1.26
CA GLY A 45 -2.09 8.56 -2.63
C GLY A 45 -1.44 9.56 -3.57
N ASP A 46 -1.43 10.83 -3.17
CA ASP A 46 -0.82 11.87 -3.97
C ASP A 46 0.68 11.64 -4.10
N THR A 47 1.30 11.20 -3.02
CA THR A 47 2.73 10.95 -3.01
C THR A 47 3.10 9.89 -4.05
N ILE A 48 2.30 8.82 -4.09
CA ILE A 48 2.56 7.74 -5.03
C ILE A 48 2.47 8.25 -6.46
N LYS A 49 1.43 9.01 -6.74
CA LYS A 49 1.23 9.55 -8.09
C LYS A 49 2.40 10.44 -8.48
N THR A 50 2.86 11.26 -7.54
CA THR A 50 3.98 12.15 -7.81
C THR A 50 5.26 11.37 -8.09
N ALA A 51 5.51 10.35 -7.26
CA ALA A 51 6.71 9.54 -7.43
C ALA A 51 6.68 8.81 -8.78
N MET A 52 5.51 8.29 -9.14
CA MET A 52 5.36 7.58 -10.40
C MET A 52 5.62 8.51 -11.58
N ASP A 53 5.12 9.74 -11.48
CA ASP A 53 5.31 10.70 -12.55
C ASP A 53 6.79 11.03 -12.74
N LYS A 54 7.48 11.24 -11.63
CA LYS A 54 8.91 11.58 -11.69
C LYS A 54 9.69 10.45 -12.36
N MET A 55 9.39 9.21 -11.98
CA MET A 55 10.06 8.06 -12.55
C MET A 55 9.54 7.78 -13.96
N ALA A 56 8.30 8.19 -14.22
CA ALA A 56 7.69 7.96 -15.52
C ALA A 56 8.47 8.67 -16.62
N ARG A 57 8.95 9.87 -16.31
CA ARG A 57 9.72 10.64 -17.29
C ARG A 57 11.14 10.89 -16.77
N SER A 58 12.06 11.08 -17.70
CA SER A 58 13.46 11.32 -17.33
C SER A 58 13.97 10.20 -16.43
N ASN A 59 13.85 8.96 -16.90
CA ASN A 59 14.29 7.81 -16.13
C ASN A 59 14.82 6.71 -17.06
N LYS A 60 15.38 5.67 -16.47
CA LYS A 60 15.90 4.55 -17.24
C LYS A 60 14.80 3.54 -17.54
N SER A 61 13.59 3.83 -17.06
CA SER A 61 12.46 2.92 -17.28
C SER A 61 12.77 1.53 -16.76
N SER A 62 13.43 1.47 -15.61
CA SER A 62 13.78 0.19 -15.00
C SER A 62 12.61 -0.34 -14.18
N LYS A 63 12.35 -1.64 -14.29
CA LYS A 63 11.27 -2.26 -13.54
C LYS A 63 11.48 -2.09 -12.05
N GLY A 64 12.70 -1.77 -11.65
CA GLY A 64 13.02 -1.59 -10.24
C GLY A 64 12.20 -0.45 -9.64
N LYS A 65 11.70 0.43 -10.49
CA LYS A 65 10.91 1.56 -10.01
C LYS A 65 9.68 1.07 -9.25
N LEU A 66 9.18 -0.08 -9.64
CA LEU A 66 8.01 -0.67 -8.98
C LEU A 66 8.35 -1.06 -7.55
N GLN A 67 9.55 -1.61 -7.37
CA GLN A 67 9.98 -2.05 -6.05
C GLN A 67 10.07 -0.86 -5.10
N ALA A 68 10.60 0.24 -5.59
CA ALA A 68 10.74 1.44 -4.77
C ALA A 68 9.38 1.95 -4.33
N LEU A 69 8.42 1.94 -5.26
CA LEU A 69 7.07 2.40 -4.95
C LEU A 69 6.40 1.48 -3.94
N ASN A 70 6.60 0.17 -4.10
CA ASN A 70 6.01 -0.80 -3.20
C ASN A 70 6.51 -0.60 -1.78
N MET A 71 7.82 -0.33 -1.65
CA MET A 71 8.41 -0.13 -0.34
C MET A 71 7.91 1.17 0.29
N ALA A 72 7.85 2.22 -0.52
CA ALA A 72 7.39 3.51 -0.01
C ALA A 72 5.94 3.44 0.44
N PHE A 73 5.11 2.81 -0.38
CA PHE A 73 3.69 2.66 -0.05
C PHE A 73 3.51 1.83 1.22
N ALA A 74 4.18 0.68 1.25
CA ALA A 74 4.08 -0.21 2.40
C ALA A 74 4.63 0.47 3.65
N SER A 75 5.72 1.21 3.49
CA SER A 75 6.36 1.88 4.62
C SER A 75 5.39 2.89 5.24
N SER A 76 4.65 3.61 4.39
CA SER A 76 3.71 4.59 4.89
C SER A 76 2.62 3.93 5.73
N MET A 77 2.09 2.82 5.24
CA MET A 77 1.05 2.08 5.95
C MET A 77 1.62 1.44 7.21
N ALA A 78 2.84 0.91 7.09
CA ALA A 78 3.48 0.26 8.23
C ALA A 78 3.66 1.24 9.38
N GLU A 79 4.07 2.46 9.07
CA GLU A 79 4.28 3.46 10.11
C GLU A 79 2.95 3.80 10.80
N ILE A 80 1.91 3.97 10.00
CA ILE A 80 0.59 4.28 10.55
C ILE A 80 0.06 3.12 11.38
N ALA A 81 0.19 1.91 10.86
CA ALA A 81 -0.27 0.72 11.55
C ALA A 81 0.49 0.53 12.86
N ALA A 82 1.79 0.81 12.82
CA ALA A 82 2.63 0.67 14.00
C ALA A 82 2.41 1.82 14.98
N VAL A 83 1.19 1.94 15.48
CA VAL A 83 0.86 3.01 16.42
C VAL A 83 0.11 2.45 17.62
N GLU A 84 0.12 3.19 18.72
CA GLU A 84 -0.56 2.77 19.94
C GLU A 84 -1.87 3.54 20.11
N GLN A 85 -2.41 4.05 19.01
CA GLN A 85 -3.66 4.81 19.07
C GLN A 85 -4.82 3.88 19.39
N GLY A 86 -5.49 4.15 20.51
CA GLY A 86 -6.63 3.33 20.92
C GLY A 86 -6.17 1.94 21.37
N GLY A 87 -4.86 1.77 21.50
CA GLY A 87 -4.32 0.48 21.91
C GLY A 87 -4.55 -0.58 20.86
N LEU A 88 -4.73 -0.16 19.61
CA LEU A 88 -4.97 -1.09 18.53
C LEU A 88 -3.72 -1.88 18.19
N SER A 89 -3.88 -3.16 17.88
CA SER A 89 -2.75 -4.01 17.54
C SER A 89 -2.36 -3.83 16.08
N VAL A 90 -1.06 -3.73 15.82
CA VAL A 90 -0.57 -3.56 14.45
C VAL A 90 -0.94 -4.78 13.61
N ASP A 91 -0.94 -5.95 14.23
CA ASP A 91 -1.28 -7.18 13.52
C ASP A 91 -2.71 -7.11 12.99
N ALA A 92 -3.61 -6.57 13.81
CA ALA A 92 -5.01 -6.46 13.42
C ALA A 92 -5.15 -5.56 12.19
N LYS A 93 -4.43 -4.44 12.20
CA LYS A 93 -4.47 -3.51 11.07
C LYS A 93 -3.92 -4.18 9.82
N THR A 94 -2.87 -4.98 9.98
CA THR A 94 -2.25 -5.65 8.85
C THR A 94 -3.26 -6.53 8.13
N ASN A 95 -4.02 -7.31 8.90
CA ASN A 95 -5.04 -8.19 8.33
C ASN A 95 -6.10 -7.37 7.61
N ALA A 96 -6.51 -6.26 8.22
CA ALA A 96 -7.52 -5.39 7.64
C ALA A 96 -7.03 -4.79 6.32
N ILE A 97 -5.76 -4.40 6.30
CA ILE A 97 -5.17 -3.81 5.11
C ILE A 97 -5.23 -4.79 3.95
N ALA A 98 -4.84 -6.03 4.20
CA ALA A 98 -4.85 -7.04 3.15
C ALA A 98 -6.26 -7.26 2.62
N ASP A 99 -7.23 -7.30 3.53
CA ASP A 99 -8.62 -7.50 3.14
C ASP A 99 -9.11 -6.35 2.27
N SER A 100 -8.78 -5.13 2.69
CA SER A 100 -9.19 -3.94 1.95
C SER A 100 -8.58 -3.92 0.55
N LEU A 101 -7.32 -4.32 0.46
CA LEU A 101 -6.63 -4.34 -0.83
C LEU A 101 -7.32 -5.30 -1.78
N ASN A 102 -7.71 -6.46 -1.28
CA ASN A 102 -8.37 -7.46 -2.11
C ASN A 102 -9.69 -6.92 -2.66
N SER A 103 -10.45 -6.25 -1.82
CA SER A 103 -11.72 -5.67 -2.23
C SER A 103 -11.48 -4.56 -3.26
N ALA A 104 -10.44 -3.76 -3.03
CA ALA A 104 -10.12 -2.68 -3.95
C ALA A 104 -9.77 -3.22 -5.33
N PHE A 105 -9.04 -4.32 -5.35
CA PHE A 105 -8.65 -4.92 -6.63
C PHE A 105 -9.87 -5.30 -7.44
N TYR A 106 -10.87 -5.90 -6.78
CA TYR A 106 -12.08 -6.31 -7.46
C TYR A 106 -12.81 -5.08 -8.04
N GLN A 107 -13.02 -4.08 -7.20
CA GLN A 107 -13.71 -2.88 -7.65
C GLN A 107 -12.93 -2.17 -8.75
N THR A 108 -11.61 -2.14 -8.61
CA THR A 108 -10.76 -1.50 -9.59
C THR A 108 -10.71 -2.29 -10.88
N THR A 109 -10.80 -3.61 -10.78
CA THR A 109 -10.75 -4.46 -11.95
C THR A 109 -11.85 -5.52 -11.90
N GLY A 110 -11.79 -6.38 -10.89
CA GLY A 110 -12.77 -7.43 -10.73
C GLY A 110 -12.11 -8.79 -10.58
N ALA A 111 -10.84 -8.78 -10.18
CA ALA A 111 -10.10 -10.03 -10.01
C ALA A 111 -9.27 -9.98 -8.73
N ALA A 112 -9.59 -10.87 -7.79
CA ALA A 112 -8.87 -10.91 -6.53
C ALA A 112 -7.39 -11.18 -6.78
N ASN A 113 -6.53 -10.48 -6.04
CA ASN A 113 -5.09 -10.64 -6.20
C ASN A 113 -4.42 -10.81 -4.84
N PRO A 114 -4.63 -11.94 -4.21
CA PRO A 114 -4.03 -12.24 -2.87
C PRO A 114 -2.51 -12.24 -2.92
N GLN A 115 -1.95 -12.62 -4.06
CA GLN A 115 -0.50 -12.66 -4.21
C GLN A 115 0.10 -11.27 -4.06
N PHE A 116 -0.52 -10.29 -4.69
CA PHE A 116 -0.05 -8.91 -4.61
C PHE A 116 -0.20 -8.39 -3.19
N VAL A 117 -1.32 -8.73 -2.55
CA VAL A 117 -1.58 -8.28 -1.19
C VAL A 117 -0.48 -8.77 -0.25
N ASN A 118 -0.11 -10.03 -0.38
CA ASN A 118 0.92 -10.61 0.46
C ASN A 118 2.24 -9.88 0.25
N GLU A 119 2.52 -9.49 -1.00
CA GLU A 119 3.76 -8.77 -1.30
C GLU A 119 3.84 -7.49 -0.45
N ILE A 120 2.75 -6.74 -0.42
CA ILE A 120 2.70 -5.52 0.37
C ILE A 120 2.72 -5.86 1.87
N ARG A 121 2.02 -6.92 2.23
CA ARG A 121 1.96 -7.34 3.62
C ARG A 121 3.37 -7.65 4.14
N SER A 122 4.15 -8.36 3.34
CA SER A 122 5.51 -8.70 3.74
C SER A 122 6.36 -7.45 3.89
N LEU A 123 6.16 -6.49 3.00
CA LEU A 123 6.91 -5.24 3.05
C LEU A 123 6.63 -4.49 4.36
N ILE A 124 5.38 -4.51 4.79
CA ILE A 124 4.99 -3.85 6.02
C ILE A 124 5.72 -4.47 7.20
N ASN A 125 5.74 -5.79 7.26
CA ASN A 125 6.42 -6.50 8.34
C ASN A 125 7.91 -6.13 8.35
N MET A 126 8.51 -6.01 7.15
CA MET A 126 9.92 -5.69 7.04
C MET A 126 10.20 -4.37 7.74
N PHE A 127 9.38 -3.36 7.48
CA PHE A 127 9.55 -2.06 8.11
C PHE A 127 9.23 -2.13 9.59
N ALA A 128 8.20 -2.91 9.94
CA ALA A 128 7.80 -3.04 11.34
C ALA A 128 8.94 -3.62 12.18
N GLN A 129 9.60 -4.63 11.64
CA GLN A 129 10.70 -5.27 12.35
C GLN A 129 11.88 -4.31 12.50
N SER A 130 12.14 -3.55 11.44
CA SER A 130 13.24 -2.60 11.47
C SER A 130 12.72 -1.17 11.51
N SER A 131 12.79 -0.56 12.69
CA SER A 131 12.33 0.81 12.87
C SER A 131 13.14 1.77 12.01
N ALA A 132 14.45 1.55 11.97
CA ALA A 132 15.33 2.40 11.18
C ALA A 132 16.66 1.70 10.91
N ASN A 133 17.23 1.94 9.75
CA ASN A 133 18.50 1.33 9.38
C ASN A 133 19.63 1.85 10.27
N GLU A 134 19.56 3.14 10.59
CA GLU A 134 20.58 3.76 11.43
C GLU A 134 21.95 3.66 10.77
N VAL A 135 21.96 3.69 9.44
CA VAL A 135 23.22 3.60 8.69
C VAL A 135 23.81 4.99 8.49
N SER A 136 22.99 5.93 8.05
CA SER A 136 23.45 7.28 7.82
C SER A 136 24.64 7.29 6.85
N TYR A 137 24.56 6.47 5.81
CA TYR A 137 25.63 6.39 4.82
C TYR A 137 25.05 6.19 3.43
N GLY A 1 6.57 -14.57 -16.42
CA GLY A 1 7.52 -15.06 -15.38
C GLY A 1 7.01 -14.71 -13.99
N SER A 2 7.39 -15.50 -13.00
CA SER A 2 6.96 -15.26 -11.63
C SER A 2 7.41 -13.90 -11.15
N HIS A 3 8.66 -13.55 -11.44
CA HIS A 3 9.21 -12.27 -11.03
C HIS A 3 8.40 -11.12 -11.64
N MET A 4 8.13 -11.23 -12.93
CA MET A 4 7.36 -10.19 -13.62
C MET A 4 5.88 -10.33 -13.29
N GLY A 5 5.25 -9.21 -12.91
CA GLY A 5 3.84 -9.21 -12.57
C GLY A 5 3.01 -8.57 -13.69
N GLN A 6 2.18 -9.38 -14.34
CA GLN A 6 1.35 -8.88 -15.42
C GLN A 6 0.33 -7.87 -14.90
N ASN A 7 -0.23 -8.17 -13.73
CA ASN A 7 -1.23 -7.29 -13.12
C ASN A 7 -0.61 -6.50 -11.98
N THR A 8 -0.51 -5.19 -12.15
CA THR A 8 0.06 -4.35 -11.12
C THR A 8 -0.69 -3.01 -11.03
N PRO A 9 -0.92 -2.52 -9.83
CA PRO A 9 -1.65 -1.23 -9.61
C PRO A 9 -0.82 -0.02 -10.04
N TRP A 10 0.48 -0.23 -10.21
CA TRP A 10 1.37 0.84 -10.61
C TRP A 10 1.55 0.87 -12.13
N SER A 11 0.76 0.05 -12.83
CA SER A 11 0.84 -0.01 -14.28
C SER A 11 0.52 1.36 -14.88
N SER A 12 -0.47 2.04 -14.31
CA SER A 12 -0.86 3.35 -14.80
C SER A 12 -1.24 4.27 -13.64
N THR A 13 -1.08 5.58 -13.86
CA THR A 13 -1.39 6.55 -12.83
C THR A 13 -2.87 6.47 -12.46
N GLU A 14 -3.71 6.24 -13.45
CA GLU A 14 -5.15 6.14 -13.20
C GLU A 14 -5.46 4.91 -12.36
N LEU A 15 -4.76 3.81 -12.65
CA LEU A 15 -4.97 2.58 -11.91
C LEU A 15 -4.55 2.75 -10.45
N ALA A 16 -3.37 3.33 -10.25
CA ALA A 16 -2.88 3.54 -8.90
C ALA A 16 -3.82 4.46 -8.13
N ASP A 17 -4.28 5.52 -8.80
CA ASP A 17 -5.19 6.47 -8.16
C ASP A 17 -6.49 5.79 -7.77
N ALA A 18 -7.03 4.96 -8.66
CA ALA A 18 -8.27 4.25 -8.38
C ALA A 18 -8.09 3.26 -7.25
N PHE A 19 -6.96 2.55 -7.25
CA PHE A 19 -6.68 1.57 -6.22
C PHE A 19 -6.64 2.23 -4.85
N ILE A 20 -5.94 3.36 -4.76
CA ILE A 20 -5.84 4.10 -3.50
C ILE A 20 -7.22 4.55 -3.04
N ASN A 21 -8.00 5.13 -3.94
CA ASN A 21 -9.32 5.62 -3.60
C ASN A 21 -10.20 4.48 -3.11
N ALA A 22 -10.17 3.36 -3.82
CA ALA A 22 -10.97 2.20 -3.43
C ALA A 22 -10.49 1.64 -2.10
N PHE A 23 -9.18 1.60 -1.92
CA PHE A 23 -8.59 1.11 -0.68
C PHE A 23 -9.05 1.94 0.50
N MET A 24 -9.02 3.26 0.35
CA MET A 24 -9.44 4.15 1.43
C MET A 24 -10.89 3.87 1.82
N ASN A 25 -11.73 3.67 0.83
CA ASN A 25 -13.14 3.38 1.09
C ASN A 25 -13.28 2.11 1.92
N GLU A 26 -12.55 1.07 1.54
CA GLU A 26 -12.61 -0.18 2.27
C GLU A 26 -12.11 -0.01 3.69
N ALA A 27 -11.07 0.79 3.85
CA ALA A 27 -10.52 1.05 5.17
C ALA A 27 -11.56 1.71 6.07
N GLY A 28 -12.33 2.61 5.50
CA GLY A 28 -13.37 3.29 6.27
C GLY A 28 -14.42 2.31 6.77
N ARG A 29 -14.78 1.34 5.92
CA ARG A 29 -15.77 0.34 6.30
C ARG A 29 -15.28 -0.52 7.46
N THR A 30 -14.00 -0.90 7.40
CA THR A 30 -13.43 -1.74 8.46
C THR A 30 -13.49 -1.04 9.80
N GLY A 31 -13.21 0.26 9.79
CA GLY A 31 -13.24 1.05 11.03
C GLY A 31 -11.97 0.81 11.85
N ALA A 32 -11.07 -0.04 11.35
CA ALA A 32 -9.84 -0.34 12.05
C ALA A 32 -9.00 0.92 12.22
N PHE A 33 -8.99 1.76 11.19
CA PHE A 33 -8.21 3.00 11.24
C PHE A 33 -9.09 4.17 11.69
N THR A 34 -8.46 5.30 11.94
CA THR A 34 -9.18 6.50 12.38
C THR A 34 -9.04 7.62 11.35
N ALA A 35 -9.63 8.77 11.66
CA ALA A 35 -9.57 9.90 10.74
C ALA A 35 -8.12 10.32 10.48
N ASP A 36 -7.32 10.33 11.54
CA ASP A 36 -5.91 10.71 11.41
C ASP A 36 -5.17 9.73 10.51
N GLN A 37 -5.37 8.44 10.74
CA GLN A 37 -4.71 7.41 9.94
C GLN A 37 -5.18 7.47 8.50
N LEU A 38 -6.48 7.69 8.30
CA LEU A 38 -7.04 7.77 6.97
C LEU A 38 -6.46 8.94 6.21
N ASP A 39 -6.28 10.06 6.90
CA ASP A 39 -5.72 11.25 6.27
C ASP A 39 -4.30 10.98 5.78
N ASP A 40 -3.53 10.26 6.58
CA ASP A 40 -2.15 9.94 6.22
C ASP A 40 -2.13 9.08 4.95
N MET A 41 -3.05 8.14 4.87
CA MET A 41 -3.13 7.25 3.71
C MET A 41 -3.46 8.06 2.45
N SER A 42 -4.38 9.01 2.60
CA SER A 42 -4.77 9.85 1.46
C SER A 42 -3.56 10.60 0.92
N THR A 43 -2.73 11.11 1.83
CA THR A 43 -1.53 11.84 1.43
C THR A 43 -0.63 10.96 0.59
N ILE A 44 -0.46 9.72 1.01
CA ILE A 44 0.39 8.79 0.28
C ILE A 44 -0.11 8.64 -1.15
N GLY A 45 -1.42 8.73 -1.33
CA GLY A 45 -2.00 8.58 -2.65
C GLY A 45 -1.50 9.68 -3.59
N ASP A 46 -1.58 10.91 -3.11
CA ASP A 46 -1.12 12.06 -3.91
C ASP A 46 0.39 11.98 -4.14
N THR A 47 1.11 11.56 -3.10
CA THR A 47 2.56 11.46 -3.19
C THR A 47 2.96 10.44 -4.25
N ILE A 48 2.29 9.29 -4.26
CA ILE A 48 2.58 8.26 -5.24
C ILE A 48 2.34 8.76 -6.65
N LYS A 49 1.22 9.43 -6.85
CA LYS A 49 0.89 9.97 -8.17
C LYS A 49 1.96 10.96 -8.63
N THR A 50 2.35 11.85 -7.73
CA THR A 50 3.37 12.85 -8.05
C THR A 50 4.69 12.17 -8.39
N ALA A 51 5.08 11.20 -7.58
CA ALA A 51 6.32 10.47 -7.80
C ALA A 51 6.28 9.74 -9.13
N MET A 52 5.14 9.16 -9.46
CA MET A 52 4.99 8.42 -10.71
C MET A 52 5.25 9.35 -11.90
N ASP A 53 4.77 10.58 -11.82
CA ASP A 53 4.94 11.53 -12.91
C ASP A 53 6.42 11.86 -13.13
N LYS A 54 7.11 12.28 -12.06
CA LYS A 54 8.52 12.62 -12.16
C LYS A 54 9.36 11.38 -12.44
N MET A 55 8.96 10.26 -11.88
CA MET A 55 9.67 9.01 -12.08
C MET A 55 9.54 8.53 -13.52
N ALA A 56 8.34 8.72 -14.08
CA ALA A 56 8.09 8.31 -15.46
C ALA A 56 9.03 9.03 -16.41
N ARG A 57 9.16 10.34 -16.21
CA ARG A 57 10.05 11.14 -17.06
C ARG A 57 11.52 10.77 -16.82
N SER A 58 11.85 10.53 -15.56
CA SER A 58 13.22 10.18 -15.20
C SER A 58 13.55 8.77 -15.68
N ASN A 59 14.82 8.55 -15.99
CA ASN A 59 15.27 7.24 -16.46
C ASN A 59 14.47 6.82 -17.69
N LYS A 60 14.84 5.68 -18.27
CA LYS A 60 14.15 5.19 -19.46
C LYS A 60 13.94 3.67 -19.36
N SER A 61 12.70 3.23 -19.52
CA SER A 61 12.39 1.81 -19.45
C SER A 61 12.92 1.21 -18.15
N SER A 62 12.86 1.99 -17.08
CA SER A 62 13.33 1.51 -15.78
C SER A 62 12.37 0.48 -15.20
N LYS A 63 12.87 -0.34 -14.30
CA LYS A 63 12.04 -1.37 -13.67
C LYS A 63 12.22 -1.36 -12.16
N GLY A 64 13.39 -0.90 -11.70
CA GLY A 64 13.68 -0.84 -10.28
C GLY A 64 12.69 0.07 -9.56
N LYS A 65 12.11 1.01 -10.30
CA LYS A 65 11.16 1.94 -9.72
C LYS A 65 9.95 1.19 -9.16
N LEU A 66 9.65 0.04 -9.74
CA LEU A 66 8.51 -0.75 -9.29
C LEU A 66 8.71 -1.19 -7.85
N GLN A 67 9.90 -1.73 -7.55
CA GLN A 67 10.21 -2.19 -6.21
C GLN A 67 10.21 -1.02 -5.23
N ALA A 68 10.76 0.10 -5.68
CA ALA A 68 10.83 1.29 -4.82
C ALA A 68 9.42 1.75 -4.42
N LEU A 69 8.50 1.73 -5.39
CA LEU A 69 7.13 2.16 -5.12
C LEU A 69 6.47 1.21 -4.13
N ASN A 70 6.71 -0.09 -4.29
CA ASN A 70 6.13 -1.08 -3.40
C ASN A 70 6.62 -0.89 -1.97
N MET A 71 7.91 -0.60 -1.82
CA MET A 71 8.49 -0.40 -0.51
C MET A 71 8.02 0.92 0.09
N ALA A 72 7.98 1.97 -0.72
CA ALA A 72 7.55 3.27 -0.25
C ALA A 72 6.11 3.22 0.22
N PHE A 73 5.25 2.62 -0.59
CA PHE A 73 3.83 2.50 -0.25
C PHE A 73 3.66 1.67 1.01
N ALA A 74 4.31 0.51 1.04
CA ALA A 74 4.23 -0.38 2.19
C ALA A 74 4.78 0.29 3.44
N SER A 75 5.85 1.05 3.28
CA SER A 75 6.47 1.74 4.39
C SER A 75 5.48 2.68 5.06
N SER A 76 4.73 3.42 4.24
CA SER A 76 3.75 4.36 4.78
C SER A 76 2.69 3.62 5.58
N MET A 77 2.24 2.48 5.06
CA MET A 77 1.22 1.69 5.75
C MET A 77 1.79 1.09 7.03
N ALA A 78 3.03 0.65 6.98
CA ALA A 78 3.67 0.06 8.14
C ALA A 78 3.76 1.08 9.27
N GLU A 79 4.10 2.32 8.93
CA GLU A 79 4.20 3.36 9.94
C GLU A 79 2.84 3.62 10.60
N ILE A 80 1.80 3.68 9.77
CA ILE A 80 0.46 3.90 10.28
C ILE A 80 0.00 2.76 11.18
N ALA A 81 0.24 1.54 10.73
CA ALA A 81 -0.14 0.35 11.49
C ALA A 81 0.68 0.26 12.77
N ALA A 82 1.96 0.61 12.68
CA ALA A 82 2.86 0.54 13.82
C ALA A 82 2.62 1.73 14.75
N VAL A 83 1.42 1.78 15.32
CA VAL A 83 1.07 2.87 16.24
C VAL A 83 0.93 2.34 17.66
N GLU A 84 0.72 1.05 17.79
CA GLU A 84 0.57 0.43 19.10
C GLU A 84 -0.51 1.14 19.91
N GLN A 85 -1.62 1.47 19.26
CA GLN A 85 -2.73 2.14 19.93
C GLN A 85 -3.31 1.25 21.01
N GLY A 86 -3.40 -0.04 20.72
CA GLY A 86 -3.95 -1.00 21.68
C GLY A 86 -5.19 -1.68 21.11
N GLY A 87 -5.71 -2.66 21.85
CA GLY A 87 -6.88 -3.39 21.41
C GLY A 87 -6.64 -4.09 20.07
N LEU A 88 -6.93 -3.37 18.98
CA LEU A 88 -6.73 -3.92 17.65
C LEU A 88 -5.25 -4.22 17.40
N SER A 89 -4.40 -3.32 17.87
CA SER A 89 -2.96 -3.50 17.69
C SER A 89 -2.60 -3.51 16.21
N VAL A 90 -1.30 -3.58 15.93
CA VAL A 90 -0.83 -3.61 14.55
C VAL A 90 -1.24 -4.90 13.86
N ASP A 91 -1.41 -5.96 14.65
CA ASP A 91 -1.79 -7.25 14.11
C ASP A 91 -3.14 -7.16 13.40
N ALA A 92 -4.13 -6.61 14.10
CA ALA A 92 -5.47 -6.48 13.52
C ALA A 92 -5.45 -5.50 12.34
N LYS A 93 -4.70 -4.42 12.49
CA LYS A 93 -4.61 -3.41 11.44
C LYS A 93 -4.03 -4.02 10.16
N THR A 94 -3.03 -4.87 10.31
CA THR A 94 -2.41 -5.52 9.17
C THR A 94 -3.42 -6.37 8.42
N ASN A 95 -4.17 -7.18 9.15
CA ASN A 95 -5.17 -8.05 8.55
C ASN A 95 -6.25 -7.23 7.86
N ALA A 96 -6.66 -6.13 8.50
CA ALA A 96 -7.69 -5.27 7.93
C ALA A 96 -7.24 -4.68 6.59
N ILE A 97 -5.98 -4.27 6.54
CA ILE A 97 -5.43 -3.69 5.32
C ILE A 97 -5.45 -4.71 4.19
N ALA A 98 -5.05 -5.94 4.49
CA ALA A 98 -5.01 -6.99 3.47
C ALA A 98 -6.40 -7.22 2.88
N ASP A 99 -7.41 -7.26 3.75
CA ASP A 99 -8.77 -7.49 3.30
C ASP A 99 -9.24 -6.34 2.42
N SER A 100 -8.94 -5.12 2.84
CA SER A 100 -9.35 -3.93 2.09
C SER A 100 -8.72 -3.93 0.71
N LEU A 101 -7.46 -4.31 0.63
CA LEU A 101 -6.75 -4.35 -0.65
C LEU A 101 -7.43 -5.32 -1.62
N ASN A 102 -7.79 -6.49 -1.14
CA ASN A 102 -8.45 -7.48 -1.99
C ASN A 102 -9.74 -6.93 -2.55
N SER A 103 -10.53 -6.29 -1.70
CA SER A 103 -11.80 -5.71 -2.14
C SER A 103 -11.55 -4.59 -3.15
N ALA A 104 -10.56 -3.74 -2.85
CA ALA A 104 -10.24 -2.63 -3.72
C ALA A 104 -9.82 -3.14 -5.09
N PHE A 105 -9.02 -4.20 -5.11
CA PHE A 105 -8.58 -4.76 -6.37
C PHE A 105 -9.76 -5.17 -7.24
N TYR A 106 -10.74 -5.83 -6.65
CA TYR A 106 -11.91 -6.27 -7.40
C TYR A 106 -12.67 -5.06 -7.95
N GLN A 107 -12.85 -4.04 -7.12
CA GLN A 107 -13.57 -2.85 -7.55
C GLN A 107 -12.77 -2.05 -8.57
N THR A 108 -11.49 -2.33 -8.67
CA THR A 108 -10.63 -1.63 -9.62
C THR A 108 -10.28 -2.49 -10.81
N THR A 109 -10.44 -3.80 -10.67
CA THR A 109 -10.13 -4.72 -11.75
C THR A 109 -11.22 -5.77 -11.91
N GLY A 110 -11.67 -6.31 -10.78
CA GLY A 110 -12.71 -7.33 -10.80
C GLY A 110 -12.16 -8.71 -10.49
N ALA A 111 -10.92 -8.75 -10.00
CA ALA A 111 -10.28 -10.02 -9.68
C ALA A 111 -9.47 -9.88 -8.40
N ALA A 112 -9.68 -10.79 -7.46
CA ALA A 112 -8.96 -10.77 -6.20
C ALA A 112 -7.47 -11.03 -6.44
N ASN A 113 -6.62 -10.34 -5.67
CA ASN A 113 -5.18 -10.51 -5.81
C ASN A 113 -4.54 -10.86 -4.48
N PRO A 114 -4.75 -12.08 -4.02
CA PRO A 114 -4.19 -12.55 -2.72
C PRO A 114 -2.66 -12.55 -2.73
N GLN A 115 -2.08 -12.68 -3.92
CA GLN A 115 -0.63 -12.67 -4.06
C GLN A 115 -0.08 -11.27 -3.85
N PHE A 116 -0.80 -10.28 -4.37
CA PHE A 116 -0.37 -8.89 -4.25
C PHE A 116 -0.47 -8.43 -2.80
N VAL A 117 -1.56 -8.81 -2.15
CA VAL A 117 -1.78 -8.43 -0.75
C VAL A 117 -0.66 -8.98 0.14
N ASN A 118 -0.33 -10.25 -0.06
CA ASN A 118 0.72 -10.88 0.72
C ASN A 118 2.05 -10.16 0.49
N GLU A 119 2.29 -9.74 -0.75
CA GLU A 119 3.52 -9.04 -1.07
C GLU A 119 3.65 -7.78 -0.20
N ILE A 120 2.57 -7.02 -0.12
CA ILE A 120 2.56 -5.81 0.69
C ILE A 120 2.64 -6.17 2.17
N ARG A 121 1.96 -7.26 2.53
CA ARG A 121 1.96 -7.72 3.91
C ARG A 121 3.37 -7.99 4.39
N SER A 122 4.15 -8.67 3.55
CA SER A 122 5.53 -8.99 3.90
C SER A 122 6.36 -7.71 4.04
N LEU A 123 6.12 -6.75 3.15
CA LEU A 123 6.84 -5.49 3.19
C LEU A 123 6.53 -4.74 4.48
N ILE A 124 5.26 -4.77 4.89
CA ILE A 124 4.84 -4.09 6.11
C ILE A 124 5.56 -4.67 7.32
N ASN A 125 5.61 -6.00 7.38
CA ASN A 125 6.28 -6.68 8.48
C ASN A 125 7.75 -6.30 8.52
N MET A 126 8.41 -6.27 7.36
CA MET A 126 9.80 -5.92 7.27
C MET A 126 10.03 -4.50 7.76
N PHE A 127 9.20 -3.58 7.30
CA PHE A 127 9.32 -2.19 7.70
C PHE A 127 9.03 -2.04 9.19
N ALA A 128 8.07 -2.79 9.69
CA ALA A 128 7.71 -2.72 11.11
C ALA A 128 8.89 -3.09 12.00
N GLN A 129 9.58 -4.17 11.64
CA GLN A 129 10.74 -4.62 12.41
C GLN A 129 11.95 -3.73 12.12
N SER A 130 12.00 -3.18 10.91
CA SER A 130 13.10 -2.32 10.52
C SER A 130 13.16 -1.08 11.40
N SER A 131 11.99 -0.51 11.69
CA SER A 131 11.92 0.68 12.53
C SER A 131 10.53 0.82 13.15
N ALA A 132 10.48 1.31 14.39
CA ALA A 132 9.21 1.49 15.07
C ALA A 132 9.28 2.68 16.03
N ASN A 133 8.18 3.39 16.16
CA ASN A 133 8.13 4.55 17.06
C ASN A 133 6.98 4.41 18.05
N GLU A 134 7.18 4.93 19.26
CA GLU A 134 6.15 4.84 20.29
C GLU A 134 5.35 6.14 20.33
N VAL A 135 4.14 6.10 19.79
CA VAL A 135 3.28 7.27 19.79
C VAL A 135 2.94 7.71 21.21
N SER A 136 2.60 6.73 22.05
CA SER A 136 2.24 7.03 23.43
C SER A 136 3.49 7.43 24.23
N TYR A 137 3.28 8.07 25.37
CA TYR A 137 4.39 8.51 26.20
C TYR A 137 5.34 9.39 25.42
N GLY A 1 4.19 -18.12 -20.68
CA GLY A 1 2.73 -18.38 -20.71
C GLY A 1 1.99 -17.24 -20.00
N SER A 2 1.82 -17.38 -18.69
CA SER A 2 1.13 -16.37 -17.90
C SER A 2 1.67 -16.32 -16.48
N HIS A 3 1.80 -15.12 -15.94
CA HIS A 3 2.31 -14.96 -14.58
C HIS A 3 1.21 -14.41 -13.67
N MET A 4 0.16 -13.87 -14.26
CA MET A 4 -0.94 -13.31 -13.48
C MET A 4 -0.46 -12.15 -12.62
N GLY A 5 0.74 -11.64 -12.92
CA GLY A 5 1.29 -10.53 -12.18
C GLY A 5 1.52 -9.32 -13.10
N GLN A 6 0.98 -9.38 -14.31
CA GLN A 6 1.14 -8.31 -15.27
C GLN A 6 0.01 -7.28 -15.11
N ASN A 7 0.13 -6.17 -15.82
CA ASN A 7 -0.87 -5.11 -15.76
C ASN A 7 -1.01 -4.60 -14.33
N THR A 8 0.13 -4.39 -13.68
CA THR A 8 0.12 -3.90 -12.31
C THR A 8 -0.53 -2.51 -12.24
N PRO A 9 -1.26 -2.23 -11.18
CA PRO A 9 -1.95 -0.91 -11.01
C PRO A 9 -0.98 0.27 -11.13
N TRP A 10 0.22 0.09 -10.60
CA TRP A 10 1.23 1.14 -10.65
C TRP A 10 1.63 1.45 -12.09
N SER A 11 1.27 0.55 -13.01
CA SER A 11 1.59 0.73 -14.41
C SER A 11 0.94 2.00 -14.95
N SER A 12 -0.29 2.26 -14.52
CA SER A 12 -1.02 3.44 -14.97
C SER A 12 -1.39 4.33 -13.79
N THR A 13 -1.25 5.64 -13.96
CA THR A 13 -1.56 6.58 -12.89
C THR A 13 -3.05 6.52 -12.56
N GLU A 14 -3.88 6.27 -13.57
CA GLU A 14 -5.32 6.18 -13.35
C GLU A 14 -5.65 5.02 -12.41
N LEU A 15 -5.03 3.88 -12.66
CA LEU A 15 -5.26 2.70 -11.83
C LEU A 15 -4.74 2.93 -10.41
N ALA A 16 -3.59 3.56 -10.31
CA ALA A 16 -2.99 3.83 -9.01
C ALA A 16 -3.90 4.72 -8.17
N ASP A 17 -4.44 5.76 -8.81
CA ASP A 17 -5.33 6.68 -8.12
C ASP A 17 -6.62 5.97 -7.70
N ALA A 18 -7.18 5.21 -8.63
CA ALA A 18 -8.41 4.48 -8.34
C ALA A 18 -8.20 3.45 -7.23
N PHE A 19 -7.04 2.81 -7.23
CA PHE A 19 -6.72 1.81 -6.23
C PHE A 19 -6.72 2.44 -4.84
N ILE A 20 -6.11 3.62 -4.72
CA ILE A 20 -6.06 4.30 -3.44
C ILE A 20 -7.46 4.69 -2.98
N ASN A 21 -8.27 5.19 -3.90
CA ASN A 21 -9.63 5.60 -3.56
C ASN A 21 -10.43 4.40 -3.05
N ALA A 22 -10.32 3.27 -3.74
CA ALA A 22 -11.03 2.08 -3.33
C ALA A 22 -10.49 1.56 -1.99
N PHE A 23 -9.17 1.62 -1.85
CA PHE A 23 -8.53 1.17 -0.61
C PHE A 23 -9.06 1.95 0.58
N MET A 24 -9.11 3.26 0.44
CA MET A 24 -9.59 4.12 1.52
C MET A 24 -11.04 3.80 1.85
N ASN A 25 -11.84 3.52 0.84
CA ASN A 25 -13.26 3.22 1.06
C ASN A 25 -13.40 1.99 1.94
N GLU A 26 -12.59 0.96 1.67
CA GLU A 26 -12.63 -0.25 2.46
C GLU A 26 -12.04 -0.02 3.85
N ALA A 27 -10.97 0.77 3.91
CA ALA A 27 -10.33 1.08 5.17
C ALA A 27 -11.32 1.77 6.11
N GLY A 28 -12.11 2.68 5.55
CA GLY A 28 -13.11 3.38 6.35
C GLY A 28 -14.17 2.40 6.86
N ARG A 29 -14.57 1.45 6.02
CA ARG A 29 -15.56 0.47 6.39
C ARG A 29 -15.07 -0.36 7.57
N THR A 30 -13.82 -0.79 7.51
CA THR A 30 -13.26 -1.61 8.57
C THR A 30 -13.30 -0.86 9.90
N GLY A 31 -12.98 0.42 9.86
CA GLY A 31 -12.99 1.23 11.08
C GLY A 31 -11.74 0.98 11.91
N ALA A 32 -10.87 0.08 11.44
CA ALA A 32 -9.65 -0.24 12.15
C ALA A 32 -8.73 0.97 12.23
N PHE A 33 -8.86 1.87 11.25
CA PHE A 33 -8.03 3.06 11.21
C PHE A 33 -8.79 4.27 11.73
N THR A 34 -8.10 5.14 12.45
CA THR A 34 -8.72 6.34 13.01
C THR A 34 -8.85 7.42 11.95
N ALA A 35 -9.59 8.47 12.27
CA ALA A 35 -9.78 9.57 11.32
C ALA A 35 -8.45 10.20 10.95
N ASP A 36 -7.58 10.40 11.94
CA ASP A 36 -6.27 10.98 11.70
C ASP A 36 -5.44 10.07 10.80
N GLN A 37 -5.51 8.77 11.04
CA GLN A 37 -4.77 7.80 10.25
C GLN A 37 -5.24 7.80 8.81
N LEU A 38 -6.56 7.92 8.63
CA LEU A 38 -7.13 7.94 7.29
C LEU A 38 -6.64 9.15 6.51
N ASP A 39 -6.55 10.30 7.20
CA ASP A 39 -6.09 11.52 6.56
C ASP A 39 -4.68 11.33 6.02
N ASP A 40 -3.82 10.69 6.81
CA ASP A 40 -2.45 10.45 6.39
C ASP A 40 -2.41 9.46 5.23
N MET A 41 -3.27 8.44 5.31
CA MET A 41 -3.32 7.42 4.26
C MET A 41 -3.74 8.04 2.93
N SER A 42 -4.72 8.94 2.99
CA SER A 42 -5.20 9.61 1.78
C SER A 42 -4.08 10.42 1.14
N THR A 43 -3.30 11.10 1.97
CA THR A 43 -2.20 11.92 1.46
C THR A 43 -1.22 11.06 0.67
N ILE A 44 -0.93 9.86 1.19
CA ILE A 44 -0.01 8.96 0.52
C ILE A 44 -0.43 8.74 -0.93
N GLY A 45 -1.74 8.81 -1.18
CA GLY A 45 -2.26 8.61 -2.53
C GLY A 45 -1.69 9.64 -3.49
N ASP A 46 -1.76 10.91 -3.10
CA ASP A 46 -1.26 12.00 -3.92
C ASP A 46 0.25 11.89 -4.08
N THR A 47 0.92 11.51 -3.00
CA THR A 47 2.37 11.37 -3.02
C THR A 47 2.80 10.33 -4.05
N ILE A 48 2.10 9.20 -4.06
CA ILE A 48 2.43 8.13 -5.00
C ILE A 48 2.27 8.61 -6.44
N LYS A 49 1.18 9.31 -6.71
CA LYS A 49 0.92 9.80 -8.06
C LYS A 49 2.05 10.74 -8.51
N THR A 50 2.43 11.65 -7.63
CA THR A 50 3.50 12.60 -7.95
C THR A 50 4.83 11.87 -8.13
N ALA A 51 5.10 10.93 -7.24
CA ALA A 51 6.34 10.16 -7.29
C ALA A 51 6.42 9.36 -8.59
N MET A 52 5.30 8.78 -8.99
CA MET A 52 5.25 7.99 -10.22
C MET A 52 5.54 8.86 -11.43
N ASP A 53 5.01 10.08 -11.43
CA ASP A 53 5.24 10.99 -12.54
C ASP A 53 6.72 11.28 -12.72
N LYS A 54 7.39 11.65 -11.64
CA LYS A 54 8.81 11.97 -11.70
C LYS A 54 9.65 10.71 -11.92
N MET A 55 9.28 9.65 -11.21
CA MET A 55 10.00 8.38 -11.32
C MET A 55 9.81 7.78 -12.70
N ALA A 56 8.81 8.27 -13.44
CA ALA A 56 8.54 7.77 -14.77
C ALA A 56 9.75 7.96 -15.67
N ARG A 57 10.41 9.11 -15.54
CA ARG A 57 11.59 9.40 -16.35
C ARG A 57 11.37 8.99 -17.80
N SER A 58 10.15 9.18 -18.29
CA SER A 58 9.82 8.81 -19.67
C SER A 58 10.04 7.32 -19.89
N ASN A 59 9.47 6.50 -19.00
CA ASN A 59 9.62 5.05 -19.12
C ASN A 59 11.08 4.63 -19.02
N LYS A 60 11.81 5.24 -18.09
CA LYS A 60 13.21 4.93 -17.89
C LYS A 60 13.49 4.61 -16.42
N SER A 61 12.52 4.02 -15.76
CA SER A 61 12.66 3.65 -14.35
C SER A 61 12.78 2.15 -14.18
N SER A 62 12.71 1.41 -15.29
CA SER A 62 12.80 -0.04 -15.24
C SER A 62 11.81 -0.61 -14.22
N LYS A 63 11.88 -1.92 -14.01
CA LYS A 63 11.00 -2.58 -13.06
C LYS A 63 11.30 -2.13 -11.64
N GLY A 64 12.44 -1.45 -11.47
CA GLY A 64 12.83 -0.97 -10.16
C GLY A 64 11.78 -0.03 -9.59
N LYS A 65 11.19 0.80 -10.44
CA LYS A 65 10.17 1.73 -10.01
C LYS A 65 8.98 0.99 -9.38
N LEU A 66 8.56 -0.08 -10.04
CA LEU A 66 7.43 -0.85 -9.55
C LEU A 66 7.71 -1.39 -8.16
N GLN A 67 8.89 -1.99 -7.99
CA GLN A 67 9.27 -2.54 -6.69
C GLN A 67 9.40 -1.44 -5.64
N ALA A 68 10.00 -0.32 -6.04
CA ALA A 68 10.18 0.80 -5.13
C ALA A 68 8.84 1.34 -4.66
N LEU A 69 7.89 1.44 -5.59
CA LEU A 69 6.56 1.95 -5.26
C LEU A 69 5.86 1.01 -4.28
N ASN A 70 5.99 -0.29 -4.51
CA ASN A 70 5.34 -1.27 -3.64
C ASN A 70 5.87 -1.16 -2.22
N MET A 71 7.18 -1.03 -2.09
CA MET A 71 7.80 -0.91 -0.77
C MET A 71 7.49 0.45 -0.15
N ALA A 72 7.53 1.49 -0.98
CA ALA A 72 7.25 2.84 -0.49
C ALA A 72 5.84 2.94 0.07
N PHE A 73 4.88 2.39 -0.68
CA PHE A 73 3.48 2.43 -0.24
C PHE A 73 3.31 1.66 1.07
N ALA A 74 3.86 0.44 1.10
CA ALA A 74 3.78 -0.40 2.29
C ALA A 74 4.47 0.28 3.46
N SER A 75 5.57 0.97 3.18
CA SER A 75 6.32 1.66 4.22
C SER A 75 5.45 2.67 4.94
N SER A 76 4.70 3.45 4.17
CA SER A 76 3.82 4.46 4.77
C SER A 76 2.78 3.79 5.67
N MET A 77 2.19 2.71 5.18
CA MET A 77 1.18 2.00 5.95
C MET A 77 1.80 1.34 7.17
N ALA A 78 3.04 0.89 7.01
CA ALA A 78 3.76 0.24 8.11
C ALA A 78 3.93 1.19 9.28
N GLU A 79 4.25 2.45 8.98
CA GLU A 79 4.44 3.44 10.02
C GLU A 79 3.13 3.70 10.77
N ILE A 80 2.07 3.93 10.01
CA ILE A 80 0.76 4.19 10.60
C ILE A 80 0.28 2.98 11.40
N ALA A 81 0.44 1.80 10.81
CA ALA A 81 0.04 0.56 11.46
C ALA A 81 0.90 0.30 12.69
N ALA A 82 2.17 0.64 12.60
CA ALA A 82 3.10 0.43 13.71
C ALA A 82 2.64 1.18 14.96
N VAL A 83 2.15 2.39 14.75
CA VAL A 83 1.68 3.21 15.87
C VAL A 83 0.24 2.84 16.22
N GLU A 84 -0.10 2.98 17.50
CA GLU A 84 -1.45 2.66 17.96
C GLU A 84 -2.09 3.86 18.65
N GLN A 85 -2.23 4.96 17.91
CA GLN A 85 -2.83 6.16 18.45
C GLN A 85 -4.27 5.91 18.87
N GLY A 86 -4.98 5.13 18.06
CA GLY A 86 -6.36 4.79 18.35
C GLY A 86 -6.45 3.64 19.35
N GLY A 87 -5.29 3.13 19.77
CA GLY A 87 -5.26 2.03 20.72
C GLY A 87 -5.42 0.69 20.00
N LEU A 88 -5.39 0.72 18.67
CA LEU A 88 -5.53 -0.50 17.88
C LEU A 88 -4.18 -1.17 17.69
N SER A 89 -4.19 -2.50 17.60
CA SER A 89 -2.96 -3.24 17.41
C SER A 89 -2.50 -3.17 15.97
N VAL A 90 -1.18 -3.09 15.78
CA VAL A 90 -0.61 -3.01 14.43
C VAL A 90 -0.99 -4.24 13.62
N ASP A 91 -1.02 -5.39 14.28
CA ASP A 91 -1.38 -6.63 13.60
C ASP A 91 -2.81 -6.57 13.08
N ALA A 92 -3.72 -6.05 13.90
CA ALA A 92 -5.12 -5.95 13.51
C ALA A 92 -5.27 -5.05 12.29
N LYS A 93 -4.59 -3.91 12.31
CA LYS A 93 -4.65 -2.97 11.20
C LYS A 93 -4.07 -3.59 9.94
N THR A 94 -3.00 -4.36 10.10
CA THR A 94 -2.34 -5.00 8.97
C THR A 94 -3.32 -5.92 8.24
N ASN A 95 -4.07 -6.71 9.00
CA ASN A 95 -5.03 -7.63 8.42
C ASN A 95 -6.12 -6.86 7.67
N ALA A 96 -6.57 -5.76 8.26
CA ALA A 96 -7.60 -4.94 7.63
C ALA A 96 -7.11 -4.38 6.30
N ILE A 97 -5.86 -3.95 6.27
CA ILE A 97 -5.28 -3.39 5.06
C ILE A 97 -5.27 -4.43 3.95
N ALA A 98 -4.88 -5.65 4.28
CA ALA A 98 -4.82 -6.73 3.30
C ALA A 98 -6.20 -6.97 2.69
N ASP A 99 -7.22 -6.95 3.54
CA ASP A 99 -8.59 -7.18 3.06
C ASP A 99 -9.00 -6.08 2.09
N SER A 100 -8.72 -4.84 2.43
CA SER A 100 -9.06 -3.71 1.57
C SER A 100 -8.36 -3.83 0.22
N LEU A 101 -7.08 -4.20 0.26
CA LEU A 101 -6.31 -4.34 -0.96
C LEU A 101 -6.90 -5.42 -1.87
N ASN A 102 -7.33 -6.52 -1.26
CA ASN A 102 -7.90 -7.62 -2.03
C ASN A 102 -9.13 -7.15 -2.80
N SER A 103 -9.97 -6.35 -2.15
CA SER A 103 -11.18 -5.83 -2.80
C SER A 103 -10.84 -4.67 -3.73
N ALA A 104 -9.74 -3.98 -3.42
CA ALA A 104 -9.32 -2.84 -4.22
C ALA A 104 -9.01 -3.28 -5.66
N PHE A 105 -8.36 -4.43 -5.79
CA PHE A 105 -8.02 -4.94 -7.11
C PHE A 105 -9.28 -5.21 -7.93
N TYR A 106 -10.29 -5.79 -7.29
CA TYR A 106 -11.53 -6.09 -7.98
C TYR A 106 -12.15 -4.81 -8.55
N GLN A 107 -12.29 -3.80 -7.71
CA GLN A 107 -12.88 -2.53 -8.14
C GLN A 107 -12.04 -1.88 -9.23
N THR A 108 -10.73 -1.95 -9.08
CA THR A 108 -9.82 -1.36 -10.06
C THR A 108 -9.80 -2.17 -11.35
N THR A 109 -10.11 -3.46 -11.24
CA THR A 109 -10.10 -4.33 -12.42
C THR A 109 -11.24 -5.34 -12.34
N GLY A 110 -11.16 -6.22 -11.34
CA GLY A 110 -12.19 -7.24 -11.16
C GLY A 110 -11.56 -8.62 -10.97
N ALA A 111 -10.27 -8.65 -10.64
CA ALA A 111 -9.58 -9.91 -10.43
C ALA A 111 -8.83 -9.90 -9.10
N ALA A 112 -9.13 -10.87 -8.26
CA ALA A 112 -8.48 -10.98 -6.96
C ALA A 112 -6.97 -11.16 -7.12
N ASN A 113 -6.20 -10.54 -6.23
CA ASN A 113 -4.75 -10.63 -6.30
C ASN A 113 -4.18 -10.90 -4.90
N PRO A 114 -4.36 -12.09 -4.40
CA PRO A 114 -3.86 -12.48 -3.05
C PRO A 114 -2.34 -12.50 -2.98
N GLN A 115 -1.71 -12.87 -4.08
CA GLN A 115 -0.25 -12.92 -4.13
C GLN A 115 0.35 -11.52 -3.96
N PHE A 116 -0.27 -10.54 -4.60
CA PHE A 116 0.20 -9.16 -4.51
C PHE A 116 0.06 -8.67 -3.08
N VAL A 117 -1.09 -8.95 -2.47
CA VAL A 117 -1.34 -8.52 -1.10
C VAL A 117 -0.33 -9.17 -0.15
N ASN A 118 -0.03 -10.43 -0.39
CA ASN A 118 0.92 -11.17 0.45
C ASN A 118 2.26 -10.44 0.48
N GLU A 119 2.69 -9.95 -0.68
CA GLU A 119 3.95 -9.23 -0.76
C GLU A 119 3.85 -7.89 -0.04
N ILE A 120 2.70 -7.24 -0.16
CA ILE A 120 2.51 -5.94 0.48
C ILE A 120 2.58 -6.07 2.00
N ARG A 121 1.86 -7.04 2.54
CA ARG A 121 1.85 -7.27 3.98
C ARG A 121 3.23 -7.70 4.46
N SER A 122 3.94 -8.43 3.62
CA SER A 122 5.27 -8.92 3.98
C SER A 122 6.23 -7.75 4.10
N LEU A 123 6.09 -6.76 3.21
CA LEU A 123 6.93 -5.58 3.23
C LEU A 123 6.71 -4.79 4.52
N ILE A 124 5.46 -4.73 4.96
CA ILE A 124 5.12 -4.00 6.17
C ILE A 124 5.84 -4.62 7.36
N ASN A 125 5.84 -5.95 7.43
CA ASN A 125 6.50 -6.65 8.52
C ASN A 125 7.98 -6.29 8.55
N MET A 126 8.61 -6.23 7.38
CA MET A 126 10.01 -5.89 7.28
C MET A 126 10.26 -4.50 7.87
N PHE A 127 9.41 -3.55 7.50
CA PHE A 127 9.56 -2.19 8.01
C PHE A 127 9.32 -2.15 9.51
N ALA A 128 8.33 -2.91 9.97
CA ALA A 128 8.00 -2.95 11.39
C ALA A 128 9.20 -3.45 12.20
N GLN A 129 9.89 -4.45 11.66
CA GLN A 129 11.05 -5.00 12.33
C GLN A 129 12.30 -4.20 12.00
N SER A 130 12.16 -3.18 11.15
CA SER A 130 13.28 -2.35 10.76
C SER A 130 14.40 -3.19 10.15
N SER A 131 14.02 -4.25 9.44
CA SER A 131 14.99 -5.13 8.82
C SER A 131 16.01 -5.62 9.84
N ALA A 132 15.60 -5.66 11.11
CA ALA A 132 16.47 -6.11 12.18
C ALA A 132 16.82 -7.57 12.00
N ASN A 133 15.84 -8.36 11.56
CA ASN A 133 16.05 -9.78 11.36
C ASN A 133 16.55 -10.44 12.64
N GLU A 134 15.95 -10.07 13.76
CA GLU A 134 16.34 -10.62 15.06
C GLU A 134 15.38 -11.73 15.48
N VAL A 135 15.92 -12.84 15.93
CA VAL A 135 15.10 -13.96 16.37
C VAL A 135 14.26 -13.57 17.59
N SER A 136 14.90 -12.89 18.53
CA SER A 136 14.20 -12.45 19.74
C SER A 136 14.85 -11.20 20.31
N TYR A 137 14.12 -10.50 21.16
CA TYR A 137 14.63 -9.27 21.77
C TYR A 137 14.96 -8.24 20.70
N GLY A 1 -2.55 7.65 -24.64
CA GLY A 1 -2.94 7.56 -23.20
C GLY A 1 -2.30 6.32 -22.57
N SER A 2 -3.05 5.23 -22.52
CA SER A 2 -2.54 3.99 -21.94
C SER A 2 -3.16 2.78 -22.63
N HIS A 3 -2.37 1.73 -22.80
CA HIS A 3 -2.85 0.52 -23.45
C HIS A 3 -2.09 -0.70 -22.93
N MET A 4 -2.82 -1.79 -22.70
CA MET A 4 -2.20 -3.03 -22.21
C MET A 4 -1.42 -2.77 -20.93
N GLY A 5 -2.13 -2.34 -19.88
CA GLY A 5 -1.48 -2.06 -18.61
C GLY A 5 -1.12 -3.35 -17.88
N GLN A 6 -0.15 -3.27 -16.98
CA GLN A 6 0.29 -4.43 -16.22
C GLN A 6 -0.62 -4.66 -15.03
N ASN A 7 -0.52 -5.84 -14.43
CA ASN A 7 -1.32 -6.17 -13.27
C ASN A 7 -0.98 -5.27 -12.10
N THR A 8 0.19 -4.65 -12.16
CA THR A 8 0.62 -3.75 -11.09
C THR A 8 -0.32 -2.54 -10.98
N PRO A 9 -0.66 -2.12 -9.78
CA PRO A 9 -1.56 -0.95 -9.56
C PRO A 9 -0.90 0.37 -9.94
N TRP A 10 0.41 0.35 -10.11
CA TRP A 10 1.14 1.56 -10.49
C TRP A 10 1.39 1.60 -11.99
N SER A 11 0.69 0.75 -12.74
CA SER A 11 0.85 0.71 -14.18
C SER A 11 0.43 2.02 -14.82
N SER A 12 -0.45 2.74 -14.14
CA SER A 12 -0.93 4.02 -14.65
C SER A 12 -1.40 4.91 -13.50
N THR A 13 -1.45 6.21 -13.75
CA THR A 13 -1.88 7.16 -12.73
C THR A 13 -3.37 7.00 -12.45
N GLU A 14 -4.15 6.80 -13.51
CA GLU A 14 -5.59 6.65 -13.35
C GLU A 14 -5.91 5.39 -12.55
N LEU A 15 -5.23 4.29 -12.88
CA LEU A 15 -5.46 3.02 -12.19
C LEU A 15 -4.97 3.12 -10.74
N ALA A 16 -3.80 3.73 -10.56
CA ALA A 16 -3.23 3.86 -9.23
C ALA A 16 -4.15 4.66 -8.32
N ASP A 17 -4.70 5.75 -8.86
CA ASP A 17 -5.60 6.60 -8.07
C ASP A 17 -6.84 5.81 -7.65
N ALA A 18 -7.42 5.07 -8.59
CA ALA A 18 -8.61 4.28 -8.30
C ALA A 18 -8.30 3.22 -7.25
N PHE A 19 -7.12 2.60 -7.35
CA PHE A 19 -6.72 1.56 -6.41
C PHE A 19 -6.66 2.12 -4.99
N ILE A 20 -5.96 3.25 -4.85
CA ILE A 20 -5.84 3.90 -3.55
C ILE A 20 -7.20 4.37 -3.04
N ASN A 21 -7.98 4.95 -3.94
CA ASN A 21 -9.30 5.45 -3.57
C ASN A 21 -10.17 4.33 -3.01
N ALA A 22 -10.23 3.22 -3.73
CA ALA A 22 -11.03 2.09 -3.30
C ALA A 22 -10.49 1.55 -1.97
N PHE A 23 -9.16 1.53 -1.85
CA PHE A 23 -8.52 1.05 -0.63
C PHE A 23 -8.96 1.89 0.57
N MET A 24 -8.95 3.20 0.40
CA MET A 24 -9.34 4.09 1.48
C MET A 24 -10.78 3.82 1.91
N ASN A 25 -11.66 3.60 0.94
CA ASN A 25 -13.05 3.33 1.24
C ASN A 25 -13.16 2.06 2.08
N GLU A 26 -12.41 1.03 1.70
CA GLU A 26 -12.43 -0.23 2.42
C GLU A 26 -11.87 -0.05 3.83
N ALA A 27 -10.80 0.73 3.94
CA ALA A 27 -10.19 0.99 5.24
C ALA A 27 -11.17 1.68 6.18
N GLY A 28 -11.92 2.63 5.63
CA GLY A 28 -12.90 3.35 6.43
C GLY A 28 -13.96 2.40 6.98
N ARG A 29 -14.38 1.44 6.15
CA ARG A 29 -15.40 0.47 6.55
C ARG A 29 -14.93 -0.36 7.73
N THR A 30 -13.65 -0.75 7.72
CA THR A 30 -13.11 -1.56 8.80
C THR A 30 -13.13 -0.78 10.10
N GLY A 31 -12.83 0.52 10.02
CA GLY A 31 -12.83 1.35 11.22
C GLY A 31 -11.56 1.15 12.03
N ALA A 32 -10.67 0.29 11.54
CA ALA A 32 -9.42 0.01 12.23
C ALA A 32 -8.49 1.23 12.16
N PHE A 33 -8.78 2.14 11.24
CA PHE A 33 -7.95 3.33 11.09
C PHE A 33 -8.70 4.57 11.55
N THR A 34 -8.02 5.45 12.27
CA THR A 34 -8.64 6.68 12.76
C THR A 34 -8.68 7.73 11.66
N ALA A 35 -9.33 8.85 11.94
CA ALA A 35 -9.44 9.92 10.95
C ALA A 35 -8.04 10.40 10.53
N ASP A 36 -7.16 10.54 11.52
CA ASP A 36 -5.80 10.98 11.23
C ASP A 36 -5.07 9.95 10.37
N GLN A 37 -5.28 8.67 10.68
CA GLN A 37 -4.64 7.60 9.93
C GLN A 37 -5.12 7.60 8.48
N LEU A 38 -6.41 7.83 8.28
CA LEU A 38 -6.98 7.86 6.95
C LEU A 38 -6.37 8.99 6.12
N ASP A 39 -6.15 10.13 6.77
CA ASP A 39 -5.56 11.28 6.09
C ASP A 39 -4.17 10.93 5.57
N ASP A 40 -3.40 10.21 6.39
CA ASP A 40 -2.05 9.82 5.99
C ASP A 40 -2.10 8.94 4.75
N MET A 41 -3.04 8.01 4.71
CA MET A 41 -3.19 7.12 3.55
C MET A 41 -3.51 7.92 2.29
N SER A 42 -4.40 8.89 2.43
CA SER A 42 -4.77 9.71 1.28
C SER A 42 -3.56 10.44 0.73
N THR A 43 -2.72 10.93 1.63
CA THR A 43 -1.52 11.65 1.23
C THR A 43 -0.60 10.74 0.43
N ILE A 44 -0.46 9.49 0.89
CA ILE A 44 0.39 8.54 0.20
C ILE A 44 -0.10 8.33 -1.22
N GLY A 45 -1.42 8.42 -1.41
CA GLY A 45 -1.99 8.22 -2.73
C GLY A 45 -1.46 9.25 -3.72
N ASP A 46 -1.51 10.51 -3.31
CA ASP A 46 -1.03 11.59 -4.15
C ASP A 46 0.48 11.48 -4.36
N THR A 47 1.18 11.10 -3.30
CA THR A 47 2.63 10.96 -3.36
C THR A 47 3.03 9.90 -4.40
N ILE A 48 2.33 8.78 -4.39
CA ILE A 48 2.64 7.71 -5.34
C ILE A 48 2.45 8.19 -6.77
N LYS A 49 1.33 8.87 -7.02
CA LYS A 49 1.05 9.38 -8.37
C LYS A 49 2.12 10.38 -8.79
N THR A 50 2.48 11.26 -7.88
CA THR A 50 3.50 12.28 -8.16
C THR A 50 4.85 11.62 -8.41
N ALA A 51 5.16 10.58 -7.64
CA ALA A 51 6.44 9.89 -7.77
C ALA A 51 6.58 9.33 -9.18
N MET A 52 5.52 8.70 -9.69
CA MET A 52 5.56 8.14 -11.03
C MET A 52 5.72 9.24 -12.07
N ASP A 53 5.04 10.36 -11.84
CA ASP A 53 5.11 11.48 -12.76
C ASP A 53 6.53 12.02 -12.86
N LYS A 54 7.20 12.15 -11.72
CA LYS A 54 8.57 12.65 -11.71
C LYS A 54 9.50 11.72 -12.49
N MET A 55 9.30 10.42 -12.32
CA MET A 55 10.13 9.46 -13.02
C MET A 55 9.94 9.58 -14.52
N ALA A 56 8.70 9.76 -14.94
CA ALA A 56 8.39 9.91 -16.36
C ALA A 56 9.06 11.15 -16.94
N ARG A 57 9.09 12.22 -16.15
CA ARG A 57 9.69 13.48 -16.59
C ARG A 57 11.15 13.27 -16.96
N SER A 58 11.87 12.53 -16.13
CA SER A 58 13.28 12.26 -16.41
C SER A 58 13.89 11.38 -15.33
N ASN A 59 13.91 10.08 -15.57
CA ASN A 59 14.49 9.14 -14.61
C ASN A 59 14.48 7.73 -15.18
N LYS A 60 15.57 7.00 -14.95
CA LYS A 60 15.67 5.64 -15.44
C LYS A 60 14.73 4.71 -14.67
N SER A 61 14.13 3.76 -15.37
CA SER A 61 13.21 2.83 -14.74
C SER A 61 13.14 1.52 -15.53
N SER A 62 12.65 0.47 -14.89
CA SER A 62 12.52 -0.83 -15.55
C SER A 62 11.81 -1.82 -14.63
N LYS A 63 12.39 -2.07 -13.46
CA LYS A 63 11.80 -3.00 -12.51
C LYS A 63 11.90 -2.44 -11.09
N GLY A 64 13.02 -1.78 -10.81
CA GLY A 64 13.24 -1.19 -9.49
C GLY A 64 12.23 -0.09 -9.22
N LYS A 65 11.71 0.52 -10.28
CA LYS A 65 10.73 1.59 -10.12
C LYS A 65 9.49 1.10 -9.39
N LEU A 66 8.93 0.00 -9.86
CA LEU A 66 7.74 -0.56 -9.24
C LEU A 66 8.07 -1.06 -7.84
N GLN A 67 9.23 -1.68 -7.69
CA GLN A 67 9.65 -2.20 -6.40
C GLN A 67 9.77 -1.07 -5.37
N ALA A 68 10.37 0.03 -5.80
CA ALA A 68 10.54 1.18 -4.91
C ALA A 68 9.20 1.74 -4.48
N LEU A 69 8.26 1.83 -5.42
CA LEU A 69 6.94 2.36 -5.12
C LEU A 69 6.23 1.47 -4.11
N ASN A 70 6.34 0.16 -4.29
CA ASN A 70 5.71 -0.79 -3.37
C ASN A 70 6.29 -0.66 -1.97
N MET A 71 7.60 -0.51 -1.89
CA MET A 71 8.27 -0.38 -0.60
C MET A 71 7.83 0.89 0.11
N ALA A 72 7.79 2.00 -0.64
CA ALA A 72 7.38 3.27 -0.06
C ALA A 72 5.93 3.22 0.42
N PHE A 73 5.07 2.62 -0.39
CA PHE A 73 3.67 2.50 -0.03
C PHE A 73 3.49 1.68 1.25
N ALA A 74 4.16 0.53 1.29
CA ALA A 74 4.08 -0.34 2.46
C ALA A 74 4.65 0.36 3.69
N SER A 75 5.72 1.13 3.49
CA SER A 75 6.35 1.84 4.59
C SER A 75 5.36 2.81 5.25
N SER A 76 4.63 3.55 4.43
CA SER A 76 3.66 4.50 4.95
C SER A 76 2.58 3.78 5.76
N MET A 77 2.08 2.68 5.21
CA MET A 77 1.05 1.89 5.88
C MET A 77 1.58 1.29 7.17
N ALA A 78 2.83 0.83 7.13
CA ALA A 78 3.46 0.22 8.30
C ALA A 78 3.50 1.20 9.46
N GLU A 79 3.85 2.45 9.17
CA GLU A 79 3.91 3.48 10.20
C GLU A 79 2.53 3.72 10.80
N ILE A 80 1.52 3.77 9.94
CA ILE A 80 0.15 4.00 10.40
C ILE A 80 -0.33 2.84 11.26
N ALA A 81 -0.06 1.62 10.80
CA ALA A 81 -0.47 0.43 11.53
C ALA A 81 0.20 0.37 12.90
N ALA A 82 1.48 0.72 12.93
CA ALA A 82 2.23 0.71 14.18
C ALA A 82 2.13 2.07 14.88
N VAL A 83 0.92 2.43 15.30
CA VAL A 83 0.70 3.71 15.96
C VAL A 83 1.47 3.76 17.28
N GLU A 84 2.08 4.91 17.55
CA GLU A 84 2.84 5.08 18.78
C GLU A 84 1.94 4.98 20.01
N GLN A 85 0.75 5.57 19.90
CA GLN A 85 -0.20 5.55 20.99
C GLN A 85 -0.86 4.18 21.12
N GLY A 86 -1.54 3.95 22.24
CA GLY A 86 -2.20 2.68 22.48
C GLY A 86 -3.50 2.59 21.67
N GLY A 87 -4.09 1.40 21.65
CA GLY A 87 -5.33 1.20 20.91
C GLY A 87 -5.34 -0.18 20.25
N LEU A 88 -5.89 -0.23 19.03
CA LEU A 88 -5.97 -1.49 18.29
C LEU A 88 -4.57 -2.04 18.04
N SER A 89 -4.46 -3.37 18.02
CA SER A 89 -3.17 -4.02 17.80
C SER A 89 -2.72 -3.84 16.35
N VAL A 90 -1.42 -3.67 16.16
CA VAL A 90 -0.88 -3.48 14.82
C VAL A 90 -1.21 -4.69 13.94
N ASP A 91 -1.24 -5.87 14.55
CA ASP A 91 -1.56 -7.08 13.81
C ASP A 91 -2.97 -7.03 13.28
N ALA A 92 -3.88 -6.46 14.07
CA ALA A 92 -5.28 -6.35 13.65
C ALA A 92 -5.39 -5.45 12.43
N LYS A 93 -4.64 -4.36 12.43
CA LYS A 93 -4.67 -3.42 11.31
C LYS A 93 -4.15 -4.08 10.04
N THR A 94 -3.13 -4.93 10.21
CA THR A 94 -2.53 -5.63 9.07
C THR A 94 -3.58 -6.50 8.37
N ASN A 95 -4.36 -7.23 9.15
CA ASN A 95 -5.38 -8.09 8.58
C ASN A 95 -6.40 -7.27 7.81
N ALA A 96 -6.78 -6.12 8.37
CA ALA A 96 -7.74 -5.22 7.72
C ALA A 96 -7.19 -4.70 6.40
N ILE A 97 -5.90 -4.37 6.39
CA ILE A 97 -5.25 -3.86 5.19
C ILE A 97 -5.34 -4.88 4.07
N ALA A 98 -5.05 -6.14 4.38
CA ALA A 98 -5.09 -7.17 3.37
C ALA A 98 -6.50 -7.30 2.78
N ASP A 99 -7.50 -7.27 3.65
CA ASP A 99 -8.89 -7.38 3.18
C ASP A 99 -9.27 -6.20 2.31
N SER A 100 -8.83 -5.01 2.71
CA SER A 100 -9.13 -3.79 1.95
C SER A 100 -8.47 -3.84 0.58
N LEU A 101 -7.22 -4.30 0.54
CA LEU A 101 -6.49 -4.38 -0.71
C LEU A 101 -7.17 -5.35 -1.68
N ASN A 102 -7.64 -6.47 -1.17
CA ASN A 102 -8.32 -7.45 -2.02
C ASN A 102 -9.59 -6.85 -2.62
N SER A 103 -10.36 -6.15 -1.79
CA SER A 103 -11.59 -5.53 -2.26
C SER A 103 -11.28 -4.45 -3.30
N ALA A 104 -10.21 -3.68 -3.05
CA ALA A 104 -9.82 -2.62 -3.97
C ALA A 104 -9.48 -3.20 -5.34
N PHE A 105 -8.76 -4.31 -5.36
CA PHE A 105 -8.37 -4.92 -6.62
C PHE A 105 -9.61 -5.28 -7.43
N TYR A 106 -10.62 -5.82 -6.77
CA TYR A 106 -11.85 -6.18 -7.47
C TYR A 106 -12.56 -4.93 -7.99
N GLN A 107 -12.63 -3.89 -7.17
CA GLN A 107 -13.30 -2.67 -7.57
C GLN A 107 -12.46 -1.89 -8.59
N THR A 108 -11.23 -2.33 -8.82
CA THR A 108 -10.36 -1.66 -9.77
C THR A 108 -10.10 -2.55 -10.99
N THR A 109 -10.35 -3.84 -10.86
CA THR A 109 -10.12 -4.76 -11.97
C THR A 109 -11.22 -5.82 -12.03
N GLY A 110 -11.67 -6.24 -10.85
CA GLY A 110 -12.71 -7.26 -10.77
C GLY A 110 -12.10 -8.63 -10.48
N ALA A 111 -10.84 -8.65 -10.10
CA ALA A 111 -10.16 -9.91 -9.80
C ALA A 111 -9.31 -9.78 -8.55
N ALA A 112 -9.47 -10.72 -7.63
CA ALA A 112 -8.71 -10.70 -6.39
C ALA A 112 -7.23 -10.95 -6.67
N ASN A 113 -6.37 -10.29 -5.89
CA ASN A 113 -4.93 -10.44 -6.06
C ASN A 113 -4.26 -10.74 -4.71
N PRO A 114 -4.40 -11.96 -4.25
CA PRO A 114 -3.82 -12.40 -2.93
C PRO A 114 -2.31 -12.27 -2.91
N GLN A 115 -1.70 -12.57 -4.05
CA GLN A 115 -0.25 -12.51 -4.15
C GLN A 115 0.25 -11.09 -3.89
N PHE A 116 -0.43 -10.10 -4.46
CA PHE A 116 -0.04 -8.71 -4.26
C PHE A 116 -0.23 -8.31 -2.81
N VAL A 117 -1.36 -8.72 -2.23
CA VAL A 117 -1.66 -8.39 -0.84
C VAL A 117 -0.61 -8.99 0.09
N ASN A 118 -0.25 -10.24 -0.14
CA ASN A 118 0.75 -10.91 0.68
C ASN A 118 2.09 -10.18 0.59
N GLU A 119 2.42 -9.69 -0.59
CA GLU A 119 3.68 -8.98 -0.78
C GLU A 119 3.72 -7.77 0.14
N ILE A 120 2.60 -7.07 0.24
CA ILE A 120 2.51 -5.90 1.10
C ILE A 120 2.64 -6.30 2.56
N ARG A 121 2.05 -7.44 2.91
CA ARG A 121 2.10 -7.91 4.28
C ARG A 121 3.55 -8.11 4.73
N SER A 122 4.36 -8.70 3.86
CA SER A 122 5.76 -8.92 4.18
C SER A 122 6.50 -7.60 4.32
N LEU A 123 6.18 -6.64 3.45
CA LEU A 123 6.83 -5.35 3.48
C LEU A 123 6.53 -4.63 4.79
N ILE A 124 5.28 -4.71 5.24
CA ILE A 124 4.88 -4.08 6.48
C ILE A 124 5.61 -4.73 7.66
N ASN A 125 5.66 -6.05 7.65
CA ASN A 125 6.34 -6.78 8.72
C ASN A 125 7.82 -6.41 8.77
N MET A 126 8.44 -6.30 7.60
CA MET A 126 9.84 -5.93 7.51
C MET A 126 10.08 -4.56 8.14
N PHE A 127 9.25 -3.60 7.77
CA PHE A 127 9.38 -2.25 8.31
C PHE A 127 9.12 -2.24 9.81
N ALA A 128 8.08 -2.95 10.23
CA ALA A 128 7.73 -3.02 11.65
C ALA A 128 8.86 -3.66 12.45
N GLN A 129 9.47 -4.69 11.88
CA GLN A 129 10.56 -5.39 12.54
C GLN A 129 11.91 -4.98 11.94
N SER A 130 11.96 -3.77 11.40
CA SER A 130 13.20 -3.27 10.80
C SER A 130 14.32 -3.24 11.84
N SER A 131 13.95 -3.15 13.11
CA SER A 131 14.94 -3.11 14.18
C SER A 131 14.64 -4.18 15.22
N ALA A 132 15.70 -4.78 15.78
CA ALA A 132 15.53 -5.81 16.79
C ALA A 132 15.93 -5.30 18.16
N ASN A 133 17.14 -4.74 18.25
CA ASN A 133 17.64 -4.21 19.51
C ASN A 133 18.73 -3.18 19.26
N GLU A 134 18.40 -2.12 18.52
CA GLU A 134 19.36 -1.08 18.21
C GLU A 134 18.64 0.23 17.87
N VAL A 135 18.27 0.98 18.90
CA VAL A 135 17.58 2.25 18.68
C VAL A 135 18.32 3.39 19.39
N SER A 136 19.12 3.04 20.38
CA SER A 136 19.88 4.04 21.12
C SER A 136 21.01 4.61 20.25
N TYR A 137 21.36 5.86 20.48
CA TYR A 137 22.41 6.51 19.71
C TYR A 137 22.06 6.54 18.23
N GLY A 1 9.34 -8.41 -28.73
CA GLY A 1 9.51 -8.74 -27.28
C GLY A 1 8.14 -8.86 -26.63
N SER A 2 7.73 -10.10 -26.37
CA SER A 2 6.44 -10.36 -25.74
C SER A 2 6.46 -9.92 -24.28
N HIS A 3 5.28 -9.73 -23.70
CA HIS A 3 5.17 -9.31 -22.30
C HIS A 3 4.55 -10.41 -21.46
N MET A 4 5.10 -10.62 -20.27
CA MET A 4 4.59 -11.66 -19.38
C MET A 4 3.15 -11.35 -18.96
N GLY A 5 2.89 -10.08 -18.67
CA GLY A 5 1.55 -9.65 -18.27
C GLY A 5 1.53 -9.29 -16.79
N GLN A 6 1.03 -8.10 -16.47
CA GLN A 6 0.95 -7.67 -15.09
C GLN A 6 -0.21 -6.68 -14.91
N ASN A 7 -1.02 -6.92 -13.89
CA ASN A 7 -2.17 -6.06 -13.62
C ASN A 7 -1.98 -5.30 -12.31
N THR A 8 -0.72 -5.00 -11.99
CA THR A 8 -0.42 -4.30 -10.76
C THR A 8 -1.08 -2.93 -10.74
N PRO A 9 -1.58 -2.50 -9.60
CA PRO A 9 -2.25 -1.17 -9.46
C PRO A 9 -1.35 -0.02 -9.89
N TRP A 10 -0.04 -0.24 -9.84
CA TRP A 10 0.92 0.79 -10.22
C TRP A 10 1.19 0.74 -11.73
N SER A 11 0.38 -0.04 -12.45
CA SER A 11 0.55 -0.16 -13.89
C SER A 11 0.39 1.19 -14.57
N SER A 12 -0.60 1.95 -14.12
CA SER A 12 -0.85 3.28 -14.70
C SER A 12 -1.26 4.27 -13.60
N THR A 13 -1.08 5.55 -13.88
CA THR A 13 -1.41 6.59 -12.91
C THR A 13 -2.91 6.56 -12.60
N GLU A 14 -3.72 6.31 -13.63
CA GLU A 14 -5.16 6.25 -13.43
C GLU A 14 -5.55 5.04 -12.61
N LEU A 15 -4.81 3.95 -12.78
CA LEU A 15 -5.09 2.73 -12.04
C LEU A 15 -4.69 2.89 -10.58
N ALA A 16 -3.51 3.46 -10.36
CA ALA A 16 -3.01 3.66 -9.01
C ALA A 16 -3.95 4.57 -8.22
N ASP A 17 -4.43 5.61 -8.88
CA ASP A 17 -5.34 6.56 -8.22
C ASP A 17 -6.62 5.86 -7.80
N ALA A 18 -7.20 5.08 -8.70
CA ALA A 18 -8.43 4.37 -8.40
C ALA A 18 -8.22 3.36 -7.28
N PHE A 19 -7.07 2.68 -7.31
CA PHE A 19 -6.75 1.68 -6.29
C PHE A 19 -6.70 2.34 -4.92
N ILE A 20 -6.02 3.48 -4.83
CA ILE A 20 -5.91 4.19 -3.56
C ILE A 20 -7.28 4.63 -3.06
N ASN A 21 -8.10 5.15 -3.97
CA ASN A 21 -9.43 5.60 -3.60
C ASN A 21 -10.27 4.45 -3.05
N ALA A 22 -10.20 3.30 -3.74
CA ALA A 22 -10.95 2.12 -3.31
C ALA A 22 -10.41 1.61 -1.97
N PHE A 23 -9.09 1.64 -1.83
CA PHE A 23 -8.46 1.17 -0.60
C PHE A 23 -8.93 1.99 0.59
N MET A 24 -8.96 3.30 0.42
CA MET A 24 -9.38 4.19 1.50
C MET A 24 -10.82 3.89 1.90
N ASN A 25 -11.69 3.69 0.91
CA ASN A 25 -13.08 3.40 1.20
C ASN A 25 -13.21 2.10 2.00
N GLU A 26 -12.45 1.09 1.59
CA GLU A 26 -12.50 -0.19 2.29
C GLU A 26 -11.97 -0.06 3.71
N ALA A 27 -10.91 0.72 3.87
CA ALA A 27 -10.32 0.94 5.19
C ALA A 27 -11.34 1.57 6.13
N GLY A 28 -12.11 2.50 5.61
CA GLY A 28 -13.14 3.17 6.40
C GLY A 28 -14.18 2.17 6.87
N ARG A 29 -14.53 1.23 6.00
CA ARG A 29 -15.53 0.22 6.34
C ARG A 29 -15.08 -0.64 7.50
N THR A 30 -13.80 -0.98 7.52
CA THR A 30 -13.26 -1.82 8.59
C THR A 30 -13.34 -1.09 9.93
N GLY A 31 -13.04 0.21 9.91
CA GLY A 31 -13.08 1.00 11.13
C GLY A 31 -11.82 0.78 11.97
N ALA A 32 -10.92 -0.07 11.49
CA ALA A 32 -9.69 -0.36 12.20
C ALA A 32 -8.87 0.90 12.37
N PHE A 33 -8.88 1.74 11.33
CA PHE A 33 -8.10 2.98 11.37
C PHE A 33 -8.97 4.13 11.86
N THR A 34 -8.33 5.21 12.30
CA THR A 34 -9.06 6.38 12.80
C THR A 34 -8.96 7.52 11.80
N ALA A 35 -9.56 8.66 12.14
CA ALA A 35 -9.54 9.82 11.25
C ALA A 35 -8.10 10.27 10.99
N ASP A 36 -7.29 10.28 12.05
CA ASP A 36 -5.89 10.70 11.92
C ASP A 36 -5.14 9.77 10.96
N GLN A 37 -5.34 8.47 11.12
CA GLN A 37 -4.68 7.49 10.26
C GLN A 37 -5.17 7.62 8.82
N LEU A 38 -6.47 7.81 8.66
CA LEU A 38 -7.06 7.94 7.34
C LEU A 38 -6.49 9.18 6.64
N ASP A 39 -6.31 10.26 7.39
CA ASP A 39 -5.77 11.48 6.83
C ASP A 39 -4.40 11.23 6.21
N ASP A 40 -3.52 10.57 6.98
CA ASP A 40 -2.19 10.26 6.49
C ASP A 40 -2.26 9.31 5.30
N MET A 41 -3.16 8.33 5.39
CA MET A 41 -3.31 7.35 4.31
C MET A 41 -3.72 8.04 3.02
N SER A 42 -4.61 9.03 3.13
CA SER A 42 -5.07 9.77 1.96
C SER A 42 -3.91 10.51 1.30
N THR A 43 -3.04 11.07 2.13
CA THR A 43 -1.89 11.82 1.62
C THR A 43 -1.01 10.91 0.77
N ILE A 44 -0.83 9.68 1.24
CA ILE A 44 0.01 8.73 0.51
C ILE A 44 -0.44 8.62 -0.95
N GLY A 45 -1.73 8.85 -1.18
CA GLY A 45 -2.26 8.77 -2.53
C GLY A 45 -1.58 9.77 -3.45
N ASP A 46 -1.50 11.02 -3.00
CA ASP A 46 -0.87 12.07 -3.78
C ASP A 46 0.63 11.79 -3.94
N THR A 47 1.24 11.29 -2.88
CA THR A 47 2.66 10.99 -2.90
C THR A 47 2.99 9.97 -3.99
N ILE A 48 2.17 8.92 -4.06
CA ILE A 48 2.37 7.88 -5.06
C ILE A 48 2.29 8.45 -6.47
N LYS A 49 1.26 9.26 -6.71
CA LYS A 49 1.07 9.85 -8.03
C LYS A 49 2.25 10.74 -8.39
N THR A 50 2.72 11.52 -7.42
CA THR A 50 3.84 12.42 -7.65
C THR A 50 5.12 11.62 -7.93
N ALA A 51 5.33 10.57 -7.14
CA ALA A 51 6.52 9.74 -7.31
C ALA A 51 6.52 9.07 -8.67
N MET A 52 5.36 8.57 -9.08
CA MET A 52 5.23 7.90 -10.38
C MET A 52 5.54 8.86 -11.51
N ASP A 53 5.06 10.09 -11.39
CA ASP A 53 5.30 11.11 -12.40
C ASP A 53 6.79 11.39 -12.56
N LYS A 54 7.47 11.55 -11.44
CA LYS A 54 8.91 11.83 -11.47
C LYS A 54 9.67 10.66 -12.09
N MET A 55 9.31 9.46 -11.71
CA MET A 55 9.97 8.27 -12.23
C MET A 55 9.64 8.07 -13.71
N ALA A 56 8.53 8.68 -14.15
CA ALA A 56 8.11 8.56 -15.53
C ALA A 56 9.21 9.05 -16.47
N ARG A 57 10.04 9.97 -15.98
CA ARG A 57 11.13 10.50 -16.78
C ARG A 57 12.45 9.84 -16.39
N SER A 58 13.31 9.62 -17.39
CA SER A 58 14.60 8.99 -17.13
C SER A 58 14.42 7.64 -16.45
N ASN A 59 13.55 6.81 -17.02
CA ASN A 59 13.30 5.49 -16.45
C ASN A 59 14.55 4.63 -16.53
N LYS A 60 14.80 3.87 -15.46
CA LYS A 60 15.97 2.99 -15.42
C LYS A 60 15.56 1.54 -15.58
N SER A 61 14.51 1.14 -14.86
CA SER A 61 14.00 -0.23 -14.95
C SER A 61 12.55 -0.29 -14.51
N SER A 62 11.75 -1.06 -15.25
CA SER A 62 10.34 -1.21 -14.94
C SER A 62 10.15 -1.88 -13.58
N LYS A 63 10.93 -2.94 -13.34
CA LYS A 63 10.84 -3.67 -12.09
C LYS A 63 11.22 -2.77 -10.91
N GLY A 64 12.24 -1.95 -11.12
CA GLY A 64 12.69 -1.05 -10.06
C GLY A 64 11.58 -0.10 -9.65
N LYS A 65 10.83 0.41 -10.62
CA LYS A 65 9.74 1.32 -10.33
C LYS A 65 8.69 0.66 -9.45
N LEU A 66 8.27 -0.54 -9.84
CA LEU A 66 7.26 -1.25 -9.09
C LEU A 66 7.77 -1.60 -7.70
N GLN A 67 9.03 -2.02 -7.62
CA GLN A 67 9.62 -2.37 -6.34
C GLN A 67 9.69 -1.16 -5.41
N ALA A 68 10.09 -0.02 -5.97
CA ALA A 68 10.19 1.21 -5.18
C ALA A 68 8.81 1.63 -4.68
N LEU A 69 7.81 1.55 -5.55
CA LEU A 69 6.46 1.94 -5.19
C LEU A 69 5.90 1.00 -4.13
N ASN A 70 6.18 -0.29 -4.28
CA ASN A 70 5.69 -1.29 -3.33
C ASN A 70 6.24 -1.02 -1.94
N MET A 71 7.52 -0.68 -1.87
CA MET A 71 8.15 -0.40 -0.59
C MET A 71 7.69 0.95 -0.04
N ALA A 72 7.62 1.95 -0.90
CA ALA A 72 7.20 3.28 -0.47
C ALA A 72 5.79 3.25 0.08
N PHE A 73 4.89 2.59 -0.65
CA PHE A 73 3.50 2.47 -0.21
C PHE A 73 3.40 1.71 1.10
N ALA A 74 4.07 0.56 1.15
CA ALA A 74 4.06 -0.27 2.35
C ALA A 74 4.66 0.49 3.53
N SER A 75 5.67 1.28 3.26
CA SER A 75 6.33 2.04 4.31
C SER A 75 5.35 2.98 4.99
N SER A 76 4.55 3.69 4.20
CA SER A 76 3.57 4.62 4.74
C SER A 76 2.54 3.88 5.60
N MET A 77 2.05 2.77 5.09
CA MET A 77 1.06 1.98 5.82
C MET A 77 1.68 1.35 7.06
N ALA A 78 2.92 0.92 6.94
CA ALA A 78 3.61 0.27 8.05
C ALA A 78 3.76 1.22 9.24
N GLU A 79 4.19 2.44 8.96
CA GLU A 79 4.37 3.43 10.02
C GLU A 79 3.03 3.87 10.59
N ILE A 80 2.02 3.92 9.72
CA ILE A 80 0.68 4.31 10.14
C ILE A 80 0.05 3.25 11.04
N ALA A 81 0.22 1.99 10.65
CA ALA A 81 -0.33 0.88 11.41
C ALA A 81 0.40 0.73 12.75
N ALA A 82 1.72 0.91 12.71
CA ALA A 82 2.53 0.79 13.92
C ALA A 82 2.68 2.14 14.60
N VAL A 83 1.60 2.62 15.20
CA VAL A 83 1.62 3.90 15.90
C VAL A 83 1.21 3.72 17.35
N GLU A 84 1.72 4.58 18.22
CA GLU A 84 1.39 4.52 19.64
C GLU A 84 0.34 5.57 20.00
N GLN A 85 0.12 6.52 19.09
CA GLN A 85 -0.84 7.58 19.33
C GLN A 85 -2.26 7.01 19.41
N GLY A 86 -2.44 5.83 18.83
CA GLY A 86 -3.75 5.18 18.85
C GLY A 86 -3.73 3.89 18.04
N GLY A 87 -4.90 3.33 17.78
CA GLY A 87 -5.01 2.09 17.02
C GLY A 87 -5.19 0.90 17.94
N LEU A 88 -6.13 0.02 17.61
CA LEU A 88 -6.40 -1.15 18.43
C LEU A 88 -5.17 -2.07 18.47
N SER A 89 -4.56 -2.29 17.31
CA SER A 89 -3.37 -3.13 17.24
C SER A 89 -2.79 -3.11 15.82
N VAL A 90 -1.47 -3.14 15.73
CA VAL A 90 -0.81 -3.13 14.44
C VAL A 90 -1.14 -4.40 13.66
N ASP A 91 -1.24 -5.52 14.38
CA ASP A 91 -1.55 -6.79 13.75
C ASP A 91 -2.95 -6.76 13.14
N ALA A 92 -3.89 -6.17 13.88
CA ALA A 92 -5.27 -6.08 13.41
C ALA A 92 -5.35 -5.21 12.17
N LYS A 93 -4.61 -4.10 12.17
CA LYS A 93 -4.60 -3.20 11.04
C LYS A 93 -4.06 -3.89 9.80
N THR A 94 -3.03 -4.72 9.99
CA THR A 94 -2.43 -5.43 8.88
C THR A 94 -3.46 -6.34 8.20
N ASN A 95 -4.23 -7.06 9.00
CA ASN A 95 -5.24 -7.95 8.46
C ASN A 95 -6.29 -7.16 7.69
N ALA A 96 -6.71 -6.03 8.25
CA ALA A 96 -7.70 -5.18 7.59
C ALA A 96 -7.16 -4.64 6.28
N ILE A 97 -5.89 -4.25 6.28
CA ILE A 97 -5.26 -3.72 5.08
C ILE A 97 -5.30 -4.75 3.95
N ALA A 98 -4.95 -5.99 4.26
CA ALA A 98 -4.94 -7.03 3.26
C ALA A 98 -6.33 -7.22 2.66
N ASP A 99 -7.34 -7.23 3.52
CA ASP A 99 -8.72 -7.40 3.06
C ASP A 99 -9.13 -6.24 2.15
N SER A 100 -8.77 -5.03 2.55
CA SER A 100 -9.11 -3.85 1.77
C SER A 100 -8.42 -3.90 0.40
N LEU A 101 -7.18 -4.34 0.39
CA LEU A 101 -6.42 -4.43 -0.85
C LEU A 101 -7.09 -5.40 -1.82
N ASN A 102 -7.56 -6.53 -1.30
CA ASN A 102 -8.23 -7.52 -2.15
C ASN A 102 -9.49 -6.92 -2.77
N SER A 103 -10.26 -6.21 -1.95
CA SER A 103 -11.49 -5.58 -2.43
C SER A 103 -11.17 -4.53 -3.48
N ALA A 104 -10.12 -3.75 -3.25
CA ALA A 104 -9.74 -2.71 -4.18
C ALA A 104 -9.37 -3.31 -5.53
N PHE A 105 -8.66 -4.43 -5.50
CA PHE A 105 -8.25 -5.09 -6.74
C PHE A 105 -9.46 -5.41 -7.60
N TYR A 106 -10.51 -5.94 -6.99
CA TYR A 106 -11.71 -6.27 -7.73
C TYR A 106 -12.34 -5.01 -8.33
N GLN A 107 -12.51 -3.97 -7.54
CA GLN A 107 -13.11 -2.75 -8.01
C GLN A 107 -12.23 -2.08 -9.06
N THR A 108 -10.93 -2.32 -8.98
CA THR A 108 -9.99 -1.72 -9.92
C THR A 108 -9.81 -2.59 -11.16
N THR A 109 -10.08 -3.88 -11.03
CA THR A 109 -9.94 -4.79 -12.15
C THR A 109 -11.11 -5.77 -12.21
N GLY A 110 -11.34 -6.46 -11.09
CA GLY A 110 -12.43 -7.41 -11.01
C GLY A 110 -11.91 -8.81 -10.67
N ALA A 111 -10.65 -8.88 -10.25
CA ALA A 111 -10.05 -10.17 -9.91
C ALA A 111 -9.18 -10.03 -8.65
N ALA A 112 -9.32 -10.98 -7.74
CA ALA A 112 -8.54 -10.95 -6.51
C ALA A 112 -7.06 -11.16 -6.81
N ASN A 113 -6.21 -10.52 -6.02
CA ASN A 113 -4.76 -10.65 -6.21
C ASN A 113 -4.10 -10.94 -4.87
N PRO A 114 -4.21 -12.15 -4.39
CA PRO A 114 -3.64 -12.57 -3.08
C PRO A 114 -2.13 -12.42 -3.04
N GLN A 115 -1.48 -12.84 -4.11
CA GLN A 115 -0.01 -12.75 -4.19
C GLN A 115 0.45 -11.31 -4.00
N PHE A 116 -0.29 -10.37 -4.57
CA PHE A 116 0.05 -8.96 -4.45
C PHE A 116 -0.13 -8.48 -3.01
N VAL A 117 -1.23 -8.90 -2.40
CA VAL A 117 -1.53 -8.49 -1.03
C VAL A 117 -0.46 -9.02 -0.07
N ASN A 118 -0.08 -10.28 -0.26
CA ASN A 118 0.94 -10.90 0.58
C ASN A 118 2.27 -10.15 0.43
N GLU A 119 2.60 -9.75 -0.79
CA GLU A 119 3.84 -9.04 -1.05
C GLU A 119 3.88 -7.76 -0.23
N ILE A 120 2.78 -7.02 -0.23
CA ILE A 120 2.70 -5.78 0.52
C ILE A 120 2.74 -6.06 2.02
N ARG A 121 2.03 -7.11 2.43
CA ARG A 121 2.00 -7.50 3.83
C ARG A 121 3.41 -7.77 4.35
N SER A 122 4.19 -8.49 3.55
CA SER A 122 5.55 -8.82 3.94
C SER A 122 6.38 -7.55 4.09
N LEU A 123 6.20 -6.61 3.16
CA LEU A 123 6.93 -5.35 3.20
C LEU A 123 6.60 -4.57 4.47
N ILE A 124 5.33 -4.60 4.86
CA ILE A 124 4.89 -3.90 6.06
C ILE A 124 5.58 -4.48 7.29
N ASN A 125 5.62 -5.81 7.37
CA ASN A 125 6.25 -6.47 8.50
C ASN A 125 7.74 -6.13 8.56
N MET A 126 8.40 -6.13 7.39
CA MET A 126 9.81 -5.81 7.32
C MET A 126 10.07 -4.40 7.81
N PHE A 127 9.28 -3.46 7.32
CA PHE A 127 9.44 -2.06 7.71
C PHE A 127 9.14 -1.88 9.20
N ALA A 128 8.11 -2.56 9.68
CA ALA A 128 7.73 -2.47 11.09
C ALA A 128 8.86 -2.95 11.99
N GLN A 129 9.48 -4.06 11.60
CA GLN A 129 10.59 -4.62 12.37
C GLN A 129 11.78 -3.67 12.37
N SER A 130 12.03 -3.05 11.22
CA SER A 130 13.15 -2.13 11.10
C SER A 130 12.77 -0.76 11.67
N SER A 131 13.56 -0.28 12.64
CA SER A 131 13.29 1.00 13.26
C SER A 131 14.56 1.55 13.91
N ALA A 132 14.57 2.85 14.20
CA ALA A 132 15.72 3.48 14.83
C ALA A 132 15.34 4.88 15.33
N ASN A 133 15.31 5.84 14.42
CA ASN A 133 14.96 7.20 14.79
C ASN A 133 13.53 7.28 15.30
N GLU A 134 12.63 6.60 14.60
CA GLU A 134 11.22 6.60 14.99
C GLU A 134 10.64 8.01 14.89
N VAL A 135 9.34 8.09 14.64
CA VAL A 135 8.66 9.38 14.53
C VAL A 135 9.43 10.31 13.59
N SER A 136 9.41 9.98 12.30
CA SER A 136 10.10 10.79 11.31
C SER A 136 11.61 10.76 11.55
N TYR A 137 12.35 10.22 10.59
CA TYR A 137 13.80 10.14 10.70
C TYR A 137 14.39 11.53 10.90
N GLY A 1 5.08 -10.61 -25.96
CA GLY A 1 4.08 -10.97 -24.92
C GLY A 1 4.32 -10.10 -23.68
N SER A 2 4.52 -8.80 -23.90
CA SER A 2 4.76 -7.88 -22.80
C SER A 2 3.55 -7.84 -21.86
N HIS A 3 2.35 -7.84 -22.45
CA HIS A 3 1.13 -7.81 -21.66
C HIS A 3 1.03 -9.05 -20.78
N MET A 4 1.38 -10.21 -21.35
CA MET A 4 1.34 -11.46 -20.61
C MET A 4 2.38 -11.46 -19.48
N GLY A 5 1.95 -11.88 -18.30
CA GLY A 5 2.85 -11.92 -17.15
C GLY A 5 2.96 -10.54 -16.50
N GLN A 6 2.25 -9.56 -17.07
CA GLN A 6 2.28 -8.21 -16.54
C GLN A 6 0.97 -7.89 -15.82
N ASN A 7 1.06 -7.67 -14.51
CA ASN A 7 -0.13 -7.36 -13.72
C ASN A 7 0.26 -6.62 -12.45
N THR A 8 0.05 -5.31 -12.43
CA THR A 8 0.37 -4.49 -11.27
C THR A 8 -0.47 -3.22 -11.25
N PRO A 9 -0.86 -2.79 -10.09
CA PRO A 9 -1.68 -1.55 -9.91
C PRO A 9 -0.89 -0.29 -10.28
N TRP A 10 0.43 -0.43 -10.36
CA TRP A 10 1.28 0.71 -10.69
C TRP A 10 1.52 0.77 -12.21
N SER A 11 0.74 0.00 -12.96
CA SER A 11 0.88 -0.03 -14.40
C SER A 11 0.59 1.34 -15.00
N SER A 12 -0.41 2.03 -14.45
CA SER A 12 -0.78 3.35 -14.93
C SER A 12 -1.13 4.27 -13.77
N THR A 13 -0.98 5.57 -13.98
CA THR A 13 -1.29 6.54 -12.94
C THR A 13 -2.77 6.46 -12.55
N GLU A 14 -3.63 6.26 -13.53
CA GLU A 14 -5.06 6.16 -13.28
C GLU A 14 -5.37 4.93 -12.42
N LEU A 15 -4.68 3.83 -12.72
CA LEU A 15 -4.89 2.59 -11.97
C LEU A 15 -4.49 2.77 -10.51
N ALA A 16 -3.32 3.37 -10.30
CA ALA A 16 -2.83 3.59 -8.95
C ALA A 16 -3.79 4.48 -8.16
N ASP A 17 -4.33 5.50 -8.82
CA ASP A 17 -5.27 6.40 -8.17
C ASP A 17 -6.53 5.65 -7.75
N ALA A 18 -7.06 4.83 -8.66
CA ALA A 18 -8.26 4.06 -8.37
C ALA A 18 -8.02 3.09 -7.22
N PHE A 19 -6.84 2.47 -7.23
CA PHE A 19 -6.49 1.51 -6.18
C PHE A 19 -6.44 2.21 -4.81
N ILE A 20 -5.78 3.35 -4.77
CA ILE A 20 -5.68 4.12 -3.53
C ILE A 20 -7.05 4.58 -3.07
N ASN A 21 -7.85 5.08 -4.01
CA ASN A 21 -9.19 5.55 -3.69
C ASN A 21 -10.03 4.41 -3.11
N ALA A 22 -10.09 3.30 -3.83
CA ALA A 22 -10.86 2.14 -3.38
C ALA A 22 -10.31 1.62 -2.06
N PHE A 23 -8.98 1.65 -1.93
CA PHE A 23 -8.34 1.17 -0.71
C PHE A 23 -8.84 1.93 0.50
N MET A 24 -8.88 3.26 0.38
CA MET A 24 -9.34 4.10 1.49
C MET A 24 -10.80 3.78 1.82
N ASN A 25 -11.60 3.54 0.78
CA ASN A 25 -13.01 3.23 0.97
C ASN A 25 -13.17 1.97 1.82
N GLU A 26 -12.43 0.92 1.45
CA GLU A 26 -12.50 -0.34 2.17
C GLU A 26 -11.99 -0.16 3.60
N ALA A 27 -10.94 0.62 3.75
CA ALA A 27 -10.36 0.87 5.07
C ALA A 27 -11.39 1.53 5.99
N GLY A 28 -12.16 2.46 5.43
CA GLY A 28 -13.19 3.15 6.21
C GLY A 28 -14.26 2.17 6.68
N ARG A 29 -14.59 1.21 5.82
CA ARG A 29 -15.61 0.22 6.15
C ARG A 29 -15.19 -0.61 7.36
N THR A 30 -13.91 -0.97 7.40
CA THR A 30 -13.38 -1.77 8.50
C THR A 30 -13.47 -0.99 9.81
N GLY A 31 -13.17 0.30 9.76
CA GLY A 31 -13.22 1.15 10.94
C GLY A 31 -11.98 0.95 11.80
N ALA A 32 -11.07 0.09 11.33
CA ALA A 32 -9.85 -0.19 12.08
C ALA A 32 -8.96 1.05 12.14
N PHE A 33 -9.19 1.98 11.22
CA PHE A 33 -8.40 3.20 11.19
C PHE A 33 -9.27 4.41 11.52
N THR A 34 -8.72 5.31 12.33
CA THR A 34 -9.45 6.51 12.74
C THR A 34 -9.38 7.56 11.63
N ALA A 35 -10.10 8.67 11.82
CA ALA A 35 -10.12 9.73 10.83
C ALA A 35 -8.71 10.28 10.61
N ASP A 36 -7.97 10.46 11.69
CA ASP A 36 -6.61 10.97 11.59
C ASP A 36 -5.72 10.02 10.79
N GLN A 37 -5.87 8.73 11.06
CA GLN A 37 -5.09 7.72 10.36
C GLN A 37 -5.43 7.71 8.88
N LEU A 38 -6.72 7.83 8.58
CA LEU A 38 -7.17 7.82 7.18
C LEU A 38 -6.56 8.99 6.42
N ASP A 39 -6.50 10.15 7.06
CA ASP A 39 -5.93 11.33 6.42
C ASP A 39 -4.48 11.08 6.04
N ASP A 40 -3.72 10.51 6.95
CA ASP A 40 -2.31 10.22 6.70
C ASP A 40 -2.18 9.19 5.58
N MET A 41 -3.07 8.19 5.59
CA MET A 41 -3.04 7.15 4.57
C MET A 41 -3.32 7.74 3.19
N SER A 42 -4.29 8.64 3.12
CA SER A 42 -4.65 9.28 1.86
C SER A 42 -3.51 10.15 1.34
N THR A 43 -2.69 10.64 2.26
CA THR A 43 -1.57 11.49 1.89
C THR A 43 -0.64 10.75 0.94
N ILE A 44 -0.45 9.46 1.17
CA ILE A 44 0.42 8.65 0.33
C ILE A 44 -0.10 8.62 -1.10
N GLY A 45 -1.40 8.81 -1.25
CA GLY A 45 -2.01 8.79 -2.58
C GLY A 45 -1.41 9.88 -3.47
N ASP A 46 -1.30 11.09 -2.93
CA ASP A 46 -0.73 12.20 -3.67
C ASP A 46 0.77 11.98 -3.90
N THR A 47 1.45 11.45 -2.88
CA THR A 47 2.89 11.20 -2.99
C THR A 47 3.17 10.19 -4.09
N ILE A 48 2.37 9.12 -4.13
CA ILE A 48 2.56 8.08 -5.14
C ILE A 48 2.37 8.66 -6.54
N LYS A 49 1.33 9.46 -6.71
CA LYS A 49 1.04 10.07 -8.01
C LYS A 49 2.23 10.92 -8.46
N THR A 50 2.77 11.72 -7.55
CA THR A 50 3.90 12.57 -7.88
C THR A 50 5.11 11.73 -8.28
N ALA A 51 5.37 10.68 -7.52
CA ALA A 51 6.51 9.81 -7.81
C ALA A 51 6.35 9.14 -9.17
N MET A 52 5.13 8.74 -9.49
CA MET A 52 4.86 8.10 -10.77
C MET A 52 5.20 9.02 -11.92
N ASP A 53 4.84 10.29 -11.77
CA ASP A 53 5.12 11.28 -12.82
C ASP A 53 6.62 11.43 -13.04
N LYS A 54 7.36 11.54 -11.93
CA LYS A 54 8.81 11.69 -12.02
C LYS A 54 9.45 10.46 -12.64
N MET A 55 8.94 9.29 -12.27
CA MET A 55 9.46 8.03 -12.80
C MET A 55 8.70 7.62 -14.06
N ALA A 56 7.85 8.52 -14.55
CA ALA A 56 7.05 8.23 -15.74
C ALA A 56 7.95 7.84 -16.90
N ARG A 57 9.21 8.27 -16.85
CA ARG A 57 10.16 7.95 -17.90
C ARG A 57 10.36 6.45 -18.01
N SER A 58 10.33 5.76 -16.87
CA SER A 58 10.51 4.32 -16.85
C SER A 58 11.92 3.94 -17.30
N ASN A 59 12.27 2.67 -17.13
CA ASN A 59 13.59 2.19 -17.52
C ASN A 59 13.47 1.11 -18.58
N LYS A 60 14.56 0.88 -19.32
CA LYS A 60 14.56 -0.13 -20.37
C LYS A 60 14.28 -1.51 -19.79
N SER A 61 14.88 -1.79 -18.63
CA SER A 61 14.67 -3.08 -17.97
C SER A 61 15.25 -3.06 -16.57
N SER A 62 14.38 -3.09 -15.57
CA SER A 62 14.82 -3.09 -14.18
C SER A 62 13.63 -3.11 -13.23
N LYS A 63 12.57 -2.41 -13.62
CA LYS A 63 11.36 -2.35 -12.79
C LYS A 63 11.70 -1.83 -11.39
N GLY A 64 12.76 -1.05 -11.30
CA GLY A 64 13.18 -0.48 -10.02
C GLY A 64 12.12 0.45 -9.46
N LYS A 65 11.53 1.26 -10.34
CA LYS A 65 10.50 2.20 -9.92
C LYS A 65 9.32 1.47 -9.31
N LEU A 66 9.02 0.28 -9.82
CA LEU A 66 7.91 -0.51 -9.31
C LEU A 66 8.21 -1.01 -7.90
N GLN A 67 9.46 -1.45 -7.68
CA GLN A 67 9.87 -1.95 -6.38
C GLN A 67 9.91 -0.81 -5.36
N ALA A 68 10.40 0.35 -5.79
CA ALA A 68 10.48 1.50 -4.90
C ALA A 68 9.10 1.93 -4.43
N LEU A 69 8.14 1.94 -5.35
CA LEU A 69 6.78 2.33 -5.01
C LEU A 69 6.16 1.33 -4.03
N ASN A 70 6.42 0.05 -4.26
CA ASN A 70 5.88 -0.99 -3.40
C ASN A 70 6.40 -0.84 -1.97
N MET A 71 7.68 -0.51 -1.85
CA MET A 71 8.29 -0.34 -0.54
C MET A 71 7.84 0.96 0.11
N ALA A 72 7.82 2.03 -0.67
CA ALA A 72 7.41 3.34 -0.16
C ALA A 72 5.97 3.30 0.33
N PHE A 73 5.09 2.73 -0.48
CA PHE A 73 3.68 2.63 -0.11
C PHE A 73 3.52 1.77 1.14
N ALA A 74 4.17 0.62 1.14
CA ALA A 74 4.09 -0.29 2.27
C ALA A 74 4.65 0.36 3.54
N SER A 75 5.71 1.13 3.37
CA SER A 75 6.33 1.81 4.50
C SER A 75 5.35 2.77 5.16
N SER A 76 4.62 3.51 4.32
CA SER A 76 3.67 4.48 4.84
C SER A 76 2.57 3.79 5.66
N MET A 77 2.13 2.64 5.19
CA MET A 77 1.10 1.88 5.88
C MET A 77 1.65 1.23 7.13
N ALA A 78 2.88 0.71 7.03
CA ALA A 78 3.51 0.04 8.17
C ALA A 78 3.72 1.02 9.31
N GLU A 79 4.16 2.24 8.98
CA GLU A 79 4.40 3.25 9.99
C GLU A 79 3.11 3.64 10.69
N ILE A 80 2.06 3.88 9.91
CA ILE A 80 0.78 4.28 10.46
C ILE A 80 0.18 3.14 11.28
N ALA A 81 0.28 1.92 10.75
CA ALA A 81 -0.26 0.75 11.43
C ALA A 81 0.50 0.50 12.74
N ALA A 82 1.81 0.74 12.70
CA ALA A 82 2.64 0.53 13.88
C ALA A 82 2.45 1.65 14.88
N VAL A 83 1.22 1.79 15.40
CA VAL A 83 0.91 2.82 16.38
C VAL A 83 0.22 2.21 17.59
N GLU A 84 0.26 2.93 18.71
CA GLU A 84 -0.36 2.45 19.93
C GLU A 84 -1.75 3.05 20.10
N GLN A 85 -2.77 2.26 19.80
CA GLN A 85 -4.15 2.72 19.92
C GLN A 85 -4.94 1.77 20.81
N GLY A 86 -5.78 2.34 21.67
CA GLY A 86 -6.59 1.53 22.58
C GLY A 86 -7.69 0.79 21.81
N GLY A 87 -7.79 -0.51 22.07
CA GLY A 87 -8.81 -1.33 21.41
C GLY A 87 -8.33 -1.76 20.02
N LEU A 88 -7.18 -1.26 19.60
CA LEU A 88 -6.63 -1.60 18.30
C LEU A 88 -5.16 -1.98 18.42
N SER A 89 -4.66 -2.70 17.41
CA SER A 89 -3.26 -3.12 17.41
C SER A 89 -2.73 -3.22 15.99
N VAL A 90 -1.41 -3.24 15.85
CA VAL A 90 -0.78 -3.32 14.54
C VAL A 90 -1.20 -4.62 13.83
N ASP A 91 -1.38 -5.68 14.62
CA ASP A 91 -1.78 -6.96 14.06
C ASP A 91 -3.15 -6.87 13.41
N ALA A 92 -4.09 -6.28 14.12
CA ALA A 92 -5.46 -6.12 13.61
C ALA A 92 -5.46 -5.21 12.38
N LYS A 93 -4.67 -4.15 12.44
CA LYS A 93 -4.59 -3.21 11.32
C LYS A 93 -4.01 -3.90 10.09
N THR A 94 -3.01 -4.74 10.30
CA THR A 94 -2.37 -5.45 9.19
C THR A 94 -3.37 -6.34 8.47
N ASN A 95 -4.18 -7.06 9.24
CA ASN A 95 -5.18 -7.94 8.66
C ASN A 95 -6.22 -7.15 7.88
N ALA A 96 -6.67 -6.05 8.47
CA ALA A 96 -7.67 -5.21 7.82
C ALA A 96 -7.14 -4.65 6.50
N ILE A 97 -5.89 -4.21 6.51
CA ILE A 97 -5.27 -3.66 5.31
C ILE A 97 -5.21 -4.70 4.20
N ALA A 98 -4.83 -5.92 4.56
CA ALA A 98 -4.74 -7.00 3.58
C ALA A 98 -6.09 -7.24 2.92
N ASP A 99 -7.15 -7.22 3.72
CA ASP A 99 -8.49 -7.43 3.18
C ASP A 99 -8.90 -6.27 2.27
N SER A 100 -8.62 -5.06 2.70
CA SER A 100 -8.98 -3.89 1.91
C SER A 100 -8.25 -3.88 0.58
N LEU A 101 -6.97 -4.28 0.60
CA LEU A 101 -6.19 -4.30 -0.62
C LEU A 101 -6.78 -5.25 -1.64
N ASN A 102 -7.15 -6.44 -1.20
CA ASN A 102 -7.74 -7.44 -2.10
C ASN A 102 -9.09 -6.98 -2.60
N SER A 103 -9.84 -6.31 -1.74
CA SER A 103 -11.16 -5.83 -2.11
C SER A 103 -11.04 -4.70 -3.14
N ALA A 104 -10.06 -3.83 -2.96
CA ALA A 104 -9.85 -2.71 -3.87
C ALA A 104 -9.54 -3.22 -5.28
N PHE A 105 -8.81 -4.33 -5.35
CA PHE A 105 -8.44 -4.90 -6.64
C PHE A 105 -9.67 -5.16 -7.49
N TYR A 106 -10.78 -5.49 -6.83
CA TYR A 106 -12.02 -5.78 -7.54
C TYR A 106 -12.52 -4.55 -8.29
N GLN A 107 -12.71 -3.46 -7.57
CA GLN A 107 -13.18 -2.23 -8.18
C GLN A 107 -12.22 -1.72 -9.24
N THR A 108 -10.94 -1.86 -8.97
CA THR A 108 -9.92 -1.40 -9.91
C THR A 108 -9.93 -2.23 -11.18
N THR A 109 -10.29 -3.51 -11.04
CA THR A 109 -10.34 -4.41 -12.18
C THR A 109 -11.57 -5.31 -12.11
N GLY A 110 -11.58 -6.20 -11.12
CA GLY A 110 -12.72 -7.11 -10.96
C GLY A 110 -12.22 -8.52 -10.64
N ALA A 111 -11.05 -8.62 -10.04
CA ALA A 111 -10.49 -9.91 -9.69
C ALA A 111 -9.57 -9.78 -8.47
N ALA A 112 -9.84 -10.57 -7.44
CA ALA A 112 -9.03 -10.54 -6.23
C ALA A 112 -7.57 -10.87 -6.55
N ASN A 113 -6.66 -10.22 -5.84
CA ASN A 113 -5.24 -10.46 -6.07
C ASN A 113 -4.53 -10.75 -4.75
N PRO A 114 -4.72 -11.94 -4.23
CA PRO A 114 -4.09 -12.36 -2.94
C PRO A 114 -2.56 -12.32 -3.01
N GLN A 115 -2.02 -12.58 -4.20
CA GLN A 115 -0.58 -12.57 -4.38
C GLN A 115 -0.02 -11.17 -4.14
N PHE A 116 -0.70 -10.16 -4.68
CA PHE A 116 -0.28 -8.78 -4.53
C PHE A 116 -0.46 -8.34 -3.07
N VAL A 117 -1.57 -8.74 -2.47
CA VAL A 117 -1.85 -8.38 -1.08
C VAL A 117 -0.75 -8.90 -0.16
N ASN A 118 -0.36 -10.16 -0.36
CA ASN A 118 0.70 -10.76 0.45
C ASN A 118 2.00 -10.00 0.27
N GLU A 119 2.27 -9.56 -0.96
CA GLU A 119 3.49 -8.82 -1.25
C GLU A 119 3.57 -7.56 -0.36
N ILE A 120 2.47 -6.83 -0.30
CA ILE A 120 2.42 -5.62 0.52
C ILE A 120 2.48 -5.97 2.01
N ARG A 121 1.77 -7.04 2.38
CA ARG A 121 1.76 -7.48 3.78
C ARG A 121 3.18 -7.80 4.25
N SER A 122 3.94 -8.47 3.39
CA SER A 122 5.31 -8.83 3.72
C SER A 122 6.15 -7.57 3.93
N LEU A 123 5.96 -6.59 3.06
CA LEU A 123 6.72 -5.34 3.15
C LEU A 123 6.43 -4.63 4.47
N ILE A 124 5.16 -4.66 4.88
CA ILE A 124 4.77 -4.01 6.13
C ILE A 124 5.50 -4.65 7.31
N ASN A 125 5.52 -5.97 7.35
CA ASN A 125 6.19 -6.68 8.43
C ASN A 125 7.68 -6.33 8.46
N MET A 126 8.29 -6.28 7.28
CA MET A 126 9.70 -5.94 7.18
C MET A 126 9.96 -4.55 7.74
N PHE A 127 9.15 -3.58 7.31
CA PHE A 127 9.29 -2.21 7.78
C PHE A 127 9.04 -2.12 9.27
N ALA A 128 8.05 -2.86 9.75
CA ALA A 128 7.71 -2.86 11.17
C ALA A 128 8.88 -3.38 12.00
N GLN A 129 9.52 -4.44 11.51
CA GLN A 129 10.66 -5.02 12.22
C GLN A 129 11.82 -4.04 12.25
N SER A 130 12.03 -3.33 11.14
CA SER A 130 13.11 -2.36 11.06
C SER A 130 12.93 -1.25 12.09
N SER A 131 11.68 -0.81 12.24
CA SER A 131 11.38 0.25 13.20
C SER A 131 12.04 1.56 12.77
N ALA A 132 11.31 2.66 12.95
CA ALA A 132 11.84 3.97 12.58
C ALA A 132 11.96 4.87 13.81
N ASN A 133 11.18 4.56 14.84
CA ASN A 133 11.20 5.35 16.06
C ASN A 133 11.27 4.44 17.29
N GLU A 134 12.49 4.17 17.74
CA GLU A 134 12.68 3.31 18.91
C GLU A 134 12.16 1.90 18.63
N VAL A 135 13.07 0.93 18.60
CA VAL A 135 12.69 -0.45 18.34
C VAL A 135 11.74 -0.95 19.42
N SER A 136 11.89 -0.43 20.64
CA SER A 136 11.04 -0.83 21.74
C SER A 136 9.58 -0.47 21.45
N TYR A 137 8.67 -1.38 21.81
CA TYR A 137 7.25 -1.15 21.58
C TYR A 137 6.47 -1.31 22.88
#